data_7Z04
#
_entry.id   7Z04
#
_cell.length_a   119.000
_cell.length_b   119.150
_cell.length_c   498.240
_cell.angle_alpha   90.000
_cell.angle_beta   90.000
_cell.angle_gamma   90.000
#
_symmetry.space_group_name_H-M   'P 21 21 21'
#
loop_
_entity.id
_entity.type
_entity.pdbx_description
1 polymer 'Sodium/potassium-transporting ATPase subunit alpha-1'
2 polymer 'Sodium/potassium-transporting ATPase subunit beta-1'
3 polymer 'FXYD domain-containing ion transport regulator'
4 non-polymer 'BERYLLIUM TRIFLUORIDE ION'
5 non-polymer 'MAGNESIUM ION'
#
loop_
_entity_poly.entity_id
_entity_poly.type
_entity_poly.pdbx_seq_one_letter_code
_entity_poly.pdbx_strand_id
1 'polypeptide(L)'
;GKGVGRDKYEPAAVSEHGDKKKAKKERDMDELKKEVSMDDHKLSLDELHRKYGTDLSRGLTPARAAEILARDGPNALTPP
PTTPEWVKFCRQLFGGFSMLLWIGAILCFLAYGIQAATEEEPQNDNLYLGVVLSAVVIITGCFSYYQEAKSSKIMESFKN
MVPQQALVIRNGEKMSINAEEVVVGDLVEVKGGDRIPADLRIISANGCKVDNSSLTGESEPQTRSPDFTNENPLETRNIA
FFSTNCVEGTARGIVVYTGDRTVMGRIATLASGLEGGQTPIAAEIEHFIHIITGVAVFLGVSFFILSLILEYTWLEAVIF
LIGIIVANVPEGLLATVTVCLTLTAKRMARKNCLVKNLEAVETLGSTSTICSDKTGTLTQNRMTVAHMWSDNQIHEADTT
ENQSGVSFDKTSATWLALSRIAGLCNRAVFQANQENLPILKRAVAGDASESALLKCIELCCGSVKEMRERYTKIVEIPFN
STNKYQLSIHKNPNTAEPRHLLVMKGAPERILDRCSSILIHGKEQPLDEELKDAFQNAYLELGGLGERVLGFCHLFLPDE
QFPEGFQFDTDDVNFPLDNLCFVGLISMIDPPRAAVPDAVGKCRSAGIKVIMVTGDHPITAKAIAKGVGIISEGNETVED
IAARLNIPVSQVNPRDAKACVVHGSDLKDMTSEQLDDILKYHTEIVFARTSPQQKLIIVEGCQRQGAIVAVTGDGVNDSP
ASKKADIGVAMGIAGSDVSKQAADMILLDDNFASIVTGVEEGRLIFDNLKKSIAYTLTSNIPEITPFLIFIIANIPLPLG
TVTILCIDLGTDMVPAISLAYEQAESDIMKRQPRNPKTDKLVNEQLISMAYGQIGMIQALGGFFTYFVILAENGFLPIHL
LGLRVNWDDRWINDVEDSYGQQWTYEQRKIVEFTCHTPFFVTIVVVQWADLVICKTRRNSVFQQGMKNKILIFGLFEETA
LAAFLSYCPGMGVALRMYPLKPTWWFCAFPYSLLIFVYDEVRKLIIRRRPGGWVEKETYY
;
A,C
2 'polypeptide(L)'
;ARGKAKEEGSWKKFIWNSEKKEFLGRTGGSWFKILLFYVIFYGCLAGIFIGTIQVMLLTISEFKPTYQDRVAPPGLTQIP
QSQKTEISFRPNDPQSYESYVVSIVRFLEKYKDLAQKDDMIFEDCGNVPSELKERGEYNNERGERKVCRFRLEWLGNCSG
LNDETYGYKDGKPCVIIKLNRVLGFKPKPPKNESLETYPVMKYNPYVLPVHCTGKRDEDKEKVGTMEYFGLGGYPGFPLQ
YYPYYGKLLQPKYLQPLMAVQFTNLTMDTEIRIECKAYGENIGYSEKDRFQGRFDVKIEVKS
;
B,D
3 'polypeptide(L)' AGLSTDDGGSPKGDVDPFYYDYETVRNGGLIFAALAFIVGLIIILSKRLRCGGKKHRPINEDEL G,E
#
# COMPACT_ATOMS: atom_id res chain seq x y z
N LYS A 25 70.03 11.74 3.54
CA LYS A 25 70.58 10.48 3.07
C LYS A 25 69.95 9.32 3.83
N GLU A 26 68.62 9.32 3.87
CA GLU A 26 67.90 8.35 4.68
C GLU A 26 67.22 7.25 3.86
N ARG A 27 66.99 7.46 2.57
CA ARG A 27 66.58 6.33 1.73
C ARG A 27 67.76 5.35 1.57
N ASP A 28 69.00 5.86 1.52
CA ASP A 28 70.17 4.99 1.62
C ASP A 28 70.19 4.23 2.92
N MET A 29 69.60 4.83 3.95
CA MET A 29 69.37 4.12 5.19
C MET A 29 68.17 3.19 5.08
N ASP A 30 67.12 3.58 4.34
CA ASP A 30 65.96 2.71 4.15
C ASP A 30 66.30 1.47 3.31
N GLU A 31 67.49 1.44 2.71
CA GLU A 31 67.90 0.40 1.78
C GLU A 31 68.91 -0.60 2.34
N LEU A 32 69.86 -0.18 3.21
CA LEU A 32 70.67 -1.18 3.92
C LEU A 32 69.85 -1.95 4.99
N LYS A 33 68.51 -1.72 5.03
CA LYS A 33 67.48 -2.38 5.85
C LYS A 33 66.69 -3.44 5.10
N LYS A 34 66.30 -3.21 3.82
CA LYS A 34 65.88 -4.34 2.97
C LYS A 34 67.14 -5.32 2.58
N GLU A 35 68.36 -5.21 3.16
CA GLU A 35 69.50 -6.10 2.92
C GLU A 35 69.74 -7.02 4.12
N VAL A 36 70.16 -8.26 3.85
CA VAL A 36 70.51 -9.15 4.94
C VAL A 36 71.64 -8.52 5.77
N SER A 37 71.55 -8.68 7.09
CA SER A 37 72.51 -8.08 8.01
C SER A 37 73.80 -8.88 8.06
N MET A 38 74.77 -8.33 8.77
CA MET A 38 76.09 -8.97 8.89
C MET A 38 76.73 -8.66 10.22
N ASP A 39 77.68 -9.52 10.61
CA ASP A 39 78.14 -9.54 11.98
C ASP A 39 79.57 -10.09 12.07
N ASP A 40 79.88 -10.76 13.18
CA ASP A 40 81.25 -11.12 13.52
C ASP A 40 81.33 -12.26 14.54
N HIS A 41 80.40 -13.21 14.54
CA HIS A 41 80.28 -14.19 15.63
C HIS A 41 81.44 -15.17 15.64
N LYS A 42 82.17 -15.28 14.53
CA LYS A 42 83.15 -16.35 14.36
C LYS A 42 84.52 -15.83 14.74
N LEU A 43 84.78 -15.83 16.03
CA LEU A 43 86.10 -15.49 16.52
C LEU A 43 86.48 -16.41 17.67
N SER A 44 87.78 -16.48 17.93
CA SER A 44 88.26 -16.99 19.20
C SER A 44 87.72 -16.10 20.32
N LEU A 45 87.26 -16.74 21.42
CA LEU A 45 86.81 -15.98 22.59
C LEU A 45 87.88 -14.99 23.06
N ASP A 46 89.16 -15.30 22.78
CA ASP A 46 90.25 -14.35 22.97
C ASP A 46 90.16 -13.19 21.99
N GLU A 47 90.08 -13.48 20.69
CA GLU A 47 89.83 -12.43 19.71
C GLU A 47 88.61 -11.59 20.10
N LEU A 48 87.55 -12.23 20.56
CA LEU A 48 86.47 -11.52 21.24
C LEU A 48 87.03 -10.59 22.32
N HIS A 49 87.75 -11.16 23.30
CA HIS A 49 88.21 -10.40 24.47
C HIS A 49 89.12 -9.23 24.08
N ARG A 50 89.57 -9.17 22.83
CA ARG A 50 90.50 -8.14 22.43
C ARG A 50 89.81 -6.92 21.83
N LYS A 51 88.68 -7.11 21.13
CA LYS A 51 88.01 -6.06 20.36
C LYS A 51 87.19 -5.09 21.22
N TYR A 52 86.33 -5.63 22.07
CA TYR A 52 85.37 -4.85 22.86
C TYR A 52 85.96 -4.32 24.18
N GLY A 53 86.96 -5.01 24.77
CA GLY A 53 87.57 -4.64 26.05
C GLY A 53 86.81 -4.98 27.34
N THR A 54 86.81 -6.23 27.77
CA THR A 54 86.05 -6.70 28.92
C THR A 54 86.53 -8.11 29.22
N ASP A 55 86.25 -8.58 30.43
CA ASP A 55 86.68 -9.90 30.91
C ASP A 55 85.56 -10.95 30.72
N LEU A 56 85.94 -12.24 30.59
CA LEU A 56 84.98 -13.28 30.22
C LEU A 56 84.11 -13.82 31.39
N SER A 57 84.68 -13.93 32.60
CA SER A 57 83.97 -14.37 33.82
C SER A 57 83.79 -13.27 34.86
N ARG A 58 84.45 -12.11 34.66
CA ARG A 58 84.51 -10.96 35.57
C ARG A 58 84.10 -9.65 34.90
N GLY A 59 84.18 -9.56 33.57
CA GLY A 59 83.47 -8.48 32.93
C GLY A 59 84.14 -7.11 32.96
N LEU A 60 83.30 -6.10 32.83
CA LEU A 60 83.75 -4.72 32.87
C LEU A 60 83.31 -4.10 34.18
N THR A 61 84.22 -3.34 34.77
CA THR A 61 83.90 -2.54 35.93
C THR A 61 82.65 -1.68 35.70
N PRO A 62 82.10 -1.07 36.76
CA PRO A 62 80.94 -0.15 36.63
C PRO A 62 81.22 1.37 36.52
N ALA A 63 82.48 1.86 36.35
CA ALA A 63 82.68 3.25 35.91
C ALA A 63 82.90 3.34 34.41
N ARG A 64 83.46 2.26 33.84
CA ARG A 64 83.41 1.98 32.41
C ARG A 64 81.98 1.76 31.89
N ALA A 65 81.11 1.14 32.71
CA ALA A 65 79.72 0.91 32.29
C ALA A 65 78.84 2.12 32.58
N ALA A 66 79.24 2.99 33.50
CA ALA A 66 78.70 4.34 33.56
C ALA A 66 79.36 5.28 32.54
N GLU A 67 80.31 4.78 31.71
CA GLU A 67 80.89 5.50 30.56
C GLU A 67 80.44 4.99 29.19
N ILE A 68 79.80 3.80 29.13
CA ILE A 68 79.23 3.25 27.90
C ILE A 68 77.69 3.44 27.83
N LEU A 69 76.96 3.39 28.97
CA LEU A 69 75.50 3.61 28.98
C LEU A 69 75.12 5.05 28.57
N ALA A 70 76.10 5.98 28.45
CA ALA A 70 75.88 7.38 28.00
C ALA A 70 76.75 7.83 26.83
N ARG A 71 77.54 6.94 26.23
CA ARG A 71 78.22 7.25 24.98
C ARG A 71 77.28 7.18 23.77
N ASP A 72 76.13 6.47 23.89
CA ASP A 72 75.13 6.31 22.83
C ASP A 72 73.66 6.32 23.29
N GLY A 73 73.05 5.16 23.53
CA GLY A 73 71.69 5.08 24.03
C GLY A 73 71.47 3.86 24.88
N PRO A 74 70.70 3.99 26.00
CA PRO A 74 70.43 2.82 26.83
C PRO A 74 69.85 1.74 25.94
N ASN A 75 70.08 0.46 26.26
CA ASN A 75 69.51 -0.69 25.53
C ASN A 75 68.01 -0.43 25.37
N ALA A 76 67.65 0.38 24.35
CA ALA A 76 66.24 0.75 24.15
C ALA A 76 65.89 1.22 22.73
N LEU A 77 64.81 0.64 22.18
CA LEU A 77 64.18 1.11 20.93
C LEU A 77 63.78 2.57 21.08
N THR A 78 64.29 3.41 20.19
CA THR A 78 63.59 4.65 19.93
C THR A 78 62.09 4.36 19.87
N PRO A 79 61.30 4.99 20.71
CA PRO A 79 59.85 4.79 20.72
C PRO A 79 59.30 4.88 19.31
N PRO A 80 58.16 4.27 19.01
CA PRO A 80 57.59 4.41 17.66
C PRO A 80 57.63 5.86 17.22
N PRO A 81 58.40 6.18 16.16
CA PRO A 81 58.60 7.59 15.77
C PRO A 81 57.33 8.31 15.41
N THR A 82 56.22 7.60 15.31
CA THR A 82 54.94 8.16 14.90
C THR A 82 54.18 8.65 16.14
N THR A 83 53.95 9.97 16.24
CA THR A 83 53.11 10.57 17.28
C THR A 83 52.33 11.78 16.72
N PRO A 84 51.34 11.55 15.84
CA PRO A 84 50.54 12.67 15.33
C PRO A 84 49.52 13.14 16.37
N GLU A 85 49.50 14.44 16.65
CA GLU A 85 48.50 14.92 17.60
C GLU A 85 47.09 14.88 16.97
N TRP A 86 46.02 15.07 17.84
CA TRP A 86 44.57 15.19 17.50
C TRP A 86 44.24 16.30 16.35
N VAL A 87 45.24 16.99 15.79
CA VAL A 87 45.07 17.76 14.56
C VAL A 87 45.20 16.89 13.33
N LYS A 88 45.62 15.63 13.49
CA LYS A 88 45.55 14.66 12.41
C LYS A 88 44.13 14.56 11.84
N PHE A 89 43.14 15.18 12.52
CA PHE A 89 41.72 15.13 12.17
C PHE A 89 41.39 15.75 10.82
N CYS A 90 42.25 16.59 10.27
CA CYS A 90 41.98 17.10 8.94
C CYS A 90 42.25 16.04 7.88
N ARG A 91 42.80 14.89 8.30
CA ARG A 91 43.00 13.79 7.37
C ARG A 91 41.66 13.28 6.81
N GLN A 92 40.72 12.93 7.69
CA GLN A 92 39.38 12.58 7.20
C GLN A 92 38.60 13.80 6.72
N LEU A 93 39.25 14.94 6.47
CA LEU A 93 38.61 16.16 5.97
C LEU A 93 38.93 16.45 4.52
N PHE A 94 39.85 15.70 3.91
CA PHE A 94 40.32 15.90 2.53
C PHE A 94 40.28 14.62 1.68
N GLY A 95 41.39 13.90 1.48
CA GLY A 95 41.41 12.63 0.74
C GLY A 95 41.30 12.57 -0.79
N GLY A 96 40.20 11.95 -1.28
CA GLY A 96 39.88 11.86 -2.71
C GLY A 96 38.58 12.51 -3.22
N PHE A 97 37.43 12.26 -2.54
CA PHE A 97 36.05 12.74 -2.81
C PHE A 97 35.61 13.95 -1.97
N SER A 98 36.01 13.97 -0.69
CA SER A 98 35.70 15.07 0.26
C SER A 98 36.45 16.31 -0.21
N MET A 99 37.71 16.11 -0.62
CA MET A 99 38.58 17.18 -1.15
C MET A 99 38.19 17.42 -2.62
N LEU A 100 37.52 16.43 -3.22
CA LEU A 100 36.97 16.55 -4.59
C LEU A 100 35.63 17.28 -4.48
N LEU A 101 35.06 17.31 -3.28
CA LEU A 101 33.78 17.97 -2.95
C LEU A 101 34.11 19.31 -2.29
N TRP A 102 35.28 19.36 -1.63
CA TRP A 102 35.77 20.57 -0.91
C TRP A 102 35.60 21.80 -1.79
N ILE A 103 36.10 21.75 -3.03
CA ILE A 103 35.98 22.85 -4.02
C ILE A 103 34.52 23.31 -4.05
N GLY A 104 33.60 22.37 -4.29
CA GLY A 104 32.14 22.62 -4.37
C GLY A 104 31.67 23.60 -3.31
N ALA A 105 31.97 23.33 -2.04
CA ALA A 105 31.59 24.24 -0.94
C ALA A 105 32.09 25.64 -1.28
N ILE A 106 33.39 25.76 -1.55
CA ILE A 106 34.00 27.07 -1.91
C ILE A 106 33.31 27.61 -3.16
N LEU A 107 33.09 26.76 -4.16
CA LEU A 107 32.41 27.17 -5.41
C LEU A 107 31.04 27.76 -5.07
N CYS A 108 30.28 27.09 -4.21
CA CYS A 108 28.96 27.61 -3.80
C CYS A 108 29.14 29.03 -3.25
N PHE A 109 30.06 29.20 -2.30
CA PHE A 109 30.33 30.54 -1.69
C PHE A 109 30.89 31.50 -2.75
N LEU A 110 31.68 30.96 -3.69
CA LEU A 110 32.19 31.75 -4.83
C LEU A 110 30.98 32.19 -5.67
N ALA A 111 30.00 31.29 -5.85
CA ALA A 111 28.74 31.59 -6.57
C ALA A 111 27.91 32.45 -5.61
N TYR A 112 28.13 32.31 -4.29
CA TYR A 112 27.43 33.11 -3.26
C TYR A 112 27.78 34.63 -3.35
N GLY A 113 29.04 34.88 -3.72
CA GLY A 113 29.63 36.22 -3.90
C GLY A 113 28.72 37.35 -4.37
N ILE A 114 28.28 37.32 -5.63
CA ILE A 114 27.43 38.41 -6.22
C ILE A 114 26.24 38.72 -5.30
N GLN A 115 25.53 37.69 -4.82
CA GLN A 115 24.35 37.89 -3.93
C GLN A 115 24.75 38.80 -2.76
N ALA A 116 25.85 38.50 -2.08
CA ALA A 116 26.32 39.31 -0.93
C ALA A 116 26.39 40.79 -1.31
N ALA A 117 27.03 41.09 -2.46
CA ALA A 117 27.20 42.50 -2.92
C ALA A 117 25.89 43.06 -3.49
N THR A 118 25.70 42.92 -4.80
CA THR A 118 24.49 43.43 -5.51
C THR A 118 23.23 43.04 -4.75
N GLU A 119 22.42 44.04 -4.36
CA GLU A 119 21.16 43.81 -3.60
C GLU A 119 20.34 42.71 -4.28
N GLU A 120 20.55 41.46 -3.87
CA GLU A 120 19.82 40.30 -4.46
C GLU A 120 19.18 39.46 -3.34
N GLU A 121 19.81 38.34 -2.97
CA GLU A 121 19.25 37.48 -1.89
C GLU A 121 20.30 36.51 -1.34
N PRO A 122 21.39 36.99 -0.71
CA PRO A 122 22.38 36.09 -0.11
C PRO A 122 21.96 35.69 1.31
N GLN A 123 21.09 36.50 1.93
CA GLN A 123 20.59 36.33 3.33
C GLN A 123 20.30 34.86 3.65
N ASN A 124 19.51 34.18 2.82
CA ASN A 124 19.17 32.75 3.03
C ASN A 124 19.05 32.08 1.67
N ASP A 125 20.17 31.67 1.09
CA ASP A 125 20.14 31.03 -0.25
C ASP A 125 21.46 30.31 -0.51
N ASN A 126 22.47 31.06 -0.93
CA ASN A 126 23.81 30.51 -1.29
C ASN A 126 24.74 30.50 -0.07
N LEU A 127 24.21 30.84 1.11
CA LEU A 127 25.03 30.84 2.35
C LEU A 127 24.75 29.54 3.11
N TYR A 128 23.47 29.21 3.30
CA TYR A 128 23.07 27.97 4.01
C TYR A 128 23.70 26.76 3.30
N LEU A 129 23.59 26.74 1.96
CA LEU A 129 24.19 25.66 1.14
C LEU A 129 25.65 25.47 1.56
N GLY A 130 26.42 26.56 1.56
CA GLY A 130 27.83 26.49 1.98
C GLY A 130 27.94 25.82 3.34
N VAL A 131 27.16 26.32 4.30
CA VAL A 131 27.14 25.72 5.67
C VAL A 131 26.81 24.24 5.50
N VAL A 132 25.71 23.95 4.80
CA VAL A 132 25.27 22.54 4.56
C VAL A 132 26.46 21.74 4.00
N LEU A 133 27.07 22.23 2.91
CA LEU A 133 28.23 21.56 2.28
C LEU A 133 29.26 21.26 3.37
N SER A 134 29.75 22.32 4.01
CA SER A 134 30.75 22.20 5.10
C SER A 134 30.24 21.18 6.12
N ALA A 135 29.07 21.42 6.71
CA ALA A 135 28.47 20.52 7.71
C ALA A 135 28.46 19.09 7.19
N VAL A 136 27.94 18.88 5.97
CA VAL A 136 27.89 17.53 5.37
C VAL A 136 29.29 16.94 5.40
N VAL A 137 30.24 17.66 4.80
CA VAL A 137 31.66 17.21 4.76
C VAL A 137 32.11 16.95 6.20
N ILE A 138 31.89 17.94 7.07
CA ILE A 138 32.25 17.88 8.51
C ILE A 138 31.72 16.55 9.06
N ILE A 139 30.41 16.30 8.91
CA ILE A 139 29.79 15.04 9.40
C ILE A 139 30.58 13.85 8.85
N THR A 140 30.62 13.76 7.52
CA THR A 140 31.33 12.70 6.75
C THR A 140 32.70 12.43 7.38
N GLY A 141 33.39 13.48 7.84
CA GLY A 141 34.71 13.29 8.42
C GLY A 141 34.70 13.17 9.94
N CYS A 142 33.71 13.79 10.62
CA CYS A 142 33.53 13.65 12.07
C CYS A 142 33.02 12.25 12.45
N PHE A 143 32.45 11.50 11.49
CA PHE A 143 31.97 10.12 11.68
C PHE A 143 32.93 9.06 11.08
N SER A 144 33.76 9.35 10.06
CA SER A 144 34.76 8.33 9.72
C SER A 144 36.07 8.54 10.46
N TYR A 145 36.05 9.42 11.46
CA TYR A 145 37.20 9.69 12.30
C TYR A 145 36.90 9.15 13.69
N TYR A 146 35.62 9.27 14.08
CA TYR A 146 35.17 8.80 15.38
C TYR A 146 35.33 7.28 15.52
N GLN A 147 35.00 6.55 14.46
CA GLN A 147 35.14 5.10 14.47
C GLN A 147 36.64 4.82 14.45
N GLU A 148 37.29 5.20 13.37
CA GLU A 148 38.76 5.06 13.28
C GLU A 148 39.50 5.62 14.50
N ALA A 149 38.76 6.10 15.54
CA ALA A 149 39.24 6.41 16.88
C ALA A 149 38.55 5.66 18.03
N LYS A 150 37.50 4.85 17.79
CA LYS A 150 37.03 3.83 18.73
C LYS A 150 37.58 2.44 18.39
N SER A 151 38.45 2.36 17.37
CA SER A 151 39.24 1.17 17.03
C SER A 151 40.75 1.35 17.13
N SER A 152 41.27 2.59 17.20
CA SER A 152 42.61 2.86 17.76
C SER A 152 42.54 3.04 19.28
N LYS A 153 41.31 3.05 19.84
CA LYS A 153 41.06 3.04 21.28
C LYS A 153 41.01 1.60 21.84
N ILE A 154 40.40 0.63 21.11
CA ILE A 154 40.19 -0.74 21.63
C ILE A 154 41.35 -1.72 21.29
N MET A 155 42.42 -1.28 20.54
CA MET A 155 43.66 -2.07 20.35
C MET A 155 44.82 -1.64 21.23
N GLU A 156 44.81 -0.41 21.77
CA GLU A 156 45.76 0.12 22.76
C GLU A 156 45.40 -0.31 24.20
N SER A 157 44.44 -1.23 24.37
CA SER A 157 44.08 -1.80 25.67
C SER A 157 44.60 -3.25 25.85
N PHE A 158 45.52 -3.72 24.95
CA PHE A 158 46.09 -5.09 24.94
C PHE A 158 47.61 -5.16 25.11
N LYS A 159 48.30 -4.01 25.17
CA LYS A 159 49.77 -3.93 25.23
C LYS A 159 50.16 -4.01 26.70
N ASN A 160 50.35 -5.25 27.20
CA ASN A 160 50.84 -5.50 28.57
C ASN A 160 52.33 -5.84 28.45
N MET A 161 53.17 -4.78 28.38
CA MET A 161 54.63 -4.88 28.44
C MET A 161 55.01 -4.96 29.92
N VAL A 162 55.30 -6.18 30.40
CA VAL A 162 55.94 -6.43 31.71
C VAL A 162 57.45 -6.24 31.45
N PRO A 163 58.12 -5.12 31.84
CA PRO A 163 59.57 -5.00 31.54
C PRO A 163 60.40 -6.04 32.30
N GLN A 164 61.39 -6.67 31.64
CA GLN A 164 62.11 -7.82 32.21
C GLN A 164 63.58 -7.48 32.43
N GLN A 165 64.07 -7.71 33.65
CA GLN A 165 65.34 -7.15 34.06
C GLN A 165 66.47 -8.13 33.78
N ALA A 166 67.50 -7.61 33.12
CA ALA A 166 68.67 -8.35 32.73
C ALA A 166 69.49 -8.73 33.96
N LEU A 167 69.84 -10.00 34.02
CA LEU A 167 70.95 -10.47 34.84
C LEU A 167 72.22 -10.06 34.10
N VAL A 168 72.81 -8.92 34.46
CA VAL A 168 74.13 -8.47 33.98
C VAL A 168 75.20 -8.66 35.07
N ILE A 169 76.36 -9.25 34.71
CA ILE A 169 77.52 -9.38 35.61
C ILE A 169 78.38 -8.11 35.44
N ARG A 170 78.89 -7.55 36.57
CA ARG A 170 79.64 -6.28 36.60
C ARG A 170 80.49 -6.11 37.87
N ASN A 171 81.82 -6.08 37.66
CA ASN A 171 82.89 -6.26 38.66
C ASN A 171 82.72 -7.58 39.45
N GLY A 172 82.80 -8.69 38.65
CA GLY A 172 82.50 -10.14 38.90
C GLY A 172 81.04 -10.48 39.24
N GLU A 173 80.44 -9.50 39.96
CA GLU A 173 79.31 -9.64 40.90
C GLU A 173 77.97 -9.63 40.10
N LYS A 174 77.23 -10.78 40.05
CA LYS A 174 75.98 -10.88 39.29
C LYS A 174 74.95 -9.74 39.63
N MET A 175 74.94 -8.60 38.93
CA MET A 175 74.15 -7.40 39.30
C MET A 175 73.04 -7.13 38.28
N SER A 176 71.84 -7.52 38.66
CA SER A 176 70.66 -7.52 37.81
C SER A 176 70.00 -6.16 38.01
N ILE A 177 70.33 -5.27 37.10
CA ILE A 177 69.88 -3.94 37.12
C ILE A 177 68.69 -3.89 36.19
N ASN A 178 68.12 -2.71 36.05
CA ASN A 178 66.96 -2.58 35.19
C ASN A 178 67.34 -2.82 33.73
N ALA A 179 66.35 -3.28 32.95
CA ALA A 179 66.54 -3.66 31.55
C ALA A 179 67.11 -2.51 30.73
N GLU A 180 67.22 -1.34 31.33
CA GLU A 180 67.51 -0.10 30.61
C GLU A 180 68.87 0.51 30.95
N GLU A 181 69.62 -0.07 31.87
CA GLU A 181 70.94 0.44 32.22
C GLU A 181 72.12 -0.40 31.78
N VAL A 182 71.91 -1.33 30.83
CA VAL A 182 72.92 -2.28 30.37
C VAL A 182 73.65 -1.69 29.12
N VAL A 183 74.76 -2.33 28.57
CA VAL A 183 75.66 -1.73 27.55
C VAL A 183 76.26 -2.80 26.62
N VAL A 184 76.67 -2.37 25.41
CA VAL A 184 77.39 -3.24 24.49
C VAL A 184 78.70 -3.69 25.12
N GLY A 185 78.86 -4.99 25.26
CA GLY A 185 80.09 -5.51 25.80
C GLY A 185 80.20 -5.60 27.32
N ASP A 186 79.18 -6.15 27.97
CA ASP A 186 79.38 -6.72 29.29
C ASP A 186 78.48 -7.95 29.39
N LEU A 187 78.90 -8.91 30.23
CA LEU A 187 78.26 -10.21 30.27
C LEU A 187 76.81 -10.07 30.77
N VAL A 188 76.02 -11.08 30.44
CA VAL A 188 74.63 -11.23 30.90
C VAL A 188 74.40 -12.74 31.05
N GLU A 189 73.68 -13.15 32.11
CA GLU A 189 73.45 -14.57 32.45
C GLU A 189 71.97 -14.92 32.41
N VAL A 190 71.61 -15.75 31.45
CA VAL A 190 70.21 -16.14 31.30
C VAL A 190 70.00 -17.40 32.09
N LYS A 191 68.94 -17.40 32.82
CA LYS A 191 68.47 -18.63 33.31
C LYS A 191 67.14 -18.87 32.65
N GLY A 192 66.47 -19.93 33.08
CA GLY A 192 65.16 -20.23 32.58
C GLY A 192 64.17 -19.18 33.03
N GLY A 193 63.53 -18.51 32.07
CA GLY A 193 62.44 -17.60 32.34
C GLY A 193 62.80 -16.16 32.06
N ASP A 194 64.09 -15.86 32.01
CA ASP A 194 64.49 -14.50 31.75
C ASP A 194 64.37 -14.20 30.27
N ARG A 195 63.51 -13.23 29.93
CA ARG A 195 63.55 -12.68 28.58
C ARG A 195 65.00 -12.31 28.31
N ILE A 196 65.37 -12.40 27.04
CA ILE A 196 66.73 -12.05 26.66
C ILE A 196 66.82 -10.53 26.54
N PRO A 197 67.72 -9.87 27.27
CA PRO A 197 67.65 -8.40 27.33
C PRO A 197 68.11 -7.69 26.05
N ALA A 198 68.99 -8.33 25.25
CA ALA A 198 69.56 -7.76 24.03
C ALA A 198 70.40 -8.83 23.33
N ASP A 199 71.10 -8.45 22.24
CA ASP A 199 71.79 -9.39 21.35
C ASP A 199 73.21 -9.71 21.83
N LEU A 200 73.45 -10.99 22.13
CA LEU A 200 74.64 -11.45 22.83
C LEU A 200 75.52 -12.34 21.96
N ARG A 201 76.70 -12.68 22.49
CA ARG A 201 77.57 -13.70 21.93
C ARG A 201 77.86 -14.67 23.05
N ILE A 202 77.22 -15.83 22.95
CA ILE A 202 77.28 -16.85 23.99
C ILE A 202 78.74 -17.17 24.21
N ILE A 203 79.19 -17.06 25.44
CA ILE A 203 80.52 -17.54 25.73
C ILE A 203 80.52 -18.78 26.59
N SER A 204 79.38 -19.10 27.22
CA SER A 204 79.21 -20.33 27.95
C SER A 204 77.72 -20.64 28.08
N ALA A 205 77.41 -21.92 28.28
CA ALA A 205 76.01 -22.34 28.35
C ALA A 205 75.93 -23.71 28.98
N ASN A 206 74.72 -24.06 29.42
CA ASN A 206 74.43 -25.34 30.07
C ASN A 206 72.97 -25.67 29.74
N GLY A 207 72.75 -26.58 28.80
CA GLY A 207 71.42 -27.03 28.42
C GLY A 207 70.49 -25.91 28.00
N CYS A 208 71.07 -24.83 27.46
CA CYS A 208 70.35 -23.58 27.17
C CYS A 208 69.68 -23.70 25.80
N LYS A 209 68.41 -24.09 25.80
CA LYS A 209 67.53 -23.93 24.65
C LYS A 209 66.75 -22.63 24.85
N VAL A 210 66.83 -21.73 23.89
CA VAL A 210 66.07 -20.49 23.95
C VAL A 210 64.92 -20.63 22.95
N ASP A 211 63.96 -19.71 22.97
CA ASP A 211 62.85 -19.76 22.03
C ASP A 211 62.81 -18.49 21.21
N ASN A 212 63.23 -18.58 19.96
CA ASN A 212 63.22 -17.45 19.03
C ASN A 212 62.01 -17.43 18.09
N SER A 213 60.96 -18.21 18.39
CA SER A 213 59.78 -18.28 17.54
C SER A 213 59.30 -16.88 17.21
N SER A 214 59.34 -16.01 18.21
CA SER A 214 58.91 -14.64 18.00
C SER A 214 59.79 -13.90 16.99
N LEU A 215 61.10 -14.20 16.91
CA LEU A 215 61.90 -13.33 16.05
C LEU A 215 62.13 -13.86 14.63
N THR A 216 62.36 -15.16 14.47
CA THR A 216 62.66 -15.75 13.16
C THR A 216 61.65 -16.79 12.70
N GLY A 217 60.77 -17.25 13.58
CA GLY A 217 59.77 -18.20 13.19
C GLY A 217 60.16 -19.65 13.37
N GLU A 218 61.29 -19.92 14.00
CA GLU A 218 61.64 -21.29 14.35
C GLU A 218 60.67 -21.81 15.42
N SER A 219 60.23 -23.07 15.28
CA SER A 219 59.10 -23.65 16.02
C SER A 219 59.45 -24.31 17.37
N GLU A 220 59.95 -25.55 17.33
CA GLU A 220 60.46 -26.23 18.53
C GLU A 220 61.59 -25.40 19.17
N PRO A 221 61.81 -25.55 20.48
CA PRO A 221 62.84 -24.73 21.13
C PRO A 221 64.25 -25.15 20.76
N GLN A 222 65.11 -24.15 20.49
CA GLN A 222 66.44 -24.36 19.94
C GLN A 222 67.52 -24.25 21.02
N THR A 223 68.45 -25.20 21.02
CA THR A 223 69.59 -25.20 21.94
C THR A 223 70.55 -24.04 21.65
N ARG A 224 71.25 -23.56 22.70
CA ARG A 224 72.24 -22.48 22.56
C ARG A 224 73.59 -22.93 23.14
N SER A 225 74.66 -22.58 22.43
CA SER A 225 76.01 -23.05 22.76
C SER A 225 77.05 -22.02 22.27
N PRO A 226 78.35 -22.14 22.74
CA PRO A 226 79.36 -21.11 22.41
C PRO A 226 80.15 -21.31 21.12
N ASP A 227 80.49 -22.56 20.79
CA ASP A 227 81.22 -22.84 19.55
C ASP A 227 80.47 -22.28 18.34
N PHE A 228 81.16 -22.22 17.21
CA PHE A 228 80.62 -21.61 16.01
C PHE A 228 80.14 -22.69 15.05
N THR A 229 78.91 -22.53 14.54
CA THR A 229 78.17 -23.62 13.90
C THR A 229 77.83 -23.33 12.43
N ASN A 230 76.87 -22.46 12.18
CA ASN A 230 76.36 -22.17 10.85
C ASN A 230 77.14 -20.92 10.29
N GLU A 231 76.45 -19.89 9.78
CA GLU A 231 77.04 -18.61 9.33
C GLU A 231 75.98 -17.51 9.20
N ASN A 232 74.79 -17.83 8.64
CA ASN A 232 73.65 -16.91 8.70
C ASN A 232 73.37 -16.65 10.16
N PRO A 233 73.75 -15.48 10.70
CA PRO A 233 73.82 -15.33 12.16
C PRO A 233 72.48 -15.56 12.86
N LEU A 234 71.38 -15.70 12.12
CA LEU A 234 70.08 -15.99 12.72
C LEU A 234 70.04 -17.41 13.25
N GLU A 235 70.31 -18.40 12.41
CA GLU A 235 70.21 -19.79 12.82
C GLU A 235 71.44 -20.30 13.55
N THR A 236 72.50 -19.51 13.66
CA THR A 236 73.66 -19.99 14.39
C THR A 236 73.33 -20.16 15.86
N ARG A 237 74.24 -20.84 16.56
CA ARG A 237 74.00 -21.22 17.94
C ARG A 237 74.67 -20.30 18.97
N ASN A 238 75.73 -19.57 18.62
CA ASN A 238 76.41 -18.74 19.62
C ASN A 238 75.87 -17.32 19.65
N ILE A 239 74.61 -17.13 19.30
CA ILE A 239 73.96 -15.82 19.25
C ILE A 239 72.49 -15.97 19.62
N ALA A 240 72.06 -15.23 20.63
CA ALA A 240 70.65 -15.05 20.95
C ALA A 240 70.15 -13.69 20.41
N PHE A 241 68.88 -13.40 20.66
CA PHE A 241 68.18 -12.32 19.97
C PHE A 241 67.07 -11.76 20.86
N PHE A 242 66.91 -10.43 20.89
CA PHE A 242 65.96 -9.76 21.78
C PHE A 242 64.55 -10.26 21.53
N SER A 243 63.72 -10.19 22.58
CA SER A 243 62.27 -10.43 22.52
C SER A 243 61.96 -11.91 22.60
N THR A 244 62.93 -12.72 22.24
CA THR A 244 62.84 -14.13 22.50
C THR A 244 63.27 -14.40 23.92
N ASN A 245 62.77 -15.49 24.48
CA ASN A 245 63.00 -15.78 25.88
C ASN A 245 63.76 -17.10 25.99
N CYS A 246 64.66 -17.20 26.97
CA CYS A 246 65.43 -18.42 27.18
C CYS A 246 64.53 -19.48 27.82
N VAL A 247 64.38 -20.64 27.16
CA VAL A 247 63.38 -21.64 27.58
C VAL A 247 63.87 -22.47 28.79
N GLU A 248 65.06 -23.08 28.70
CA GLU A 248 65.59 -23.87 29.81
C GLU A 248 67.12 -23.71 29.88
N GLY A 249 67.68 -24.16 31.01
CA GLY A 249 69.11 -24.12 31.21
C GLY A 249 69.62 -22.76 31.63
N THR A 250 70.89 -22.54 31.34
CA THR A 250 71.51 -21.28 31.71
C THR A 250 72.74 -21.11 30.81
N ALA A 251 73.09 -19.85 30.56
CA ALA A 251 74.18 -19.56 29.66
C ALA A 251 74.86 -18.27 30.10
N ARG A 252 76.08 -18.06 29.60
CA ARG A 252 76.79 -16.80 29.73
C ARG A 252 77.29 -16.40 28.35
N GLY A 253 77.35 -15.11 28.10
CA GLY A 253 77.66 -14.65 26.77
C GLY A 253 77.83 -13.16 26.81
N ILE A 254 78.15 -12.60 25.66
CA ILE A 254 78.63 -11.23 25.60
C ILE A 254 77.77 -10.39 24.66
N VAL A 255 77.49 -9.17 25.09
CA VAL A 255 76.51 -8.31 24.42
C VAL A 255 77.15 -7.65 23.21
N VAL A 256 76.66 -7.99 22.03
CA VAL A 256 77.21 -7.47 20.78
C VAL A 256 76.51 -6.19 20.34
N TYR A 257 75.20 -6.24 20.26
CA TYR A 257 74.38 -5.16 19.74
C TYR A 257 73.34 -4.78 20.78
N THR A 258 73.15 -3.46 20.97
CA THR A 258 72.30 -2.90 22.01
C THR A 258 71.27 -1.98 21.36
N GLY A 259 70.15 -1.75 22.05
CA GLY A 259 69.15 -0.80 21.58
C GLY A 259 68.73 -1.04 20.15
N ASP A 260 68.52 0.05 19.41
CA ASP A 260 68.04 0.02 18.03
C ASP A 260 69.00 -0.74 17.10
N ARG A 261 70.15 -1.18 17.62
CA ARG A 261 71.17 -1.90 16.87
C ARG A 261 70.92 -3.42 16.81
N THR A 262 69.96 -3.95 17.57
CA THR A 262 69.65 -5.38 17.55
C THR A 262 69.01 -5.77 16.21
N VAL A 263 68.68 -7.06 16.07
CA VAL A 263 68.07 -7.54 14.84
C VAL A 263 66.58 -7.21 14.80
N MET A 264 65.84 -7.52 15.88
CA MET A 264 64.44 -7.07 15.99
C MET A 264 64.32 -5.55 16.07
N GLY A 265 65.42 -4.83 16.28
CA GLY A 265 65.43 -3.38 16.20
C GLY A 265 65.67 -2.81 14.81
N ARG A 266 66.42 -3.53 13.97
CA ARG A 266 66.49 -3.18 12.56
C ARG A 266 65.14 -3.43 11.88
N ILE A 267 64.35 -4.37 12.40
CA ILE A 267 63.13 -4.88 11.76
C ILE A 267 61.89 -4.09 12.20
N ALA A 268 61.76 -3.75 13.49
CA ALA A 268 60.64 -2.93 13.93
C ALA A 268 60.61 -1.62 13.19
N THR A 269 61.75 -0.96 13.13
CA THR A 269 61.84 0.34 12.47
C THR A 269 61.58 0.25 10.97
N LEU A 270 62.14 -0.74 10.25
CA LEU A 270 61.82 -0.88 8.82
C LEU A 270 60.34 -1.22 8.62
N ALA A 271 59.77 -1.98 9.55
CA ALA A 271 58.33 -2.13 9.61
C ALA A 271 57.66 -0.79 9.77
N SER A 272 58.12 -0.02 10.75
CA SER A 272 57.56 1.30 11.02
C SER A 272 57.72 2.23 9.81
N GLY A 273 58.76 2.01 9.02
CA GLY A 273 59.25 2.91 7.98
C GLY A 273 59.03 2.50 6.54
N LEU A 274 57.89 1.85 6.27
CA LEU A 274 57.43 1.62 4.92
C LEU A 274 55.98 2.12 4.82
N GLU A 275 55.45 2.14 3.59
CA GLU A 275 54.20 2.83 3.23
C GLU A 275 53.02 1.85 3.25
N GLY A 276 51.89 2.28 3.82
CA GLY A 276 50.71 1.42 3.90
C GLY A 276 50.17 0.95 2.57
N GLY A 277 50.53 1.64 1.47
CA GLY A 277 50.10 1.30 0.12
C GLY A 277 48.62 1.56 -0.13
N GLN A 278 48.24 2.01 -1.34
CA GLN A 278 46.85 2.38 -1.60
C GLN A 278 45.96 1.14 -1.67
N THR A 279 44.66 1.28 -1.19
CA THR A 279 43.68 0.20 -1.14
C THR A 279 42.78 0.22 -2.38
N PRO A 280 42.42 -0.94 -2.96
CA PRO A 280 41.81 -0.91 -4.31
C PRO A 280 40.52 -0.16 -4.33
N ILE A 281 40.06 0.25 -3.16
CA ILE A 281 38.73 0.80 -3.00
C ILE A 281 38.75 2.31 -3.15
N ALA A 282 39.54 2.99 -2.31
CA ALA A 282 39.67 4.42 -2.46
C ALA A 282 40.12 4.72 -3.88
N ALA A 283 40.67 3.72 -4.54
CA ALA A 283 41.00 3.77 -5.96
C ALA A 283 39.75 3.71 -6.84
N GLU A 284 38.91 2.70 -6.65
CA GLU A 284 37.64 2.75 -7.34
C GLU A 284 36.85 3.97 -6.92
N ILE A 285 37.24 4.59 -5.81
CA ILE A 285 36.77 5.93 -5.49
C ILE A 285 37.33 6.95 -6.46
N GLU A 286 38.64 6.88 -6.73
CA GLU A 286 39.27 7.94 -7.53
C GLU A 286 38.77 7.91 -8.99
N HIS A 287 38.85 6.75 -9.67
CA HIS A 287 38.41 6.68 -11.08
C HIS A 287 36.92 6.98 -11.18
N PHE A 288 36.20 6.93 -10.05
CA PHE A 288 34.84 7.47 -10.02
C PHE A 288 34.83 9.00 -9.94
N ILE A 289 35.71 9.58 -9.11
CA ILE A 289 35.78 11.03 -9.11
C ILE A 289 36.19 11.51 -10.48
N HIS A 290 37.00 10.71 -11.20
CA HIS A 290 37.41 10.99 -12.58
C HIS A 290 36.20 11.16 -13.50
N ILE A 291 35.15 10.36 -13.30
CA ILE A 291 34.00 10.37 -14.22
C ILE A 291 32.91 11.32 -13.72
N ILE A 292 32.83 11.41 -12.40
CA ILE A 292 31.87 12.30 -11.68
C ILE A 292 32.20 13.73 -12.10
N THR A 293 33.37 14.21 -11.68
CA THR A 293 33.89 15.55 -12.01
C THR A 293 34.30 15.55 -13.48
N GLY A 294 34.78 14.40 -13.96
CA GLY A 294 35.23 14.21 -15.35
C GLY A 294 34.28 14.84 -16.35
N VAL A 295 32.98 14.51 -16.27
CA VAL A 295 31.97 15.08 -17.22
C VAL A 295 31.41 16.36 -16.60
N ALA A 296 31.41 16.42 -15.26
CA ALA A 296 30.92 17.57 -14.47
C ALA A 296 31.37 18.89 -15.11
N VAL A 297 32.68 19.12 -15.10
CA VAL A 297 33.28 20.36 -15.68
C VAL A 297 33.18 20.28 -17.20
N PHE A 298 33.45 19.10 -17.78
CA PHE A 298 33.42 18.91 -19.25
C PHE A 298 32.09 19.41 -19.84
N LEU A 299 30.98 19.04 -19.21
CA LEU A 299 29.66 19.51 -19.71
C LEU A 299 29.35 20.88 -19.11
N GLY A 300 28.81 20.89 -17.88
CA GLY A 300 28.40 22.09 -17.13
C GLY A 300 29.22 23.34 -17.40
N VAL A 301 30.50 23.33 -17.04
CA VAL A 301 31.36 24.53 -17.26
C VAL A 301 31.29 24.92 -18.74
N SER A 302 31.46 23.96 -19.65
CA SER A 302 31.38 24.27 -21.11
C SER A 302 29.96 24.69 -21.49
N PHE A 303 28.95 24.14 -20.82
CA PHE A 303 27.53 24.49 -21.06
C PHE A 303 27.02 25.90 -20.67
N PHE A 304 27.61 26.50 -19.64
CA PHE A 304 27.30 27.93 -19.32
C PHE A 304 28.06 29.00 -20.22
N ILE A 305 29.09 28.44 -20.88
CA ILE A 305 29.84 29.18 -21.95
C ILE A 305 28.67 29.40 -22.90
N LEU A 306 27.94 28.32 -23.23
CA LEU A 306 26.76 28.39 -24.15
C LEU A 306 25.78 29.48 -23.69
N SER A 307 25.49 29.57 -22.39
CA SER A 307 24.58 30.61 -21.83
C SER A 307 24.96 31.98 -22.39
N LEU A 308 26.23 32.35 -22.23
CA LEU A 308 26.73 33.65 -22.74
C LEU A 308 27.00 33.53 -24.25
N ILE A 309 27.16 32.31 -24.76
CA ILE A 309 27.45 32.07 -26.20
C ILE A 309 26.24 32.47 -27.06
N LEU A 310 25.02 32.35 -26.52
CA LEU A 310 23.80 32.69 -27.31
C LEU A 310 23.76 34.20 -27.58
N GLU A 311 23.43 35.00 -26.56
CA GLU A 311 23.37 36.48 -26.70
C GLU A 311 23.28 37.12 -25.31
N TYR A 312 23.41 36.31 -24.25
CA TYR A 312 23.30 36.85 -22.88
C TYR A 312 24.57 37.62 -22.52
N THR A 313 24.44 38.93 -22.29
CA THR A 313 25.59 39.79 -21.91
C THR A 313 26.33 39.13 -20.75
N TRP A 314 27.64 38.97 -20.90
CA TRP A 314 28.56 38.35 -19.90
C TRP A 314 28.19 38.74 -18.46
N LEU A 315 28.07 40.05 -18.18
CA LEU A 315 27.74 40.64 -16.85
C LEU A 315 26.78 39.77 -16.02
N GLU A 316 25.62 39.37 -16.58
CA GLU A 316 24.66 38.56 -15.80
C GLU A 316 24.35 37.23 -16.49
N ALA A 317 25.07 36.89 -17.58
CA ALA A 317 24.81 35.62 -18.29
C ALA A 317 25.24 34.43 -17.42
N VAL A 318 26.29 34.62 -16.61
CA VAL A 318 26.79 33.56 -15.70
C VAL A 318 26.39 33.95 -14.27
N ILE A 319 25.18 34.47 -14.09
CA ILE A 319 24.74 34.88 -12.73
C ILE A 319 23.96 33.72 -12.09
N PHE A 320 23.82 32.60 -12.81
CA PHE A 320 23.06 31.43 -12.30
C PHE A 320 23.94 30.18 -12.37
N LEU A 321 25.11 30.28 -13.01
CA LEU A 321 26.03 29.12 -13.13
C LEU A 321 26.27 28.54 -11.74
N ILE A 322 26.66 29.39 -10.78
CA ILE A 322 26.86 28.92 -9.37
C ILE A 322 25.51 28.36 -8.89
N GLY A 323 25.32 27.05 -9.01
CA GLY A 323 24.06 26.41 -8.61
C GLY A 323 23.58 25.44 -9.68
N ILE A 324 23.48 25.89 -10.92
CA ILE A 324 23.01 24.98 -12.01
C ILE A 324 24.05 23.88 -12.21
N ILE A 325 25.34 24.23 -12.13
CA ILE A 325 26.44 23.24 -12.29
C ILE A 325 26.57 22.46 -10.97
N VAL A 326 26.14 23.07 -9.86
CA VAL A 326 26.24 22.45 -8.51
C VAL A 326 25.45 21.14 -8.47
N ALA A 327 24.29 21.10 -9.12
CA ALA A 327 23.42 19.89 -9.13
C ALA A 327 24.17 18.69 -9.72
N ASN A 328 24.97 18.91 -10.77
CA ASN A 328 25.72 17.81 -11.44
C ASN A 328 26.49 17.00 -10.37
N VAL A 329 27.30 17.66 -9.54
CA VAL A 329 28.03 16.90 -8.48
C VAL A 329 26.95 16.41 -7.53
N PRO A 330 26.85 14.98 -7.12
CA PRO A 330 25.92 14.20 -6.29
C PRO A 330 26.13 14.35 -4.77
N GLU A 331 25.97 15.57 -4.26
CA GLU A 331 26.07 15.82 -2.80
C GLU A 331 25.18 14.83 -2.05
N GLY A 332 25.76 14.11 -1.08
CA GLY A 332 25.02 13.11 -0.29
C GLY A 332 25.68 11.75 -0.34
N LEU A 333 26.02 11.28 -1.54
CA LEU A 333 26.68 9.97 -1.73
C LEU A 333 27.87 9.85 -0.78
N LEU A 334 28.54 10.97 -0.50
CA LEU A 334 29.66 10.94 0.44
C LEU A 334 29.25 10.27 1.75
N ALA A 335 28.08 10.65 2.27
CA ALA A 335 27.59 10.03 3.50
C ALA A 335 27.13 8.59 3.25
N THR A 336 26.40 8.33 2.14
CA THR A 336 25.89 6.97 1.88
C THR A 336 27.01 5.94 1.82
N VAL A 337 28.17 6.34 1.29
CA VAL A 337 29.30 5.42 1.19
C VAL A 337 29.88 5.12 2.57
N THR A 338 30.41 6.13 3.27
CA THR A 338 31.03 5.89 4.58
C THR A 338 30.10 5.13 5.54
N VAL A 339 28.81 4.92 5.20
CA VAL A 339 27.90 4.05 5.96
C VAL A 339 27.81 2.65 5.37
N CYS A 340 27.73 2.49 4.05
CA CYS A 340 27.68 1.14 3.49
C CYS A 340 28.88 0.32 3.96
N LEU A 341 30.03 0.98 4.13
CA LEU A 341 31.20 0.34 4.73
C LEU A 341 31.07 0.22 6.24
N THR A 342 30.38 1.17 6.88
CA THR A 342 30.29 1.16 8.34
C THR A 342 29.46 -0.02 8.82
N LEU A 343 28.38 -0.36 8.10
CA LEU A 343 27.54 -1.50 8.47
C LEU A 343 28.26 -2.82 8.21
N THR A 344 29.02 -2.90 7.12
CA THR A 344 29.84 -4.08 6.84
C THR A 344 30.86 -4.30 7.97
N ALA A 345 31.71 -3.30 8.23
CA ALA A 345 32.75 -3.36 9.27
C ALA A 345 32.20 -3.28 10.70
N LYS A 346 30.88 -3.24 10.89
CA LYS A 346 30.31 -3.54 12.20
C LYS A 346 29.88 -4.98 12.28
N ARG A 347 29.71 -5.64 11.13
CA ARG A 347 29.43 -7.07 11.11
C ARG A 347 30.70 -7.89 11.25
N MET A 348 31.81 -7.44 10.65
CA MET A 348 33.10 -8.08 10.91
C MET A 348 33.57 -7.85 12.34
N ALA A 349 33.12 -6.76 12.98
CA ALA A 349 33.36 -6.49 14.40
C ALA A 349 32.58 -7.41 15.33
N ARG A 350 31.65 -8.21 14.80
CA ARG A 350 30.86 -9.16 15.57
C ARG A 350 31.37 -10.60 15.46
N LYS A 351 32.42 -10.85 14.67
CA LYS A 351 33.01 -12.17 14.48
C LYS A 351 34.49 -12.21 14.87
N ASN A 352 35.00 -11.16 15.54
CA ASN A 352 36.32 -11.15 16.22
C ASN A 352 37.48 -10.92 15.24
N CYS A 353 37.43 -9.82 14.49
CA CYS A 353 38.48 -9.50 13.50
C CYS A 353 38.40 -8.01 13.16
N LEU A 354 39.33 -7.23 13.68
CA LEU A 354 39.21 -5.77 13.66
C LEU A 354 39.98 -5.11 12.51
N VAL A 355 39.40 -4.06 11.91
CA VAL A 355 40.07 -3.25 10.88
C VAL A 355 40.52 -1.94 11.50
N LYS A 356 41.83 -1.66 11.46
CA LYS A 356 42.33 -0.37 11.93
C LYS A 356 41.82 0.78 11.10
N ASN A 357 41.61 0.56 9.81
CA ASN A 357 41.03 1.56 8.94
C ASN A 357 39.81 1.00 8.22
N LEU A 358 39.02 1.92 7.67
CA LEU A 358 37.77 1.56 7.06
C LEU A 358 37.99 0.77 5.77
N GLU A 359 38.61 1.39 4.76
CA GLU A 359 38.54 0.88 3.40
C GLU A 359 39.10 -0.53 3.26
N ALA A 360 39.91 -0.96 4.23
CA ALA A 360 40.49 -2.30 4.17
C ALA A 360 39.44 -3.38 4.26
N VAL A 361 38.25 -3.03 4.68
CA VAL A 361 37.22 -4.03 4.82
C VAL A 361 37.06 -4.77 3.51
N GLU A 362 37.11 -4.07 2.39
CA GLU A 362 36.85 -4.71 1.12
C GLU A 362 37.99 -5.59 0.68
N THR A 363 39.21 -5.13 0.94
CA THR A 363 40.38 -5.60 0.22
C THR A 363 40.38 -7.08 -0.02
N LEU A 364 39.95 -7.84 0.99
CA LEU A 364 40.12 -9.29 0.95
C LEU A 364 39.37 -9.89 -0.23
N GLY A 365 38.20 -9.35 -0.55
CA GLY A 365 37.42 -9.88 -1.66
C GLY A 365 38.11 -9.80 -3.00
N SER A 366 39.11 -8.92 -3.13
CA SER A 366 39.87 -8.74 -4.36
C SER A 366 41.25 -9.40 -4.31
N THR A 367 41.47 -10.35 -3.39
CA THR A 367 42.77 -11.00 -3.19
C THR A 367 42.91 -12.15 -4.19
N SER A 368 44.00 -12.17 -4.95
CA SER A 368 44.29 -13.31 -5.81
C SER A 368 45.42 -14.17 -5.28
N THR A 369 46.08 -13.74 -4.21
CA THR A 369 47.25 -14.39 -3.65
C THR A 369 47.26 -14.14 -2.14
N ILE A 370 47.44 -15.20 -1.35
CA ILE A 370 47.50 -15.06 0.11
C ILE A 370 48.80 -15.65 0.62
N CYS A 371 49.74 -14.79 0.95
CA CYS A 371 50.86 -15.18 1.79
C CYS A 371 50.32 -15.54 3.17
N SER A 372 51.01 -16.45 3.86
CA SER A 372 50.68 -16.85 5.23
C SER A 372 51.84 -17.58 5.92
N ASP A 373 52.20 -17.12 7.14
CA ASP A 373 53.32 -17.64 7.94
C ASP A 373 52.98 -18.97 8.59
N LYS A 374 54.01 -19.73 8.93
CA LYS A 374 53.75 -20.99 9.60
C LYS A 374 53.54 -20.73 11.08
N THR A 375 54.63 -20.62 11.87
CA THR A 375 54.53 -20.58 13.32
C THR A 375 53.76 -19.36 13.81
N GLY A 376 53.12 -19.51 14.98
CA GLY A 376 52.29 -18.51 15.62
C GLY A 376 51.11 -18.06 14.80
N THR A 377 51.18 -18.34 13.50
CA THR A 377 50.20 -17.90 12.54
C THR A 377 49.29 -19.05 12.12
N LEU A 378 49.73 -19.88 11.16
CA LEU A 378 48.98 -21.07 10.72
C LEU A 378 48.81 -22.08 11.86
N THR A 379 49.75 -22.11 12.79
CA THR A 379 49.83 -23.06 13.90
C THR A 379 49.49 -22.40 15.24
N GLN A 380 49.46 -23.22 16.28
CA GLN A 380 49.25 -22.78 17.65
C GLN A 380 50.55 -22.43 18.39
N ASN A 381 51.71 -22.73 17.80
CA ASN A 381 53.02 -22.49 18.42
C ASN A 381 53.10 -23.11 19.82
N ARG A 382 52.71 -24.39 19.90
CA ARG A 382 52.63 -25.15 21.16
C ARG A 382 52.73 -26.63 20.87
N MET A 383 53.82 -27.26 21.33
CA MET A 383 54.08 -28.65 20.96
C MET A 383 52.97 -29.54 21.49
N THR A 384 52.58 -30.50 20.67
CA THR A 384 51.43 -31.33 20.98
C THR A 384 51.67 -32.69 20.39
N VAL A 385 51.23 -33.70 21.12
CA VAL A 385 51.43 -35.07 20.67
C VAL A 385 50.75 -35.28 19.33
N ALA A 386 51.50 -35.84 18.37
CA ALA A 386 51.03 -36.10 17.02
C ALA A 386 50.61 -37.56 16.82
N HIS A 387 51.60 -38.44 16.60
CA HIS A 387 51.35 -39.86 16.32
C HIS A 387 52.02 -40.73 17.39
N MET A 388 51.63 -42.01 17.39
CA MET A 388 52.01 -42.94 18.46
C MET A 388 52.29 -44.32 17.89
N TRP A 389 53.24 -45.02 18.50
CA TRP A 389 53.67 -46.33 18.02
C TRP A 389 53.34 -47.41 19.06
N SER A 390 52.47 -48.34 18.70
CA SER A 390 52.06 -49.41 19.62
C SER A 390 51.53 -50.58 18.82
N ASP A 391 52.07 -51.77 19.12
CA ASP A 391 51.63 -53.00 18.48
C ASP A 391 51.93 -52.98 16.99
N ASN A 392 53.08 -52.41 16.64
CA ASN A 392 53.49 -52.26 15.24
C ASN A 392 52.32 -51.69 14.43
N GLN A 393 51.87 -50.53 14.87
CA GLN A 393 50.80 -49.80 14.22
C GLN A 393 50.86 -48.36 14.70
N ILE A 394 50.53 -47.44 13.80
CA ILE A 394 50.65 -46.00 14.01
C ILE A 394 49.24 -45.46 14.22
N HIS A 395 49.08 -44.61 15.22
CA HIS A 395 47.76 -44.05 15.55
C HIS A 395 47.87 -42.54 15.61
N GLU A 396 46.99 -41.86 14.88
CA GLU A 396 47.03 -40.39 14.80
C GLU A 396 46.18 -39.81 15.92
N ALA A 397 46.80 -38.97 16.75
CA ALA A 397 46.10 -38.38 17.87
C ALA A 397 45.13 -37.32 17.37
N ASP A 398 44.50 -36.63 18.30
CA ASP A 398 43.78 -35.40 18.02
C ASP A 398 44.73 -34.23 18.23
N THR A 399 44.88 -33.38 17.24
CA THR A 399 45.93 -32.35 17.26
C THR A 399 45.41 -30.92 17.23
N THR A 400 44.11 -30.72 17.44
CA THR A 400 43.49 -29.40 17.34
C THR A 400 43.60 -28.65 18.66
N GLU A 401 42.92 -27.49 18.74
CA GLU A 401 42.87 -26.62 19.93
C GLU A 401 41.49 -26.56 20.59
N ASN A 402 40.42 -27.06 19.95
CA ASN A 402 39.08 -27.15 20.55
C ASN A 402 38.48 -28.57 20.50
N GLN A 403 39.32 -29.63 20.39
CA GLN A 403 38.97 -31.08 20.61
C GLN A 403 37.82 -31.57 19.73
N SER A 404 37.80 -31.13 18.47
CA SER A 404 36.75 -31.51 17.52
C SER A 404 37.21 -32.62 16.58
N GLY A 405 38.23 -33.37 16.96
CA GLY A 405 38.91 -34.29 16.06
C GLY A 405 38.87 -35.72 16.53
N VAL A 406 39.73 -36.52 15.93
CA VAL A 406 39.66 -37.97 16.02
C VAL A 406 40.50 -38.45 17.20
N SER A 407 39.83 -39.13 18.15
CA SER A 407 40.43 -39.74 19.34
C SER A 407 40.69 -41.22 19.09
N PHE A 408 41.92 -41.66 19.38
CA PHE A 408 42.33 -43.03 19.08
C PHE A 408 41.60 -44.03 19.99
N ASP A 409 41.72 -45.31 19.64
CA ASP A 409 41.15 -46.41 20.42
C ASP A 409 42.03 -46.62 21.64
N LYS A 410 41.58 -46.13 22.80
CA LYS A 410 42.35 -46.15 24.05
C LYS A 410 42.03 -47.36 24.92
N THR A 411 41.80 -48.52 24.30
CA THR A 411 41.42 -49.75 25.02
C THR A 411 42.59 -50.71 25.25
N SER A 412 43.59 -50.72 24.38
CA SER A 412 44.71 -51.65 24.50
C SER A 412 45.53 -51.36 25.75
N ALA A 413 46.08 -52.42 26.33
CA ALA A 413 46.93 -52.24 27.50
C ALA A 413 48.24 -51.55 27.13
N THR A 414 48.77 -51.86 25.94
CA THR A 414 49.97 -51.20 25.45
C THR A 414 49.87 -49.70 25.64
N TRP A 415 48.69 -49.15 25.38
CA TRP A 415 48.43 -47.75 25.66
C TRP A 415 48.48 -47.46 27.16
N LEU A 416 47.73 -48.25 27.95
CA LEU A 416 47.66 -48.00 29.40
C LEU A 416 49.05 -47.92 29.99
N ALA A 417 49.93 -48.85 29.58
CA ALA A 417 51.30 -48.82 30.05
C ALA A 417 52.00 -47.54 29.61
N LEU A 418 52.23 -47.41 28.29
CA LEU A 418 52.95 -46.29 27.67
C LEU A 418 52.45 -45.01 28.30
N SER A 419 51.19 -45.02 28.77
CA SER A 419 50.57 -43.86 29.38
C SER A 419 51.21 -43.55 30.73
N ARG A 420 51.05 -44.45 31.69
CA ARG A 420 51.58 -44.17 33.02
C ARG A 420 53.09 -43.95 32.99
N ILE A 421 53.76 -44.49 31.98
CA ILE A 421 55.17 -44.16 31.72
C ILE A 421 55.35 -42.65 31.63
N ALA A 422 54.78 -42.05 30.58
CA ALA A 422 54.96 -40.62 30.34
C ALA A 422 54.36 -39.80 31.47
N GLY A 423 53.29 -40.28 32.10
CA GLY A 423 52.67 -39.51 33.17
C GLY A 423 53.57 -39.39 34.39
N LEU A 424 54.12 -40.53 34.84
CA LEU A 424 54.99 -40.53 36.00
C LEU A 424 56.27 -39.74 35.72
N CYS A 425 56.84 -39.94 34.53
CA CYS A 425 58.17 -39.46 34.20
C CYS A 425 58.07 -38.06 33.60
N ASN A 426 58.14 -37.04 34.46
CA ASN A 426 58.22 -35.68 33.94
C ASN A 426 58.59 -34.72 35.06
N ARG A 427 59.32 -33.68 34.68
CA ARG A 427 59.47 -32.54 35.57
C ARG A 427 58.34 -31.52 35.40
N ALA A 428 57.46 -31.71 34.41
CA ALA A 428 56.43 -30.73 34.08
C ALA A 428 55.23 -30.82 35.00
N VAL A 429 54.63 -29.67 35.29
CA VAL A 429 53.55 -29.56 36.28
C VAL A 429 52.61 -28.42 35.90
N PHE A 430 51.35 -28.53 36.31
CA PHE A 430 50.31 -27.53 36.04
C PHE A 430 50.44 -26.32 36.96
N GLN A 431 50.03 -25.16 36.49
CA GLN A 431 50.03 -24.05 37.42
C GLN A 431 48.70 -23.99 38.16
N ALA A 432 48.63 -23.09 39.15
CA ALA A 432 47.53 -23.09 40.11
C ALA A 432 46.17 -22.89 39.42
N ASN A 433 46.04 -21.83 38.61
CA ASN A 433 44.78 -21.37 38.00
C ASN A 433 44.44 -22.12 36.70
N GLN A 434 45.07 -23.27 36.42
CA GLN A 434 44.89 -24.01 35.16
C GLN A 434 43.89 -25.13 35.40
N GLU A 435 42.60 -24.78 35.33
CA GLU A 435 41.51 -25.72 35.51
C GLU A 435 40.39 -25.48 34.49
N ASN A 436 39.80 -24.26 34.48
CA ASN A 436 38.69 -23.87 33.59
C ASN A 436 39.15 -23.53 32.18
N LEU A 437 40.46 -23.36 31.97
CA LEU A 437 40.98 -23.15 30.62
C LEU A 437 41.00 -24.48 29.87
N PRO A 438 40.83 -24.44 28.54
CA PRO A 438 40.90 -25.67 27.74
C PRO A 438 42.14 -26.47 28.11
N ILE A 439 42.00 -27.79 28.16
CA ILE A 439 43.13 -28.59 28.61
C ILE A 439 44.40 -28.32 27.77
N LEU A 440 44.29 -27.79 26.55
CA LEU A 440 45.45 -27.54 25.65
C LEU A 440 46.01 -26.12 25.69
N LYS A 441 45.15 -25.10 25.53
CA LYS A 441 45.62 -23.72 25.51
C LYS A 441 45.99 -23.20 26.90
N ARG A 442 45.95 -24.05 27.93
CA ARG A 442 46.35 -23.65 29.28
C ARG A 442 47.86 -23.87 29.50
N ALA A 443 48.38 -23.27 30.56
CA ALA A 443 49.82 -23.06 30.67
C ALA A 443 50.55 -24.21 31.39
N VAL A 444 51.85 -24.37 31.06
CA VAL A 444 52.69 -25.42 31.65
C VAL A 444 54.12 -24.90 31.85
N ALA A 445 54.48 -24.62 33.10
CA ALA A 445 55.88 -24.35 33.43
C ALA A 445 56.65 -25.64 33.27
N GLY A 446 57.55 -25.65 32.32
CA GLY A 446 58.31 -26.85 32.08
C GLY A 446 58.68 -26.94 30.63
N ASP A 447 59.31 -28.07 30.31
CA ASP A 447 59.88 -28.37 29.00
C ASP A 447 58.81 -28.30 27.93
N ALA A 448 59.20 -28.53 26.67
CA ALA A 448 58.26 -28.66 25.57
C ALA A 448 57.78 -30.11 25.41
N SER A 449 58.71 -31.06 25.18
CA SER A 449 58.32 -32.47 25.11
C SER A 449 57.60 -32.89 26.39
N GLU A 450 58.11 -32.48 27.55
CA GLU A 450 57.42 -32.77 28.79
C GLU A 450 56.10 -31.99 28.93
N SER A 451 55.97 -30.81 28.31
CA SER A 451 54.66 -30.15 28.30
C SER A 451 53.68 -30.85 27.37
N ALA A 452 54.06 -31.11 26.11
CA ALA A 452 53.15 -31.76 25.16
C ALA A 452 52.76 -33.16 25.61
N LEU A 453 53.69 -33.87 26.27
CA LEU A 453 53.42 -35.22 26.76
C LEU A 453 52.46 -35.18 27.93
N LEU A 454 52.87 -34.52 29.03
CA LEU A 454 51.97 -34.26 30.14
C LEU A 454 50.61 -33.89 29.60
N LYS A 455 50.61 -33.08 28.54
CA LYS A 455 49.38 -32.61 27.91
C LYS A 455 48.56 -33.77 27.34
N CYS A 456 49.13 -34.56 26.42
CA CYS A 456 48.32 -35.65 25.84
C CYS A 456 47.94 -36.73 26.86
N ILE A 457 48.50 -36.70 28.06
CA ILE A 457 48.14 -37.66 29.09
C ILE A 457 46.85 -37.27 29.80
N GLU A 458 46.82 -36.05 30.36
CA GLU A 458 45.72 -35.47 31.13
C GLU A 458 44.46 -35.34 30.27
N LEU A 459 44.61 -35.53 28.96
CA LEU A 459 43.48 -35.55 28.04
C LEU A 459 43.05 -36.96 27.61
N CYS A 460 43.97 -37.87 27.30
CA CYS A 460 43.48 -39.12 26.70
C CYS A 460 43.20 -40.17 27.77
N CYS A 461 44.01 -40.26 28.82
CA CYS A 461 43.81 -41.30 29.82
C CYS A 461 43.63 -40.76 31.24
N GLY A 462 42.58 -39.99 31.48
CA GLY A 462 42.29 -39.57 32.84
C GLY A 462 43.23 -38.52 33.40
N SER A 463 43.08 -38.25 34.70
CA SER A 463 43.78 -37.16 35.37
C SER A 463 45.16 -37.61 35.87
N VAL A 464 46.13 -36.67 35.82
CA VAL A 464 47.53 -36.92 36.19
C VAL A 464 47.84 -36.45 37.63
N LYS A 465 46.86 -35.87 38.34
CA LYS A 465 47.04 -35.44 39.72
C LYS A 465 47.15 -36.65 40.68
N GLU A 466 46.26 -37.65 40.52
CA GLU A 466 46.25 -38.82 41.39
C GLU A 466 47.02 -40.01 40.83
N MET A 467 47.55 -39.90 39.60
CA MET A 467 48.45 -40.92 39.05
C MET A 467 49.93 -40.64 39.27
N ARG A 468 50.36 -39.36 39.37
CA ARG A 468 51.76 -39.05 39.70
C ARG A 468 52.02 -39.01 41.21
N GLU A 469 50.97 -38.95 42.03
CA GLU A 469 51.06 -39.10 43.48
C GLU A 469 50.71 -40.49 43.98
N ARG A 470 50.31 -41.42 43.09
CA ARG A 470 50.10 -42.81 43.52
C ARG A 470 51.43 -43.57 43.61
N TYR A 471 52.39 -43.21 42.75
CA TYR A 471 53.73 -43.80 42.72
C TYR A 471 54.73 -42.89 43.44
N THR A 472 55.50 -43.46 44.36
CA THR A 472 56.49 -42.70 45.10
C THR A 472 57.81 -42.68 44.34
N LYS A 473 58.26 -41.49 43.94
CA LYS A 473 59.50 -41.32 43.19
C LYS A 473 60.69 -41.60 44.11
N ILE A 474 61.51 -42.59 43.76
CA ILE A 474 62.64 -42.99 44.60
C ILE A 474 63.88 -42.19 44.24
N VAL A 475 64.48 -42.46 43.08
CA VAL A 475 65.60 -41.66 42.57
C VAL A 475 65.39 -41.39 41.09
N GLU A 476 65.42 -40.11 40.70
CA GLU A 476 65.26 -39.71 39.31
C GLU A 476 66.62 -39.41 38.70
N ILE A 477 66.60 -39.24 37.37
CA ILE A 477 67.77 -38.94 36.55
C ILE A 477 67.32 -38.01 35.42
N PRO A 478 67.45 -36.68 35.57
CA PRO A 478 67.01 -35.76 34.49
C PRO A 478 67.78 -35.93 33.19
N PHE A 479 67.54 -35.09 32.20
CA PHE A 479 68.23 -35.24 30.90
C PHE A 479 69.75 -35.18 31.08
N ASN A 480 70.46 -36.27 30.66
CA ASN A 480 71.89 -36.47 30.86
C ASN A 480 72.71 -35.85 29.72
N SER A 481 74.02 -36.05 29.78
CA SER A 481 74.92 -35.52 28.76
C SER A 481 75.35 -36.59 27.75
N THR A 482 75.68 -37.79 28.22
CA THR A 482 76.13 -38.88 27.35
C THR A 482 75.00 -39.89 27.17
N ASN A 483 74.81 -40.34 25.93
CA ASN A 483 73.62 -41.09 25.53
C ASN A 483 72.40 -40.19 25.64
N LYS A 484 71.22 -40.79 25.75
CA LYS A 484 70.02 -40.04 26.05
C LYS A 484 69.13 -40.96 26.87
N TYR A 485 68.90 -40.58 28.12
CA TYR A 485 67.99 -41.34 29.00
C TYR A 485 67.59 -40.46 30.18
N GLN A 486 66.30 -40.52 30.53
CA GLN A 486 65.67 -39.84 31.67
C GLN A 486 64.85 -40.94 32.38
N LEU A 487 65.17 -41.27 33.64
CA LEU A 487 64.60 -42.47 34.26
C LEU A 487 64.21 -42.28 35.73
N SER A 488 63.30 -43.14 36.20
CA SER A 488 62.79 -43.12 37.58
C SER A 488 62.20 -44.47 37.94
N ILE A 489 62.17 -44.74 39.25
CA ILE A 489 61.70 -46.03 39.77
C ILE A 489 60.62 -45.75 40.80
N HIS A 490 59.59 -46.58 40.79
CA HIS A 490 58.54 -46.47 41.78
C HIS A 490 58.21 -47.87 42.29
N LYS A 491 57.31 -47.90 43.28
CA LYS A 491 56.79 -49.12 43.90
C LYS A 491 55.43 -49.49 43.28
N ASN A 492 54.85 -50.63 43.73
CA ASN A 492 53.70 -51.29 43.08
C ASN A 492 52.39 -51.12 43.85
N PRO A 493 51.47 -50.24 43.43
CA PRO A 493 50.14 -50.22 44.05
C PRO A 493 49.19 -51.28 43.53
N ASN A 494 49.51 -51.92 42.42
CA ASN A 494 48.69 -53.01 41.94
C ASN A 494 48.78 -54.19 42.90
N THR A 495 47.78 -55.05 42.78
CA THR A 495 47.62 -56.15 43.69
C THR A 495 48.23 -57.45 43.16
N ALA A 496 48.62 -57.51 41.90
CA ALA A 496 49.04 -58.78 41.30
C ALA A 496 50.51 -59.08 41.59
N GLU A 497 51.41 -58.31 41.02
CA GLU A 497 52.83 -58.57 41.16
C GLU A 497 53.45 -57.44 41.96
N PRO A 498 53.89 -57.66 43.17
CA PRO A 498 54.40 -56.55 43.96
C PRO A 498 55.81 -56.17 43.54
N ARG A 499 56.24 -56.61 42.37
CA ARG A 499 57.56 -56.25 41.87
C ARG A 499 57.64 -54.75 41.60
N HIS A 500 58.87 -54.25 41.49
CA HIS A 500 59.11 -52.82 41.34
C HIS A 500 58.95 -52.37 39.89
N LEU A 501 58.66 -51.07 39.71
CA LEU A 501 58.46 -50.47 38.40
C LEU A 501 59.58 -49.51 38.06
N LEU A 502 60.10 -49.69 36.87
CA LEU A 502 61.08 -48.81 36.28
C LEU A 502 60.55 -48.32 34.94
N VAL A 503 60.93 -47.10 34.59
CA VAL A 503 60.49 -46.42 33.39
C VAL A 503 61.64 -45.56 32.85
N MET A 504 61.71 -45.42 31.51
CA MET A 504 62.74 -44.64 30.81
C MET A 504 62.26 -44.28 29.39
N LYS A 505 62.44 -43.00 29.00
CA LYS A 505 62.27 -42.54 27.62
C LYS A 505 63.62 -42.06 27.05
N GLY A 506 63.80 -42.23 25.75
CA GLY A 506 65.06 -41.84 25.14
C GLY A 506 65.02 -42.01 23.63
N ALA A 507 66.14 -41.68 23.01
CA ALA A 507 66.24 -41.66 21.56
C ALA A 507 66.01 -43.05 20.96
N PRO A 508 65.34 -43.12 19.80
CA PRO A 508 65.12 -44.45 19.18
C PRO A 508 66.39 -45.24 18.97
N GLU A 509 67.44 -44.61 18.42
CA GLU A 509 68.67 -45.33 18.14
C GLU A 509 69.42 -45.71 19.41
N ARG A 510 69.52 -44.80 20.38
CA ARG A 510 70.32 -45.14 21.55
C ARG A 510 69.52 -45.84 22.64
N ILE A 511 68.19 -45.94 22.49
CA ILE A 511 67.43 -46.82 23.36
C ILE A 511 67.15 -48.16 22.69
N LEU A 512 67.16 -48.23 21.35
CA LEU A 512 67.15 -49.53 20.69
C LEU A 512 68.42 -50.32 20.95
N ASP A 513 69.53 -49.64 21.32
CA ASP A 513 70.82 -50.28 21.58
C ASP A 513 70.84 -51.02 22.92
N ARG A 514 70.18 -50.46 23.94
CA ARG A 514 70.20 -51.02 25.30
C ARG A 514 68.95 -51.86 25.60
N CYS A 515 68.15 -52.20 24.59
CA CYS A 515 66.87 -52.87 24.81
C CYS A 515 66.83 -54.23 24.16
N SER A 516 65.88 -55.04 24.63
CA SER A 516 65.78 -56.40 24.13
C SER A 516 64.35 -56.93 24.18
N SER A 517 63.66 -56.82 25.32
CA SER A 517 62.30 -57.35 25.42
C SER A 517 61.28 -56.37 24.84
N ILE A 518 60.08 -56.87 24.47
CA ILE A 518 59.02 -56.06 23.86
C ILE A 518 57.72 -56.23 24.66
N LEU A 519 56.68 -55.47 24.27
CA LEU A 519 55.40 -55.42 24.97
C LEU A 519 54.22 -55.29 24.00
N ILE A 520 53.26 -56.22 24.11
CA ILE A 520 52.02 -56.19 23.32
C ILE A 520 50.88 -56.87 24.08
N HIS A 521 49.74 -56.17 24.18
CA HIS A 521 48.49 -56.70 24.74
C HIS A 521 48.63 -57.29 26.14
N GLY A 522 49.70 -56.95 26.85
CA GLY A 522 49.89 -57.37 28.22
C GLY A 522 50.90 -58.48 28.50
N LYS A 523 51.79 -58.77 27.54
CA LYS A 523 52.76 -59.86 27.65
C LYS A 523 54.02 -59.54 26.85
N GLU A 524 55.18 -59.98 27.37
CA GLU A 524 56.47 -59.55 26.85
C GLU A 524 56.97 -60.46 25.73
N GLN A 525 58.11 -60.08 25.16
CA GLN A 525 58.69 -60.71 23.99
C GLN A 525 60.09 -60.17 23.85
N PRO A 526 60.79 -60.51 22.79
CA PRO A 526 62.14 -59.96 22.61
C PRO A 526 62.29 -59.22 21.28
N LEU A 527 63.49 -58.71 21.01
CA LEU A 527 63.76 -57.95 19.80
C LEU A 527 64.03 -58.91 18.65
N ASP A 528 63.09 -59.01 17.70
CA ASP A 528 63.38 -59.67 16.42
C ASP A 528 63.76 -58.62 15.39
N GLU A 529 64.79 -58.93 14.59
CA GLU A 529 65.28 -57.98 13.58
C GLU A 529 64.26 -57.73 12.45
N GLU A 530 63.12 -58.42 12.43
CA GLU A 530 62.06 -58.10 11.47
C GLU A 530 61.31 -56.84 11.91
N LEU A 531 60.79 -56.86 13.13
CA LEU A 531 60.11 -55.71 13.70
C LEU A 531 61.06 -54.63 14.20
N LYS A 532 62.39 -54.90 14.23
CA LYS A 532 63.40 -53.88 14.53
C LYS A 532 63.65 -52.97 13.33
N ASP A 533 63.40 -53.46 12.12
CA ASP A 533 63.42 -52.67 10.90
C ASP A 533 62.04 -52.17 10.49
N ALA A 534 60.97 -52.83 10.94
CA ALA A 534 59.66 -52.19 10.94
C ALA A 534 59.62 -51.09 11.98
N PHE A 535 60.54 -51.14 12.94
CA PHE A 535 60.77 -50.06 13.88
C PHE A 535 61.76 -49.04 13.32
N GLN A 536 62.81 -49.48 12.63
CA GLN A 536 63.72 -48.58 11.96
C GLN A 536 63.13 -47.93 10.73
N ASN A 537 61.97 -48.40 10.26
CA ASN A 537 61.28 -47.78 9.13
C ASN A 537 59.97 -47.06 9.49
N ALA A 538 59.47 -47.14 10.74
CA ALA A 538 58.39 -46.27 11.20
C ALA A 538 58.89 -45.22 12.21
N TYR A 539 60.17 -45.32 12.61
CA TYR A 539 60.92 -44.19 13.17
C TYR A 539 61.36 -43.23 12.09
N LEU A 540 61.98 -43.76 11.03
CA LEU A 540 62.38 -42.95 9.88
C LEU A 540 61.18 -42.51 9.02
N GLU A 541 59.99 -43.08 9.25
CA GLU A 541 58.73 -42.74 8.58
C GLU A 541 57.93 -41.71 9.37
N LEU A 542 57.82 -41.92 10.68
CA LEU A 542 57.20 -40.93 11.55
C LEU A 542 58.12 -39.73 11.75
N GLY A 543 59.43 -39.97 11.82
CA GLY A 543 60.36 -38.87 11.95
C GLY A 543 60.53 -38.06 10.66
N GLY A 544 60.45 -38.74 9.51
CA GLY A 544 60.47 -38.08 8.22
C GLY A 544 59.22 -37.28 7.88
N LEU A 545 58.11 -37.49 8.61
CA LEU A 545 56.91 -36.66 8.53
C LEU A 545 57.01 -35.40 9.38
N GLY A 546 58.24 -34.97 9.71
CA GLY A 546 58.48 -33.73 10.42
C GLY A 546 58.39 -33.82 11.93
N GLU A 547 58.07 -35.00 12.47
CA GLU A 547 57.72 -35.15 13.88
C GLU A 547 58.88 -35.68 14.70
N ARG A 548 59.26 -34.92 15.73
CA ARG A 548 60.33 -35.33 16.62
C ARG A 548 59.86 -36.52 17.44
N VAL A 549 60.53 -37.62 17.26
CA VAL A 549 60.08 -38.90 17.79
C VAL A 549 60.81 -39.17 19.10
N LEU A 550 60.15 -39.91 20.00
CA LEU A 550 60.69 -40.26 21.32
C LEU A 550 60.21 -41.66 21.69
N GLY A 551 61.13 -42.57 21.96
CA GLY A 551 60.78 -43.91 22.38
C GLY A 551 60.46 -44.00 23.86
N PHE A 552 59.59 -44.93 24.23
CA PHE A 552 59.23 -45.15 25.63
C PHE A 552 59.37 -46.61 26.02
N CYS A 553 60.02 -46.88 27.16
CA CYS A 553 60.35 -48.23 27.61
C CYS A 553 60.20 -48.33 29.13
N HIS A 554 59.93 -49.54 29.62
CA HIS A 554 59.83 -49.82 31.04
C HIS A 554 60.36 -51.23 31.33
N LEU A 555 60.56 -51.56 32.61
CA LEU A 555 60.98 -52.91 33.00
C LEU A 555 60.54 -53.16 34.44
N PHE A 556 60.31 -54.44 34.77
CA PHE A 556 60.08 -54.82 36.16
C PHE A 556 61.41 -55.12 36.85
N LEU A 557 61.42 -54.91 38.17
CA LEU A 557 62.66 -55.37 38.76
C LEU A 557 62.47 -56.73 39.41
N PRO A 558 63.50 -57.55 39.35
CA PRO A 558 63.43 -58.85 40.04
C PRO A 558 63.30 -58.66 41.54
N ASP A 559 62.05 -58.60 42.02
CA ASP A 559 61.73 -58.20 43.39
C ASP A 559 62.31 -59.22 44.38
N GLU A 560 62.94 -60.25 43.84
CA GLU A 560 63.69 -61.14 44.68
C GLU A 560 65.10 -60.62 44.90
N GLN A 561 65.66 -59.89 43.92
CA GLN A 561 67.01 -59.36 44.07
C GLN A 561 67.03 -58.00 44.76
N PHE A 562 65.97 -57.21 44.58
CA PHE A 562 65.80 -55.92 45.26
C PHE A 562 64.47 -55.98 46.02
N PRO A 563 64.47 -55.82 47.36
CA PRO A 563 63.25 -56.07 48.15
C PRO A 563 62.24 -54.92 48.18
N GLU A 564 61.07 -55.14 48.79
CA GLU A 564 59.98 -54.14 48.85
C GLU A 564 60.31 -52.93 49.73
N GLY A 565 61.50 -52.84 50.35
CA GLY A 565 61.84 -51.71 51.20
C GLY A 565 63.17 -51.04 50.93
N PHE A 566 63.96 -51.60 50.00
CA PHE A 566 65.31 -51.12 49.68
C PHE A 566 65.22 -49.82 48.89
N GLN A 567 65.40 -48.69 49.57
CA GLN A 567 65.48 -47.39 48.93
C GLN A 567 66.80 -47.31 48.15
N PHE A 568 66.76 -47.32 46.82
CA PHE A 568 67.98 -47.22 46.03
C PHE A 568 68.51 -45.79 46.07
N ASP A 569 69.77 -45.62 45.67
CA ASP A 569 70.37 -44.28 45.60
C ASP A 569 70.68 -43.82 44.20
N THR A 570 71.76 -43.05 44.06
CA THR A 570 72.04 -42.47 42.76
C THR A 570 73.55 -42.52 42.47
N ASP A 571 74.23 -43.61 42.88
CA ASP A 571 75.68 -43.73 42.73
C ASP A 571 76.15 -44.84 41.79
N ASP A 572 75.41 -45.94 41.69
CA ASP A 572 75.87 -47.12 40.97
C ASP A 572 74.67 -47.84 40.36
N VAL A 573 74.95 -48.82 39.51
CA VAL A 573 73.88 -49.52 38.82
C VAL A 573 73.13 -50.40 39.83
N ASN A 574 71.86 -50.09 40.04
CA ASN A 574 71.06 -50.81 41.02
C ASN A 574 70.03 -51.71 40.39
N PHE A 575 70.08 -51.93 39.07
CA PHE A 575 69.01 -52.63 38.37
C PHE A 575 69.42 -52.81 36.92
N PRO A 576 68.86 -53.81 36.23
CA PRO A 576 69.35 -54.20 34.89
C PRO A 576 69.15 -53.09 33.87
N LEU A 577 70.26 -52.62 33.30
CA LEU A 577 70.21 -51.62 32.24
C LEU A 577 69.82 -52.22 30.90
N ASP A 578 69.99 -53.52 30.71
CA ASP A 578 69.66 -54.17 29.47
C ASP A 578 68.43 -55.04 29.67
N ASN A 579 68.01 -55.69 28.58
CA ASN A 579 66.86 -56.58 28.57
C ASN A 579 65.61 -55.90 29.11
N LEU A 580 65.56 -54.59 28.92
CA LEU A 580 64.38 -53.83 29.28
C LEU A 580 63.20 -54.25 28.39
N CYS A 581 62.06 -53.58 28.57
CA CYS A 581 60.83 -53.85 27.82
C CYS A 581 60.32 -52.56 27.12
N PHE A 582 60.79 -52.31 25.88
CA PHE A 582 60.32 -51.21 25.00
C PHE A 582 58.80 -51.31 24.78
N VAL A 583 58.15 -50.14 24.68
CA VAL A 583 56.70 -50.05 24.56
C VAL A 583 56.28 -49.39 23.24
N GLY A 584 56.63 -48.12 23.04
CA GLY A 584 56.28 -47.49 21.81
C GLY A 584 56.86 -46.10 21.63
N LEU A 585 57.09 -45.77 20.36
CA LEU A 585 57.38 -44.38 20.04
C LEU A 585 56.17 -43.51 20.33
N ILE A 586 56.42 -42.21 20.32
CA ILE A 586 55.40 -41.18 20.52
C ILE A 586 55.88 -39.90 19.85
N SER A 587 55.16 -39.43 18.82
CA SER A 587 55.55 -38.28 18.01
C SER A 587 54.80 -37.01 18.41
N MET A 588 55.42 -35.86 18.16
CA MET A 588 54.87 -34.56 18.51
C MET A 588 55.32 -33.55 17.46
N ILE A 589 54.42 -32.62 17.10
CA ILE A 589 54.77 -31.52 16.20
C ILE A 589 53.86 -30.34 16.53
N ASP A 590 54.28 -29.12 16.14
CA ASP A 590 53.40 -27.95 16.29
C ASP A 590 52.25 -28.05 15.28
N PRO A 591 51.01 -28.26 15.74
CA PRO A 591 49.92 -28.59 14.82
C PRO A 591 49.13 -27.37 14.41
N PRO A 592 48.54 -27.38 13.22
CA PRO A 592 47.82 -26.19 12.74
C PRO A 592 46.67 -25.82 13.65
N ARG A 593 46.28 -24.55 13.60
CA ARG A 593 45.01 -24.16 14.18
C ARG A 593 43.90 -24.94 13.47
N ALA A 594 42.89 -25.34 14.25
CA ALA A 594 41.84 -26.22 13.75
C ALA A 594 41.18 -25.66 12.50
N ALA A 595 40.81 -24.39 12.52
CA ALA A 595 40.07 -23.85 11.40
C ALA A 595 40.92 -23.62 10.19
N VAL A 596 42.21 -23.94 10.26
CA VAL A 596 43.13 -23.69 9.15
C VAL A 596 42.71 -24.47 7.90
N PRO A 597 42.67 -25.81 7.92
CA PRO A 597 42.65 -26.55 6.63
C PRO A 597 41.46 -26.24 5.75
N ASP A 598 40.27 -26.20 6.35
CA ASP A 598 39.07 -25.89 5.61
C ASP A 598 39.11 -24.48 5.07
N ALA A 599 39.60 -23.55 5.88
CA ALA A 599 39.80 -22.18 5.40
C ALA A 599 40.50 -22.17 4.06
N VAL A 600 41.55 -22.98 3.94
CA VAL A 600 42.32 -23.05 2.68
C VAL A 600 41.54 -23.77 1.60
N GLY A 601 40.88 -24.88 1.95
CA GLY A 601 40.05 -25.56 0.97
C GLY A 601 39.10 -24.62 0.26
N LYS A 602 38.61 -23.62 0.97
CA LYS A 602 37.83 -22.56 0.33
C LYS A 602 38.72 -21.62 -0.46
N CYS A 603 39.95 -21.35 0.04
CA CYS A 603 40.87 -20.37 -0.57
C CYS A 603 41.04 -20.63 -2.05
N ARG A 604 41.41 -21.86 -2.40
CA ARG A 604 41.67 -22.22 -3.77
C ARG A 604 40.36 -22.46 -4.52
N SER A 605 39.31 -22.89 -3.80
CA SER A 605 38.00 -23.04 -4.42
C SER A 605 37.61 -21.75 -5.13
N ALA A 606 37.86 -20.62 -4.49
CA ALA A 606 37.73 -19.33 -5.14
C ALA A 606 38.94 -18.95 -5.99
N GLY A 607 39.87 -19.87 -6.25
CA GLY A 607 40.98 -19.59 -7.14
C GLY A 607 42.10 -18.75 -6.57
N ILE A 608 42.10 -18.47 -5.27
CA ILE A 608 43.19 -17.71 -4.66
C ILE A 608 44.41 -18.61 -4.49
N LYS A 609 45.48 -18.26 -5.21
CA LYS A 609 46.79 -18.83 -4.94
C LYS A 609 47.08 -18.70 -3.46
N VAL A 610 47.54 -19.78 -2.86
CA VAL A 610 48.01 -19.69 -1.49
C VAL A 610 49.45 -20.11 -1.53
N ILE A 611 50.31 -19.17 -1.23
CA ILE A 611 51.73 -19.44 -1.13
C ILE A 611 52.05 -19.46 0.35
N MET A 612 53.04 -20.25 0.73
CA MET A 612 53.50 -20.27 2.11
C MET A 612 54.93 -19.73 2.22
N VAL A 613 55.10 -18.70 3.05
CA VAL A 613 56.39 -18.15 3.41
C VAL A 613 56.63 -18.47 4.89
N THR A 614 57.82 -18.98 5.21
CA THR A 614 58.15 -19.18 6.63
C THR A 614 59.65 -19.21 6.87
N GLY A 615 60.04 -18.71 8.04
CA GLY A 615 61.43 -18.78 8.45
C GLY A 615 61.80 -20.06 9.16
N ASP A 616 61.07 -21.14 8.89
CA ASP A 616 61.29 -22.41 9.53
C ASP A 616 61.97 -23.36 8.56
N HIS A 617 62.13 -24.60 9.01
CA HIS A 617 62.99 -25.62 8.43
C HIS A 617 62.28 -26.42 7.34
N PRO A 618 62.98 -26.77 6.24
CA PRO A 618 62.28 -27.30 5.06
C PRO A 618 61.71 -28.70 5.17
N ILE A 619 61.99 -29.45 6.25
CA ILE A 619 61.33 -30.74 6.41
C ILE A 619 60.15 -30.63 7.36
N THR A 620 60.25 -29.80 8.40
CA THR A 620 59.04 -29.47 9.16
C THR A 620 58.09 -28.61 8.32
N ALA A 621 58.63 -27.78 7.42
CA ALA A 621 57.77 -26.99 6.54
C ALA A 621 57.22 -27.82 5.38
N LYS A 622 57.89 -28.91 5.00
CA LYS A 622 57.35 -29.77 3.94
C LYS A 622 56.17 -30.60 4.45
N ALA A 623 56.15 -30.92 5.76
CA ALA A 623 55.11 -31.77 6.34
C ALA A 623 53.89 -30.99 6.79
N ILE A 624 54.06 -29.75 7.22
CA ILE A 624 52.92 -28.93 7.61
C ILE A 624 52.15 -28.46 6.38
N ALA A 625 52.86 -28.15 5.29
CA ALA A 625 52.18 -27.55 4.14
C ALA A 625 51.42 -28.59 3.32
N LYS A 626 52.04 -29.75 3.06
CA LYS A 626 51.26 -30.91 2.60
C LYS A 626 50.05 -31.14 3.51
N GLY A 627 50.23 -31.02 4.83
CA GLY A 627 49.13 -31.25 5.76
C GLY A 627 47.99 -30.24 5.66
N VAL A 628 48.28 -29.03 5.15
CA VAL A 628 47.27 -27.98 5.05
C VAL A 628 46.63 -27.87 3.66
N GLY A 629 47.32 -28.27 2.60
CA GLY A 629 46.73 -28.22 1.28
C GLY A 629 47.14 -27.04 0.42
N ILE A 630 47.93 -26.08 0.95
CA ILE A 630 48.67 -25.15 0.09
C ILE A 630 49.37 -25.92 -1.02
N ILE A 631 50.00 -27.05 -0.66
CA ILE A 631 50.48 -28.06 -1.60
C ILE A 631 49.52 -29.24 -1.45
N SER A 632 48.59 -29.35 -2.41
CA SER A 632 47.64 -30.44 -2.44
C SER A 632 48.44 -31.72 -2.39
N GLU A 633 47.96 -32.74 -1.69
CA GLU A 633 48.63 -34.04 -1.77
C GLU A 633 48.90 -34.28 -3.24
N GLY A 634 50.15 -34.07 -3.65
CA GLY A 634 50.43 -34.59 -4.94
C GLY A 634 50.89 -33.70 -6.04
N ASN A 635 51.70 -32.75 -5.68
CA ASN A 635 52.67 -32.18 -6.60
C ASN A 635 54.03 -32.58 -6.06
N GLU A 636 54.93 -32.97 -6.93
CA GLU A 636 56.29 -33.24 -6.51
C GLU A 636 57.12 -32.01 -6.78
N THR A 637 57.99 -31.72 -5.85
CA THR A 637 58.88 -30.61 -5.96
C THR A 637 59.98 -30.96 -6.95
N VAL A 638 60.93 -30.07 -7.10
CA VAL A 638 62.09 -30.39 -7.91
C VAL A 638 62.94 -31.48 -7.22
N GLU A 639 62.76 -31.70 -5.90
CA GLU A 639 63.56 -32.62 -5.09
C GLU A 639 62.93 -34.00 -4.93
N ASP A 640 61.61 -34.07 -4.74
CA ASP A 640 60.94 -35.37 -4.71
C ASP A 640 61.09 -36.10 -6.04
N ILE A 641 61.20 -35.38 -7.16
CA ILE A 641 61.33 -36.02 -8.50
C ILE A 641 62.75 -36.58 -8.71
N ALA A 642 63.74 -36.11 -7.93
CA ALA A 642 65.14 -36.48 -8.14
C ALA A 642 65.71 -37.54 -7.20
N ALA A 643 65.22 -37.71 -5.96
CA ALA A 643 65.66 -38.86 -5.17
C ALA A 643 64.87 -40.11 -5.49
N ARG A 644 63.77 -39.94 -6.21
CA ARG A 644 62.87 -41.04 -6.51
C ARG A 644 63.28 -41.75 -7.81
N LEU A 645 63.74 -40.98 -8.79
CA LEU A 645 64.49 -41.40 -9.97
C LEU A 645 65.93 -41.81 -9.65
N ASN A 646 66.46 -41.45 -8.46
CA ASN A 646 67.83 -41.77 -8.05
C ASN A 646 68.84 -41.17 -9.05
N ILE A 647 68.58 -39.94 -9.49
CA ILE A 647 69.43 -39.19 -10.41
C ILE A 647 69.93 -37.89 -9.76
N PRO A 648 70.98 -37.25 -10.27
CA PRO A 648 71.37 -35.95 -9.72
C PRO A 648 70.26 -34.94 -9.90
N VAL A 649 70.12 -34.06 -8.91
CA VAL A 649 69.04 -33.10 -8.92
C VAL A 649 69.10 -32.20 -10.13
N SER A 650 70.31 -31.87 -10.57
CA SER A 650 70.50 -31.00 -11.71
C SER A 650 69.96 -31.59 -13.01
N GLN A 651 69.30 -32.75 -12.98
CA GLN A 651 68.89 -33.46 -14.20
C GLN A 651 67.45 -33.19 -14.62
N VAL A 652 66.57 -32.96 -13.69
CA VAL A 652 65.15 -32.88 -14.00
C VAL A 652 64.80 -31.49 -14.50
N ASN A 653 63.85 -31.43 -15.41
CA ASN A 653 63.35 -30.17 -15.95
C ASN A 653 62.43 -29.52 -14.92
N PRO A 654 62.75 -28.34 -14.38
CA PRO A 654 61.81 -27.69 -13.43
C PRO A 654 60.43 -27.46 -13.98
N ARG A 655 60.23 -27.68 -15.28
CA ARG A 655 58.91 -27.54 -15.86
C ARG A 655 57.95 -28.62 -15.37
N ASP A 656 58.49 -29.74 -14.92
CA ASP A 656 57.64 -30.89 -14.61
C ASP A 656 57.23 -30.96 -13.16
N ALA A 657 57.78 -30.11 -12.31
CA ALA A 657 57.38 -30.03 -10.91
C ALA A 657 56.35 -28.93 -10.78
N LYS A 658 55.11 -29.31 -10.53
CA LYS A 658 54.09 -28.31 -10.36
C LYS A 658 54.23 -27.59 -9.02
N ALA A 659 54.65 -28.27 -7.97
CA ALA A 659 55.02 -27.60 -6.73
C ALA A 659 56.53 -27.45 -6.65
N CYS A 660 56.96 -26.73 -5.61
CA CYS A 660 58.37 -26.41 -5.49
C CYS A 660 58.65 -25.97 -4.06
N VAL A 661 59.87 -26.26 -3.62
CA VAL A 661 60.37 -25.85 -2.33
C VAL A 661 61.70 -25.15 -2.54
N VAL A 662 61.83 -23.98 -1.96
CA VAL A 662 63.00 -23.15 -2.18
C VAL A 662 63.58 -22.82 -0.84
N HIS A 663 64.83 -23.18 -0.68
CA HIS A 663 65.54 -22.83 0.52
C HIS A 663 66.02 -21.39 0.39
N GLY A 664 65.65 -20.55 1.36
CA GLY A 664 66.03 -19.14 1.35
C GLY A 664 67.51 -18.91 1.14
N SER A 665 68.30 -19.98 1.13
CA SER A 665 69.65 -19.97 0.59
C SER A 665 69.66 -19.40 -0.84
N ASP A 666 69.10 -20.15 -1.79
CA ASP A 666 69.06 -19.68 -3.17
C ASP A 666 68.45 -18.30 -3.27
N LEU A 667 67.72 -17.88 -2.24
CA LEU A 667 66.85 -16.71 -2.33
C LEU A 667 67.65 -15.41 -2.28
N LYS A 668 68.54 -15.27 -1.31
CA LYS A 668 69.47 -14.15 -1.36
C LYS A 668 70.09 -14.03 -2.76
N ASP A 669 70.46 -15.18 -3.36
CA ASP A 669 71.12 -15.31 -4.68
C ASP A 669 70.14 -15.19 -5.84
N MET A 670 69.23 -14.21 -5.81
CA MET A 670 68.16 -14.17 -6.80
C MET A 670 67.67 -12.76 -7.11
N THR A 671 67.26 -12.59 -8.37
CA THR A 671 66.86 -11.35 -9.00
C THR A 671 65.33 -11.30 -9.10
N SER A 672 64.85 -10.48 -10.05
CA SER A 672 63.42 -10.21 -10.18
C SER A 672 62.75 -11.17 -11.17
N GLU A 673 63.14 -11.09 -12.45
CA GLU A 673 62.54 -11.94 -13.47
C GLU A 673 62.64 -13.41 -13.12
N GLN A 674 63.61 -13.76 -12.27
CA GLN A 674 63.80 -15.12 -11.79
C GLN A 674 62.61 -15.39 -10.89
N LEU A 675 62.54 -14.60 -9.83
CA LEU A 675 61.43 -14.66 -8.91
C LEU A 675 60.18 -14.56 -9.74
N ASP A 676 60.21 -13.69 -10.77
CA ASP A 676 59.14 -13.66 -11.77
C ASP A 676 58.83 -15.05 -12.30
N ASP A 677 59.86 -15.87 -12.63
CA ASP A 677 59.59 -17.17 -13.27
C ASP A 677 59.09 -18.21 -12.29
N ILE A 678 59.43 -18.08 -11.01
CA ILE A 678 59.00 -19.09 -10.04
C ILE A 678 57.52 -18.95 -9.74
N LEU A 679 57.11 -17.77 -9.28
CA LEU A 679 55.70 -17.52 -9.02
C LEU A 679 54.88 -17.81 -10.26
N LYS A 680 55.49 -17.66 -11.44
CA LYS A 680 54.79 -17.85 -12.71
C LYS A 680 54.64 -19.34 -13.05
N TYR A 681 55.71 -20.13 -12.98
CA TYR A 681 55.67 -21.52 -13.43
C TYR A 681 55.46 -22.50 -12.30
N HIS A 682 54.96 -22.03 -11.17
CA HIS A 682 54.79 -22.87 -10.00
C HIS A 682 53.51 -22.45 -9.29
N THR A 683 52.56 -23.37 -9.24
CA THR A 683 51.28 -23.15 -8.60
C THR A 683 51.40 -23.18 -7.07
N GLU A 684 52.12 -24.16 -6.54
CA GLU A 684 52.16 -24.42 -5.11
C GLU A 684 53.57 -24.13 -4.60
N ILE A 685 53.72 -22.95 -4.02
CA ILE A 685 55.01 -22.41 -3.65
C ILE A 685 55.09 -22.41 -2.13
N VAL A 686 56.18 -22.94 -1.61
CA VAL A 686 56.47 -22.85 -0.18
C VAL A 686 57.88 -22.35 -0.02
N PHE A 687 58.02 -21.17 0.54
CA PHE A 687 59.30 -20.60 0.83
C PHE A 687 59.69 -20.98 2.26
N ALA A 688 60.97 -21.26 2.46
CA ALA A 688 61.47 -21.65 3.77
C ALA A 688 62.79 -20.94 4.04
N ARG A 689 63.04 -20.65 5.32
CA ARG A 689 64.31 -20.06 5.75
C ARG A 689 64.54 -18.67 5.14
N THR A 690 63.60 -17.77 5.43
CA THR A 690 63.59 -16.42 4.90
C THR A 690 63.55 -15.45 6.09
N SER A 691 64.58 -14.60 6.19
CA SER A 691 64.65 -13.55 7.19
C SER A 691 63.40 -12.67 7.13
N PRO A 692 63.14 -11.89 8.17
CA PRO A 692 62.00 -10.95 8.12
C PRO A 692 61.97 -10.12 6.85
N GLN A 693 63.12 -9.54 6.52
CA GLN A 693 63.26 -8.68 5.35
C GLN A 693 62.99 -9.42 4.05
N GLN A 694 63.29 -10.72 4.01
CA GLN A 694 63.06 -11.49 2.80
C GLN A 694 61.56 -11.68 2.53
N LYS A 695 60.69 -11.38 3.50
CA LYS A 695 59.24 -11.53 3.29
C LYS A 695 58.60 -10.30 2.64
N LEU A 696 59.14 -9.11 2.92
CA LEU A 696 58.91 -7.92 2.09
C LEU A 696 58.96 -8.27 0.62
N ILE A 697 60.18 -8.37 0.06
CA ILE A 697 60.46 -8.59 -1.36
C ILE A 697 59.61 -9.75 -1.92
N ILE A 698 59.05 -10.62 -1.06
CA ILE A 698 58.10 -11.65 -1.49
C ILE A 698 56.75 -11.03 -1.78
N VAL A 699 56.20 -10.36 -0.79
CA VAL A 699 55.04 -9.54 -0.97
C VAL A 699 55.28 -8.67 -2.19
N GLU A 700 56.36 -7.87 -2.17
CA GLU A 700 56.76 -7.03 -3.32
C GLU A 700 56.89 -7.82 -4.64
N GLY A 701 57.18 -9.13 -4.57
CA GLY A 701 57.32 -9.94 -5.77
C GLY A 701 56.01 -10.45 -6.32
N CYS A 702 55.16 -11.06 -5.48
CA CYS A 702 53.76 -11.28 -5.86
C CYS A 702 53.07 -10.01 -6.28
N GLN A 703 53.72 -8.87 -6.01
CA GLN A 703 53.30 -7.53 -6.38
C GLN A 703 53.98 -7.00 -7.64
N ARG A 704 54.95 -7.73 -8.22
CA ARG A 704 55.41 -7.37 -9.56
C ARG A 704 54.61 -8.07 -10.65
N GLN A 705 53.57 -8.82 -10.27
CA GLN A 705 52.63 -9.45 -11.20
C GLN A 705 51.39 -8.62 -11.48
N GLY A 706 51.07 -7.64 -10.62
CA GLY A 706 49.87 -6.82 -10.74
C GLY A 706 48.72 -7.26 -9.85
N ALA A 707 48.90 -8.30 -9.07
CA ALA A 707 47.84 -8.85 -8.24
C ALA A 707 47.85 -8.17 -6.90
N ILE A 708 46.87 -8.37 -6.19
CA ILE A 708 46.78 -7.84 -4.84
C ILE A 708 47.15 -8.96 -3.89
N VAL A 709 47.66 -8.61 -2.72
CA VAL A 709 48.33 -9.56 -1.82
C VAL A 709 47.82 -9.36 -0.39
N ALA A 710 47.51 -10.46 0.33
CA ALA A 710 46.90 -10.45 1.66
C ALA A 710 47.74 -11.29 2.63
N VAL A 711 48.43 -10.62 3.56
CA VAL A 711 49.50 -11.19 4.38
C VAL A 711 49.01 -11.39 5.81
N THR A 712 49.30 -12.59 6.38
CA THR A 712 48.82 -13.03 7.71
C THR A 712 49.96 -13.62 8.57
N GLY A 713 50.21 -13.05 9.79
CA GLY A 713 51.35 -13.44 10.65
C GLY A 713 51.27 -13.52 12.18
N ASP A 714 52.40 -13.78 12.87
CA ASP A 714 52.35 -13.88 14.32
C ASP A 714 53.40 -13.07 15.11
N GLY A 715 54.70 -13.29 14.88
CA GLY A 715 55.84 -12.63 15.55
C GLY A 715 56.25 -11.32 14.90
N VAL A 716 57.57 -11.09 14.75
CA VAL A 716 58.13 -9.80 14.26
C VAL A 716 58.83 -9.87 12.89
N ASN A 717 59.08 -11.07 12.35
CA ASN A 717 59.56 -11.23 10.98
C ASN A 717 58.54 -10.78 9.92
N ASP A 718 57.24 -10.62 10.29
CA ASP A 718 56.11 -10.22 9.43
C ASP A 718 55.86 -8.70 9.38
N SER A 719 56.18 -7.97 10.45
CA SER A 719 56.17 -6.51 10.46
C SER A 719 56.51 -5.86 9.11
N PRO A 720 57.60 -6.23 8.42
CA PRO A 720 57.82 -5.72 7.06
C PRO A 720 56.88 -6.32 6.03
N ALA A 721 56.62 -7.62 6.05
CA ALA A 721 55.71 -8.15 5.04
C ALA A 721 54.26 -7.80 5.36
N SER A 722 53.92 -7.58 6.64
CA SER A 722 52.55 -7.20 6.99
C SER A 722 52.23 -5.75 6.60
N LYS A 723 53.24 -4.86 6.59
CA LYS A 723 53.00 -3.45 6.29
C LYS A 723 52.90 -3.19 4.78
N LYS A 724 53.84 -3.76 3.98
CA LYS A 724 53.91 -3.61 2.51
C LYS A 724 52.82 -4.36 1.77
N ALA A 725 52.13 -5.31 2.39
CA ALA A 725 50.97 -5.90 1.72
C ALA A 725 49.89 -4.83 1.57
N ASP A 726 49.15 -4.91 0.48
CA ASP A 726 47.93 -4.16 0.29
C ASP A 726 47.22 -4.13 1.63
N ILE A 727 47.21 -5.27 2.30
CA ILE A 727 46.65 -5.38 3.63
C ILE A 727 47.46 -6.41 4.41
N GLY A 728 47.84 -6.09 5.65
CA GLY A 728 48.50 -7.02 6.54
C GLY A 728 47.56 -7.53 7.61
N VAL A 729 47.70 -8.81 7.98
CA VAL A 729 46.87 -9.48 8.99
C VAL A 729 47.77 -9.97 10.11
N ALA A 730 47.34 -9.80 11.38
CA ALA A 730 48.06 -10.23 12.58
C ALA A 730 47.24 -11.18 13.44
N MET A 731 47.88 -11.69 14.51
CA MET A 731 47.22 -12.45 15.57
C MET A 731 47.17 -11.63 16.87
N GLY A 732 46.10 -11.83 17.63
CA GLY A 732 45.81 -11.06 18.83
C GLY A 732 46.48 -11.48 20.12
N ILE A 733 46.36 -12.75 20.50
CA ILE A 733 47.04 -13.28 21.66
C ILE A 733 48.43 -13.84 21.29
N ALA A 734 48.52 -14.69 20.26
CA ALA A 734 49.77 -15.35 19.89
C ALA A 734 50.70 -14.45 19.12
N GLY A 735 50.28 -13.24 18.84
CA GLY A 735 51.14 -12.33 18.15
C GLY A 735 52.01 -11.57 19.10
N SER A 736 52.95 -10.86 18.50
CA SER A 736 53.84 -9.96 19.21
C SER A 736 53.31 -8.52 19.03
N ASP A 737 54.17 -7.49 19.16
CA ASP A 737 53.75 -6.08 19.11
C ASP A 737 54.19 -5.29 17.88
N VAL A 738 55.20 -5.73 17.13
CA VAL A 738 55.71 -4.98 15.98
C VAL A 738 55.03 -5.39 14.64
N SER A 739 54.15 -6.41 14.62
CA SER A 739 53.31 -6.72 13.45
C SER A 739 51.82 -6.70 13.74
N LYS A 740 51.41 -6.28 14.95
CA LYS A 740 50.08 -5.87 15.35
C LYS A 740 49.81 -4.37 15.20
N GLN A 741 50.84 -3.54 14.93
CA GLN A 741 50.68 -2.10 14.65
C GLN A 741 50.92 -1.72 13.19
N ALA A 742 51.40 -2.67 12.35
CA ALA A 742 51.80 -2.52 10.94
C ALA A 742 50.83 -3.14 9.93
N ALA A 743 50.43 -4.40 10.16
CA ALA A 743 49.27 -5.00 9.52
C ALA A 743 48.13 -3.99 9.39
N ASP A 744 47.27 -4.17 8.43
CA ASP A 744 46.11 -3.30 8.37
C ASP A 744 44.86 -3.98 8.94
N MET A 745 44.96 -5.21 9.48
CA MET A 745 43.87 -6.00 10.11
C MET A 745 44.43 -6.89 11.23
N ILE A 746 43.60 -7.20 12.27
CA ILE A 746 43.98 -8.03 13.43
C ILE A 746 42.92 -9.12 13.68
N LEU A 747 43.40 -10.31 14.08
CA LEU A 747 42.53 -11.46 14.34
C LEU A 747 42.56 -11.78 15.84
N LEU A 748 41.46 -11.46 16.53
CA LEU A 748 41.43 -11.43 17.99
C LEU A 748 41.35 -12.84 18.62
N ASP A 749 40.36 -13.64 18.25
CA ASP A 749 40.18 -15.00 18.79
C ASP A 749 41.24 -15.98 18.31
N ASP A 750 42.16 -15.52 17.47
CA ASP A 750 43.09 -16.34 16.70
C ASP A 750 42.37 -17.33 15.77
N ASN A 751 41.04 -17.24 15.60
CA ASN A 751 40.29 -18.12 14.67
C ASN A 751 40.63 -17.74 13.24
N PHE A 752 41.28 -18.67 12.52
CA PHE A 752 41.68 -18.44 11.14
C PHE A 752 40.57 -18.74 10.15
N ALA A 753 39.45 -19.33 10.59
CA ALA A 753 38.29 -19.52 9.72
C ALA A 753 37.63 -18.21 9.37
N SER A 754 37.91 -17.17 10.17
CA SER A 754 37.29 -15.87 9.97
C SER A 754 37.74 -15.22 8.66
N ILE A 755 38.89 -15.63 8.12
CA ILE A 755 39.35 -15.09 6.85
C ILE A 755 38.39 -15.51 5.72
N VAL A 756 37.89 -16.76 5.79
CA VAL A 756 36.91 -17.23 4.81
C VAL A 756 35.73 -16.27 4.69
N THR A 757 35.36 -15.66 5.80
CA THR A 757 34.31 -14.64 5.77
C THR A 757 34.75 -13.40 4.98
N GLY A 758 36.02 -12.99 5.11
CA GLY A 758 36.44 -11.68 4.65
C GLY A 758 36.53 -11.50 3.13
N VAL A 759 37.05 -12.50 2.42
CA VAL A 759 37.01 -12.50 0.94
C VAL A 759 35.61 -12.61 0.41
N GLU A 760 34.67 -13.02 1.24
CA GLU A 760 33.30 -13.15 0.82
C GLU A 760 32.61 -11.82 0.95
N GLU A 761 32.99 -11.06 1.97
CA GLU A 761 32.32 -9.80 2.27
C GLU A 761 32.81 -8.67 1.35
N GLY A 762 34.13 -8.50 1.21
CA GLY A 762 34.63 -7.44 0.34
C GLY A 762 34.20 -7.62 -1.10
N ARG A 763 34.08 -8.88 -1.55
CA ARG A 763 33.54 -9.21 -2.88
C ARG A 763 32.04 -8.91 -2.98
N LEU A 764 31.30 -9.20 -1.91
CA LEU A 764 29.88 -8.86 -1.87
C LEU A 764 29.69 -7.36 -1.77
N ILE A 765 30.23 -6.74 -0.72
CA ILE A 765 30.08 -5.29 -0.55
C ILE A 765 30.53 -4.57 -1.79
N PHE A 766 31.50 -5.13 -2.51
CA PHE A 766 31.73 -4.71 -3.88
C PHE A 766 30.40 -4.58 -4.61
N ASP A 767 29.75 -5.73 -4.85
CA ASP A 767 28.66 -5.77 -5.82
C ASP A 767 27.44 -4.98 -5.36
N ASN A 768 27.38 -4.60 -4.10
CA ASN A 768 26.19 -3.91 -3.63
C ASN A 768 26.30 -2.42 -3.86
N LEU A 769 27.42 -1.84 -3.42
CA LEU A 769 27.79 -0.47 -3.72
C LEU A 769 27.56 -0.09 -5.18
N LYS A 770 27.92 -0.99 -6.11
CA LYS A 770 27.67 -0.74 -7.53
C LYS A 770 26.21 -0.40 -7.76
N LYS A 771 25.29 -1.14 -7.13
CA LYS A 771 23.88 -0.80 -7.12
C LYS A 771 23.68 0.52 -6.40
N SER A 772 24.42 0.72 -5.31
CA SER A 772 24.19 1.89 -4.45
C SER A 772 24.54 3.20 -5.18
N ILE A 773 25.66 3.21 -5.89
CA ILE A 773 26.06 4.42 -6.59
C ILE A 773 25.06 4.72 -7.71
N ALA A 774 24.70 3.70 -8.51
CA ALA A 774 23.78 3.85 -9.64
C ALA A 774 22.39 4.33 -9.23
N TYR A 775 22.06 4.24 -7.94
CA TYR A 775 20.79 4.73 -7.44
C TYR A 775 20.78 6.25 -7.35
N THR A 776 21.67 6.82 -6.52
CA THR A 776 21.73 8.28 -6.31
C THR A 776 22.08 9.02 -7.60
N LEU A 777 22.90 8.39 -8.43
CA LEU A 777 23.33 8.99 -9.69
C LEU A 777 22.14 9.16 -10.63
N THR A 778 21.35 8.09 -10.82
CA THR A 778 20.14 8.25 -11.62
C THR A 778 19.38 9.48 -11.19
N SER A 779 19.23 9.69 -9.88
CA SER A 779 18.66 10.94 -9.39
C SER A 779 19.28 12.12 -10.10
N ASN A 780 20.61 12.14 -10.18
CA ASN A 780 21.26 13.29 -10.79
C ASN A 780 20.83 13.60 -12.22
N ILE A 781 19.92 12.86 -12.84
CA ILE A 781 19.57 13.20 -14.22
C ILE A 781 18.30 14.04 -14.30
N PRO A 782 17.18 13.60 -13.72
CA PRO A 782 16.09 14.54 -13.47
C PRO A 782 16.48 15.63 -12.49
N GLU A 783 17.69 15.59 -11.91
CA GLU A 783 18.13 16.66 -11.01
C GLU A 783 18.54 17.91 -11.79
N ILE A 784 19.39 17.74 -12.79
CA ILE A 784 20.02 18.88 -13.42
C ILE A 784 19.26 19.31 -14.64
N THR A 785 18.84 18.33 -15.45
CA THR A 785 18.01 18.50 -16.66
C THR A 785 17.04 19.64 -16.45
N PRO A 786 16.45 19.78 -15.25
CA PRO A 786 15.71 21.02 -14.95
C PRO A 786 16.55 22.28 -15.02
N PHE A 787 17.62 22.36 -14.23
CA PHE A 787 18.46 23.57 -14.27
C PHE A 787 18.96 23.83 -15.69
N LEU A 788 18.78 22.88 -16.59
CA LEU A 788 19.32 22.97 -17.95
C LEU A 788 18.34 23.64 -18.88
N ILE A 789 17.24 22.97 -19.14
CA ILE A 789 16.33 23.44 -20.16
C ILE A 789 15.75 24.77 -19.75
N PHE A 790 15.62 24.99 -18.43
CA PHE A 790 15.13 26.21 -17.80
C PHE A 790 15.90 27.36 -18.42
N ILE A 791 17.16 27.10 -18.72
CA ILE A 791 17.93 28.08 -19.46
C ILE A 791 17.62 28.01 -20.95
N ILE A 792 17.22 26.84 -21.47
CA ILE A 792 17.08 26.66 -22.92
C ILE A 792 15.87 27.40 -23.45
N ALA A 793 14.69 27.02 -23.00
CA ALA A 793 13.45 27.49 -23.61
C ALA A 793 12.77 28.62 -22.82
N ASN A 794 13.44 29.18 -21.82
CA ASN A 794 12.93 30.32 -21.06
C ASN A 794 11.55 30.10 -20.47
N ILE A 795 11.44 29.00 -19.74
CA ILE A 795 10.28 28.61 -18.96
C ILE A 795 10.61 28.88 -17.50
N PRO A 796 9.61 28.92 -16.61
CA PRO A 796 9.92 28.96 -15.16
C PRO A 796 10.73 27.74 -14.70
N LEU A 797 11.31 27.85 -13.47
CA LEU A 797 12.24 26.94 -12.77
C LEU A 797 11.53 25.69 -12.27
N PRO A 798 11.55 24.60 -13.04
CA PRO A 798 10.65 23.48 -12.73
C PRO A 798 10.99 22.76 -11.43
N LEU A 799 12.24 22.87 -10.95
CA LEU A 799 12.67 22.19 -9.73
C LEU A 799 13.65 23.06 -8.96
N GLY A 800 13.52 23.09 -7.63
CA GLY A 800 14.31 23.97 -6.80
C GLY A 800 15.49 23.26 -6.19
N THR A 801 16.33 24.05 -5.51
CA THR A 801 17.52 23.45 -4.91
C THR A 801 17.18 22.75 -3.61
N VAL A 802 16.39 23.43 -2.80
CA VAL A 802 15.82 22.86 -1.61
C VAL A 802 15.28 21.49 -1.96
N THR A 803 14.46 21.41 -3.02
CA THR A 803 14.10 20.11 -3.56
C THR A 803 15.35 19.27 -3.80
N ILE A 804 16.32 19.81 -4.55
CA ILE A 804 17.54 19.08 -4.93
C ILE A 804 18.27 18.57 -3.68
N LEU A 805 18.02 19.20 -2.54
CA LEU A 805 18.70 18.84 -1.30
C LEU A 805 18.06 17.67 -0.57
N CYS A 806 16.76 17.43 -0.75
CA CYS A 806 16.08 16.37 -0.02
C CYS A 806 16.02 15.07 -0.77
N ILE A 807 16.80 14.94 -1.83
CA ILE A 807 16.86 13.70 -2.58
C ILE A 807 18.28 13.23 -2.52
N ASP A 808 19.17 13.91 -3.23
CA ASP A 808 20.59 13.64 -3.11
C ASP A 808 20.93 13.44 -1.65
N LEU A 809 20.16 14.11 -0.77
CA LEU A 809 20.47 14.11 0.65
C LEU A 809 19.29 13.96 1.62
N GLY A 810 18.04 13.90 1.17
CA GLY A 810 16.98 13.88 2.16
C GLY A 810 16.22 12.57 2.23
N THR A 811 15.48 12.27 1.16
CA THR A 811 14.79 10.98 1.08
C THR A 811 15.74 9.90 0.59
N ASP A 812 16.50 10.16 -0.49
CA ASP A 812 17.37 9.13 -1.08
C ASP A 812 18.40 8.57 -0.11
N MET A 813 18.50 9.14 1.09
CA MET A 813 19.47 8.69 2.07
C MET A 813 19.23 7.23 2.46
N VAL A 814 18.03 6.93 3.02
CA VAL A 814 17.81 5.57 3.54
C VAL A 814 17.73 4.50 2.48
N PRO A 815 17.17 4.74 1.28
CA PRO A 815 17.21 3.69 0.24
C PRO A 815 18.60 3.42 -0.32
N ALA A 816 19.43 4.45 -0.44
CA ALA A 816 20.82 4.20 -0.82
C ALA A 816 21.58 3.41 0.26
N ILE A 817 21.05 3.33 1.48
CA ILE A 817 21.65 2.53 2.57
C ILE A 817 21.02 1.13 2.64
N SER A 818 19.70 1.04 2.44
CA SER A 818 19.02 -0.26 2.38
C SER A 818 19.59 -1.14 1.29
N LEU A 819 20.08 -0.55 0.20
CA LEU A 819 20.67 -1.31 -0.90
C LEU A 819 22.01 -1.91 -0.51
N ALA A 820 22.57 -1.47 0.61
CA ALA A 820 23.83 -2.02 1.09
C ALA A 820 23.62 -3.37 1.76
N TYR A 821 22.37 -3.69 2.16
CA TYR A 821 22.04 -4.94 2.82
C TYR A 821 21.50 -5.99 1.84
N GLU A 822 21.54 -5.69 0.55
CA GLU A 822 21.23 -6.67 -0.49
C GLU A 822 22.10 -7.92 -0.32
N GLN A 823 21.56 -9.07 -0.70
CA GLN A 823 22.27 -10.33 -0.52
C GLN A 823 22.88 -10.79 -1.84
N ALA A 824 23.30 -12.05 -1.89
CA ALA A 824 24.10 -12.52 -2.99
C ALA A 824 23.26 -13.11 -4.12
N GLU A 825 23.65 -12.77 -5.36
CA GLU A 825 22.90 -13.11 -6.57
C GLU A 825 23.39 -14.39 -7.29
N SER A 826 24.54 -14.95 -6.90
CA SER A 826 25.05 -16.25 -7.36
C SER A 826 25.95 -16.80 -6.23
N ASP A 827 26.85 -17.78 -6.52
CA ASP A 827 27.77 -18.29 -5.49
C ASP A 827 29.05 -17.43 -5.54
N ILE A 828 29.32 -16.70 -4.46
CA ILE A 828 30.40 -15.69 -4.46
C ILE A 828 31.76 -16.35 -4.31
N MET A 829 31.87 -17.31 -3.41
CA MET A 829 33.14 -18.02 -3.26
C MET A 829 33.45 -18.90 -4.45
N LYS A 830 32.61 -18.84 -5.49
CA LYS A 830 32.81 -19.60 -6.72
C LYS A 830 33.57 -18.84 -7.79
N ARG A 831 33.21 -17.56 -8.01
CA ARG A 831 33.88 -16.75 -9.01
C ARG A 831 35.27 -16.34 -8.52
N GLN A 832 36.23 -16.43 -9.43
CA GLN A 832 37.61 -16.05 -9.15
C GLN A 832 37.69 -14.56 -8.77
N PRO A 833 38.81 -14.13 -8.18
CA PRO A 833 38.95 -12.71 -7.77
C PRO A 833 39.00 -11.75 -8.95
N ARG A 834 38.67 -10.48 -8.67
CA ARG A 834 38.48 -9.48 -9.71
C ARG A 834 39.79 -8.96 -10.27
N ASN A 835 39.80 -8.66 -11.55
CA ASN A 835 41.02 -8.11 -12.15
C ASN A 835 41.04 -6.62 -11.89
N PRO A 836 42.01 -6.12 -11.12
CA PRO A 836 41.94 -4.72 -10.68
C PRO A 836 41.81 -3.77 -11.84
N LYS A 837 42.25 -4.19 -13.01
CA LYS A 837 42.24 -3.39 -14.21
C LYS A 837 40.89 -3.43 -14.95
N THR A 838 40.27 -4.60 -15.06
CA THR A 838 39.12 -4.76 -15.95
C THR A 838 37.81 -4.41 -15.24
N ASP A 839 37.41 -5.22 -14.26
CA ASP A 839 36.15 -5.03 -13.54
C ASP A 839 36.21 -3.72 -12.79
N LYS A 840 35.52 -2.71 -13.30
CA LYS A 840 35.49 -1.40 -12.65
C LYS A 840 34.22 -1.27 -11.80
N LEU A 841 34.42 -0.84 -10.55
CA LEU A 841 33.34 -0.36 -9.71
C LEU A 841 32.39 0.46 -10.55
N VAL A 842 32.86 1.57 -11.07
CA VAL A 842 32.12 2.35 -12.02
C VAL A 842 32.81 2.16 -13.37
N ASN A 843 32.19 1.32 -14.19
CA ASN A 843 32.58 1.13 -15.58
C ASN A 843 31.63 1.92 -16.45
N GLU A 844 31.95 1.98 -17.74
CA GLU A 844 31.25 2.89 -18.65
C GLU A 844 29.83 2.43 -18.99
N GLN A 845 29.38 1.27 -18.53
CA GLN A 845 28.03 0.79 -18.82
C GLN A 845 27.02 1.36 -17.85
N LEU A 846 27.42 1.45 -16.58
CA LEU A 846 26.56 2.01 -15.55
C LEU A 846 26.03 3.38 -15.95
N ILE A 847 26.91 4.23 -16.47
CA ILE A 847 26.51 5.59 -16.84
C ILE A 847 25.61 5.55 -18.06
N SER A 848 25.97 4.76 -19.07
CA SER A 848 25.02 4.48 -20.13
C SER A 848 23.73 3.89 -19.60
N MET A 849 23.74 3.44 -18.33
CA MET A 849 22.51 3.01 -17.67
C MET A 849 21.89 4.04 -16.76
N ALA A 850 22.60 4.47 -15.72
CA ALA A 850 21.98 5.40 -14.77
C ALA A 850 21.83 6.80 -15.37
N TYR A 851 22.88 7.29 -16.04
CA TYR A 851 22.83 8.59 -16.74
C TYR A 851 22.19 8.50 -18.13
N GLY A 852 22.41 7.37 -18.83
CA GLY A 852 21.86 7.09 -20.15
C GLY A 852 20.36 6.94 -20.35
N GLN A 853 19.72 5.95 -19.69
CA GLN A 853 18.34 5.53 -19.99
C GLN A 853 17.36 5.80 -18.85
N ILE A 854 17.72 5.45 -17.62
CA ILE A 854 16.80 5.55 -16.48
C ILE A 854 16.56 7.01 -16.11
N GLY A 855 17.61 7.72 -15.71
CA GLY A 855 17.51 9.14 -15.41
C GLY A 855 16.79 9.93 -16.48
N MET A 856 16.86 9.44 -17.72
CA MET A 856 16.13 10.04 -18.83
C MET A 856 14.64 9.87 -18.66
N ILE A 857 14.18 8.62 -18.68
CA ILE A 857 12.81 8.32 -18.37
C ILE A 857 12.52 8.99 -17.04
N GLN A 858 13.51 9.04 -16.15
CA GLN A 858 13.33 9.72 -14.87
C GLN A 858 12.99 11.18 -15.09
N ALA A 859 13.83 11.87 -15.85
CA ALA A 859 13.50 13.24 -16.18
C ALA A 859 12.12 13.28 -16.81
N LEU A 860 11.77 12.24 -17.58
CA LEU A 860 10.55 12.28 -18.40
C LEU A 860 9.30 12.48 -17.55
N GLY A 861 9.25 11.86 -16.38
CA GLY A 861 8.06 11.93 -15.55
C GLY A 861 7.93 13.14 -14.68
N GLY A 862 9.02 13.61 -14.08
CA GLY A 862 8.95 14.88 -13.37
C GLY A 862 8.51 16.01 -14.27
N PHE A 863 9.05 16.06 -15.49
CA PHE A 863 8.63 17.07 -16.46
C PHE A 863 7.18 16.87 -16.90
N PHE A 864 6.77 15.62 -17.14
CA PHE A 864 5.35 15.34 -17.32
C PHE A 864 4.59 15.76 -16.08
N THR A 865 5.11 15.41 -14.89
CA THR A 865 4.56 15.95 -13.65
C THR A 865 4.54 17.47 -13.68
N TYR A 866 5.40 18.07 -14.48
CA TYR A 866 5.59 19.51 -14.41
C TYR A 866 4.62 20.26 -15.31
N PHE A 867 4.22 19.68 -16.44
CA PHE A 867 3.31 20.38 -17.36
C PHE A 867 1.88 20.35 -16.86
N VAL A 868 1.42 19.18 -16.42
CA VAL A 868 0.05 19.03 -15.99
C VAL A 868 -0.35 20.15 -15.04
N ILE A 869 0.55 20.51 -14.11
CA ILE A 869 0.17 21.45 -13.05
C ILE A 869 0.11 22.89 -13.57
N LEU A 870 1.14 23.35 -14.27
CA LEU A 870 1.05 24.67 -14.87
C LEU A 870 -0.06 24.72 -15.91
N ALA A 871 -0.36 23.59 -16.54
CA ALA A 871 -1.46 23.56 -17.50
C ALA A 871 -2.80 23.56 -16.80
N GLU A 872 -2.95 22.74 -15.73
CA GLU A 872 -4.27 22.55 -15.13
C GLU A 872 -4.79 23.83 -14.48
N ASN A 873 -3.91 24.56 -13.80
CA ASN A 873 -4.32 25.84 -13.24
C ASN A 873 -4.61 26.88 -14.30
N GLY A 874 -3.85 26.87 -15.38
CA GLY A 874 -4.08 27.79 -16.49
C GLY A 874 -2.97 28.01 -17.49
N PHE A 875 -1.77 27.46 -17.30
CA PHE A 875 -0.68 27.81 -18.21
C PHE A 875 -0.37 26.63 -19.15
N LEU A 876 -0.91 26.71 -20.37
CA LEU A 876 -0.72 25.69 -21.40
C LEU A 876 0.76 25.50 -21.74
N PRO A 877 1.16 24.29 -22.19
CA PRO A 877 2.60 24.03 -22.44
C PRO A 877 3.18 24.81 -23.61
N ILE A 878 2.52 24.82 -24.76
CA ILE A 878 3.01 25.61 -25.87
C ILE A 878 3.04 27.10 -25.51
N HIS A 879 2.28 27.50 -24.50
CA HIS A 879 2.25 28.90 -24.06
C HIS A 879 3.56 29.30 -23.36
N LEU A 880 4.12 28.39 -22.55
CA LEU A 880 5.14 28.74 -21.57
C LEU A 880 6.52 29.05 -22.16
N LEU A 881 6.66 29.02 -23.49
CA LEU A 881 7.92 29.35 -24.14
C LEU A 881 8.30 30.79 -23.86
N GLY A 882 9.60 31.07 -23.83
CA GLY A 882 10.04 32.39 -23.46
C GLY A 882 9.51 33.01 -22.18
N LEU A 883 8.81 32.27 -21.30
CA LEU A 883 8.03 32.94 -20.27
C LEU A 883 8.88 33.52 -19.17
N ARG A 884 9.78 32.71 -18.59
CA ARG A 884 10.51 32.95 -17.34
C ARG A 884 11.02 34.37 -17.18
N VAL A 885 11.16 35.03 -18.30
CA VAL A 885 11.63 36.41 -18.30
C VAL A 885 10.63 37.29 -17.55
N ASN A 886 9.43 37.46 -18.10
CA ASN A 886 8.39 38.17 -17.36
C ASN A 886 8.14 37.52 -16.00
N TRP A 887 8.37 36.18 -15.87
CA TRP A 887 8.00 35.41 -14.67
C TRP A 887 9.00 35.54 -13.53
N ASP A 888 10.26 35.90 -13.78
CA ASP A 888 11.21 36.09 -12.69
C ASP A 888 11.39 37.55 -12.33
N ASP A 889 10.64 38.45 -12.98
CA ASP A 889 10.63 39.87 -12.62
C ASP A 889 9.71 40.09 -11.44
N ARG A 890 10.28 40.53 -10.31
CA ARG A 890 9.49 40.69 -9.08
C ARG A 890 8.37 41.72 -9.19
N TRP A 891 8.22 42.43 -10.31
CA TRP A 891 7.31 43.59 -10.40
C TRP A 891 6.18 43.44 -11.43
N ILE A 892 6.04 42.30 -12.11
CA ILE A 892 5.05 42.15 -13.20
C ILE A 892 3.84 41.42 -12.62
N ASN A 893 3.06 42.15 -11.83
CA ASN A 893 1.89 41.59 -11.15
C ASN A 893 0.69 41.29 -12.08
N ASP A 894 0.79 41.57 -13.40
CA ASP A 894 -0.26 41.29 -14.40
C ASP A 894 0.33 40.32 -15.44
N VAL A 895 0.10 39.01 -15.32
CA VAL A 895 0.78 38.07 -16.22
C VAL A 895 -0.25 37.14 -16.87
N GLU A 896 -0.47 37.35 -18.15
CA GLU A 896 -1.52 36.65 -18.86
C GLU A 896 -1.10 35.21 -19.19
N ASP A 897 -2.05 34.32 -19.04
CA ASP A 897 -1.91 32.96 -19.51
C ASP A 897 -2.59 32.85 -20.86
N SER A 898 -2.78 31.62 -21.35
CA SER A 898 -3.56 31.41 -22.55
C SER A 898 -5.05 31.66 -22.34
N TYR A 899 -5.55 31.51 -21.11
CA TYR A 899 -6.95 31.78 -20.84
C TYR A 899 -7.22 33.28 -20.61
N GLY A 900 -6.17 34.09 -20.45
CA GLY A 900 -6.32 35.53 -20.28
C GLY A 900 -6.35 36.03 -18.83
N GLN A 901 -5.87 35.25 -17.87
CA GLN A 901 -5.91 35.68 -16.47
C GLN A 901 -4.62 36.39 -16.07
N GLN A 902 -4.78 37.43 -15.27
CA GLN A 902 -3.69 38.29 -14.84
C GLN A 902 -3.23 37.80 -13.46
N TRP A 903 -1.94 37.53 -13.29
CA TRP A 903 -1.41 36.91 -12.08
C TRP A 903 -0.34 37.81 -11.47
N THR A 904 -0.48 38.07 -10.18
CA THR A 904 0.50 38.83 -9.40
C THR A 904 1.84 38.12 -9.29
N TYR A 905 2.68 38.50 -8.31
CA TYR A 905 3.97 37.80 -8.13
C TYR A 905 3.83 36.61 -7.20
N GLU A 906 3.61 36.86 -5.90
CA GLU A 906 3.57 35.79 -4.91
C GLU A 906 2.60 34.71 -5.32
N GLN A 907 1.62 35.04 -6.16
CA GLN A 907 0.70 34.03 -6.67
C GLN A 907 1.41 33.02 -7.59
N ARG A 908 2.02 33.49 -8.71
CA ARG A 908 2.63 32.52 -9.64
C ARG A 908 3.92 31.91 -9.12
N LYS A 909 4.63 32.58 -8.22
CA LYS A 909 5.72 31.92 -7.51
C LYS A 909 5.19 30.81 -6.62
N ILE A 910 4.05 31.05 -5.95
CA ILE A 910 3.42 29.95 -5.22
C ILE A 910 3.13 28.80 -6.19
N VAL A 911 2.66 29.09 -7.40
CA VAL A 911 2.46 27.99 -8.35
C VAL A 911 3.80 27.38 -8.76
N GLU A 912 4.89 28.10 -8.50
CA GLU A 912 6.22 27.63 -8.86
C GLU A 912 6.75 26.60 -7.85
N PHE A 913 6.74 26.97 -6.57
CA PHE A 913 7.28 26.08 -5.53
C PHE A 913 6.42 24.86 -5.33
N THR A 914 5.13 24.91 -5.70
CA THR A 914 4.35 23.70 -5.83
C THR A 914 4.40 23.08 -7.21
N CYS A 915 5.22 23.59 -8.15
CA CYS A 915 5.79 22.80 -9.21
C CYS A 915 7.19 22.40 -8.86
N HIS A 916 7.69 22.87 -7.72
CA HIS A 916 8.89 22.35 -7.08
C HIS A 916 8.57 21.10 -6.27
N THR A 917 7.60 21.20 -5.39
CA THR A 917 7.39 20.14 -4.41
C THR A 917 7.00 18.80 -5.02
N PRO A 918 6.12 18.70 -6.09
CA PRO A 918 5.64 17.38 -6.53
C PRO A 918 6.51 16.69 -7.58
N PHE A 919 7.16 17.50 -8.40
CA PHE A 919 8.31 16.98 -9.13
C PHE A 919 9.16 16.11 -8.23
N PHE A 920 9.53 16.64 -7.05
CA PHE A 920 10.19 15.84 -6.01
C PHE A 920 9.35 14.64 -5.59
N VAL A 921 8.02 14.82 -5.46
CA VAL A 921 7.17 13.67 -5.17
C VAL A 921 7.29 12.66 -6.29
N THR A 922 7.15 13.14 -7.52
CA THR A 922 7.27 12.28 -8.68
C THR A 922 8.60 11.58 -8.70
N ILE A 923 9.63 12.22 -8.14
CA ILE A 923 10.96 11.65 -8.15
C ILE A 923 10.99 10.36 -7.33
N VAL A 924 10.78 10.50 -6.00
CA VAL A 924 10.72 9.36 -5.11
C VAL A 924 9.95 8.21 -5.74
N VAL A 925 8.86 8.54 -6.43
CA VAL A 925 8.02 7.55 -7.12
C VAL A 925 8.84 6.71 -8.08
N VAL A 926 9.49 7.36 -9.02
CA VAL A 926 10.36 6.64 -9.91
C VAL A 926 11.54 6.06 -9.15
N GLN A 927 12.11 6.83 -8.22
CA GLN A 927 13.08 6.28 -7.30
C GLN A 927 12.56 5.01 -6.64
N TRP A 928 11.25 4.78 -6.63
CA TRP A 928 10.78 3.46 -6.22
C TRP A 928 11.20 2.43 -7.25
N ALA A 929 10.73 2.64 -8.48
CA ALA A 929 11.12 1.76 -9.59
C ALA A 929 12.60 1.53 -9.61
N ASP A 930 13.38 2.63 -9.52
CA ASP A 930 14.83 2.54 -9.56
C ASP A 930 15.38 1.64 -8.47
N LEU A 931 15.10 1.97 -7.19
CA LEU A 931 15.58 1.17 -6.07
C LEU A 931 15.18 -0.29 -6.19
N VAL A 932 14.00 -0.54 -6.76
CA VAL A 932 13.59 -1.93 -6.84
C VAL A 932 14.32 -2.63 -7.97
N ILE A 933 14.68 -1.89 -9.02
CA ILE A 933 15.35 -2.48 -10.17
C ILE A 933 16.86 -2.41 -10.09
N CYS A 934 17.43 -1.64 -9.16
CA CYS A 934 18.87 -1.68 -8.87
C CYS A 934 19.21 -2.73 -7.82
N LYS A 935 18.18 -3.26 -7.14
CA LYS A 935 18.37 -4.22 -6.08
C LYS A 935 19.06 -5.47 -6.59
N THR A 936 18.70 -5.90 -7.79
CA THR A 936 19.34 -7.02 -8.47
C THR A 936 19.98 -6.50 -9.75
N ARG A 937 21.23 -6.88 -10.00
CA ARG A 937 21.91 -6.48 -11.23
C ARG A 937 21.69 -7.45 -12.37
N ARG A 938 21.44 -8.72 -12.05
CA ARG A 938 21.19 -9.75 -13.05
C ARG A 938 19.88 -10.47 -12.87
N ASN A 939 19.43 -10.65 -11.63
CA ASN A 939 18.31 -11.52 -11.34
C ASN A 939 16.99 -10.77 -11.34
N SER A 940 15.97 -11.42 -11.91
CA SER A 940 14.62 -10.89 -11.82
C SER A 940 14.26 -10.69 -10.36
N VAL A 941 13.51 -9.64 -10.09
CA VAL A 941 13.23 -9.33 -8.69
C VAL A 941 12.23 -10.31 -8.08
N PHE A 942 11.57 -11.15 -8.91
CA PHE A 942 10.66 -12.19 -8.42
C PHE A 942 11.37 -13.46 -8.00
N GLN A 943 12.63 -13.63 -8.38
CA GLN A 943 13.44 -14.73 -7.90
C GLN A 943 14.24 -14.32 -6.66
N GLN A 944 14.71 -13.05 -6.62
CA GLN A 944 15.45 -12.53 -5.46
C GLN A 944 14.48 -12.07 -4.36
N GLY A 945 13.37 -11.46 -4.73
CA GLY A 945 12.29 -11.20 -3.80
C GLY A 945 12.51 -9.96 -2.94
N MET A 946 11.46 -9.57 -2.24
CA MET A 946 11.55 -8.41 -1.34
C MET A 946 11.87 -8.83 0.08
N LYS A 947 12.67 -9.88 0.24
CA LYS A 947 13.09 -10.27 1.58
C LYS A 947 13.89 -9.18 2.30
N ASN A 948 14.33 -8.13 1.63
CA ASN A 948 15.09 -7.08 2.31
C ASN A 948 14.12 -6.22 3.13
N LYS A 949 14.23 -6.32 4.45
CA LYS A 949 13.33 -5.61 5.35
C LYS A 949 13.52 -4.10 5.25
N ILE A 950 14.72 -3.65 5.57
CA ILE A 950 15.13 -2.26 5.59
C ILE A 950 14.65 -1.63 4.30
N LEU A 951 14.80 -2.36 3.19
CA LEU A 951 14.41 -1.83 1.88
C LEU A 951 12.91 -1.57 1.82
N ILE A 952 12.12 -2.47 2.38
CA ILE A 952 10.71 -2.18 2.52
C ILE A 952 10.52 -0.95 3.39
N PHE A 953 11.16 -0.96 4.56
CA PHE A 953 11.16 0.20 5.45
C PHE A 953 11.57 1.45 4.71
N GLY A 954 12.51 1.32 3.77
CA GLY A 954 12.95 2.47 3.04
C GLY A 954 11.81 3.04 2.24
N LEU A 955 11.19 2.18 1.42
CA LEU A 955 10.01 2.56 0.65
C LEU A 955 9.04 3.31 1.53
N PHE A 956 8.69 2.70 2.67
CA PHE A 956 7.72 3.26 3.59
C PHE A 956 8.20 4.59 4.17
N GLU A 957 9.45 4.64 4.63
CA GLU A 957 9.93 5.87 5.27
C GLU A 957 10.13 6.99 4.26
N GLU A 958 10.71 6.68 3.10
CA GLU A 958 10.98 7.72 2.12
C GLU A 958 9.71 8.38 1.65
N THR A 959 8.69 7.57 1.37
CA THR A 959 7.38 8.11 1.04
C THR A 959 6.85 8.96 2.18
N ALA A 960 7.09 8.52 3.41
CA ALA A 960 6.48 9.18 4.56
C ALA A 960 7.14 10.53 4.83
N LEU A 961 8.48 10.55 4.93
CA LEU A 961 9.18 11.82 4.97
C LEU A 961 8.61 12.75 3.90
N ALA A 962 8.65 12.30 2.65
CA ALA A 962 8.09 13.08 1.55
C ALA A 962 6.68 13.57 1.86
N ALA A 963 5.74 12.65 2.09
CA ALA A 963 4.36 13.12 2.29
C ALA A 963 4.23 13.94 3.55
N PHE A 964 5.12 13.75 4.53
CA PHE A 964 5.08 14.62 5.70
C PHE A 964 5.48 16.03 5.30
N LEU A 965 6.34 16.18 4.31
CA LEU A 965 6.98 17.47 4.13
C LEU A 965 6.07 18.43 3.39
N SER A 966 5.25 17.93 2.45
CA SER A 966 4.41 18.82 1.64
C SER A 966 3.22 19.34 2.43
N TYR A 967 2.61 18.49 3.24
CA TYR A 967 1.37 18.80 3.93
C TYR A 967 1.58 19.37 5.32
N CYS A 968 2.81 19.37 5.85
CA CYS A 968 3.04 19.91 7.19
C CYS A 968 2.75 21.41 7.20
N PRO A 969 2.10 21.93 8.25
CA PRO A 969 1.74 23.36 8.24
C PRO A 969 2.96 24.28 8.33
N GLY A 970 2.80 25.47 7.75
CA GLY A 970 3.92 26.38 7.64
C GLY A 970 5.12 25.77 6.92
N MET A 971 4.88 24.76 6.08
CA MET A 971 5.94 24.24 5.22
C MET A 971 6.17 25.15 4.03
N GLY A 972 5.07 25.68 3.46
CA GLY A 972 5.19 26.73 2.47
C GLY A 972 5.91 27.96 3.00
N VAL A 973 5.85 28.18 4.31
CA VAL A 973 6.47 29.38 4.88
C VAL A 973 7.96 29.18 5.11
N ALA A 974 8.39 27.99 5.53
CA ALA A 974 9.80 27.71 5.87
C ALA A 974 10.64 27.36 4.65
N LEU A 975 10.26 26.30 3.95
CA LEU A 975 11.10 25.73 2.90
C LEU A 975 10.58 26.04 1.49
N ARG A 976 9.49 26.78 1.37
CA ARG A 976 8.95 27.15 0.07
C ARG A 976 8.42 25.91 -0.67
N MET A 977 7.53 25.18 0.02
CA MET A 977 6.93 23.94 -0.47
C MET A 977 5.60 23.71 0.22
N TYR A 978 4.56 23.48 -0.57
CA TYR A 978 3.17 23.50 -0.13
C TYR A 978 2.48 22.13 -0.30
N PRO A 979 1.26 21.97 0.25
CA PRO A 979 0.49 20.75 0.05
C PRO A 979 0.10 20.53 -1.40
N LEU A 980 0.15 19.27 -1.86
CA LEU A 980 -0.22 18.93 -3.22
C LEU A 980 -1.72 18.67 -3.31
N LYS A 981 -2.33 19.10 -4.41
CA LYS A 981 -3.65 18.59 -4.73
C LYS A 981 -3.53 17.10 -5.08
N PRO A 982 -4.59 16.31 -4.82
CA PRO A 982 -4.41 14.84 -4.87
C PRO A 982 -4.00 14.31 -6.23
N THR A 983 -4.54 14.86 -7.32
CA THR A 983 -4.40 14.26 -8.64
C THR A 983 -2.96 14.39 -9.18
N TRP A 984 -2.00 14.71 -8.29
CA TRP A 984 -0.58 14.91 -8.67
C TRP A 984 0.31 13.69 -8.43
N TRP A 985 0.10 13.01 -7.30
CA TRP A 985 0.90 11.86 -6.96
C TRP A 985 1.03 10.92 -8.15
N PHE A 986 -0.09 10.33 -8.56
CA PHE A 986 -0.17 9.24 -9.54
C PHE A 986 0.34 9.62 -10.94
N CYS A 987 1.08 10.71 -11.09
CA CYS A 987 1.51 11.07 -12.43
C CYS A 987 2.79 10.37 -12.81
N ALA A 988 3.60 10.03 -11.82
CA ALA A 988 4.81 9.28 -12.12
C ALA A 988 4.55 7.78 -12.19
N PHE A 989 3.29 7.39 -12.29
CA PHE A 989 2.95 5.98 -12.13
C PHE A 989 3.44 5.16 -13.32
N PRO A 990 2.84 5.23 -14.52
CA PRO A 990 3.31 4.37 -15.63
C PRO A 990 4.76 4.59 -16.00
N TYR A 991 5.38 5.68 -15.55
CA TYR A 991 6.82 5.87 -15.76
C TYR A 991 7.64 4.96 -14.84
N SER A 992 7.50 5.12 -13.51
CA SER A 992 8.20 4.25 -12.57
C SER A 992 7.86 2.85 -13.02
N LEU A 993 6.64 2.72 -13.51
CA LEU A 993 6.20 1.46 -14.08
C LEU A 993 7.07 1.08 -15.28
N LEU A 994 6.92 1.80 -16.40
CA LEU A 994 7.69 1.47 -17.61
C LEU A 994 9.16 1.32 -17.30
N ILE A 995 9.64 2.08 -16.32
CA ILE A 995 10.97 1.87 -15.78
C ILE A 995 11.13 0.43 -15.29
N PHE A 996 10.35 0.04 -14.27
CA PHE A 996 10.45 -1.31 -13.75
C PHE A 996 10.33 -2.32 -14.87
N VAL A 997 9.47 -2.02 -15.84
CA VAL A 997 9.28 -2.91 -16.98
C VAL A 997 10.54 -2.95 -17.83
N TYR A 998 11.13 -1.79 -18.07
CA TYR A 998 12.27 -1.72 -18.98
C TYR A 998 13.45 -2.56 -18.46
N ASP A 999 13.85 -2.32 -17.21
CA ASP A 999 15.01 -3.02 -16.65
C ASP A 999 14.73 -4.49 -16.37
N GLU A 1000 13.46 -4.86 -16.15
CA GLU A 1000 13.16 -6.24 -15.84
C GLU A 1000 13.25 -7.11 -17.09
N VAL A 1001 12.64 -6.67 -18.19
CA VAL A 1001 12.91 -7.36 -19.44
C VAL A 1001 14.37 -7.20 -19.82
N ARG A 1002 15.03 -6.13 -19.36
CA ARG A 1002 16.48 -6.06 -19.51
C ARG A 1002 17.15 -7.18 -18.75
N LYS A 1003 16.82 -7.34 -17.47
CA LYS A 1003 17.47 -8.34 -16.64
C LYS A 1003 16.93 -9.76 -16.84
N LEU A 1004 15.99 -9.97 -17.76
CA LEU A 1004 15.63 -11.32 -18.18
C LEU A 1004 16.39 -11.76 -19.42
N ILE A 1005 16.49 -10.88 -20.43
CA ILE A 1005 17.16 -11.24 -21.67
C ILE A 1005 18.64 -11.53 -21.42
N ILE A 1006 19.26 -10.84 -20.45
CA ILE A 1006 20.61 -11.17 -20.05
C ILE A 1006 20.67 -12.57 -19.43
N ARG A 1007 19.59 -13.01 -18.77
CA ARG A 1007 19.58 -14.36 -18.20
C ARG A 1007 19.47 -15.42 -19.29
N ARG A 1008 18.96 -15.03 -20.46
CA ARG A 1008 18.77 -15.96 -21.56
C ARG A 1008 19.92 -16.03 -22.57
N ARG A 1009 20.27 -14.88 -23.16
CA ARG A 1009 21.34 -14.85 -24.16
C ARG A 1009 22.39 -13.79 -23.89
N PRO A 1010 23.26 -14.04 -22.90
CA PRO A 1010 24.34 -13.16 -22.46
C PRO A 1010 25.42 -12.97 -23.54
N GLY A 1011 25.73 -14.02 -24.27
CA GLY A 1011 26.79 -13.99 -25.26
C GLY A 1011 26.63 -12.99 -26.39
N GLY A 1012 25.42 -12.82 -26.90
CA GLY A 1012 25.20 -11.89 -27.99
C GLY A 1012 24.53 -10.59 -27.57
N TRP A 1013 25.19 -9.48 -27.87
CA TRP A 1013 24.68 -8.13 -27.58
C TRP A 1013 24.34 -7.89 -26.11
N VAL A 1014 23.14 -7.32 -25.90
CA VAL A 1014 22.56 -6.97 -24.60
C VAL A 1014 23.48 -6.81 -23.38
N GLU A 1015 23.96 -7.94 -22.86
CA GLU A 1015 24.83 -7.97 -21.70
C GLU A 1015 26.00 -7.03 -21.90
N LYS A 1016 26.62 -7.10 -23.08
CA LYS A 1016 27.88 -6.43 -23.28
C LYS A 1016 27.73 -4.91 -23.11
N GLU A 1017 26.60 -4.35 -23.55
CA GLU A 1017 26.45 -2.89 -23.60
C GLU A 1017 25.94 -2.30 -22.30
N THR A 1018 25.14 -3.06 -21.55
CA THR A 1018 24.36 -2.54 -20.45
C THR A 1018 24.95 -2.89 -19.10
N TYR A 1019 25.07 -4.19 -18.86
CA TYR A 1019 25.48 -4.79 -17.60
C TYR A 1019 26.55 -3.96 -16.92
N TYR A 1020 26.15 -3.28 -15.87
CA TYR A 1020 27.04 -2.36 -15.18
C TYR A 1020 27.91 -3.07 -14.14
N PHE B 14 45.84 3.55 -21.22
CA PHE B 14 46.06 4.63 -20.28
C PHE B 14 45.26 5.82 -20.64
N ILE B 15 45.95 6.95 -20.58
CA ILE B 15 45.36 8.20 -21.01
C ILE B 15 45.73 8.43 -22.47
N TRP B 16 45.69 7.35 -23.27
CA TRP B 16 46.06 7.47 -24.68
C TRP B 16 45.28 6.48 -25.56
N ASN B 17 44.08 6.12 -25.15
CA ASN B 17 43.18 5.30 -25.94
C ASN B 17 42.50 6.08 -27.05
N SER B 18 43.19 7.06 -27.63
CA SER B 18 42.60 7.91 -28.67
C SER B 18 42.15 7.06 -29.84
N GLU B 19 43.12 6.71 -30.69
CA GLU B 19 42.85 5.92 -31.87
C GLU B 19 43.44 4.52 -31.75
N LYS B 20 42.78 3.68 -30.96
CA LYS B 20 43.21 2.30 -30.79
C LYS B 20 42.97 1.44 -32.03
N LYS B 21 43.74 0.37 -32.18
CA LYS B 21 43.55 -0.48 -33.36
C LYS B 21 42.15 -1.04 -33.48
N GLU B 22 41.54 -0.83 -34.66
CA GLU B 22 40.14 -1.14 -34.93
C GLU B 22 39.17 -0.57 -33.88
N PHE B 23 39.51 0.61 -33.39
CA PHE B 23 38.77 1.26 -32.33
C PHE B 23 39.20 2.72 -32.24
N LEU B 24 38.26 3.59 -31.92
CA LEU B 24 38.52 5.01 -31.71
C LEU B 24 38.67 5.25 -30.22
N GLY B 25 38.55 6.48 -29.76
CA GLY B 25 38.62 6.71 -28.32
C GLY B 25 37.44 6.01 -27.68
N ARG B 26 37.69 5.30 -26.57
CA ARG B 26 36.80 4.25 -26.04
C ARG B 26 36.52 3.16 -27.08
N THR B 27 35.24 2.92 -27.38
CA THR B 27 34.88 1.91 -28.37
C THR B 27 34.37 2.59 -29.63
N GLY B 28 34.23 1.81 -30.70
CA GLY B 28 33.73 2.34 -31.96
C GLY B 28 33.36 1.36 -33.05
N GLY B 29 33.96 0.17 -33.04
CA GLY B 29 33.64 -0.84 -34.04
C GLY B 29 32.15 -1.10 -34.13
N SER B 30 31.45 -1.02 -33.00
CA SER B 30 30.01 -1.20 -32.89
C SER B 30 29.28 0.06 -32.46
N TRP B 31 29.82 1.25 -32.77
CA TRP B 31 29.12 2.47 -32.38
C TRP B 31 27.73 2.51 -32.97
N PHE B 32 27.60 2.18 -34.25
CA PHE B 32 26.27 2.12 -34.88
C PHE B 32 25.31 1.37 -34.00
N LYS B 33 25.81 0.39 -33.25
CA LYS B 33 24.95 -0.39 -32.39
C LYS B 33 24.52 0.45 -31.18
N ILE B 34 25.48 1.01 -30.43
CA ILE B 34 25.11 1.85 -29.29
C ILE B 34 24.27 3.03 -29.75
N LEU B 35 24.66 3.63 -30.87
CA LEU B 35 23.99 4.84 -31.30
C LEU B 35 22.57 4.56 -31.73
N LEU B 36 22.39 3.54 -32.57
CA LEU B 36 21.06 3.22 -33.05
C LEU B 36 20.13 2.89 -31.89
N PHE B 37 20.65 2.18 -30.90
CA PHE B 37 19.79 1.87 -29.77
C PHE B 37 19.29 3.15 -29.11
N TYR B 38 20.13 4.19 -29.08
CA TYR B 38 19.77 5.41 -28.37
C TYR B 38 18.74 6.23 -29.12
N VAL B 39 18.75 6.21 -30.47
CA VAL B 39 17.77 6.97 -31.24
C VAL B 39 16.39 6.35 -31.10
N ILE B 40 16.28 5.04 -31.35
CA ILE B 40 15.01 4.37 -31.11
C ILE B 40 14.56 4.69 -29.70
N PHE B 41 15.42 4.37 -28.73
CA PHE B 41 15.07 4.54 -27.32
C PHE B 41 14.57 5.95 -27.01
N TYR B 42 15.39 6.97 -27.23
CA TYR B 42 14.94 8.34 -27.07
C TYR B 42 13.79 8.66 -28.00
N GLY B 43 13.85 8.16 -29.23
CA GLY B 43 12.73 8.32 -30.13
C GLY B 43 11.46 7.69 -29.58
N CYS B 44 11.61 6.69 -28.73
CA CYS B 44 10.52 6.03 -28.03
C CYS B 44 10.28 6.54 -26.62
N LEU B 45 11.32 6.99 -25.92
CA LEU B 45 11.08 7.68 -24.65
C LEU B 45 10.17 8.86 -24.89
N ALA B 46 10.24 9.45 -26.08
CA ALA B 46 9.45 10.64 -26.38
C ALA B 46 8.03 10.30 -26.85
N GLY B 47 7.89 9.36 -27.79
CA GLY B 47 6.56 9.00 -28.27
C GLY B 47 5.65 8.49 -27.17
N ILE B 48 6.24 8.04 -26.08
CA ILE B 48 5.54 7.81 -24.82
C ILE B 48 5.17 9.15 -24.20
N PHE B 49 6.18 9.85 -23.64
CA PHE B 49 5.95 11.16 -23.01
C PHE B 49 4.98 11.97 -23.83
N ILE B 50 5.17 11.97 -25.14
CA ILE B 50 4.35 12.83 -25.98
C ILE B 50 2.90 12.36 -25.98
N GLY B 51 2.69 11.04 -26.04
CA GLY B 51 1.37 10.51 -25.75
C GLY B 51 0.86 11.15 -24.47
N THR B 52 1.64 11.00 -23.40
CA THR B 52 1.17 11.34 -22.06
C THR B 52 0.69 12.78 -21.98
N ILE B 53 1.49 13.70 -22.51
CA ILE B 53 1.09 15.10 -22.46
C ILE B 53 -0.08 15.36 -23.39
N GLN B 54 -0.22 14.58 -24.47
CA GLN B 54 -1.36 14.75 -25.36
C GLN B 54 -2.63 14.31 -24.68
N VAL B 55 -2.54 13.23 -23.92
CA VAL B 55 -3.58 12.90 -22.94
C VAL B 55 -3.89 14.11 -22.09
N MET B 56 -2.87 14.61 -21.38
CA MET B 56 -3.09 15.72 -20.46
C MET B 56 -3.79 16.89 -21.14
N LEU B 57 -3.68 17.01 -22.48
CA LEU B 57 -4.25 18.16 -23.17
C LEU B 57 -5.70 17.96 -23.60
N LEU B 58 -6.19 16.73 -23.66
CA LEU B 58 -7.60 16.58 -23.96
C LEU B 58 -8.47 16.71 -22.71
N THR B 59 -7.89 16.70 -21.49
CA THR B 59 -8.62 16.85 -20.23
C THR B 59 -8.65 18.28 -19.71
N ILE B 60 -8.00 19.19 -20.39
CA ILE B 60 -8.07 20.58 -19.96
C ILE B 60 -9.27 21.20 -20.65
N SER B 61 -10.23 21.64 -19.84
CA SER B 61 -11.38 22.35 -20.39
C SER B 61 -10.89 23.42 -21.34
N GLU B 62 -11.22 23.27 -22.61
CA GLU B 62 -10.81 24.28 -23.57
C GLU B 62 -11.41 25.64 -23.24
N PHE B 63 -12.25 25.73 -22.19
CA PHE B 63 -12.97 26.95 -21.79
C PHE B 63 -12.69 27.39 -20.36
N LYS B 64 -12.90 26.52 -19.35
CA LYS B 64 -12.65 27.13 -18.05
C LYS B 64 -11.41 26.51 -17.41
N PRO B 65 -10.58 27.32 -16.74
CA PRO B 65 -9.45 26.74 -16.01
C PRO B 65 -9.99 25.78 -14.98
N THR B 66 -9.54 24.54 -15.07
CA THR B 66 -9.99 23.58 -14.09
C THR B 66 -9.72 24.09 -12.68
N TYR B 67 -8.54 24.64 -12.43
CA TYR B 67 -8.22 25.12 -11.09
C TYR B 67 -8.01 26.62 -11.13
N GLN B 68 -8.75 27.32 -10.29
CA GLN B 68 -8.65 28.75 -10.21
C GLN B 68 -8.43 29.22 -8.79
N ASP B 69 -8.30 28.31 -7.84
CA ASP B 69 -8.32 28.70 -6.44
C ASP B 69 -7.13 29.55 -6.08
N ARG B 70 -6.07 29.54 -6.89
CA ARG B 70 -4.84 30.16 -6.44
C ARG B 70 -4.89 31.67 -6.61
N VAL B 71 -5.75 32.17 -7.48
CA VAL B 71 -5.87 33.61 -7.68
C VAL B 71 -6.96 34.15 -6.78
N ALA B 72 -7.27 33.41 -5.70
CA ALA B 72 -8.45 33.74 -4.91
C ALA B 72 -8.58 35.23 -4.63
N PRO B 73 -7.55 35.96 -4.21
CA PRO B 73 -7.68 37.43 -4.10
C PRO B 73 -7.06 38.15 -5.28
N PRO B 74 -7.86 38.77 -6.13
CA PRO B 74 -7.27 39.60 -7.18
C PRO B 74 -6.59 40.80 -6.55
N GLY B 75 -5.85 41.52 -7.40
CA GLY B 75 -4.91 42.54 -6.93
C GLY B 75 -4.96 43.79 -7.78
N LEU B 76 -4.28 44.81 -7.26
CA LEU B 76 -4.27 46.15 -7.83
C LEU B 76 -2.89 46.44 -8.41
N THR B 77 -2.84 46.63 -9.71
CA THR B 77 -1.60 46.90 -10.43
C THR B 77 -1.55 48.33 -10.92
N GLN B 78 -0.39 48.76 -11.39
CA GLN B 78 -0.29 50.11 -11.93
C GLN B 78 -0.08 50.10 -13.43
N ILE B 79 -0.36 51.23 -14.06
CA ILE B 79 0.02 51.31 -15.46
C ILE B 79 1.54 51.43 -15.50
N PRO B 80 2.19 52.42 -14.80
CA PRO B 80 3.66 52.52 -14.95
C PRO B 80 4.38 51.55 -14.03
N GLN B 81 4.35 50.28 -14.42
CA GLN B 81 5.00 49.21 -13.70
C GLN B 81 6.48 49.55 -13.56
N SER B 82 6.78 50.35 -12.54
CA SER B 82 8.10 50.91 -12.37
C SER B 82 9.10 49.85 -11.99
N GLN B 83 10.32 50.30 -11.73
CA GLN B 83 11.35 49.38 -11.29
C GLN B 83 11.02 48.82 -9.91
N LYS B 84 10.65 49.70 -8.99
CA LYS B 84 10.24 49.21 -7.68
C LYS B 84 9.13 50.13 -7.18
N THR B 85 8.02 50.16 -7.93
CA THR B 85 6.85 50.98 -7.57
C THR B 85 7.23 52.41 -7.23
N GLU B 86 8.44 52.82 -7.59
CA GLU B 86 8.94 54.16 -7.33
C GLU B 86 8.93 54.94 -8.62
N ILE B 87 8.19 56.03 -8.64
CA ILE B 87 8.19 56.98 -9.75
C ILE B 87 9.13 58.09 -9.29
N SER B 88 10.35 58.09 -9.82
CA SER B 88 11.33 59.14 -9.55
C SER B 88 11.62 59.79 -10.90
N PHE B 89 11.23 61.06 -11.03
CA PHE B 89 11.35 61.79 -12.28
C PHE B 89 11.64 63.25 -11.97
N ARG B 90 11.87 64.04 -13.05
CA ARG B 90 12.07 65.44 -12.90
C ARG B 90 11.03 66.19 -13.74
N PRO B 91 10.12 66.99 -13.16
CA PRO B 91 9.09 67.64 -14.00
C PRO B 91 9.69 68.55 -15.05
N ASN B 92 11.02 68.62 -15.14
CA ASN B 92 11.72 69.44 -16.13
C ASN B 92 12.29 68.56 -17.25
N ASP B 93 13.29 67.76 -16.98
CA ASP B 93 14.01 67.13 -18.08
C ASP B 93 13.12 66.17 -18.87
N PRO B 94 12.93 66.40 -20.18
CA PRO B 94 11.91 65.64 -20.93
C PRO B 94 12.15 64.17 -20.91
N GLN B 95 13.36 63.74 -20.65
CA GLN B 95 13.69 62.34 -20.71
C GLN B 95 13.62 61.67 -19.36
N SER B 96 13.75 62.42 -18.27
CA SER B 96 13.60 61.84 -16.95
C SER B 96 12.32 61.01 -16.85
N TYR B 97 11.27 61.39 -17.57
CA TYR B 97 9.97 60.71 -17.45
C TYR B 97 9.59 59.88 -18.68
N GLU B 98 10.55 59.36 -19.45
CA GLU B 98 10.13 58.74 -20.71
C GLU B 98 9.96 57.22 -20.67
N SER B 99 10.74 56.54 -19.84
CA SER B 99 10.43 55.17 -19.51
C SER B 99 8.95 55.05 -19.16
N TYR B 100 8.51 55.90 -18.24
CA TYR B 100 7.21 55.75 -17.59
C TYR B 100 6.05 56.09 -18.55
N VAL B 101 6.12 57.21 -19.29
CA VAL B 101 5.00 57.59 -20.18
C VAL B 101 5.00 56.78 -21.50
N VAL B 102 6.11 56.17 -21.92
CA VAL B 102 6.03 55.24 -23.04
C VAL B 102 5.29 53.98 -22.62
N SER B 103 5.51 53.54 -21.38
CA SER B 103 4.75 52.41 -20.84
C SER B 103 3.27 52.73 -20.71
N ILE B 104 2.93 53.97 -20.31
CA ILE B 104 1.52 54.39 -20.27
C ILE B 104 0.97 54.51 -21.70
N VAL B 105 1.80 54.91 -22.68
CA VAL B 105 1.30 55.14 -24.05
C VAL B 105 0.96 53.83 -24.75
N ARG B 106 1.71 52.78 -24.45
CA ARG B 106 1.46 51.48 -25.04
C ARG B 106 0.42 50.65 -24.29
N PHE B 107 0.19 50.93 -22.99
CA PHE B 107 -0.83 50.22 -22.20
C PHE B 107 -2.23 50.44 -22.79
N LEU B 108 -2.66 51.69 -22.97
CA LEU B 108 -4.00 52.01 -23.48
C LEU B 108 -4.03 52.21 -25.01
N GLU B 109 -2.94 51.84 -25.71
CA GLU B 109 -2.92 51.80 -27.18
C GLU B 109 -4.13 51.08 -27.76
N LYS B 110 -4.82 50.28 -26.95
CA LYS B 110 -5.91 49.42 -27.34
C LYS B 110 -7.27 49.98 -26.94
N TYR B 111 -7.33 51.20 -26.42
CA TYR B 111 -8.55 51.74 -25.86
C TYR B 111 -9.04 52.98 -26.62
N LYS B 112 -8.44 53.31 -27.75
CA LYS B 112 -8.91 54.45 -28.51
C LYS B 112 -10.16 54.09 -29.29
N ASP B 113 -11.02 55.07 -29.42
CA ASP B 113 -12.35 54.76 -29.89
C ASP B 113 -12.36 54.36 -31.36
N LEU B 114 -11.39 54.81 -32.13
CA LEU B 114 -11.35 54.37 -33.51
C LEU B 114 -10.77 52.98 -33.67
N ALA B 115 -9.94 52.53 -32.73
CA ALA B 115 -9.58 51.12 -32.71
C ALA B 115 -10.83 50.24 -32.64
N GLN B 116 -11.77 50.60 -31.77
CA GLN B 116 -12.96 49.78 -31.51
C GLN B 116 -14.14 50.26 -32.33
N LYS B 117 -14.05 50.05 -33.64
CA LYS B 117 -15.09 50.55 -34.53
C LYS B 117 -16.07 49.48 -34.92
N ASP B 118 -15.61 48.25 -35.07
CA ASP B 118 -16.51 47.24 -35.56
C ASP B 118 -17.57 46.90 -34.53
N ASP B 119 -18.80 47.36 -34.76
CA ASP B 119 -19.92 46.99 -33.92
C ASP B 119 -20.15 45.49 -33.88
N MET B 120 -19.60 44.75 -34.84
CA MET B 120 -19.81 43.31 -34.88
C MET B 120 -19.35 42.66 -33.57
N ILE B 121 -18.22 43.12 -33.04
CA ILE B 121 -17.68 42.53 -31.83
C ILE B 121 -17.80 43.42 -30.61
N PHE B 122 -18.18 44.68 -30.81
CA PHE B 122 -18.35 45.60 -29.72
C PHE B 122 -19.82 45.99 -29.60
N GLU B 123 -20.22 46.38 -28.39
CA GLU B 123 -21.56 46.88 -28.15
C GLU B 123 -21.45 48.08 -27.22
N ASP B 124 -22.38 49.03 -27.36
CA ASP B 124 -22.38 50.25 -26.55
C ASP B 124 -23.22 49.99 -25.29
N CYS B 125 -22.53 49.87 -24.16
CA CYS B 125 -23.09 49.59 -22.84
C CYS B 125 -23.44 50.89 -22.12
N GLY B 126 -23.86 50.76 -20.86
CA GLY B 126 -24.15 51.94 -20.08
C GLY B 126 -22.94 52.84 -19.97
N ASN B 127 -23.21 54.14 -19.92
CA ASN B 127 -22.19 55.12 -19.60
C ASN B 127 -22.25 55.50 -18.13
N VAL B 128 -22.88 54.65 -17.32
CA VAL B 128 -23.00 54.76 -15.87
C VAL B 128 -22.81 53.35 -15.34
N PRO B 129 -22.29 53.16 -14.11
CA PRO B 129 -22.08 51.79 -13.61
C PRO B 129 -23.39 51.04 -13.45
N SER B 130 -23.52 49.96 -14.22
CA SER B 130 -24.72 49.16 -14.42
C SER B 130 -24.51 47.78 -13.77
N GLU B 131 -25.49 46.89 -14.00
CA GLU B 131 -25.62 45.57 -13.39
C GLU B 131 -24.92 44.50 -14.24
N LEU B 132 -24.81 43.29 -13.67
CA LEU B 132 -23.94 42.27 -14.25
C LEU B 132 -24.50 41.80 -15.60
N LYS B 133 -23.72 42.04 -16.67
CA LYS B 133 -24.11 41.74 -18.05
C LYS B 133 -23.82 40.27 -18.29
N GLU B 134 -24.60 39.43 -17.62
CA GLU B 134 -24.60 38.00 -17.90
C GLU B 134 -24.96 37.79 -19.37
N ARG B 135 -24.01 37.30 -20.14
CA ARG B 135 -24.27 36.85 -21.51
C ARG B 135 -24.22 35.32 -21.55
N GLY B 136 -25.16 34.69 -20.85
CA GLY B 136 -25.28 33.24 -20.97
C GLY B 136 -24.48 32.41 -19.97
N GLU B 137 -23.98 31.26 -20.44
CA GLU B 137 -23.17 30.31 -19.68
C GLU B 137 -21.76 30.26 -20.28
N TYR B 138 -20.81 29.64 -19.60
CA TYR B 138 -19.41 29.69 -20.01
C TYR B 138 -19.04 28.71 -21.11
N ASN B 139 -20.01 28.03 -21.71
CA ASN B 139 -19.74 27.13 -22.80
C ASN B 139 -19.79 27.91 -24.13
N ASN B 140 -19.64 27.21 -25.25
CA ASN B 140 -19.54 27.84 -26.57
C ASN B 140 -20.84 27.79 -27.35
N GLU B 141 -21.94 27.42 -26.70
CA GLU B 141 -23.21 27.36 -27.40
C GLU B 141 -23.60 28.73 -27.97
N ARG B 142 -23.31 29.82 -27.27
CA ARG B 142 -23.47 31.14 -27.86
C ARG B 142 -22.26 31.49 -28.74
N GLY B 143 -22.49 32.32 -29.75
CA GLY B 143 -21.41 32.83 -30.58
C GLY B 143 -20.45 33.69 -29.76
N GLU B 144 -19.65 34.47 -30.48
CA GLU B 144 -18.62 35.27 -29.85
C GLU B 144 -19.24 36.49 -29.17
N ARG B 145 -18.97 36.68 -27.89
CA ARG B 145 -19.65 37.71 -27.12
C ARG B 145 -19.09 39.09 -27.46
N LYS B 146 -19.98 40.08 -27.50
CA LYS B 146 -19.55 41.44 -27.72
C LYS B 146 -18.79 41.93 -26.49
N VAL B 147 -17.90 42.90 -26.70
CA VAL B 147 -17.10 43.48 -25.64
C VAL B 147 -17.63 44.87 -25.37
N CYS B 148 -17.99 45.13 -24.11
CA CYS B 148 -18.33 46.49 -23.73
C CYS B 148 -17.18 47.42 -24.09
N ARG B 149 -17.53 48.61 -24.58
CA ARG B 149 -16.58 49.60 -25.06
C ARG B 149 -16.08 50.48 -23.92
N PHE B 150 -15.04 51.27 -24.20
CA PHE B 150 -14.34 52.09 -23.20
C PHE B 150 -13.76 53.34 -23.88
N ARG B 151 -14.22 54.52 -23.48
CA ARG B 151 -13.82 55.78 -24.11
C ARG B 151 -12.85 56.48 -23.18
N LEU B 152 -11.70 56.89 -23.70
CA LEU B 152 -10.71 57.56 -22.88
C LEU B 152 -11.32 58.63 -22.04
N GLU B 153 -12.52 59.07 -22.42
CA GLU B 153 -13.22 60.12 -21.69
C GLU B 153 -13.32 59.78 -20.21
N TRP B 154 -13.70 58.55 -19.89
CA TRP B 154 -14.01 58.26 -18.49
C TRP B 154 -12.80 58.41 -17.60
N LEU B 155 -11.62 58.55 -18.18
CA LEU B 155 -10.41 58.94 -17.48
C LEU B 155 -10.13 60.41 -17.78
N GLY B 156 -10.45 61.27 -16.83
CA GLY B 156 -10.35 62.72 -17.04
C GLY B 156 -9.02 63.33 -16.66
N ASN B 157 -8.71 64.47 -17.30
CA ASN B 157 -7.50 65.26 -17.14
C ASN B 157 -6.21 64.46 -17.35
N CYS B 158 -6.21 63.13 -17.15
CA CYS B 158 -5.11 62.29 -17.63
C CYS B 158 -5.65 61.45 -18.81
N SER B 159 -4.94 61.51 -19.94
CA SER B 159 -5.38 61.05 -21.27
C SER B 159 -6.87 61.13 -21.51
N GLY B 160 -7.52 62.06 -20.85
CA GLY B 160 -8.85 62.37 -21.30
C GLY B 160 -8.71 63.21 -22.54
N LEU B 161 -8.43 62.57 -23.67
CA LEU B 161 -8.54 63.21 -25.00
C LEU B 161 -7.59 64.39 -25.12
N ASN B 162 -8.05 65.58 -25.57
CA ASN B 162 -7.24 66.77 -25.85
C ASN B 162 -7.17 67.77 -24.69
N ASP B 163 -8.19 67.78 -23.84
CA ASP B 163 -8.18 68.66 -22.67
C ASP B 163 -7.12 68.16 -21.69
N GLU B 164 -6.05 68.94 -21.54
CA GLU B 164 -4.93 68.65 -20.65
C GLU B 164 -4.24 67.29 -20.91
N THR B 165 -3.99 66.54 -19.85
CA THR B 165 -3.22 65.28 -19.92
C THR B 165 -1.83 65.45 -20.55
N TYR B 166 -1.51 64.58 -21.51
CA TYR B 166 -0.25 64.60 -22.25
C TYR B 166 1.06 64.49 -21.45
N GLY B 167 1.33 65.48 -20.58
CA GLY B 167 2.55 65.46 -19.79
C GLY B 167 2.38 64.24 -18.94
N TYR B 168 1.22 63.63 -19.12
CA TYR B 168 0.80 62.42 -18.43
C TYR B 168 1.13 62.35 -16.96
N LYS B 169 1.84 63.34 -16.43
CA LYS B 169 1.92 63.59 -14.99
C LYS B 169 3.12 64.45 -14.78
N ASP B 170 3.62 64.92 -15.91
CA ASP B 170 4.72 65.85 -15.92
C ASP B 170 4.67 66.82 -14.74
N GLY B 171 3.48 67.28 -14.36
CA GLY B 171 3.43 68.28 -13.32
C GLY B 171 3.06 67.76 -11.95
N LYS B 172 1.79 67.41 -11.79
CA LYS B 172 1.33 66.69 -10.62
C LYS B 172 1.21 65.23 -11.04
N PRO B 173 2.03 64.36 -10.48
CA PRO B 173 2.10 62.98 -10.97
C PRO B 173 0.72 62.31 -10.96
N CYS B 174 0.51 61.38 -11.91
CA CYS B 174 -0.73 60.59 -11.98
C CYS B 174 -0.48 59.20 -12.59
N VAL B 175 -1.38 58.26 -12.22
CA VAL B 175 -1.32 56.82 -12.53
C VAL B 175 -2.70 56.12 -12.52
N ILE B 176 -2.96 55.25 -13.52
CA ILE B 176 -4.12 54.36 -13.52
C ILE B 176 -3.86 53.09 -12.70
N ILE B 177 -4.85 52.67 -11.90
CA ILE B 177 -4.86 51.34 -11.27
C ILE B 177 -5.71 50.41 -12.14
N LYS B 178 -5.30 49.16 -12.36
CA LYS B 178 -6.15 48.20 -13.06
C LYS B 178 -6.25 46.90 -12.30
N LEU B 179 -7.47 46.37 -12.23
CA LEU B 179 -7.68 45.07 -11.64
C LEU B 179 -7.15 43.99 -12.55
N ASN B 180 -6.72 42.91 -11.92
CA ASN B 180 -6.39 41.68 -12.59
C ASN B 180 -7.65 40.99 -13.10
N ARG B 181 -7.79 40.95 -14.42
CA ARG B 181 -8.78 40.10 -15.04
C ARG B 181 -8.74 38.74 -14.39
N VAL B 182 -9.90 38.33 -13.89
CA VAL B 182 -10.13 37.03 -13.29
C VAL B 182 -11.31 36.41 -14.02
N LEU B 183 -11.08 35.30 -14.71
CA LEU B 183 -12.15 34.67 -15.48
C LEU B 183 -13.29 34.30 -14.54
N GLY B 184 -14.39 35.04 -14.65
CA GLY B 184 -15.60 34.76 -13.91
C GLY B 184 -15.90 35.74 -12.79
N PHE B 185 -14.94 36.58 -12.43
CA PHE B 185 -15.08 37.37 -11.22
C PHE B 185 -16.29 38.28 -11.34
N LYS B 186 -17.35 37.91 -10.64
CA LYS B 186 -18.43 38.81 -10.33
C LYS B 186 -17.97 39.46 -9.04
N PRO B 187 -17.23 40.54 -9.12
CA PRO B 187 -16.68 41.11 -7.90
C PRO B 187 -17.77 41.58 -7.00
N LYS B 188 -17.74 41.08 -5.78
CA LYS B 188 -18.70 41.51 -4.78
C LYS B 188 -18.11 42.68 -4.03
N PRO B 189 -18.74 43.86 -4.11
CA PRO B 189 -18.34 45.01 -3.30
C PRO B 189 -18.92 44.93 -1.90
N PRO B 190 -18.49 45.80 -0.98
CA PRO B 190 -19.06 45.79 0.38
C PRO B 190 -20.44 46.43 0.44
N LYS B 191 -21.30 45.88 1.29
CA LYS B 191 -22.70 46.27 1.41
C LYS B 191 -22.81 47.71 1.97
N ASN B 192 -24.06 48.20 2.06
CA ASN B 192 -24.29 49.56 2.55
C ASN B 192 -23.82 49.73 4.00
N GLU B 193 -23.83 48.64 4.77
CA GLU B 193 -23.17 48.58 6.08
C GLU B 193 -21.68 48.31 5.84
N SER B 194 -20.96 49.39 5.48
CA SER B 194 -19.56 49.30 5.10
C SER B 194 -18.71 49.21 6.38
N LEU B 195 -18.03 48.07 6.58
CA LEU B 195 -17.23 47.81 7.78
C LEU B 195 -15.97 48.67 7.71
N GLU B 196 -16.15 49.95 8.04
CA GLU B 196 -15.14 51.01 8.06
C GLU B 196 -14.47 51.16 6.70
N THR B 197 -15.16 51.80 5.77
CA THR B 197 -14.60 52.01 4.45
C THR B 197 -14.22 53.46 4.23
N TYR B 198 -13.96 54.23 5.30
CA TYR B 198 -13.37 55.56 5.18
C TYR B 198 -14.27 56.49 4.35
N PRO B 199 -13.87 57.74 4.05
CA PRO B 199 -14.74 58.64 3.24
C PRO B 199 -15.01 58.21 1.80
N VAL B 200 -16.28 57.87 1.51
CA VAL B 200 -16.75 57.47 0.17
C VAL B 200 -18.26 57.76 0.07
N MET B 201 -18.76 58.00 -1.17
CA MET B 201 -20.15 58.43 -1.38
C MET B 201 -21.13 57.24 -1.26
N LYS B 202 -22.46 57.57 -1.10
CA LYS B 202 -23.52 56.58 -0.86
C LYS B 202 -23.91 55.77 -2.14
N TYR B 203 -23.00 55.70 -3.13
CA TYR B 203 -23.11 54.79 -4.30
C TYR B 203 -22.34 53.50 -4.05
N ASN B 204 -22.61 52.85 -2.91
CA ASN B 204 -22.06 51.52 -2.65
C ASN B 204 -22.74 50.38 -3.43
N PRO B 205 -23.94 50.57 -4.11
CA PRO B 205 -24.50 49.44 -4.88
C PRO B 205 -23.74 49.02 -6.13
N TYR B 206 -23.56 49.89 -7.14
CA TYR B 206 -23.04 49.40 -8.43
C TYR B 206 -21.67 49.95 -8.81
N VAL B 207 -20.62 49.48 -8.12
CA VAL B 207 -19.23 49.92 -8.30
C VAL B 207 -18.37 49.24 -7.21
N LEU B 208 -17.06 49.03 -7.47
CA LEU B 208 -16.16 48.38 -6.51
C LEU B 208 -14.96 49.26 -6.19
N PRO B 209 -14.77 49.71 -4.93
CA PRO B 209 -13.91 50.89 -4.65
C PRO B 209 -12.44 50.64 -4.34
N VAL B 210 -11.65 51.73 -4.42
CA VAL B 210 -10.27 51.79 -3.90
C VAL B 210 -9.92 53.21 -3.46
N HIS B 211 -8.90 53.30 -2.60
CA HIS B 211 -8.47 54.57 -2.02
C HIS B 211 -7.01 54.39 -1.58
N CYS B 212 -6.28 55.50 -1.37
CA CYS B 212 -4.84 55.44 -1.12
C CYS B 212 -4.43 56.22 0.13
N THR B 213 -3.27 55.88 0.72
CA THR B 213 -2.87 56.51 1.99
C THR B 213 -1.38 56.83 2.05
N GLY B 214 -1.04 57.96 2.70
CA GLY B 214 0.34 58.24 2.97
C GLY B 214 1.09 57.04 3.52
N LYS B 215 0.55 56.41 4.56
CA LYS B 215 1.16 55.24 5.17
C LYS B 215 0.05 54.31 5.71
N ARG B 216 0.45 53.13 6.24
CA ARG B 216 -0.46 51.99 6.46
C ARG B 216 -1.43 52.11 7.64
N ASP B 217 -0.96 51.88 8.89
CA ASP B 217 -1.86 51.83 10.04
C ASP B 217 -1.33 52.52 11.29
N GLU B 218 -0.38 53.48 11.14
CA GLU B 218 0.15 54.24 12.26
C GLU B 218 0.21 55.73 11.91
N ASP B 219 1.14 56.47 12.51
CA ASP B 219 1.38 57.87 12.11
C ASP B 219 2.05 57.89 10.75
N LYS B 220 1.78 58.93 9.96
CA LYS B 220 2.17 58.90 8.55
C LYS B 220 2.75 60.23 8.09
N GLU B 221 3.82 60.19 7.28
CA GLU B 221 4.23 61.45 6.64
C GLU B 221 3.20 61.79 5.60
N LYS B 222 2.00 62.10 6.05
CA LYS B 222 0.91 62.34 5.14
C LYS B 222 1.13 63.69 4.50
N VAL B 223 1.46 63.66 3.23
CA VAL B 223 1.51 64.85 2.41
C VAL B 223 0.90 64.51 1.06
N GLY B 224 -0.39 64.82 0.88
CA GLY B 224 -1.08 64.63 -0.39
C GLY B 224 -2.59 64.91 -0.40
N THR B 225 -3.07 65.57 -1.48
CA THR B 225 -4.49 65.75 -1.83
C THR B 225 -4.76 65.00 -3.15
N MET B 226 -5.57 63.93 -3.09
CA MET B 226 -5.85 63.02 -4.20
C MET B 226 -7.11 63.45 -4.97
N GLU B 227 -7.19 63.11 -6.27
CA GLU B 227 -8.42 63.30 -7.06
C GLU B 227 -8.60 62.15 -8.04
N TYR B 228 -9.75 61.46 -7.92
CA TYR B 228 -10.06 60.20 -8.60
C TYR B 228 -10.92 60.44 -9.83
N PHE B 229 -10.72 59.65 -10.89
CA PHE B 229 -11.44 59.80 -12.15
C PHE B 229 -12.11 58.49 -12.52
N GLY B 230 -13.43 58.52 -12.77
CA GLY B 230 -14.15 57.32 -13.08
C GLY B 230 -15.27 57.51 -14.08
N LEU B 231 -15.92 56.38 -14.41
CA LEU B 231 -17.09 56.28 -15.28
C LEU B 231 -18.25 57.09 -14.70
N GLY B 232 -18.64 58.17 -15.38
CA GLY B 232 -19.56 59.09 -14.78
C GLY B 232 -19.12 59.74 -13.49
N GLY B 233 -17.91 59.46 -13.01
CA GLY B 233 -17.44 60.16 -11.82
C GLY B 233 -17.55 59.46 -10.50
N TYR B 234 -17.30 58.16 -10.47
CA TYR B 234 -17.24 57.40 -9.23
C TYR B 234 -15.82 56.90 -9.00
N PRO B 235 -15.46 56.55 -7.74
CA PRO B 235 -14.10 56.05 -7.46
C PRO B 235 -13.89 54.53 -7.40
N GLY B 236 -14.11 53.75 -8.48
CA GLY B 236 -13.95 52.30 -8.43
C GLY B 236 -13.98 51.51 -9.74
N PHE B 237 -14.82 50.48 -9.84
CA PHE B 237 -14.90 49.68 -11.07
C PHE B 237 -16.34 49.35 -11.40
N PRO B 238 -16.78 49.58 -12.63
CA PRO B 238 -18.20 49.42 -12.96
C PRO B 238 -18.51 47.96 -13.21
N LEU B 239 -19.62 47.51 -12.63
CA LEU B 239 -19.85 46.08 -12.73
C LEU B 239 -20.26 45.67 -14.15
N GLN B 240 -20.63 46.63 -15.04
CA GLN B 240 -21.18 46.12 -16.31
C GLN B 240 -20.09 45.48 -17.26
N TYR B 241 -19.00 45.05 -16.63
CA TYR B 241 -17.90 44.44 -17.38
C TYR B 241 -17.24 43.32 -16.58
N TYR B 242 -18.00 42.69 -15.69
CA TYR B 242 -17.47 41.60 -14.86
C TYR B 242 -18.37 40.37 -14.72
N PRO B 243 -17.78 39.20 -14.39
CA PRO B 243 -16.38 38.78 -14.55
C PRO B 243 -16.03 38.44 -16.00
N TYR B 244 -14.74 38.47 -16.32
CA TYR B 244 -14.26 38.18 -17.66
C TYR B 244 -14.56 36.76 -18.16
N TYR B 245 -15.02 36.69 -19.40
CA TYR B 245 -15.34 35.44 -20.10
C TYR B 245 -14.13 34.79 -20.77
N GLY B 246 -12.91 35.30 -20.55
CA GLY B 246 -11.70 34.64 -21.01
C GLY B 246 -11.24 35.14 -22.38
N LYS B 247 -9.99 34.77 -22.72
CA LYS B 247 -9.33 35.39 -23.87
C LYS B 247 -9.86 34.83 -25.18
N LEU B 248 -10.23 33.57 -25.20
CA LEU B 248 -10.74 32.96 -26.42
C LEU B 248 -12.17 33.40 -26.73
N LEU B 249 -12.95 33.76 -25.69
CA LEU B 249 -14.32 34.23 -25.85
C LEU B 249 -14.45 35.74 -26.00
N GLN B 250 -13.48 36.54 -25.54
CA GLN B 250 -13.54 38.00 -25.63
C GLN B 250 -12.16 38.58 -25.92
N PRO B 251 -11.68 38.44 -27.16
CA PRO B 251 -10.39 39.07 -27.51
C PRO B 251 -10.52 40.57 -27.62
N LYS B 252 -9.40 41.26 -27.36
CA LYS B 252 -9.39 42.71 -27.43
C LYS B 252 -10.30 43.30 -26.38
N TYR B 253 -10.65 42.49 -25.40
CA TYR B 253 -11.55 42.96 -24.36
C TYR B 253 -10.81 44.00 -23.56
N LEU B 254 -11.53 44.99 -23.14
CA LEU B 254 -10.97 46.16 -22.51
C LEU B 254 -11.51 46.20 -21.09
N GLN B 255 -10.67 45.85 -20.14
CA GLN B 255 -11.10 45.83 -18.76
C GLN B 255 -11.13 47.25 -18.22
N PRO B 256 -11.97 47.47 -17.23
CA PRO B 256 -11.95 48.74 -16.52
C PRO B 256 -10.57 49.12 -16.05
N LEU B 257 -10.24 50.39 -16.26
CA LEU B 257 -9.10 51.07 -15.68
C LEU B 257 -9.60 52.18 -14.77
N MET B 258 -8.76 52.60 -13.82
CA MET B 258 -9.10 53.54 -12.75
C MET B 258 -7.92 54.47 -12.53
N ALA B 259 -8.16 55.79 -12.52
CA ALA B 259 -7.08 56.78 -12.46
C ALA B 259 -7.12 57.59 -11.16
N VAL B 260 -5.98 57.64 -10.46
CA VAL B 260 -5.78 58.39 -9.21
C VAL B 260 -4.71 59.45 -9.45
N GLN B 261 -4.91 60.70 -8.97
CA GLN B 261 -3.98 61.80 -9.22
C GLN B 261 -3.48 62.46 -7.94
N PHE B 262 -2.15 62.67 -7.83
CA PHE B 262 -1.54 63.35 -6.68
C PHE B 262 -1.11 64.77 -7.10
N THR B 263 -1.88 65.76 -6.64
CA THR B 263 -1.67 67.20 -6.89
C THR B 263 -0.63 67.81 -5.94
N ASN B 264 -1.00 67.99 -4.67
CA ASN B 264 -0.16 68.67 -3.65
C ASN B 264 0.93 67.71 -3.20
N LEU B 265 2.07 67.75 -3.87
CA LEU B 265 3.14 66.87 -3.50
C LEU B 265 4.36 67.72 -3.20
N THR B 266 4.86 67.57 -1.98
CA THR B 266 6.22 68.03 -1.74
C THR B 266 7.10 67.38 -2.77
N MET B 267 8.04 68.15 -3.30
CA MET B 267 8.74 67.65 -4.47
C MET B 267 10.01 66.92 -4.07
N ASP B 268 10.89 67.56 -3.28
CA ASP B 268 12.21 66.98 -3.10
C ASP B 268 12.29 65.96 -1.99
N THR B 269 11.16 65.37 -1.62
CA THR B 269 11.08 64.36 -0.57
C THR B 269 10.30 63.18 -1.11
N GLU B 270 10.54 61.99 -0.55
CA GLU B 270 9.88 60.77 -1.00
C GLU B 270 8.99 60.22 0.12
N ILE B 271 7.68 60.20 -0.12
CA ILE B 271 6.73 59.52 0.76
C ILE B 271 6.25 58.24 0.10
N ARG B 272 5.29 57.59 0.76
CA ARG B 272 4.70 56.35 0.27
C ARG B 272 3.17 56.49 0.20
N ILE B 273 2.57 55.56 -0.51
CA ILE B 273 1.13 55.54 -0.75
C ILE B 273 0.69 54.11 -0.97
N GLU B 274 -0.23 53.63 -0.12
CA GLU B 274 -0.89 52.35 -0.32
C GLU B 274 -2.31 52.60 -0.79
N CYS B 275 -2.72 51.91 -1.86
CA CYS B 275 -4.08 51.95 -2.35
C CYS B 275 -4.73 50.58 -2.14
N LYS B 276 -5.71 50.49 -1.23
CA LYS B 276 -6.42 49.25 -0.92
C LYS B 276 -7.76 49.22 -1.65
N ALA B 277 -8.32 48.01 -1.79
CA ALA B 277 -9.59 47.77 -2.46
C ALA B 277 -10.42 46.79 -1.63
N TYR B 278 -11.67 47.17 -1.34
CA TYR B 278 -12.49 46.58 -0.29
C TYR B 278 -13.67 45.77 -0.87
N GLY B 279 -13.98 44.63 -0.24
CA GLY B 279 -15.12 43.81 -0.63
C GLY B 279 -15.05 42.41 -0.06
N GLU B 280 -16.17 41.75 0.21
CA GLU B 280 -16.08 40.35 0.59
C GLU B 280 -15.27 39.61 -0.44
N ASN B 281 -15.43 40.01 -1.71
CA ASN B 281 -14.75 39.53 -2.90
C ASN B 281 -13.51 40.04 -3.06
N ILE B 282 -12.95 40.65 -2.04
CA ILE B 282 -11.57 41.07 -2.13
C ILE B 282 -10.89 40.79 -0.81
N GLY B 283 -9.65 40.28 -0.89
CA GLY B 283 -8.89 39.92 0.28
C GLY B 283 -7.48 40.43 0.16
N TYR B 284 -6.75 40.30 1.26
CA TYR B 284 -5.42 40.87 1.35
C TYR B 284 -4.47 39.89 1.99
N SER B 285 -3.22 40.00 1.58
CA SER B 285 -2.16 39.13 2.06
C SER B 285 -1.06 39.98 2.66
N GLU B 286 -0.54 39.52 3.80
CA GLU B 286 0.61 40.17 4.41
C GLU B 286 1.89 39.90 3.62
N LYS B 287 2.08 38.65 3.16
CA LYS B 287 3.27 38.31 2.39
C LYS B 287 3.25 38.92 0.99
N ASP B 288 2.06 39.10 0.38
CA ASP B 288 1.93 39.80 -0.91
C ASP B 288 1.39 41.21 -0.67
N ARG B 289 2.25 42.20 -0.78
CA ARG B 289 1.80 43.57 -0.65
C ARG B 289 0.86 43.98 -1.78
N PHE B 290 0.73 43.16 -2.82
CA PHE B 290 -0.05 43.50 -4.00
C PHE B 290 -1.35 42.74 -4.11
N GLN B 291 -1.66 41.85 -3.17
CA GLN B 291 -2.93 41.14 -3.19
C GLN B 291 -4.01 41.98 -2.53
N GLY B 292 -5.05 42.32 -3.28
CA GLY B 292 -6.13 43.10 -2.73
C GLY B 292 -5.75 44.55 -2.47
N ARG B 293 -4.46 44.83 -2.25
CA ARG B 293 -4.05 46.22 -2.13
C ARG B 293 -3.02 46.60 -3.18
N PHE B 294 -2.28 47.68 -2.93
CA PHE B 294 -1.42 48.25 -3.95
C PHE B 294 -0.44 49.23 -3.31
N ASP B 295 0.83 49.17 -3.73
CA ASP B 295 1.88 49.99 -3.15
C ASP B 295 2.55 50.82 -4.23
N VAL B 296 2.79 52.10 -3.95
CA VAL B 296 3.66 52.91 -4.79
C VAL B 296 4.36 53.95 -3.92
N LYS B 297 5.66 54.06 -4.06
CA LYS B 297 6.43 55.19 -3.55
C LYS B 297 6.67 56.18 -4.68
N ILE B 298 6.85 57.44 -4.31
CA ILE B 298 6.92 58.52 -5.26
C ILE B 298 7.99 59.49 -4.82
N GLU B 299 8.62 60.18 -5.78
CA GLU B 299 9.60 61.22 -5.46
C GLU B 299 9.69 62.19 -6.64
N VAL B 300 9.00 63.32 -6.53
CA VAL B 300 8.95 64.36 -7.60
C VAL B 300 10.16 65.26 -7.38
N LYS B 301 11.35 64.69 -7.62
CA LYS B 301 12.62 65.39 -7.38
C LYS B 301 12.89 66.42 -8.48
N SER B 302 12.91 67.69 -8.13
CA SER B 302 13.21 68.77 -9.08
C SER B 302 14.19 69.76 -8.48
N ASP C 16 -18.47 29.36 -4.55
CA ASP C 16 -17.49 29.88 -5.51
C ASP C 16 -16.45 28.84 -5.91
N PRO C 17 -16.05 28.77 -7.17
CA PRO C 17 -14.91 27.92 -7.53
C PRO C 17 -13.53 28.52 -7.24
N PHE C 18 -13.37 29.16 -6.07
CA PHE C 18 -12.21 29.99 -5.75
C PHE C 18 -11.97 29.96 -4.25
N TYR C 19 -11.97 28.74 -3.74
CA TYR C 19 -11.78 28.42 -2.33
C TYR C 19 -11.60 26.90 -2.24
N TYR C 20 -10.42 26.41 -1.90
CA TYR C 20 -10.18 24.98 -1.87
C TYR C 20 -10.06 24.51 -0.43
N ASP C 21 -10.59 23.33 -0.17
CA ASP C 21 -10.46 22.84 1.17
C ASP C 21 -9.07 22.23 1.27
N TYR C 22 -8.13 23.08 1.62
CA TYR C 22 -6.77 22.63 1.73
C TYR C 22 -6.53 21.91 3.06
N GLU C 23 -7.32 22.23 4.08
CA GLU C 23 -7.00 21.78 5.43
C GLU C 23 -7.31 20.28 5.66
N THR C 24 -8.17 19.66 4.85
CA THR C 24 -8.61 18.27 5.04
C THR C 24 -7.66 17.28 4.37
N VAL C 25 -7.34 17.50 3.10
CA VAL C 25 -6.30 16.74 2.41
C VAL C 25 -4.96 16.91 3.13
N ARG C 26 -4.79 18.02 3.85
CA ARG C 26 -3.63 18.21 4.71
C ARG C 26 -3.73 17.35 5.95
N ASN C 27 -4.86 17.42 6.67
CA ASN C 27 -5.07 16.53 7.81
C ASN C 27 -4.90 15.06 7.38
N GLY C 28 -5.12 14.76 6.08
CA GLY C 28 -5.03 13.43 5.48
C GLY C 28 -3.74 12.85 4.89
N GLY C 29 -2.90 13.64 4.22
CA GLY C 29 -1.57 13.16 3.90
C GLY C 29 -0.75 12.87 5.14
N LEU C 30 -0.92 13.70 6.18
CA LEU C 30 -0.28 13.44 7.48
C LEU C 30 -0.70 12.09 8.05
N ILE C 31 -1.98 11.75 7.89
CA ILE C 31 -2.43 10.41 8.24
C ILE C 31 -1.80 9.40 7.30
N PHE C 32 -1.81 9.71 6.00
CA PHE C 32 -1.14 8.85 5.05
C PHE C 32 0.32 8.62 5.46
N ALA C 33 0.94 9.65 6.04
CA ALA C 33 2.37 9.62 6.35
C ALA C 33 2.69 8.76 7.56
N ALA C 34 1.92 8.93 8.65
CA ALA C 34 2.19 8.14 9.85
C ALA C 34 1.99 6.66 9.57
N LEU C 35 0.80 6.29 9.06
CA LEU C 35 0.50 4.87 8.88
C LEU C 35 1.60 4.18 8.11
N ALA C 36 1.91 4.69 6.92
CA ALA C 36 3.08 4.23 6.19
C ALA C 36 4.32 4.23 7.08
N PHE C 37 4.58 5.34 7.78
CA PHE C 37 5.78 5.40 8.58
C PHE C 37 5.76 4.37 9.69
N ILE C 38 4.57 4.04 10.19
CA ILE C 38 4.53 3.08 11.30
C ILE C 38 4.43 1.64 10.79
N VAL C 39 3.81 1.42 9.63
CA VAL C 39 3.82 0.08 9.03
C VAL C 39 5.26 -0.39 8.90
N GLY C 40 6.13 0.50 8.46
CA GLY C 40 7.54 0.17 8.33
C GLY C 40 8.22 -0.11 9.66
N LEU C 41 7.87 0.65 10.70
CA LEU C 41 8.34 0.34 12.04
C LEU C 41 7.75 -0.96 12.55
N ILE C 42 6.68 -1.45 11.92
CA ILE C 42 6.21 -2.79 12.15
C ILE C 42 6.89 -3.73 11.18
N ILE C 43 7.38 -3.20 10.05
CA ILE C 43 8.09 -4.06 9.11
C ILE C 43 9.53 -4.35 9.55
N ILE C 44 10.26 -3.37 10.15
CA ILE C 44 11.70 -3.55 10.46
C ILE C 44 12.04 -4.10 11.84
N LEU C 45 11.04 -4.43 12.66
CA LEU C 45 11.26 -5.10 13.94
C LEU C 45 10.38 -6.35 13.97
N SER C 46 10.75 -7.34 13.14
CA SER C 46 9.97 -8.57 13.02
C SER C 46 9.92 -9.35 14.32
N LYS C 47 10.73 -8.94 15.31
CA LYS C 47 10.96 -9.69 16.54
C LYS C 47 11.32 -11.11 16.18
N LYS D 25 -70.93 -11.70 -5.93
CA LYS D 25 -71.27 -10.54 -6.71
C LYS D 25 -70.61 -9.27 -6.12
N GLU D 26 -69.30 -9.37 -5.83
CA GLU D 26 -68.46 -8.27 -5.35
C GLU D 26 -67.76 -7.50 -6.47
N ARG D 27 -67.74 -8.04 -7.69
CA ARG D 27 -67.46 -7.20 -8.85
C ARG D 27 -68.56 -6.14 -9.00
N ASP D 28 -69.81 -6.48 -8.64
CA ASP D 28 -70.95 -5.53 -8.58
C ASP D 28 -70.89 -4.61 -7.38
N MET D 29 -70.06 -4.94 -6.37
CA MET D 29 -69.79 -4.08 -5.22
C MET D 29 -68.61 -3.15 -5.42
N ASP D 30 -67.54 -3.61 -6.07
CA ASP D 30 -66.40 -2.73 -6.35
C ASP D 30 -66.65 -1.82 -7.54
N GLU D 31 -67.73 -2.02 -8.28
CA GLU D 31 -68.13 -1.13 -9.37
C GLU D 31 -69.24 -0.13 -8.97
N LEU D 32 -70.02 -0.37 -7.88
CA LEU D 32 -70.98 0.61 -7.34
C LEU D 32 -70.34 1.59 -6.36
N LYS D 33 -69.03 1.43 -6.09
CA LYS D 33 -68.19 2.29 -5.27
C LYS D 33 -67.44 3.33 -6.09
N LYS D 34 -66.84 2.94 -7.23
CA LYS D 34 -66.22 3.90 -8.15
C LYS D 34 -67.18 4.97 -8.64
N GLU D 35 -68.48 4.87 -8.32
CA GLU D 35 -69.49 5.88 -8.64
C GLU D 35 -69.75 6.76 -7.41
N VAL D 36 -69.96 8.05 -7.67
CA VAL D 36 -70.27 9.05 -6.64
C VAL D 36 -71.58 8.71 -5.96
N SER D 37 -72.06 9.57 -5.07
CA SER D 37 -73.12 9.20 -4.14
C SER D 37 -74.41 10.01 -4.33
N MET D 38 -75.48 9.45 -3.75
CA MET D 38 -76.83 9.99 -3.74
C MET D 38 -77.29 10.10 -2.31
N ASP D 39 -78.49 10.68 -2.14
CA ASP D 39 -78.99 10.93 -0.80
C ASP D 39 -80.51 11.01 -0.83
N ASP D 40 -81.03 11.57 0.23
CA ASP D 40 -82.39 12.09 0.29
C ASP D 40 -82.37 13.35 1.11
N HIS D 41 -81.36 14.20 0.87
CA HIS D 41 -81.25 15.47 1.57
C HIS D 41 -82.36 16.43 1.12
N LYS D 42 -82.52 16.63 -0.20
CA LYS D 42 -83.64 17.40 -0.75
C LYS D 42 -84.97 16.67 -0.57
N LEU D 43 -85.27 16.34 0.68
CA LEU D 43 -86.60 16.00 1.16
C LEU D 43 -87.07 17.16 2.04
N SER D 44 -88.29 17.63 1.79
CA SER D 44 -88.94 18.43 2.81
C SER D 44 -88.84 17.68 4.14
N LEU D 45 -88.77 18.42 5.25
CA LEU D 45 -88.61 17.79 6.57
C LEU D 45 -89.79 16.90 6.93
N ASP D 46 -91.00 17.26 6.47
CA ASP D 46 -92.15 16.36 6.50
C ASP D 46 -91.79 15.00 5.86
N GLU D 47 -91.23 15.03 4.65
CA GLU D 47 -90.72 13.83 3.98
C GLU D 47 -89.31 13.44 4.44
N LEU D 48 -88.64 14.30 5.21
CA LEU D 48 -87.41 13.85 5.86
C LEU D 48 -87.73 12.99 7.08
N HIS D 49 -88.83 13.31 7.80
CA HIS D 49 -89.15 12.62 9.06
C HIS D 49 -90.31 11.63 8.95
N ARG D 50 -91.09 11.66 7.86
CA ARG D 50 -92.12 10.67 7.59
C ARG D 50 -91.52 9.30 7.33
N LYS D 51 -90.44 9.26 6.52
CA LYS D 51 -89.85 8.01 6.06
C LYS D 51 -88.95 7.36 7.11
N TYR D 52 -88.49 8.11 8.12
CA TYR D 52 -87.55 7.55 9.08
C TYR D 52 -88.19 7.32 10.45
N GLY D 53 -89.52 7.50 10.55
CA GLY D 53 -90.30 7.14 11.71
C GLY D 53 -89.68 7.65 12.97
N THR D 54 -89.77 8.96 13.19
CA THR D 54 -89.03 9.55 14.28
C THR D 54 -89.40 11.01 14.40
N ASP D 55 -89.42 11.51 15.63
CA ASP D 55 -89.77 12.89 15.95
C ASP D 55 -88.56 13.80 15.71
N LEU D 56 -88.81 15.09 15.34
CA LEU D 56 -87.72 16.03 14.97
C LEU D 56 -87.14 16.87 16.12
N SER D 57 -87.88 17.14 17.21
CA SER D 57 -87.39 17.92 18.34
C SER D 57 -87.13 17.09 19.58
N ARG D 58 -87.73 15.92 19.65
CA ARG D 58 -87.49 14.94 20.70
C ARG D 58 -86.88 13.67 20.15
N GLY D 59 -86.56 13.63 18.86
CA GLY D 59 -85.83 12.52 18.31
C GLY D 59 -86.71 11.31 18.21
N LEU D 60 -86.11 10.17 18.25
CA LEU D 60 -86.88 9.03 18.59
C LEU D 60 -86.55 8.70 20.02
N THR D 61 -87.41 7.90 20.64
CA THR D 61 -87.20 7.61 22.04
C THR D 61 -85.81 6.97 22.30
N PRO D 62 -85.41 6.85 23.59
CA PRO D 62 -84.24 6.03 23.95
C PRO D 62 -84.50 4.52 23.94
N ALA D 63 -85.75 4.08 23.81
CA ALA D 63 -86.03 2.68 23.54
C ALA D 63 -85.93 2.44 22.03
N ARG D 64 -86.27 3.46 21.24
CA ARG D 64 -86.19 3.36 19.79
C ARG D 64 -84.75 3.48 19.31
N ALA D 65 -83.81 3.30 20.24
CA ALA D 65 -82.38 3.37 19.99
C ALA D 65 -81.52 2.23 20.55
N ALA D 66 -81.81 1.61 21.71
CA ALA D 66 -80.97 0.48 22.08
C ALA D 66 -81.17 -0.69 21.13
N GLU D 67 -81.89 -0.50 20.05
CA GLU D 67 -82.28 -1.63 19.25
C GLU D 67 -81.89 -1.41 17.80
N ILE D 68 -82.20 -0.25 17.14
CA ILE D 68 -81.42 0.16 15.93
C ILE D 68 -79.88 0.00 16.18
N LEU D 69 -79.46 -0.29 17.45
CA LEU D 69 -78.05 -0.50 17.89
C LEU D 69 -77.60 -1.95 17.78
N ALA D 70 -78.41 -2.89 18.27
CA ALA D 70 -78.13 -4.26 17.97
C ALA D 70 -78.60 -4.64 16.58
N ARG D 71 -79.33 -3.74 15.88
CA ARG D 71 -79.86 -4.02 14.54
C ARG D 71 -78.75 -4.31 13.55
N ASP D 72 -77.76 -3.41 13.47
CA ASP D 72 -76.79 -3.46 12.39
C ASP D 72 -75.38 -3.73 12.96
N GLY D 73 -74.79 -2.74 13.63
CA GLY D 73 -73.42 -2.78 14.11
C GLY D 73 -72.97 -1.38 14.51
N PRO D 74 -71.85 -1.25 15.22
CA PRO D 74 -71.52 0.02 15.91
C PRO D 74 -70.85 1.14 15.10
N ASN D 75 -71.34 2.38 15.32
CA ASN D 75 -70.90 3.60 14.63
C ASN D 75 -69.42 3.79 14.90
N ALA D 76 -68.67 3.04 14.15
CA ALA D 76 -67.25 3.11 14.03
C ALA D 76 -67.05 2.43 12.70
N LEU D 77 -66.30 3.04 11.82
CA LEU D 77 -65.93 2.27 10.66
C LEU D 77 -65.31 0.99 11.13
N THR D 78 -65.44 0.00 10.30
CA THR D 78 -64.85 -1.29 10.58
C THR D 78 -63.33 -1.15 10.67
N PRO D 79 -62.68 -1.89 11.57
CA PRO D 79 -61.22 -1.88 11.63
C PRO D 79 -60.62 -2.38 10.34
N PRO D 80 -59.42 -1.93 9.99
CA PRO D 80 -58.83 -2.22 8.68
C PRO D 80 -58.95 -3.70 8.35
N PRO D 81 -59.57 -4.03 7.20
CA PRO D 81 -59.72 -5.45 6.86
C PRO D 81 -58.41 -6.17 6.67
N THR D 82 -57.30 -5.41 6.59
CA THR D 82 -55.95 -5.96 6.52
C THR D 82 -55.36 -6.00 7.93
N THR D 83 -55.33 -7.19 8.52
CA THR D 83 -54.58 -7.44 9.75
C THR D 83 -53.81 -8.74 9.57
N PRO D 84 -52.87 -8.78 8.62
CA PRO D 84 -52.07 -10.00 8.45
C PRO D 84 -51.26 -10.22 9.73
N GLU D 85 -51.37 -11.43 10.30
CA GLU D 85 -50.64 -11.84 11.50
C GLU D 85 -49.13 -11.91 11.25
N TRP D 86 -48.33 -12.37 12.24
CA TRP D 86 -46.86 -12.40 12.16
C TRP D 86 -46.32 -13.65 11.45
N VAL D 87 -47.18 -14.55 10.97
CA VAL D 87 -46.81 -15.53 9.95
C VAL D 87 -46.54 -14.86 8.59
N LYS D 88 -46.77 -13.55 8.47
CA LYS D 88 -46.43 -12.78 7.27
C LYS D 88 -44.92 -12.84 7.00
N PHE D 89 -44.25 -13.77 7.66
CA PHE D 89 -42.84 -14.04 7.47
C PHE D 89 -42.55 -14.83 6.19
N CYS D 90 -43.57 -15.38 5.52
CA CYS D 90 -43.36 -16.00 4.21
C CYS D 90 -43.38 -15.00 3.07
N ARG D 91 -43.60 -13.69 3.32
CA ARG D 91 -43.73 -12.73 2.22
C ARG D 91 -42.36 -12.29 1.67
N GLN D 92 -41.35 -12.04 2.51
CA GLN D 92 -40.01 -11.88 1.98
C GLN D 92 -39.31 -13.22 1.78
N LEU D 93 -40.07 -14.34 1.79
CA LEU D 93 -39.58 -15.71 1.61
C LEU D 93 -39.84 -16.30 0.23
N PHE D 94 -40.77 -15.72 -0.55
CA PHE D 94 -41.01 -16.18 -1.90
C PHE D 94 -40.55 -15.02 -2.79
N GLY D 95 -41.45 -14.13 -3.17
CA GLY D 95 -41.12 -13.01 -4.03
C GLY D 95 -40.39 -13.45 -5.29
N GLY D 96 -39.31 -12.76 -5.64
CA GLY D 96 -38.51 -13.14 -6.79
C GLY D 96 -37.23 -13.91 -6.48
N PHE D 97 -36.48 -13.44 -5.49
CA PHE D 97 -35.20 -14.06 -5.12
C PHE D 97 -35.25 -15.49 -4.56
N SER D 98 -36.19 -15.76 -3.67
CA SER D 98 -36.29 -17.09 -3.07
C SER D 98 -36.66 -18.15 -4.10
N MET D 99 -37.58 -17.81 -4.99
CA MET D 99 -38.03 -18.72 -6.02
C MET D 99 -36.88 -19.30 -6.82
N LEU D 100 -35.94 -18.45 -7.22
CA LEU D 100 -34.80 -18.95 -8.01
C LEU D 100 -33.70 -19.47 -7.11
N LEU D 101 -33.47 -18.79 -5.97
CA LEU D 101 -32.57 -19.32 -4.95
C LEU D 101 -33.17 -20.57 -4.28
N TRP D 102 -34.50 -20.61 -4.11
CA TRP D 102 -35.12 -21.86 -3.68
C TRP D 102 -34.74 -22.98 -4.65
N ILE D 103 -34.90 -22.76 -5.96
CA ILE D 103 -34.57 -23.79 -6.96
C ILE D 103 -33.09 -24.09 -7.00
N GLY D 104 -32.26 -23.23 -6.45
CA GLY D 104 -30.94 -23.69 -6.12
C GLY D 104 -31.02 -24.68 -4.98
N ALA D 105 -31.48 -24.21 -3.82
CA ALA D 105 -31.38 -24.96 -2.58
C ALA D 105 -31.91 -26.35 -2.74
N ILE D 106 -33.02 -26.46 -3.47
CA ILE D 106 -33.64 -27.75 -3.72
C ILE D 106 -32.91 -28.50 -4.83
N LEU D 107 -32.65 -27.86 -5.99
CA LEU D 107 -31.92 -28.59 -7.04
C LEU D 107 -30.60 -29.10 -6.51
N CYS D 108 -30.20 -28.59 -5.33
CA CYS D 108 -28.90 -28.83 -4.74
C CYS D 108 -28.92 -30.00 -3.77
N PHE D 109 -29.73 -29.94 -2.71
CA PHE D 109 -29.99 -31.16 -1.95
C PHE D 109 -30.32 -32.29 -2.90
N LEU D 110 -31.16 -32.01 -3.91
CA LEU D 110 -31.38 -32.96 -4.98
C LEU D 110 -30.04 -33.49 -5.48
N ALA D 111 -29.09 -32.58 -5.72
CA ALA D 111 -27.78 -33.00 -6.20
C ALA D 111 -27.05 -33.86 -5.17
N TYR D 112 -27.24 -33.59 -3.88
CA TYR D 112 -26.55 -34.46 -2.92
C TYR D 112 -27.25 -35.80 -2.77
N GLY D 113 -28.58 -35.81 -2.84
CA GLY D 113 -29.30 -37.07 -2.77
C GLY D 113 -28.87 -38.07 -3.81
N ILE D 114 -28.49 -37.61 -5.01
CA ILE D 114 -28.19 -38.54 -6.09
C ILE D 114 -26.70 -38.93 -6.09
N GLN D 115 -25.84 -38.08 -5.53
CA GLN D 115 -24.47 -38.52 -5.26
C GLN D 115 -24.37 -39.33 -3.95
N ALA D 116 -25.47 -39.87 -3.38
CA ALA D 116 -25.39 -40.88 -2.32
C ALA D 116 -25.64 -42.29 -2.85
N ALA D 117 -25.88 -42.45 -4.16
CA ALA D 117 -25.88 -43.76 -4.83
C ALA D 117 -24.49 -44.38 -4.89
N THR D 118 -23.45 -43.57 -4.78
CA THR D 118 -22.08 -44.05 -4.73
C THR D 118 -21.52 -43.69 -3.34
N GLU D 119 -20.20 -43.67 -3.16
CA GLU D 119 -19.56 -43.05 -2.00
C GLU D 119 -18.92 -41.74 -2.51
N GLU D 120 -19.62 -40.58 -2.40
CA GLU D 120 -19.23 -39.31 -3.05
C GLU D 120 -19.10 -38.13 -2.07
N GLU D 121 -18.18 -37.18 -2.40
CA GLU D 121 -17.66 -36.07 -1.58
C GLU D 121 -18.67 -35.12 -0.94
N PRO D 122 -19.82 -34.83 -1.57
CA PRO D 122 -20.74 -33.85 -0.98
C PRO D 122 -21.25 -34.15 0.44
N GLN D 123 -20.50 -34.94 1.22
CA GLN D 123 -20.62 -34.93 2.67
C GLN D 123 -20.28 -33.55 3.22
N ASN D 124 -19.25 -32.92 2.66
CA ASN D 124 -18.86 -31.56 2.98
C ASN D 124 -19.11 -30.62 1.79
N ASP D 125 -19.79 -31.09 0.75
CA ASP D 125 -20.12 -30.25 -0.40
C ASP D 125 -21.65 -30.04 -0.45
N ASN D 126 -22.34 -30.81 -1.31
CA ASN D 126 -23.65 -30.39 -1.85
C ASN D 126 -24.76 -30.25 -0.77
N LEU D 127 -24.69 -30.91 0.38
CA LEU D 127 -25.72 -30.64 1.39
C LEU D 127 -25.55 -29.31 2.06
N TYR D 128 -24.33 -28.80 2.00
CA TYR D 128 -23.98 -27.54 2.64
C TYR D 128 -24.41 -26.33 1.81
N LEU D 129 -24.17 -26.36 0.49
CA LEU D 129 -24.49 -25.21 -0.37
C LEU D 129 -26.00 -24.94 -0.37
N GLY D 130 -26.83 -25.98 -0.11
CA GLY D 130 -28.28 -25.82 -0.12
C GLY D 130 -28.91 -25.46 1.21
N VAL D 131 -28.30 -25.92 2.32
CA VAL D 131 -28.61 -25.42 3.65
C VAL D 131 -28.18 -23.96 3.76
N VAL D 132 -27.04 -23.61 3.14
CA VAL D 132 -26.65 -22.21 2.97
C VAL D 132 -27.65 -21.47 2.10
N LEU D 133 -28.15 -22.14 1.04
CA LEU D 133 -29.12 -21.50 0.14
C LEU D 133 -30.49 -21.33 0.80
N SER D 134 -30.95 -22.34 1.53
CA SER D 134 -32.18 -22.15 2.29
C SER D 134 -32.04 -20.96 3.22
N ALA D 135 -30.89 -20.83 3.89
CA ALA D 135 -30.69 -19.78 4.88
C ALA D 135 -30.67 -18.35 4.31
N VAL D 136 -30.22 -18.10 3.05
CA VAL D 136 -30.10 -16.71 2.58
C VAL D 136 -31.48 -16.13 2.25
N VAL D 137 -32.26 -16.84 1.42
CA VAL D 137 -33.67 -16.51 1.25
C VAL D 137 -34.28 -16.20 2.62
N ILE D 138 -33.83 -16.97 3.60
CA ILE D 138 -34.28 -16.86 4.98
C ILE D 138 -33.55 -15.69 5.65
N ILE D 139 -32.23 -15.70 5.56
CA ILE D 139 -31.42 -14.64 6.14
C ILE D 139 -31.74 -13.31 5.48
N THR D 140 -31.90 -13.34 4.15
CA THR D 140 -32.23 -12.15 3.39
C THR D 140 -33.59 -11.62 3.80
N GLY D 141 -34.54 -12.53 4.02
CA GLY D 141 -35.88 -12.16 4.42
C GLY D 141 -36.01 -11.73 5.86
N CYS D 142 -35.17 -12.25 6.75
CA CYS D 142 -35.27 -11.89 8.17
C CYS D 142 -34.65 -10.54 8.50
N PHE D 143 -34.03 -9.85 7.51
CA PHE D 143 -33.57 -8.47 7.64
C PHE D 143 -34.40 -7.47 6.83
N SER D 144 -34.97 -7.85 5.66
CA SER D 144 -35.88 -6.93 4.99
C SER D 144 -37.24 -6.87 5.66
N TYR D 145 -37.49 -7.74 6.67
CA TYR D 145 -38.66 -7.71 7.56
C TYR D 145 -38.47 -6.77 8.76
N TYR D 146 -37.38 -6.98 9.52
CA TYR D 146 -37.07 -6.14 10.68
C TYR D 146 -36.95 -4.66 10.33
N GLN D 147 -36.89 -4.31 9.04
CA GLN D 147 -36.84 -2.93 8.55
C GLN D 147 -38.14 -2.48 7.87
N GLU D 148 -38.92 -3.43 7.33
CA GLU D 148 -40.28 -3.13 6.91
C GLU D 148 -41.29 -3.19 8.07
N ALA D 149 -41.05 -4.05 9.10
CA ALA D 149 -41.93 -4.13 10.28
C ALA D 149 -41.53 -3.17 11.40
N LYS D 150 -40.31 -2.62 11.35
CA LYS D 150 -39.96 -1.44 12.15
C LYS D 150 -40.64 -0.19 11.59
N SER D 151 -40.92 -0.18 10.27
CA SER D 151 -41.61 0.95 9.64
C SER D 151 -43.12 0.93 9.94
N SER D 152 -43.70 -0.27 10.08
CA SER D 152 -45.08 -0.43 10.53
C SER D 152 -45.25 -0.32 12.04
N LYS D 153 -44.16 -0.40 12.82
CA LYS D 153 -44.27 -0.25 14.28
C LYS D 153 -44.14 1.19 14.72
N ILE D 154 -43.33 2.01 14.02
CA ILE D 154 -43.24 3.45 14.28
C ILE D 154 -44.39 4.20 13.63
N MET D 155 -45.08 3.58 12.66
CA MET D 155 -46.32 4.17 12.16
C MET D 155 -47.45 4.02 13.18
N GLU D 156 -47.49 2.89 13.90
CA GLU D 156 -48.45 2.67 14.98
C GLU D 156 -48.10 3.41 16.27
N SER D 157 -46.98 4.15 16.34
CA SER D 157 -46.70 5.17 17.36
C SER D 157 -47.40 6.49 17.06
N PHE D 158 -48.21 6.50 15.99
CA PHE D 158 -49.08 7.60 15.64
C PHE D 158 -50.56 7.25 15.70
N LYS D 159 -50.91 6.00 16.06
CA LYS D 159 -52.31 5.56 16.15
C LYS D 159 -52.90 5.86 17.52
N ASN D 160 -53.17 7.14 17.78
CA ASN D 160 -53.82 7.63 19.00
C ASN D 160 -55.29 7.88 18.68
N MET D 161 -56.13 6.86 18.94
CA MET D 161 -57.57 6.88 18.69
C MET D 161 -58.29 7.16 20.01
N VAL D 162 -58.80 8.38 20.17
CA VAL D 162 -59.46 8.78 21.41
C VAL D 162 -60.97 8.82 21.16
N PRO D 163 -61.80 8.20 22.01
CA PRO D 163 -63.26 8.25 21.79
C PRO D 163 -63.77 9.65 22.02
N GLN D 164 -64.62 10.12 21.09
CA GLN D 164 -65.30 11.42 21.17
C GLN D 164 -66.82 11.20 21.20
N GLN D 165 -67.51 11.78 22.20
CA GLN D 165 -68.94 11.50 22.44
C GLN D 165 -69.85 12.63 21.92
N ALA D 166 -71.00 12.26 21.35
CA ALA D 166 -71.85 13.15 20.57
C ALA D 166 -72.99 13.71 21.40
N LEU D 167 -73.57 14.79 20.88
CA LEU D 167 -74.72 15.39 21.52
C LEU D 167 -75.94 14.84 20.77
N VAL D 168 -76.74 14.01 21.45
CA VAL D 168 -77.83 13.25 20.81
C VAL D 168 -79.09 13.24 21.69
N ILE D 169 -80.16 13.89 21.16
CA ILE D 169 -81.43 14.08 21.87
C ILE D 169 -82.28 12.83 21.66
N ARG D 170 -82.86 12.31 22.74
CA ARG D 170 -83.81 11.22 22.64
C ARG D 170 -84.92 11.46 23.65
N ASN D 171 -86.14 11.61 23.13
CA ASN D 171 -87.34 11.91 23.91
C ASN D 171 -87.28 13.31 24.53
N GLY D 172 -86.83 14.31 23.76
CA GLY D 172 -86.75 15.68 24.24
C GLY D 172 -85.74 15.92 25.34
N GLU D 173 -85.12 14.86 25.87
CA GLU D 173 -84.25 14.91 27.03
C GLU D 173 -82.80 14.66 26.65
N LYS D 174 -81.91 15.52 27.15
CA LYS D 174 -80.53 15.61 26.69
C LYS D 174 -79.71 14.49 27.35
N MET D 175 -78.97 13.74 26.55
CA MET D 175 -78.19 12.62 27.04
C MET D 175 -77.03 12.41 26.08
N SER D 176 -75.86 12.87 26.48
CA SER D 176 -74.65 12.77 25.70
C SER D 176 -74.01 11.40 25.97
N ILE D 177 -73.54 10.71 24.90
CA ILE D 177 -73.32 9.25 24.89
C ILE D 177 -72.07 8.90 24.03
N ASN D 178 -71.44 7.69 24.26
CA ASN D 178 -70.15 7.31 23.60
C ASN D 178 -70.27 6.93 22.12
N ALA D 179 -69.22 7.24 21.34
CA ALA D 179 -69.29 7.49 19.88
C ALA D 179 -69.81 6.33 19.05
N GLU D 180 -69.94 5.15 19.65
CA GLU D 180 -70.37 3.96 18.95
C GLU D 180 -71.81 3.56 19.29
N GLU D 181 -72.79 4.55 19.23
CA GLU D 181 -74.17 4.41 19.75
C GLU D 181 -75.29 5.38 19.25
N VAL D 182 -75.07 6.36 18.28
CA VAL D 182 -76.22 7.08 17.65
C VAL D 182 -76.64 6.32 16.40
N VAL D 183 -77.81 6.65 15.86
CA VAL D 183 -78.39 5.68 14.92
C VAL D 183 -78.82 6.25 13.59
N VAL D 184 -79.48 5.40 12.79
CA VAL D 184 -80.25 5.91 11.68
C VAL D 184 -81.56 6.50 12.19
N GLY D 185 -81.72 7.79 11.96
CA GLY D 185 -82.98 8.40 12.30
C GLY D 185 -82.96 8.97 13.69
N ASP D 186 -81.80 9.40 14.18
CA ASP D 186 -81.75 10.07 15.48
C ASP D 186 -81.01 11.39 15.38
N LEU D 187 -81.68 12.47 15.79
CA LEU D 187 -81.10 13.79 15.77
C LEU D 187 -79.73 13.75 16.43
N VAL D 188 -78.88 14.68 16.04
CA VAL D 188 -77.67 14.92 16.80
C VAL D 188 -77.51 16.43 16.84
N GLU D 189 -77.56 17.00 18.05
CA GLU D 189 -77.30 18.42 18.26
C GLU D 189 -75.81 18.62 18.34
N VAL D 190 -75.35 19.79 17.89
CA VAL D 190 -73.93 20.08 17.85
C VAL D 190 -73.63 21.52 18.30
N LYS D 191 -72.34 21.81 18.54
CA LYS D 191 -71.86 23.09 19.05
C LYS D 191 -70.47 23.39 18.48
N GLY D 192 -69.98 24.61 18.75
CA GLY D 192 -68.73 25.08 18.15
C GLY D 192 -67.54 24.31 18.66
N GLY D 193 -66.73 23.76 17.75
CA GLY D 193 -65.56 23.01 18.15
C GLY D 193 -65.79 21.51 18.30
N ASP D 194 -67.03 21.08 18.47
CA ASP D 194 -67.35 19.66 18.48
C ASP D 194 -67.00 19.04 17.09
N ARG D 195 -67.22 17.71 16.95
CA ARG D 195 -66.92 16.92 15.74
C ARG D 195 -68.07 15.99 15.35
N ILE D 196 -68.44 16.00 14.06
CA ILE D 196 -69.68 15.39 13.50
C ILE D 196 -69.75 13.88 13.74
N PRO D 197 -70.82 13.36 14.38
CA PRO D 197 -70.88 11.92 14.63
C PRO D 197 -71.18 11.15 13.36
N ALA D 198 -72.47 11.00 13.08
CA ALA D 198 -72.95 10.35 11.86
C ALA D 198 -73.53 11.38 10.90
N ASP D 199 -73.56 10.99 9.62
CA ASP D 199 -74.01 11.89 8.55
C ASP D 199 -75.42 12.39 8.85
N LEU D 200 -75.62 13.72 8.75
CA LEU D 200 -76.83 14.35 9.24
C LEU D 200 -77.60 15.08 8.14
N ARG D 201 -78.93 15.02 8.22
CA ARG D 201 -79.78 15.83 7.36
C ARG D 201 -80.07 17.11 8.14
N ILE D 202 -79.11 18.04 8.06
CA ILE D 202 -79.18 19.30 8.79
C ILE D 202 -80.60 19.82 8.70
N ILE D 203 -81.32 19.71 9.82
CA ILE D 203 -82.72 20.16 9.86
C ILE D 203 -82.82 21.58 10.40
N SER D 204 -81.82 22.03 11.17
CA SER D 204 -81.75 23.41 11.68
C SER D 204 -80.29 23.83 11.79
N ALA D 205 -80.07 25.14 11.90
CA ALA D 205 -78.72 25.69 12.04
C ALA D 205 -78.80 27.16 12.46
N ASN D 206 -77.71 27.65 13.09
CA ASN D 206 -77.58 29.03 13.55
C ASN D 206 -76.07 29.30 13.57
N GLY D 207 -75.58 30.08 12.60
CA GLY D 207 -74.13 30.29 12.42
C GLY D 207 -73.21 29.07 12.41
N CYS D 208 -73.69 27.91 11.94
CA CYS D 208 -72.98 26.61 11.90
C CYS D 208 -72.03 26.57 10.69
N LYS D 209 -70.87 27.23 10.80
CA LYS D 209 -69.78 27.04 9.84
C LYS D 209 -69.12 25.68 10.16
N VAL D 210 -69.09 24.76 9.18
CA VAL D 210 -68.53 23.42 9.35
C VAL D 210 -67.19 23.33 8.60
N ASP D 211 -66.26 22.46 9.08
CA ASP D 211 -64.90 22.36 8.49
C ASP D 211 -64.86 21.13 7.60
N ASN D 212 -65.32 21.31 6.37
CA ASN D 212 -65.30 20.26 5.35
C ASN D 212 -63.90 20.06 4.71
N SER D 213 -62.84 20.57 5.34
CA SER D 213 -61.48 20.52 4.77
C SER D 213 -61.12 19.13 4.31
N SER D 214 -61.06 18.19 5.26
CA SER D 214 -60.45 16.90 5.01
C SER D 214 -61.18 16.10 3.94
N LEU D 215 -62.50 16.27 3.79
CA LEU D 215 -63.28 15.30 3.03
C LEU D 215 -63.45 15.68 1.56
N THR D 216 -63.67 16.95 1.27
CA THR D 216 -63.76 17.33 -0.13
C THR D 216 -62.59 18.19 -0.57
N GLY D 217 -62.07 19.02 0.32
CA GLY D 217 -60.97 19.89 0.02
C GLY D 217 -61.32 21.36 0.05
N GLU D 218 -62.57 21.74 0.36
CA GLU D 218 -62.97 23.15 0.43
C GLU D 218 -62.14 23.86 1.51
N SER D 219 -61.48 24.96 1.14
CA SER D 219 -60.47 25.59 2.00
C SER D 219 -61.10 26.23 3.24
N GLU D 220 -61.88 27.29 3.03
CA GLU D 220 -62.50 28.10 4.07
C GLU D 220 -63.74 27.40 4.61
N PRO D 221 -64.15 27.70 5.89
CA PRO D 221 -65.33 27.06 6.49
C PRO D 221 -66.66 27.27 5.78
N GLN D 222 -67.16 26.19 5.16
CA GLN D 222 -68.48 26.22 4.54
C GLN D 222 -69.56 26.10 5.59
N THR D 223 -70.50 27.01 5.52
CA THR D 223 -71.63 27.08 6.43
C THR D 223 -72.55 25.86 6.24
N ARG D 224 -73.38 25.54 7.24
CA ARG D 224 -74.40 24.47 7.15
C ARG D 224 -75.75 25.02 7.55
N SER D 225 -76.74 24.85 6.69
CA SER D 225 -78.09 25.34 6.89
C SER D 225 -79.08 24.23 6.56
N PRO D 226 -80.35 24.37 6.94
CA PRO D 226 -81.31 23.27 6.70
C PRO D 226 -81.84 23.20 5.28
N ASP D 227 -81.87 24.32 4.55
CA ASP D 227 -82.42 24.35 3.20
C ASP D 227 -81.61 23.47 2.25
N PHE D 228 -82.26 23.03 1.18
CA PHE D 228 -81.56 22.37 0.08
C PHE D 228 -80.96 23.43 -0.83
N THR D 229 -79.65 23.33 -1.03
CA THR D 229 -78.92 24.25 -1.88
C THR D 229 -78.43 23.50 -3.14
N ASN D 230 -77.44 22.60 -2.99
CA ASN D 230 -76.88 21.90 -4.15
C ASN D 230 -77.55 20.54 -4.30
N GLU D 231 -78.04 20.29 -5.50
CA GLU D 231 -78.44 18.95 -5.89
C GLU D 231 -77.42 17.92 -5.47
N ASN D 232 -76.16 18.21 -5.70
CA ASN D 232 -75.13 17.32 -5.21
C ASN D 232 -75.18 17.26 -3.69
N PRO D 233 -75.38 16.07 -3.10
CA PRO D 233 -75.48 15.99 -1.64
C PRO D 233 -74.20 16.37 -0.94
N LEU D 234 -73.12 16.57 -1.71
CA LEU D 234 -71.83 16.94 -1.15
C LEU D 234 -71.78 18.42 -0.88
N GLU D 235 -71.59 19.25 -1.92
CA GLU D 235 -71.51 20.69 -1.69
C GLU D 235 -72.73 21.23 -0.98
N THR D 236 -73.80 20.45 -0.95
CA THR D 236 -75.02 20.88 -0.28
C THR D 236 -74.71 21.24 1.17
N ARG D 237 -75.45 22.21 1.67
CA ARG D 237 -75.28 22.74 3.02
C ARG D 237 -76.17 22.03 4.06
N ASN D 238 -77.28 21.35 3.62
CA ASN D 238 -78.10 20.68 4.63
C ASN D 238 -77.63 19.37 4.97
N ILE D 239 -76.40 19.09 4.59
CA ILE D 239 -75.69 17.90 5.01
C ILE D 239 -74.42 18.38 5.69
N ALA D 240 -74.31 18.13 6.99
CA ALA D 240 -73.00 18.04 7.60
C ALA D 240 -72.49 16.63 7.33
N PHE D 241 -71.17 16.44 7.39
CA PHE D 241 -70.61 15.16 6.96
C PHE D 241 -69.71 14.56 8.04
N PHE D 242 -69.42 13.25 7.90
CA PHE D 242 -68.69 12.46 8.90
C PHE D 242 -67.21 12.80 8.89
N SER D 243 -66.64 12.95 10.09
CA SER D 243 -65.22 13.19 10.45
C SER D 243 -64.85 14.65 10.32
N THR D 244 -65.79 15.54 10.04
CA THR D 244 -65.57 16.98 9.95
C THR D 244 -65.85 17.62 11.31
N ASN D 245 -65.28 18.82 11.53
CA ASN D 245 -65.42 19.53 12.79
C ASN D 245 -66.17 20.85 12.59
N CYS D 246 -67.14 21.14 13.45
CA CYS D 246 -67.81 22.41 13.33
C CYS D 246 -66.92 23.50 13.90
N VAL D 247 -66.61 24.48 13.07
CA VAL D 247 -65.85 25.63 13.52
C VAL D 247 -66.67 26.45 14.51
N GLU D 248 -67.84 26.95 14.08
CA GLU D 248 -68.59 27.92 14.85
C GLU D 248 -70.08 27.63 14.72
N GLY D 249 -70.88 28.28 15.57
CA GLY D 249 -72.32 28.13 15.57
C GLY D 249 -72.79 26.89 16.32
N THR D 250 -74.00 26.46 15.95
CA THR D 250 -74.60 25.25 16.50
C THR D 250 -75.58 24.69 15.46
N ALA D 251 -75.92 23.41 15.57
CA ALA D 251 -76.85 22.80 14.62
C ALA D 251 -77.46 21.53 15.19
N ARG D 252 -78.54 21.11 14.57
CA ARG D 252 -79.19 19.85 14.86
C ARG D 252 -79.37 19.16 13.52
N GLY D 253 -79.30 17.84 13.52
CA GLY D 253 -79.35 17.13 12.26
C GLY D 253 -79.98 15.79 12.41
N ILE D 254 -80.77 15.42 11.39
CA ILE D 254 -81.33 14.09 11.25
C ILE D 254 -80.24 13.17 10.67
N VAL D 255 -79.85 12.12 11.43
CA VAL D 255 -78.80 11.18 11.03
C VAL D 255 -79.30 10.28 9.89
N VAL D 256 -78.97 10.65 8.64
CA VAL D 256 -79.44 9.88 7.47
C VAL D 256 -78.67 8.57 7.33
N TYR D 257 -77.34 8.65 7.34
CA TYR D 257 -76.44 7.51 7.25
C TYR D 257 -75.50 7.56 8.45
N THR D 258 -74.70 6.51 8.60
CA THR D 258 -74.00 6.28 9.86
C THR D 258 -73.13 5.05 9.71
N GLY D 259 -71.84 5.16 10.10
CA GLY D 259 -70.96 3.98 10.14
C GLY D 259 -70.18 3.80 8.87
N ASP D 260 -70.14 2.58 8.36
CA ASP D 260 -69.59 2.34 7.04
C ASP D 260 -70.49 2.89 5.92
N ARG D 261 -71.79 3.13 6.17
CA ARG D 261 -72.70 3.72 5.18
C ARG D 261 -72.47 5.21 4.96
N THR D 262 -71.62 5.83 5.76
CA THR D 262 -71.35 7.26 5.65
C THR D 262 -70.68 7.56 4.31
N VAL D 263 -70.51 8.84 4.01
CA VAL D 263 -69.70 9.22 2.87
C VAL D 263 -68.26 8.76 3.06
N MET D 264 -67.70 8.98 4.26
CA MET D 264 -66.28 8.67 4.52
C MET D 264 -66.03 7.26 5.04
N GLY D 265 -67.08 6.48 5.31
CA GLY D 265 -66.88 5.08 5.63
C GLY D 265 -66.90 4.25 4.36
N ARG D 266 -67.74 4.68 3.40
CA ARG D 266 -67.67 4.17 2.04
C ARG D 266 -66.27 4.36 1.47
N ILE D 267 -65.72 5.57 1.59
CA ILE D 267 -64.46 5.90 0.95
C ILE D 267 -63.31 5.07 1.55
N ALA D 268 -63.30 4.90 2.88
CA ALA D 268 -62.32 4.03 3.50
C ALA D 268 -62.41 2.60 3.00
N THR D 269 -63.61 2.16 2.61
CA THR D 269 -63.84 0.76 2.21
C THR D 269 -63.33 0.48 0.79
N LEU D 270 -63.49 1.43 -0.16
CA LEU D 270 -63.04 1.22 -1.53
C LEU D 270 -61.53 1.32 -1.64
N ALA D 271 -60.93 2.18 -0.83
CA ALA D 271 -59.48 2.35 -0.90
C ALA D 271 -58.78 1.06 -0.48
N SER D 272 -59.16 0.50 0.68
CA SER D 272 -58.61 -0.78 1.13
C SER D 272 -58.80 -1.91 0.14
N GLY D 273 -59.62 -1.72 -0.91
CA GLY D 273 -59.86 -2.78 -1.87
C GLY D 273 -59.43 -2.51 -3.31
N LEU D 274 -58.33 -1.82 -3.52
CA LEU D 274 -57.72 -1.70 -4.84
C LEU D 274 -56.38 -2.45 -4.81
N GLU D 275 -55.56 -2.27 -5.85
CA GLU D 275 -54.30 -3.01 -6.03
C GLU D 275 -53.09 -2.13 -5.76
N GLY D 276 -52.14 -2.64 -4.95
CA GLY D 276 -50.94 -1.88 -4.60
C GLY D 276 -50.17 -1.35 -5.79
N GLY D 277 -50.38 -1.93 -6.96
CA GLY D 277 -49.72 -1.48 -8.17
C GLY D 277 -48.27 -1.85 -8.10
N GLN D 278 -47.74 -2.32 -9.21
CA GLN D 278 -46.36 -2.79 -9.23
C GLN D 278 -45.38 -1.61 -9.25
N THR D 279 -44.44 -1.59 -8.30
CA THR D 279 -43.38 -0.58 -8.25
C THR D 279 -42.32 -0.87 -9.31
N PRO D 280 -41.79 0.16 -9.98
CA PRO D 280 -40.92 -0.12 -11.13
C PRO D 280 -39.69 -0.87 -10.74
N ILE D 281 -39.31 -0.74 -9.48
CA ILE D 281 -38.14 -1.43 -8.93
C ILE D 281 -38.35 -2.93 -8.95
N ALA D 282 -39.55 -3.38 -8.62
CA ALA D 282 -39.80 -4.79 -8.71
C ALA D 282 -39.67 -5.25 -10.15
N ALA D 283 -40.21 -4.46 -11.08
CA ALA D 283 -40.33 -4.89 -12.48
C ALA D 283 -38.99 -5.31 -13.04
N GLU D 284 -37.98 -4.47 -12.88
CA GLU D 284 -36.68 -4.79 -13.44
C GLU D 284 -36.04 -5.99 -12.74
N ILE D 285 -36.31 -6.21 -11.43
CA ILE D 285 -35.83 -7.43 -10.78
C ILE D 285 -36.29 -8.65 -11.54
N GLU D 286 -37.54 -8.63 -12.03
CA GLU D 286 -38.01 -9.75 -12.84
C GLU D 286 -37.27 -9.83 -14.17
N HIS D 287 -37.23 -8.73 -14.93
CA HIS D 287 -36.51 -8.79 -16.20
C HIS D 287 -35.09 -9.23 -15.96
N PHE D 288 -34.56 -8.95 -14.78
CA PHE D 288 -33.24 -9.43 -14.40
C PHE D 288 -33.18 -10.95 -14.46
N ILE D 289 -34.03 -11.61 -13.68
CA ILE D 289 -33.97 -13.06 -13.57
C ILE D 289 -34.22 -13.70 -14.91
N HIS D 290 -35.29 -13.26 -15.58
CA HIS D 290 -35.68 -13.69 -16.91
C HIS D 290 -34.47 -13.93 -17.78
N ILE D 291 -33.64 -12.90 -17.85
CA ILE D 291 -32.41 -13.01 -18.59
C ILE D 291 -31.41 -13.88 -17.84
N ILE D 292 -31.18 -13.60 -16.55
CA ILE D 292 -30.21 -14.32 -15.72
C ILE D 292 -30.47 -15.79 -15.89
N THR D 293 -31.75 -16.12 -15.84
CA THR D 293 -32.21 -17.46 -16.14
C THR D 293 -32.11 -17.73 -17.64
N GLY D 294 -32.55 -16.78 -18.47
CA GLY D 294 -32.53 -17.00 -19.91
C GLY D 294 -31.20 -17.50 -20.41
N VAL D 295 -30.12 -17.01 -19.79
CA VAL D 295 -28.77 -17.41 -20.17
C VAL D 295 -28.45 -18.79 -19.63
N ALA D 296 -28.03 -18.84 -18.37
CA ALA D 296 -27.17 -19.89 -17.87
C ALA D 296 -27.85 -21.25 -17.96
N VAL D 297 -29.15 -21.29 -17.65
CA VAL D 297 -29.88 -22.54 -17.69
C VAL D 297 -29.89 -23.11 -19.09
N PHE D 298 -30.09 -22.27 -20.08
CA PHE D 298 -30.10 -22.73 -21.46
C PHE D 298 -28.74 -23.28 -21.84
N LEU D 299 -27.68 -22.58 -21.42
CA LEU D 299 -26.32 -22.98 -21.70
C LEU D 299 -26.02 -24.33 -21.04
N GLY D 300 -26.49 -24.48 -19.81
CA GLY D 300 -26.28 -25.71 -19.07
C GLY D 300 -26.99 -26.86 -19.76
N VAL D 301 -28.20 -26.60 -20.24
CA VAL D 301 -28.98 -27.59 -20.93
C VAL D 301 -28.25 -28.05 -22.19
N SER D 302 -27.91 -27.10 -23.05
CA SER D 302 -27.21 -27.46 -24.31
C SER D 302 -25.89 -28.19 -24.02
N PHE D 303 -24.98 -27.54 -23.29
CA PHE D 303 -23.69 -28.13 -22.95
C PHE D 303 -23.77 -29.46 -22.22
N PHE D 304 -24.71 -29.57 -21.28
CA PHE D 304 -24.88 -30.82 -20.53
C PHE D 304 -25.25 -31.99 -21.43
N ILE D 305 -26.01 -31.69 -22.47
CA ILE D 305 -26.46 -32.72 -23.47
C ILE D 305 -25.16 -33.29 -24.05
N LEU D 306 -24.23 -32.42 -24.41
CA LEU D 306 -22.91 -32.81 -24.99
C LEU D 306 -22.21 -33.82 -24.08
N SER D 307 -22.22 -33.60 -22.76
CA SER D 307 -21.61 -34.54 -21.78
C SER D 307 -22.07 -35.97 -22.10
N LEU D 308 -23.38 -36.18 -22.19
CA LEU D 308 -23.95 -37.50 -22.53
C LEU D 308 -23.86 -37.73 -24.05
N ILE D 309 -23.70 -36.65 -24.82
CA ILE D 309 -23.57 -36.75 -26.30
C ILE D 309 -22.18 -37.27 -26.65
N LEU D 310 -21.20 -37.05 -25.76
CA LEU D 310 -19.81 -37.54 -25.95
C LEU D 310 -19.78 -39.05 -25.74
N GLU D 311 -19.66 -39.49 -24.49
CA GLU D 311 -19.61 -40.94 -24.16
C GLU D 311 -20.03 -41.13 -22.71
N TYR D 312 -20.07 -40.05 -21.93
CA TYR D 312 -20.45 -40.12 -20.49
C TYR D 312 -21.88 -40.65 -20.35
N THR D 313 -22.09 -41.51 -19.36
CA THR D 313 -23.43 -42.08 -19.05
C THR D 313 -24.40 -41.34 -18.11
N TRP D 314 -25.58 -41.88 -17.89
CA TRP D 314 -26.54 -41.26 -16.95
C TRP D 314 -25.92 -40.36 -15.76
N LEU D 315 -25.43 -41.12 -14.81
CA LEU D 315 -24.52 -40.57 -13.76
C LEU D 315 -23.53 -39.42 -13.92
N GLU D 316 -22.66 -39.48 -14.93
CA GLU D 316 -21.62 -38.43 -15.18
C GLU D 316 -22.26 -37.04 -15.19
N ALA D 317 -23.16 -36.78 -16.16
CA ALA D 317 -23.85 -35.48 -16.38
C ALA D 317 -24.27 -34.79 -15.07
N VAL D 318 -24.94 -35.54 -14.18
CA VAL D 318 -25.46 -35.10 -12.84
C VAL D 318 -24.56 -34.03 -12.22
N ILE D 319 -23.36 -34.41 -11.76
CA ILE D 319 -22.40 -33.48 -11.10
C ILE D 319 -22.24 -32.22 -11.95
N PHE D 320 -21.99 -32.35 -13.24
CA PHE D 320 -21.82 -31.20 -14.12
C PHE D 320 -23.12 -30.43 -14.33
N LEU D 321 -24.03 -31.03 -15.10
CA LEU D 321 -25.35 -30.42 -15.41
C LEU D 321 -26.01 -29.78 -14.19
N ILE D 322 -26.09 -30.49 -13.06
CA ILE D 322 -26.76 -29.90 -11.86
C ILE D 322 -25.85 -28.85 -11.21
N GLY D 323 -24.54 -28.97 -11.37
CA GLY D 323 -23.63 -27.97 -10.78
C GLY D 323 -23.38 -26.85 -11.76
N ILE D 324 -23.87 -27.00 -12.99
CA ILE D 324 -23.64 -26.00 -14.07
C ILE D 324 -24.08 -24.60 -13.60
N ILE D 325 -25.26 -24.51 -13.00
CA ILE D 325 -25.82 -23.18 -12.61
C ILE D 325 -25.36 -22.73 -11.21
N VAL D 326 -24.45 -23.47 -10.58
CA VAL D 326 -23.94 -23.10 -9.22
C VAL D 326 -23.44 -21.65 -9.25
N ALA D 327 -22.45 -21.36 -10.10
CA ALA D 327 -21.93 -19.99 -10.23
C ALA D 327 -22.51 -19.37 -11.49
N ASN D 328 -23.82 -19.52 -11.68
CA ASN D 328 -24.50 -18.94 -12.87
C ASN D 328 -25.37 -17.79 -12.33
N VAL D 329 -26.25 -18.13 -11.39
CA VAL D 329 -27.12 -17.12 -10.71
C VAL D 329 -26.25 -16.48 -9.63
N PRO D 330 -26.36 -15.02 -9.31
CA PRO D 330 -25.75 -14.04 -8.44
C PRO D 330 -26.16 -14.28 -6.99
N GLU D 331 -25.26 -14.96 -6.30
CA GLU D 331 -25.52 -15.48 -4.98
C GLU D 331 -25.82 -14.36 -3.99
N GLY D 332 -24.80 -13.68 -3.47
CA GLY D 332 -25.05 -12.57 -2.57
C GLY D 332 -25.87 -11.47 -3.20
N LEU D 333 -26.14 -11.57 -4.49
CA LEU D 333 -26.78 -10.45 -5.18
C LEU D 333 -28.08 -10.06 -4.50
N LEU D 334 -28.86 -11.05 -4.13
CA LEU D 334 -30.05 -10.82 -3.33
C LEU D 334 -29.70 -9.90 -2.19
N ALA D 335 -28.80 -10.40 -1.34
CA ALA D 335 -28.48 -9.73 -0.09
C ALA D 335 -28.06 -8.29 -0.34
N THR D 336 -27.09 -8.10 -1.23
CA THR D 336 -26.53 -6.78 -1.45
C THR D 336 -27.62 -5.77 -1.72
N VAL D 337 -28.52 -6.13 -2.65
CA VAL D 337 -29.66 -5.31 -3.03
C VAL D 337 -30.32 -4.74 -1.78
N THR D 338 -30.76 -5.63 -0.91
CA THR D 338 -31.63 -5.21 0.16
C THR D 338 -30.90 -4.24 1.09
N VAL D 339 -29.62 -4.48 1.38
CA VAL D 339 -28.86 -3.53 2.19
C VAL D 339 -28.84 -2.18 1.53
N CYS D 340 -28.50 -2.17 0.26
CA CYS D 340 -28.46 -0.95 -0.51
C CYS D 340 -29.71 -0.15 -0.22
N LEU D 341 -30.86 -0.60 -0.73
CA LEU D 341 -32.10 0.14 -0.54
C LEU D 341 -32.32 0.46 0.92
N THR D 342 -31.98 -0.49 1.79
CA THR D 342 -32.08 -0.27 3.22
C THR D 342 -31.32 0.96 3.62
N LEU D 343 -30.03 0.98 3.31
CA LEU D 343 -29.23 2.16 3.54
C LEU D 343 -29.95 3.40 2.99
N THR D 344 -30.53 3.29 1.78
CA THR D 344 -31.26 4.43 1.22
C THR D 344 -32.46 4.80 2.07
N ALA D 345 -33.33 3.83 2.33
CA ALA D 345 -34.41 4.06 3.28
C ALA D 345 -33.89 4.58 4.63
N LYS D 346 -32.60 4.36 4.96
CA LYS D 346 -32.03 4.82 6.23
C LYS D 346 -31.61 6.28 6.24
N ARG D 347 -31.47 6.93 5.09
CA ARG D 347 -31.19 8.36 5.11
C ARG D 347 -32.42 9.20 4.89
N MET D 348 -33.37 8.71 4.09
CA MET D 348 -34.70 9.30 4.02
C MET D 348 -35.21 9.69 5.39
N ALA D 349 -34.99 8.81 6.38
CA ALA D 349 -35.49 9.05 7.72
C ALA D 349 -34.71 10.17 8.41
N ARG D 350 -33.37 10.11 8.37
CA ARG D 350 -32.61 11.17 9.01
C ARG D 350 -33.16 12.54 8.66
N LYS D 351 -33.82 12.64 7.51
CA LYS D 351 -34.67 13.74 7.11
C LYS D 351 -36.15 13.50 7.45
N ASN D 352 -36.46 12.59 8.38
CA ASN D 352 -37.80 12.39 8.91
C ASN D 352 -38.83 12.08 7.82
N CYS D 353 -38.44 11.21 6.89
CA CYS D 353 -39.30 10.75 5.81
C CYS D 353 -39.42 9.23 5.89
N LEU D 354 -40.61 8.74 6.21
CA LEU D 354 -40.79 7.33 6.54
C LEU D 354 -41.29 6.52 5.34
N VAL D 355 -40.81 5.27 5.21
CA VAL D 355 -41.24 4.35 4.14
C VAL D 355 -41.80 3.08 4.77
N LYS D 356 -43.12 2.89 4.69
CA LYS D 356 -43.75 1.68 5.22
C LYS D 356 -43.29 0.47 4.44
N ASN D 357 -43.41 0.53 3.13
CA ASN D 357 -42.80 -0.46 2.27
C ASN D 357 -41.35 -0.08 2.01
N LEU D 358 -40.52 -1.09 1.81
CA LEU D 358 -39.11 -0.88 1.57
C LEU D 358 -38.87 -0.34 0.16
N GLU D 359 -39.38 -1.05 -0.86
CA GLU D 359 -39.00 -0.81 -2.25
C GLU D 359 -39.63 0.44 -2.83
N ALA D 360 -40.55 1.10 -2.12
CA ALA D 360 -41.03 2.36 -2.61
C ALA D 360 -40.00 3.47 -2.45
N VAL D 361 -38.86 3.16 -1.84
CA VAL D 361 -37.80 4.15 -1.76
C VAL D 361 -37.25 4.47 -3.15
N GLU D 362 -37.47 3.59 -4.14
CA GLU D 362 -36.91 3.77 -5.47
C GLU D 362 -37.82 4.55 -6.43
N THR D 363 -39.12 4.60 -6.15
CA THR D 363 -40.10 4.89 -7.20
C THR D 363 -40.20 6.38 -7.54
N LEU D 364 -39.73 7.27 -6.68
CA LEU D 364 -39.82 8.70 -6.99
C LEU D 364 -38.97 9.06 -8.20
N GLY D 365 -37.67 8.72 -8.16
CA GLY D 365 -36.74 9.05 -9.25
C GLY D 365 -37.17 8.56 -10.61
N SER D 366 -38.13 7.64 -10.65
CA SER D 366 -38.65 7.11 -11.89
C SER D 366 -40.03 7.61 -12.21
N THR D 367 -40.68 8.27 -11.26
CA THR D 367 -41.99 8.82 -11.50
C THR D 367 -41.95 9.80 -12.69
N SER D 368 -43.09 9.90 -13.41
CA SER D 368 -43.19 10.80 -14.56
C SER D 368 -44.38 11.75 -14.56
N THR D 369 -45.41 11.53 -13.73
CA THR D 369 -46.49 12.51 -13.51
C THR D 369 -46.93 12.45 -12.06
N ILE D 370 -47.10 13.61 -11.41
CA ILE D 370 -47.51 13.67 -10.01
C ILE D 370 -48.89 14.30 -9.90
N CYS D 371 -49.67 13.83 -8.92
CA CYS D 371 -51.00 14.36 -8.65
C CYS D 371 -51.09 14.69 -7.18
N SER D 372 -51.54 15.90 -6.87
CA SER D 372 -51.55 16.37 -5.49
C SER D 372 -52.83 17.17 -5.25
N ASP D 373 -53.09 17.46 -3.97
CA ASP D 373 -54.23 18.26 -3.53
C ASP D 373 -53.81 19.65 -3.10
N LYS D 374 -54.79 20.54 -3.05
CA LYS D 374 -54.55 21.90 -2.63
C LYS D 374 -54.48 21.93 -1.12
N THR D 375 -55.65 21.98 -0.53
CA THR D 375 -55.76 22.15 0.90
C THR D 375 -54.86 21.18 1.63
N GLY D 376 -54.28 21.68 2.70
CA GLY D 376 -53.48 20.87 3.60
C GLY D 376 -52.24 20.34 2.95
N THR D 377 -52.33 20.01 1.67
CA THR D 377 -51.18 19.48 0.98
C THR D 377 -50.26 20.63 0.61
N LEU D 378 -50.44 21.16 -0.59
CA LEU D 378 -49.59 22.25 -1.07
C LEU D 378 -49.69 23.45 -0.14
N THR D 379 -50.78 23.54 0.59
CA THR D 379 -51.07 24.64 1.49
C THR D 379 -50.96 24.21 2.94
N GLN D 380 -50.93 25.20 3.82
CA GLN D 380 -50.93 25.00 5.25
C GLN D 380 -52.35 24.83 5.81
N ASN D 381 -53.37 25.19 5.02
CA ASN D 381 -54.81 24.99 5.35
C ASN D 381 -55.20 25.68 6.66
N ARG D 382 -55.01 26.99 6.69
CA ARG D 382 -55.30 27.82 7.87
C ARG D 382 -55.44 29.25 7.37
N MET D 383 -56.58 29.89 7.65
CA MET D 383 -56.79 31.26 7.18
C MET D 383 -55.78 32.19 7.84
N THR D 384 -55.23 33.12 7.06
CA THR D 384 -54.08 33.92 7.50
C THR D 384 -54.04 35.27 6.79
N VAL D 385 -53.56 36.29 7.49
CA VAL D 385 -53.52 37.64 6.93
C VAL D 385 -52.49 37.71 5.80
N ALA D 386 -52.96 38.09 4.61
CA ALA D 386 -52.20 37.99 3.37
C ALA D 386 -51.62 39.32 2.88
N HIS D 387 -52.47 40.19 2.31
CA HIS D 387 -52.09 41.52 1.82
C HIS D 387 -52.98 42.60 2.45
N MET D 388 -52.43 43.81 2.60
CA MET D 388 -53.05 44.92 3.31
C MET D 388 -53.10 46.17 2.44
N TRP D 389 -53.84 47.17 2.90
CA TRP D 389 -54.03 48.35 2.07
C TRP D 389 -53.87 49.63 2.90
N SER D 390 -52.83 50.40 2.60
CA SER D 390 -52.64 51.67 3.30
C SER D 390 -51.80 52.58 2.42
N ASP D 391 -52.04 53.88 2.54
CA ASP D 391 -51.31 54.86 1.74
C ASP D 391 -51.40 54.51 0.26
N ASN D 392 -52.57 54.06 -0.16
CA ASN D 392 -52.78 53.52 -1.49
C ASN D 392 -51.58 52.72 -1.93
N GLN D 393 -51.46 51.55 -1.37
CA GLN D 393 -50.25 50.81 -1.58
C GLN D 393 -50.49 49.49 -0.92
N ILE D 394 -49.97 48.44 -1.53
CA ILE D 394 -50.28 47.09 -1.11
C ILE D 394 -48.98 46.48 -0.61
N HIS D 395 -48.92 46.21 0.68
CA HIS D 395 -47.75 45.64 1.33
C HIS D 395 -48.09 44.20 1.72
N GLU D 396 -47.34 43.23 1.21
CA GLU D 396 -47.69 41.85 1.56
C GLU D 396 -46.98 41.41 2.83
N ALA D 397 -47.62 40.47 3.54
CA ALA D 397 -47.11 39.95 4.81
C ALA D 397 -46.35 38.64 4.57
N ASP D 398 -45.78 38.09 5.64
CA ASP D 398 -44.99 36.85 5.59
C ASP D 398 -45.93 35.66 5.81
N THR D 399 -46.19 34.90 4.74
CA THR D 399 -47.21 33.84 4.73
C THR D 399 -46.62 32.46 4.99
N THR D 400 -45.40 32.40 5.51
CA THR D 400 -44.71 31.14 5.76
C THR D 400 -44.98 30.68 7.19
N GLU D 401 -44.89 29.37 7.41
CA GLU D 401 -45.20 28.81 8.72
C GLU D 401 -44.15 29.21 9.76
N ASN D 402 -42.88 29.26 9.36
CA ASN D 402 -41.77 29.49 10.28
C ASN D 402 -41.16 30.89 10.19
N GLN D 403 -41.72 31.77 9.34
CA GLN D 403 -41.36 33.21 9.27
C GLN D 403 -40.07 33.46 8.49
N SER D 404 -40.01 32.93 7.26
CA SER D 404 -38.83 32.95 6.43
C SER D 404 -38.90 33.98 5.31
N GLY D 405 -40.04 34.61 5.09
CA GLY D 405 -40.04 35.61 4.05
C GLY D 405 -39.48 36.89 4.62
N VAL D 406 -40.27 37.93 4.46
CA VAL D 406 -39.87 39.31 4.69
C VAL D 406 -41.02 40.04 5.39
N SER D 407 -40.68 41.02 6.23
CA SER D 407 -41.65 41.82 6.96
C SER D 407 -41.93 43.15 6.26
N PHE D 408 -43.21 43.48 6.07
CA PHE D 408 -43.59 44.73 5.42
C PHE D 408 -43.09 45.93 6.22
N ASP D 409 -43.25 47.11 5.61
CA ASP D 409 -42.88 48.36 6.25
C ASP D 409 -43.88 48.71 7.34
N LYS D 410 -43.41 48.80 8.56
CA LYS D 410 -44.23 49.19 9.68
C LYS D 410 -43.85 50.57 10.21
N THR D 411 -43.51 51.49 9.31
CA THR D 411 -43.06 52.80 9.76
C THR D 411 -44.08 53.91 9.61
N SER D 412 -45.06 53.76 8.71
CA SER D 412 -46.07 54.79 8.51
C SER D 412 -47.16 54.68 9.56
N ALA D 413 -47.91 55.77 9.74
CA ALA D 413 -48.85 55.82 10.85
C ALA D 413 -50.19 55.18 10.52
N THR D 414 -50.56 55.09 9.24
CA THR D 414 -51.84 54.45 8.87
C THR D 414 -51.84 52.97 9.23
N TRP D 415 -50.71 52.31 9.05
CA TRP D 415 -50.61 50.92 9.47
C TRP D 415 -50.86 50.78 10.96
N LEU D 416 -50.28 51.69 11.78
CA LEU D 416 -50.52 51.64 13.22
C LEU D 416 -52.01 51.67 13.53
N ALA D 417 -52.72 52.58 12.87
CA ALA D 417 -54.16 52.69 13.10
C ALA D 417 -54.86 51.41 12.68
N LEU D 418 -54.78 51.10 11.39
CA LEU D 418 -55.37 49.92 10.80
C LEU D 418 -55.14 48.72 11.69
N SER D 419 -53.93 48.66 12.25
CA SER D 419 -53.53 47.55 13.11
C SER D 419 -54.39 47.52 14.37
N ARG D 420 -54.19 48.46 15.29
CA ARG D 420 -54.94 48.43 16.54
C ARG D 420 -56.43 48.30 16.28
N ILE D 421 -56.88 48.69 15.08
CA ILE D 421 -58.26 48.44 14.65
C ILE D 421 -58.53 46.94 14.56
N ALA D 422 -57.88 46.29 13.59
CA ALA D 422 -58.02 44.84 13.46
C ALA D 422 -57.73 44.16 14.79
N GLY D 423 -56.72 44.66 15.52
CA GLY D 423 -56.24 43.96 16.69
C GLY D 423 -57.17 44.03 17.89
N LEU D 424 -57.96 45.08 18.00
CA LEU D 424 -58.82 45.22 19.16
C LEU D 424 -60.24 44.75 18.94
N CYS D 425 -60.72 44.74 17.69
CA CYS D 425 -62.09 44.32 17.38
C CYS D 425 -62.07 42.88 16.89
N ASN D 426 -62.37 41.95 17.78
CA ASN D 426 -62.57 40.53 17.48
C ASN D 426 -63.04 39.85 18.77
N ARG D 427 -63.43 38.57 18.64
CA ARG D 427 -63.76 37.69 19.76
C ARG D 427 -62.74 36.59 19.98
N ALA D 428 -61.70 36.51 19.12
CA ALA D 428 -60.67 35.49 19.22
C ALA D 428 -59.67 35.82 20.33
N VAL D 429 -59.49 34.88 21.26
CA VAL D 429 -58.53 35.07 22.35
C VAL D 429 -57.64 33.84 22.46
N PHE D 430 -56.37 34.07 22.83
CA PHE D 430 -55.47 32.95 23.08
C PHE D 430 -55.95 32.14 24.27
N GLN D 431 -55.54 30.88 24.27
CA GLN D 431 -56.03 29.94 25.26
C GLN D 431 -54.93 29.61 26.26
N ALA D 432 -55.27 28.82 27.27
CA ALA D 432 -54.45 28.68 28.46
C ALA D 432 -53.11 28.01 28.15
N ASN D 433 -53.13 26.98 27.32
CA ASN D 433 -51.90 26.24 27.05
C ASN D 433 -51.22 26.70 25.77
N GLN D 434 -51.38 27.97 25.38
CA GLN D 434 -50.65 28.57 24.25
C GLN D 434 -49.59 29.52 24.81
N GLU D 435 -48.36 29.01 24.98
CA GLU D 435 -47.26 29.71 25.65
C GLU D 435 -45.89 29.42 25.01
N ASN D 436 -45.51 28.13 25.00
CA ASN D 436 -44.24 27.67 24.49
C ASN D 436 -44.25 27.34 23.00
N LEU D 437 -45.41 27.03 22.41
CA LEU D 437 -45.51 26.78 20.98
C LEU D 437 -45.27 28.07 20.18
N PRO D 438 -45.06 27.97 18.87
CA PRO D 438 -44.90 29.18 18.06
C PRO D 438 -46.20 29.95 17.87
N ILE D 439 -46.06 31.18 17.38
CA ILE D 439 -47.19 32.11 17.36
C ILE D 439 -48.17 31.72 16.25
N LEU D 440 -47.64 31.27 15.11
CA LEU D 440 -48.48 30.89 13.97
C LEU D 440 -49.22 29.57 14.22
N LYS D 441 -48.51 28.52 14.61
CA LYS D 441 -49.12 27.21 14.78
C LYS D 441 -49.85 26.99 16.11
N ARG D 442 -50.12 28.04 16.91
CA ARG D 442 -50.78 27.86 18.20
C ARG D 442 -52.29 28.03 18.07
N ALA D 443 -53.01 27.62 19.10
CA ALA D 443 -54.45 27.56 19.01
C ALA D 443 -55.09 28.88 19.43
N VAL D 444 -56.26 29.15 18.85
CA VAL D 444 -57.01 30.37 19.11
C VAL D 444 -58.49 30.07 19.14
N ALA D 445 -59.16 30.55 20.17
CA ALA D 445 -60.62 30.50 20.24
C ALA D 445 -61.18 31.67 19.46
N GLY D 446 -61.68 31.42 18.25
CA GLY D 446 -62.30 32.49 17.51
C GLY D 446 -62.67 32.04 16.12
N ASP D 447 -63.29 32.97 15.40
CA ASP D 447 -63.60 32.77 13.99
C ASP D 447 -62.32 32.55 13.19
N ALA D 448 -62.48 32.30 11.88
CA ALA D 448 -61.30 32.12 11.02
C ALA D 448 -60.72 33.47 10.59
N SER D 449 -61.59 34.42 10.22
CA SER D 449 -61.10 35.77 9.95
C SER D 449 -60.56 36.37 11.23
N GLU D 450 -61.21 36.10 12.36
CA GLU D 450 -60.75 36.61 13.64
C GLU D 450 -59.47 35.93 14.10
N SER D 451 -59.18 34.74 13.62
CA SER D 451 -57.96 34.07 14.06
C SER D 451 -56.75 34.52 13.25
N ALA D 452 -56.89 34.58 11.93
CA ALA D 452 -55.79 35.01 11.05
C ALA D 452 -55.25 36.38 11.43
N LEU D 453 -56.15 37.28 11.81
CA LEU D 453 -55.77 38.65 12.16
C LEU D 453 -55.01 38.66 13.47
N LEU D 454 -55.67 38.23 14.55
CA LEU D 454 -55.06 38.11 15.87
C LEU D 454 -53.65 37.61 15.74
N LYS D 455 -53.50 36.46 15.05
CA LYS D 455 -52.19 35.91 14.77
C LYS D 455 -51.31 36.95 14.08
N CYS D 456 -51.82 37.57 13.02
CA CYS D 456 -51.04 38.57 12.32
C CYS D 456 -50.67 39.72 13.22
N ILE D 457 -51.51 40.02 14.21
CA ILE D 457 -51.21 41.13 15.08
C ILE D 457 -50.15 40.74 16.09
N GLU D 458 -50.42 39.70 16.87
CA GLU D 458 -49.47 39.18 17.84
C GLU D 458 -48.11 38.90 17.19
N LEU D 459 -48.08 38.60 15.90
CA LEU D 459 -46.80 38.35 15.25
C LEU D 459 -46.12 39.67 14.85
N CYS D 460 -46.78 40.44 13.99
CA CYS D 460 -46.11 41.57 13.35
C CYS D 460 -45.75 42.64 14.36
N CYS D 461 -46.70 42.98 15.23
CA CYS D 461 -46.66 44.13 16.08
C CYS D 461 -46.89 43.64 17.49
N GLY D 462 -45.83 43.09 18.06
CA GLY D 462 -45.76 42.73 19.46
C GLY D 462 -46.97 41.95 19.98
N SER D 463 -47.03 41.83 21.29
CA SER D 463 -48.07 41.06 21.97
C SER D 463 -49.42 41.78 21.98
N VAL D 464 -50.49 40.99 21.84
CA VAL D 464 -51.85 41.48 21.97
C VAL D 464 -52.43 41.23 23.38
N LYS D 465 -51.68 40.55 24.26
CA LYS D 465 -52.07 40.41 25.67
C LYS D 465 -52.30 41.78 26.31
N GLU D 466 -51.22 42.49 26.68
CA GLU D 466 -51.35 43.81 27.30
C GLU D 466 -52.00 44.86 26.40
N MET D 467 -52.10 44.62 25.08
CA MET D 467 -52.76 45.58 24.18
C MET D 467 -54.27 45.51 24.25
N ARG D 468 -54.81 44.32 24.55
CA ARG D 468 -56.24 44.13 24.70
C ARG D 468 -56.63 44.69 26.07
N GLU D 469 -55.92 44.25 27.10
CA GLU D 469 -56.15 44.72 28.47
C GLU D 469 -55.82 46.20 28.63
N ARG D 470 -55.17 46.82 27.64
CA ARG D 470 -55.00 48.27 27.66
C ARG D 470 -56.36 48.97 27.56
N TYR D 471 -57.11 48.65 26.52
CA TYR D 471 -58.35 49.37 26.19
C TYR D 471 -59.55 48.71 26.86
N THR D 472 -60.33 49.50 27.59
CA THR D 472 -61.51 49.01 28.30
C THR D 472 -62.68 48.95 27.35
N LYS D 473 -63.04 47.75 26.91
CA LYS D 473 -64.20 47.58 26.07
C LYS D 473 -65.46 47.93 26.85
N ILE D 474 -66.22 48.88 26.33
CA ILE D 474 -67.44 49.30 27.01
C ILE D 474 -68.61 48.49 26.49
N VAL D 475 -69.04 48.75 25.26
CA VAL D 475 -70.13 47.99 24.65
C VAL D 475 -69.73 47.61 23.23
N GLU D 476 -69.98 46.35 22.89
CA GLU D 476 -69.64 45.80 21.58
C GLU D 476 -70.91 45.41 20.83
N ILE D 477 -70.82 45.41 19.50
CA ILE D 477 -71.86 44.90 18.64
C ILE D 477 -71.31 43.77 17.81
N PRO D 478 -71.62 42.52 18.16
CA PRO D 478 -71.15 41.38 17.36
C PRO D 478 -71.69 41.44 15.94
N PHE D 479 -71.18 40.52 15.14
CA PHE D 479 -71.51 40.47 13.73
C PHE D 479 -73.02 40.36 13.54
N ASN D 480 -73.55 41.28 12.77
CA ASN D 480 -74.96 41.25 12.42
C ASN D 480 -75.20 40.18 11.37
N SER D 481 -76.48 39.93 11.10
CA SER D 481 -76.82 38.93 10.11
C SER D 481 -77.02 39.59 8.76
N THR D 482 -77.86 40.61 8.72
CA THR D 482 -78.16 41.26 7.46
C THR D 482 -77.20 42.39 7.18
N ASN D 483 -75.98 42.23 7.61
CA ASN D 483 -75.03 43.31 7.50
C ASN D 483 -73.62 42.78 7.68
N LYS D 484 -73.47 41.88 8.65
CA LYS D 484 -72.17 41.36 9.10
C LYS D 484 -71.23 42.51 9.39
N TYR D 485 -71.36 43.10 10.58
CA TYR D 485 -70.44 44.11 11.05
C TYR D 485 -70.19 43.89 12.53
N GLN D 486 -68.96 44.16 12.95
CA GLN D 486 -68.53 44.00 14.33
C GLN D 486 -67.91 45.31 14.77
N LEU D 487 -68.52 45.98 15.74
CA LEU D 487 -67.99 47.25 16.17
C LEU D 487 -67.83 47.26 17.68
N SER D 488 -67.01 48.19 18.15
CA SER D 488 -66.75 48.28 19.57
C SER D 488 -66.16 49.64 19.89
N ILE D 489 -66.33 50.02 21.14
CA ILE D 489 -65.90 51.33 21.62
C ILE D 489 -64.99 51.11 22.83
N HIS D 490 -63.93 51.94 22.92
CA HIS D 490 -63.01 51.93 24.05
C HIS D 490 -62.73 53.36 24.48
N LYS D 491 -61.97 53.50 25.58
CA LYS D 491 -61.61 54.80 26.14
C LYS D 491 -60.42 55.40 25.39
N ASN D 492 -59.84 56.48 25.94
CA ASN D 492 -58.61 57.07 25.42
C ASN D 492 -57.50 56.95 26.45
N PRO D 493 -56.60 55.98 26.29
CA PRO D 493 -55.39 55.94 27.13
C PRO D 493 -54.35 57.01 26.80
N ASN D 494 -54.43 57.66 25.64
CA ASN D 494 -53.53 58.75 25.23
C ASN D 494 -53.90 60.05 25.96
N THR D 495 -52.93 60.97 26.05
CA THR D 495 -53.06 62.23 26.80
C THR D 495 -53.56 63.40 25.97
N ALA D 496 -53.67 63.25 24.65
CA ALA D 496 -54.20 64.32 23.82
C ALA D 496 -55.72 64.34 23.90
N GLU D 497 -56.39 64.07 22.79
CA GLU D 497 -57.84 64.08 22.70
C GLU D 497 -58.44 62.95 23.52
N PRO D 498 -59.00 63.23 24.69
CA PRO D 498 -59.52 62.16 25.56
C PRO D 498 -60.80 61.53 25.06
N ARG D 499 -61.23 61.81 23.83
CA ARG D 499 -62.48 61.29 23.30
C ARG D 499 -62.43 59.77 23.15
N HIS D 500 -63.61 59.15 23.24
CA HIS D 500 -63.72 57.71 23.08
C HIS D 500 -63.51 57.33 21.62
N LEU D 501 -63.14 56.07 21.40
CA LEU D 501 -62.85 55.54 20.07
C LEU D 501 -63.82 54.41 19.75
N LEU D 502 -64.43 54.47 18.57
CA LEU D 502 -65.26 53.39 18.06
C LEU D 502 -64.64 52.85 16.78
N VAL D 503 -64.72 51.54 16.64
CA VAL D 503 -64.16 50.86 15.49
C VAL D 503 -65.23 49.94 14.95
N MET D 504 -65.02 49.50 13.71
CA MET D 504 -65.93 48.57 13.09
C MET D 504 -65.28 47.98 11.85
N LYS D 505 -65.35 46.66 11.70
CA LYS D 505 -65.04 45.98 10.46
C LYS D 505 -66.33 45.41 9.87
N GLY D 506 -66.32 45.22 8.56
CA GLY D 506 -67.45 44.59 7.90
C GLY D 506 -67.09 44.36 6.46
N ALA D 507 -68.03 43.78 5.73
CA ALA D 507 -67.74 43.31 4.39
C ALA D 507 -67.21 44.47 3.55
N PRO D 508 -66.20 44.25 2.69
CA PRO D 508 -65.61 45.39 1.97
C PRO D 508 -66.62 46.09 1.13
N GLU D 509 -67.59 45.34 0.60
CA GLU D 509 -68.72 45.96 -0.06
C GLU D 509 -69.69 46.56 0.94
N ARG D 510 -69.89 45.92 2.09
CA ARG D 510 -70.91 46.44 3.02
C ARG D 510 -70.39 47.56 3.90
N ILE D 511 -69.09 47.88 3.81
CA ILE D 511 -68.53 49.03 4.53
C ILE D 511 -68.02 50.12 3.58
N LEU D 512 -67.95 49.86 2.28
CA LEU D 512 -67.58 50.89 1.30
C LEU D 512 -68.76 51.80 0.95
N ASP D 513 -69.99 51.40 1.27
CA ASP D 513 -71.17 52.15 0.83
C ASP D 513 -71.49 53.33 1.75
N ARG D 514 -71.37 53.12 3.08
CA ARG D 514 -71.70 54.11 4.09
C ARG D 514 -70.56 55.10 4.35
N CYS D 515 -69.42 54.93 3.71
CA CYS D 515 -68.21 55.68 4.02
C CYS D 515 -67.96 56.75 2.97
N SER D 516 -67.05 57.65 3.29
CA SER D 516 -66.74 58.77 2.41
C SER D 516 -65.36 59.36 2.71
N SER D 517 -65.06 59.61 3.98
CA SER D 517 -63.79 60.20 4.38
C SER D 517 -62.68 59.15 4.36
N ILE D 518 -61.42 59.59 4.18
CA ILE D 518 -60.26 58.70 3.98
C ILE D 518 -59.17 58.98 5.02
N LEU D 519 -58.03 58.25 4.91
CA LEU D 519 -56.91 58.33 5.87
C LEU D 519 -55.60 57.89 5.22
N ILE D 520 -54.58 58.75 5.23
CA ILE D 520 -53.30 58.49 4.55
C ILE D 520 -52.15 59.10 5.36
N HIS D 521 -51.08 58.32 5.55
CA HIS D 521 -49.89 58.73 6.32
C HIS D 521 -50.20 59.42 7.65
N GLY D 522 -51.46 59.74 7.90
CA GLY D 522 -51.91 60.42 9.10
C GLY D 522 -52.98 61.49 8.95
N LYS D 523 -53.49 61.72 7.73
CA LYS D 523 -54.48 62.79 7.52
C LYS D 523 -55.55 62.35 6.52
N GLU D 524 -56.75 62.91 6.67
CA GLU D 524 -57.94 62.55 5.91
C GLU D 524 -57.98 63.28 4.57
N GLN D 525 -58.92 62.86 3.69
CA GLN D 525 -59.20 63.41 2.36
C GLN D 525 -60.51 62.83 1.85
N PRO D 526 -61.03 63.29 0.70
CA PRO D 526 -62.18 62.61 0.09
C PRO D 526 -61.78 61.64 -1.02
N LEU D 527 -62.77 61.05 -1.68
CA LEU D 527 -62.53 60.08 -2.73
C LEU D 527 -62.52 60.78 -4.08
N ASP D 528 -61.62 60.33 -4.95
CA ASP D 528 -61.32 61.06 -6.16
C ASP D 528 -61.65 60.25 -7.40
N GLU D 529 -62.60 59.33 -7.29
CA GLU D 529 -63.01 58.48 -8.40
C GLU D 529 -61.87 57.89 -9.19
N GLU D 530 -60.97 58.71 -9.71
CA GLU D 530 -59.72 58.20 -10.23
C GLU D 530 -59.07 57.39 -9.13
N LEU D 531 -58.66 58.06 -8.06
CA LEU D 531 -58.04 57.34 -6.95
C LEU D 531 -59.02 56.36 -6.31
N LYS D 532 -60.33 56.67 -6.36
CA LYS D 532 -61.33 55.70 -5.93
C LYS D 532 -61.33 54.45 -6.80
N ASP D 533 -60.81 54.55 -8.03
CA ASP D 533 -60.66 53.40 -8.89
C ASP D 533 -59.34 52.65 -8.66
N ALA D 534 -58.38 53.23 -7.93
CA ALA D 534 -57.15 52.51 -7.61
C ALA D 534 -57.27 51.65 -6.36
N PHE D 535 -58.29 51.90 -5.53
CA PHE D 535 -58.64 51.06 -4.39
C PHE D 535 -59.68 50.02 -4.76
N GLN D 536 -60.68 50.38 -5.59
CA GLN D 536 -61.60 49.39 -6.13
C GLN D 536 -60.87 48.35 -6.97
N ASN D 537 -59.88 48.80 -7.76
CA ASN D 537 -59.02 47.81 -8.40
C ASN D 537 -58.15 47.09 -7.38
N ALA D 538 -57.74 47.77 -6.31
CA ALA D 538 -56.98 47.10 -5.27
C ALA D 538 -57.84 46.14 -4.46
N TYR D 539 -59.14 46.39 -4.36
CA TYR D 539 -60.05 45.42 -3.77
C TYR D 539 -60.40 44.33 -4.77
N LEU D 540 -60.64 44.69 -6.03
CA LEU D 540 -60.98 43.69 -7.04
C LEU D 540 -59.76 42.96 -7.58
N GLU D 541 -58.57 43.49 -7.32
CA GLU D 541 -57.38 42.70 -7.65
C GLU D 541 -56.95 41.86 -6.46
N LEU D 542 -57.06 42.41 -5.24
CA LEU D 542 -56.79 41.59 -4.05
C LEU D 542 -57.80 40.45 -3.93
N GLY D 543 -59.06 40.72 -4.28
CA GLY D 543 -60.06 39.66 -4.25
C GLY D 543 -59.94 38.70 -5.43
N GLY D 544 -59.67 39.23 -6.62
CA GLY D 544 -59.48 38.39 -7.79
C GLY D 544 -58.28 37.49 -7.71
N LEU D 545 -57.31 37.84 -6.88
CA LEU D 545 -56.25 36.92 -6.52
C LEU D 545 -56.74 35.79 -5.62
N GLY D 546 -58.03 35.74 -5.32
CA GLY D 546 -58.60 34.68 -4.53
C GLY D 546 -58.63 34.91 -3.03
N GLU D 547 -58.00 35.97 -2.55
CA GLU D 547 -58.00 36.31 -1.14
C GLU D 547 -59.35 36.86 -0.72
N ARG D 548 -59.65 36.72 0.57
CA ARG D 548 -60.85 37.30 1.15
C ARG D 548 -60.48 38.61 1.83
N VAL D 549 -61.01 39.71 1.30
CA VAL D 549 -60.69 41.05 1.78
C VAL D 549 -61.67 41.44 2.86
N LEU D 550 -61.19 42.19 3.85
CA LEU D 550 -62.01 42.71 4.95
C LEU D 550 -61.70 44.19 5.13
N GLY D 551 -62.74 45.00 5.32
CA GLY D 551 -62.59 46.44 5.40
C GLY D 551 -62.70 46.94 6.84
N PHE D 552 -61.68 47.69 7.26
CA PHE D 552 -61.55 48.16 8.63
C PHE D 552 -61.70 49.66 8.71
N CYS D 553 -62.61 50.12 9.58
CA CYS D 553 -62.94 51.54 9.72
C CYS D 553 -63.11 51.91 11.18
N HIS D 554 -62.77 53.18 11.50
CA HIS D 554 -62.87 53.73 12.84
C HIS D 554 -63.35 55.17 12.76
N LEU D 555 -63.82 55.68 13.90
CA LEU D 555 -64.32 57.05 13.99
C LEU D 555 -64.14 57.58 15.41
N PHE D 556 -63.87 58.88 15.52
CA PHE D 556 -63.87 59.56 16.80
C PHE D 556 -65.28 60.00 17.18
N LEU D 557 -65.46 60.33 18.45
CA LEU D 557 -66.78 60.74 18.90
C LEU D 557 -66.74 62.17 19.42
N PRO D 558 -67.86 62.93 19.29
CA PRO D 558 -67.89 64.28 19.88
C PRO D 558 -67.94 64.24 21.41
N ASP D 559 -66.77 64.20 22.07
CA ASP D 559 -66.69 64.02 23.53
C ASP D 559 -67.43 65.11 24.30
N GLU D 560 -67.89 66.15 23.63
CA GLU D 560 -68.78 67.11 24.24
C GLU D 560 -70.15 66.54 24.54
N GLN D 561 -70.48 65.36 24.01
CA GLN D 561 -71.81 64.77 24.15
C GLN D 561 -71.93 63.74 25.27
N PHE D 562 -70.86 62.99 25.58
CA PHE D 562 -70.88 62.05 26.69
C PHE D 562 -69.52 62.05 27.35
N PRO D 563 -69.46 62.05 28.69
CA PRO D 563 -68.16 62.12 29.39
C PRO D 563 -67.56 60.75 29.72
N GLU D 564 -66.44 60.72 30.43
CA GLU D 564 -65.75 59.49 30.81
C GLU D 564 -66.44 58.74 31.94
N GLY D 565 -67.76 58.55 31.79
CA GLY D 565 -68.60 57.89 32.76
C GLY D 565 -69.98 57.47 32.25
N PHE D 566 -70.45 58.02 31.13
CA PHE D 566 -71.76 57.70 30.58
C PHE D 566 -71.86 56.22 30.22
N GLN D 567 -72.30 55.41 31.18
CA GLN D 567 -72.54 53.97 30.97
C GLN D 567 -73.48 53.78 29.79
N PHE D 568 -72.91 53.63 28.59
CA PHE D 568 -73.69 53.47 27.38
C PHE D 568 -74.59 52.24 27.48
N ASP D 569 -75.52 52.13 26.53
CA ASP D 569 -76.57 51.12 26.59
C ASP D 569 -76.55 50.22 25.35
N THR D 570 -77.52 49.29 25.29
CA THR D 570 -77.58 48.37 24.15
C THR D 570 -78.96 48.31 23.50
N ASP D 571 -79.77 49.36 23.63
CA ASP D 571 -81.12 49.33 23.10
C ASP D 571 -81.30 50.18 21.86
N ASP D 572 -80.74 51.37 21.85
CA ASP D 572 -80.94 52.22 20.71
C ASP D 572 -79.61 52.78 20.25
N VAL D 573 -79.66 53.42 19.08
CA VAL D 573 -78.51 54.09 18.51
C VAL D 573 -78.01 55.17 19.49
N ASN D 574 -76.76 55.03 19.94
CA ASN D 574 -76.12 56.03 20.77
C ASN D 574 -74.98 56.80 20.07
N PHE D 575 -74.50 56.33 18.92
CA PHE D 575 -73.35 56.90 18.22
C PHE D 575 -73.64 57.05 16.73
N PRO D 576 -72.93 57.95 16.03
CA PRO D 576 -73.15 58.10 14.58
C PRO D 576 -72.48 56.97 13.81
N LEU D 577 -73.30 56.15 13.16
CA LEU D 577 -72.79 55.06 12.36
C LEU D 577 -72.33 55.49 10.99
N ASP D 578 -72.59 56.74 10.62
CA ASP D 578 -72.29 57.25 9.30
C ASP D 578 -71.18 58.29 9.41
N ASN D 579 -70.70 58.72 8.25
CA ASN D 579 -69.61 59.69 8.18
C ASN D 579 -68.37 59.16 8.90
N LEU D 580 -68.10 57.85 8.74
CA LEU D 580 -67.01 57.18 9.43
C LEU D 580 -65.67 57.46 8.74
N CYS D 581 -64.60 56.78 9.18
CA CYS D 581 -63.26 56.97 8.65
C CYS D 581 -62.62 55.60 8.39
N PHE D 582 -62.65 55.18 7.11
CA PHE D 582 -62.03 53.93 6.62
C PHE D 582 -60.51 54.07 6.62
N VAL D 583 -59.80 52.95 6.79
CA VAL D 583 -58.34 52.96 6.93
C VAL D 583 -57.65 52.17 5.83
N GLY D 584 -58.07 50.94 5.60
CA GLY D 584 -57.53 50.20 4.48
C GLY D 584 -57.99 48.77 4.54
N LEU D 585 -57.78 48.08 3.41
CA LEU D 585 -58.20 46.70 3.27
C LEU D 585 -57.21 45.74 3.92
N ILE D 586 -57.74 44.58 4.28
CA ILE D 586 -56.96 43.50 4.88
C ILE D 586 -57.47 42.20 4.28
N SER D 587 -56.64 41.51 3.51
CA SER D 587 -57.08 40.29 2.87
C SER D 587 -56.44 39.06 3.51
N MET D 588 -57.05 37.92 3.26
CA MET D 588 -56.65 36.69 3.92
C MET D 588 -57.16 35.49 3.13
N ILE D 589 -56.53 34.35 3.39
CA ILE D 589 -56.69 33.10 2.63
C ILE D 589 -55.75 32.08 3.26
N ASP D 590 -55.52 30.87 2.60
CA ASP D 590 -54.57 29.88 3.12
C ASP D 590 -53.32 29.81 2.26
N PRO D 591 -52.10 29.96 2.81
CA PRO D 591 -50.92 30.07 1.94
C PRO D 591 -50.21 28.75 1.80
N PRO D 592 -49.43 28.57 0.73
CA PRO D 592 -48.55 27.40 0.66
C PRO D 592 -47.53 27.44 1.79
N ARG D 593 -47.03 26.26 2.14
CA ARG D 593 -45.87 26.19 3.00
C ARG D 593 -44.68 26.78 2.26
N ALA D 594 -43.60 27.06 3.02
CA ALA D 594 -42.54 27.94 2.52
C ALA D 594 -41.67 27.26 1.45
N ALA D 595 -41.38 25.97 1.60
CA ALA D 595 -40.50 25.29 0.66
C ALA D 595 -41.26 24.75 -0.55
N VAL D 596 -42.59 24.80 -0.51
CA VAL D 596 -43.46 24.27 -1.55
C VAL D 596 -43.11 24.85 -2.92
N PRO D 597 -43.05 26.18 -3.10
CA PRO D 597 -42.82 26.71 -4.45
C PRO D 597 -41.45 26.34 -4.99
N ASP D 598 -40.39 26.70 -4.25
CA ASP D 598 -39.04 26.32 -4.62
C ASP D 598 -38.99 24.89 -5.14
N ALA D 599 -39.67 23.98 -4.46
CA ALA D 599 -39.69 22.58 -4.87
C ALA D 599 -40.37 22.42 -6.23
N VAL D 600 -41.65 22.82 -6.32
CA VAL D 600 -42.44 22.61 -7.54
C VAL D 600 -41.65 23.02 -8.77
N GLY D 601 -41.08 24.22 -8.72
CA GLY D 601 -40.16 24.62 -9.77
C GLY D 601 -39.11 23.56 -10.07
N LYS D 602 -38.41 23.08 -9.03
CA LYS D 602 -37.44 22.01 -9.22
C LYS D 602 -38.09 20.82 -9.90
N CYS D 603 -39.37 20.58 -9.62
CA CYS D 603 -40.04 19.37 -10.11
C CYS D 603 -40.35 19.46 -11.59
N ARG D 604 -40.88 20.61 -11.98
CA ARG D 604 -41.13 20.87 -13.39
C ARG D 604 -39.75 20.96 -14.04
N SER D 605 -38.72 21.30 -13.25
CA SER D 605 -37.37 21.38 -13.78
C SER D 605 -36.78 20.02 -14.10
N ALA D 606 -37.20 19.00 -13.37
CA ALA D 606 -36.76 17.68 -13.79
C ALA D 606 -37.62 17.11 -14.91
N GLY D 607 -38.34 17.97 -15.64
CA GLY D 607 -39.24 17.51 -16.66
C GLY D 607 -40.53 16.98 -16.11
N ILE D 608 -40.74 17.08 -14.81
CA ILE D 608 -41.90 16.44 -14.23
C ILE D 608 -43.15 17.18 -14.62
N LYS D 609 -44.10 16.45 -15.15
CA LYS D 609 -45.44 16.95 -15.37
C LYS D 609 -46.14 17.15 -14.03
N VAL D 610 -46.46 18.38 -13.69
CA VAL D 610 -47.08 18.69 -12.41
C VAL D 610 -48.56 18.91 -12.65
N ILE D 611 -49.38 18.02 -12.11
CA ILE D 611 -50.83 18.12 -12.22
C ILE D 611 -51.45 18.17 -10.83
N MET D 612 -52.36 19.11 -10.62
CA MET D 612 -53.00 19.28 -9.31
C MET D 612 -54.49 18.93 -9.30
N VAL D 613 -54.87 18.12 -8.31
CA VAL D 613 -56.26 17.72 -8.14
C VAL D 613 -56.76 18.13 -6.76
N THR D 614 -57.89 18.82 -6.70
CA THR D 614 -58.43 19.26 -5.43
C THR D 614 -59.96 19.29 -5.37
N GLY D 615 -60.50 19.23 -4.16
CA GLY D 615 -61.94 19.27 -3.94
C GLY D 615 -62.44 20.67 -3.73
N ASP D 616 -61.53 21.64 -3.78
CA ASP D 616 -61.84 23.06 -3.58
C ASP D 616 -62.52 23.72 -4.78
N HIS D 617 -62.86 25.00 -4.64
CA HIS D 617 -63.51 25.70 -5.73
C HIS D 617 -62.47 26.27 -6.66
N PRO D 618 -62.78 26.21 -7.97
CA PRO D 618 -61.75 26.44 -8.99
C PRO D 618 -61.00 27.74 -8.81
N ILE D 619 -61.60 28.73 -8.17
CA ILE D 619 -60.96 30.04 -8.04
C ILE D 619 -59.70 29.92 -7.19
N THR D 620 -59.84 29.46 -5.94
CA THR D 620 -58.61 29.20 -5.22
C THR D 620 -57.74 28.16 -5.91
N ALA D 621 -58.33 27.31 -6.77
CA ALA D 621 -57.56 26.30 -7.48
C ALA D 621 -56.55 26.91 -8.42
N LYS D 622 -57.04 27.54 -9.51
CA LYS D 622 -56.18 28.26 -10.44
C LYS D 622 -55.22 29.11 -9.64
N ALA D 623 -55.75 29.92 -8.72
CA ALA D 623 -54.94 30.96 -8.09
C ALA D 623 -53.73 30.37 -7.37
N ILE D 624 -53.96 29.38 -6.53
CA ILE D 624 -52.84 28.74 -5.87
C ILE D 624 -51.94 28.06 -6.89
N ALA D 625 -52.52 27.57 -7.99
CA ALA D 625 -51.72 26.84 -8.98
C ALA D 625 -50.62 27.71 -9.60
N LYS D 626 -50.99 28.91 -10.07
CA LYS D 626 -49.98 29.83 -10.60
C LYS D 626 -49.00 30.25 -9.51
N GLY D 627 -49.46 30.30 -8.25
CA GLY D 627 -48.62 30.75 -7.17
C GLY D 627 -47.48 29.82 -6.87
N VAL D 628 -47.67 28.51 -7.08
CA VAL D 628 -46.63 27.53 -6.79
C VAL D 628 -45.93 27.00 -8.04
N GLY D 629 -46.38 27.41 -9.23
CA GLY D 629 -45.73 27.03 -10.46
C GLY D 629 -46.35 25.87 -11.20
N ILE D 630 -47.49 25.34 -10.74
CA ILE D 630 -48.18 24.31 -11.54
C ILE D 630 -48.65 24.90 -12.84
N ILE D 631 -48.83 26.21 -12.88
CA ILE D 631 -49.11 26.94 -14.11
C ILE D 631 -48.10 28.07 -14.19
N SER D 632 -47.27 28.02 -15.23
CA SER D 632 -46.26 29.04 -15.36
C SER D 632 -46.91 30.37 -15.67
N GLU D 633 -46.37 31.41 -15.05
CA GLU D 633 -46.67 32.78 -15.43
C GLU D 633 -46.77 32.89 -16.94
N GLY D 634 -47.77 33.63 -17.40
CA GLY D 634 -47.83 33.99 -18.81
C GLY D 634 -48.58 32.95 -19.61
N ASN D 635 -48.40 31.69 -19.24
CA ASN D 635 -49.18 30.63 -19.85
C ASN D 635 -50.65 30.97 -19.68
N GLU D 636 -51.33 31.05 -20.81
CA GLU D 636 -52.70 31.52 -20.85
C GLU D 636 -53.64 30.34 -20.99
N THR D 637 -54.83 30.45 -20.41
CA THR D 637 -55.81 29.39 -20.37
C THR D 637 -56.79 29.49 -21.55
N VAL D 638 -57.71 28.53 -21.64
CA VAL D 638 -58.76 28.66 -22.64
C VAL D 638 -59.70 29.80 -22.29
N GLU D 639 -59.86 30.09 -21.00
CA GLU D 639 -60.69 31.21 -20.60
C GLU D 639 -59.90 32.52 -20.66
N ASP D 640 -58.63 32.50 -20.26
CA ASP D 640 -57.82 33.71 -20.35
C ASP D 640 -57.73 34.22 -21.79
N ILE D 641 -57.52 33.31 -22.76
CA ILE D 641 -57.41 33.74 -24.16
C ILE D 641 -58.79 34.19 -24.68
N ALA D 642 -59.88 33.71 -24.09
CA ALA D 642 -61.18 34.13 -24.62
C ALA D 642 -61.54 35.55 -24.17
N ALA D 643 -61.12 35.93 -22.96
CA ALA D 643 -61.50 37.21 -22.37
C ALA D 643 -60.56 38.34 -22.73
N ARG D 644 -59.24 38.06 -22.60
CA ARG D 644 -58.15 38.92 -23.08
C ARG D 644 -58.57 39.60 -24.40
N LEU D 645 -58.43 38.86 -25.49
CA LEU D 645 -58.88 39.33 -26.77
C LEU D 645 -60.40 39.54 -26.71
N ASN D 646 -61.09 38.88 -25.77
CA ASN D 646 -62.51 39.08 -25.70
C ASN D 646 -63.27 38.29 -26.70
N ILE D 647 -63.67 37.09 -26.34
CA ILE D 647 -63.96 36.20 -27.49
C ILE D 647 -64.73 35.00 -26.96
N PRO D 648 -65.72 34.51 -27.67
CA PRO D 648 -66.49 33.40 -27.17
C PRO D 648 -65.60 32.16 -27.06
N VAL D 649 -65.94 31.29 -26.12
CA VAL D 649 -64.97 30.27 -25.76
C VAL D 649 -65.03 29.05 -26.66
N SER D 650 -66.17 28.76 -27.27
CA SER D 650 -66.22 27.60 -28.13
C SER D 650 -65.39 27.85 -29.35
N GLN D 651 -65.01 29.09 -29.59
CA GLN D 651 -64.33 29.39 -30.82
C GLN D 651 -62.83 29.01 -30.72
N VAL D 652 -62.15 29.43 -29.63
CA VAL D 652 -60.71 29.23 -29.52
C VAL D 652 -60.35 27.78 -29.75
N ASN D 653 -59.30 27.58 -30.50
CA ASN D 653 -58.71 26.26 -30.60
C ASN D 653 -58.07 25.91 -29.27
N PRO D 654 -58.62 25.00 -28.48
CA PRO D 654 -58.06 24.73 -27.14
C PRO D 654 -56.63 24.28 -27.23
N ARG D 655 -56.17 23.92 -28.43
CA ARG D 655 -54.75 23.78 -28.67
C ARG D 655 -54.02 25.07 -28.33
N ASP D 656 -54.58 26.23 -28.74
CA ASP D 656 -53.98 27.56 -28.54
C ASP D 656 -53.76 27.93 -27.07
N ALA D 657 -54.10 27.03 -26.13
CA ALA D 657 -53.95 27.25 -24.70
C ALA D 657 -53.04 26.18 -24.10
N LYS D 658 -51.87 26.60 -23.61
CA LYS D 658 -50.96 25.65 -22.99
C LYS D 658 -51.53 25.08 -21.70
N ALA D 659 -52.37 25.81 -20.99
CA ALA D 659 -52.97 25.34 -19.76
C ALA D 659 -54.48 25.20 -19.93
N CYS D 660 -55.12 24.53 -18.95
CA CYS D 660 -56.57 24.32 -18.91
C CYS D 660 -57.02 23.99 -17.48
N VAL D 661 -58.01 24.74 -16.95
CA VAL D 661 -58.71 24.38 -15.71
C VAL D 661 -60.02 23.70 -16.04
N VAL D 662 -60.27 22.59 -15.36
CA VAL D 662 -61.35 21.65 -15.68
C VAL D 662 -62.23 21.54 -14.43
N HIS D 663 -63.53 21.88 -14.57
CA HIS D 663 -64.50 21.81 -13.47
C HIS D 663 -65.02 20.38 -13.25
N GLY D 664 -65.24 20.00 -11.98
CA GLY D 664 -65.64 18.63 -11.62
C GLY D 664 -67.09 18.30 -11.87
N SER D 665 -67.92 19.30 -12.12
CA SER D 665 -69.21 19.08 -12.75
C SER D 665 -69.04 18.58 -14.19
N ASP D 666 -68.12 19.22 -14.95
CA ASP D 666 -67.80 18.77 -16.31
C ASP D 666 -67.06 17.41 -16.31
N LEU D 667 -66.25 17.10 -15.26
CA LEU D 667 -65.36 15.92 -15.23
C LEU D 667 -66.12 14.62 -14.97
N LYS D 668 -67.29 14.71 -14.39
CA LYS D 668 -68.17 13.57 -14.27
C LYS D 668 -68.67 13.06 -15.62
N ASP D 669 -68.67 13.93 -16.64
CA ASP D 669 -69.24 13.67 -17.97
C ASP D 669 -68.18 13.18 -18.98
N MET D 670 -67.03 12.65 -18.54
CA MET D 670 -65.89 12.33 -19.45
C MET D 670 -65.81 10.82 -19.75
N THR D 671 -64.89 10.47 -20.67
CA THR D 671 -64.63 9.09 -21.10
C THR D 671 -63.14 8.78 -21.02
N SER D 672 -62.76 7.56 -21.40
CA SER D 672 -61.36 7.19 -21.44
C SER D 672 -60.62 8.05 -22.46
N GLU D 673 -61.01 7.93 -23.73
CA GLU D 673 -60.37 8.68 -24.81
C GLU D 673 -60.42 10.18 -24.59
N GLN D 674 -61.56 10.68 -24.07
CA GLN D 674 -61.66 12.10 -23.76
C GLN D 674 -60.62 12.49 -22.70
N LEU D 675 -60.57 11.73 -21.60
CA LEU D 675 -59.54 11.95 -20.60
C LEU D 675 -58.15 11.89 -21.21
N ASP D 676 -58.03 11.16 -22.32
CA ASP D 676 -56.72 10.85 -22.90
C ASP D 676 -56.16 11.99 -23.76
N ASP D 677 -56.99 12.91 -24.28
CA ASP D 677 -56.41 14.03 -25.02
C ASP D 677 -56.13 15.27 -24.16
N ILE D 678 -56.66 15.35 -22.92
CA ILE D 678 -56.37 16.47 -22.03
C ILE D 678 -54.93 16.41 -21.49
N LEU D 679 -54.50 15.22 -21.05
CA LEU D 679 -53.13 15.04 -20.57
C LEU D 679 -52.13 14.89 -21.70
N LYS D 680 -52.59 14.48 -22.88
CA LYS D 680 -51.75 14.52 -24.08
C LYS D 680 -51.49 15.96 -24.52
N TYR D 681 -52.55 16.78 -24.69
CA TYR D 681 -52.48 18.07 -25.38
C TYR D 681 -52.54 19.29 -24.44
N HIS D 682 -52.25 19.13 -23.15
CA HIS D 682 -52.17 20.27 -22.25
C HIS D 682 -51.08 20.08 -21.19
N THR D 683 -50.16 21.05 -21.13
CA THR D 683 -48.98 20.94 -20.27
C THR D 683 -49.37 21.02 -18.79
N GLU D 684 -49.92 22.15 -18.40
CA GLU D 684 -50.14 22.49 -17.01
C GLU D 684 -51.61 22.24 -16.70
N ILE D 685 -51.93 21.09 -16.13
CA ILE D 685 -53.32 20.73 -15.91
C ILE D 685 -53.65 20.87 -14.43
N VAL D 686 -54.95 21.07 -14.18
CA VAL D 686 -55.54 21.39 -12.88
C VAL D 686 -57.01 20.93 -12.85
N PHE D 687 -57.33 19.93 -12.01
CA PHE D 687 -58.69 19.38 -11.91
C PHE D 687 -59.34 19.72 -10.56
N ALA D 688 -60.44 20.49 -10.60
CA ALA D 688 -61.11 21.08 -9.42
C ALA D 688 -62.50 20.49 -9.16
N ARG D 689 -63.08 20.87 -7.99
CA ARG D 689 -64.42 20.40 -7.55
C ARG D 689 -64.62 18.92 -7.84
N THR D 690 -63.55 18.17 -7.61
CA THR D 690 -63.47 16.76 -7.92
C THR D 690 -63.69 15.93 -6.66
N SER D 691 -64.43 14.84 -6.81
CA SER D 691 -64.75 13.94 -5.72
C SER D 691 -63.78 12.76 -5.69
N PRO D 692 -63.62 12.17 -4.51
CA PRO D 692 -62.57 11.17 -4.29
C PRO D 692 -62.53 10.08 -5.33
N GLN D 693 -63.69 9.68 -5.85
CA GLN D 693 -63.76 8.59 -6.80
C GLN D 693 -63.24 9.01 -8.15
N GLN D 694 -63.80 10.11 -8.68
CA GLN D 694 -63.19 10.79 -9.82
C GLN D 694 -61.67 10.77 -9.69
N LYS D 695 -61.15 10.96 -8.47
CA LYS D 695 -59.71 10.98 -8.26
C LYS D 695 -59.08 9.62 -8.47
N LEU D 696 -59.84 8.55 -8.29
CA LEU D 696 -59.29 7.25 -8.66
C LEU D 696 -59.19 7.14 -10.17
N ILE D 697 -60.23 7.57 -10.88
CA ILE D 697 -60.23 7.40 -12.32
C ILE D 697 -59.12 8.22 -12.97
N ILE D 698 -58.68 9.28 -12.30
CA ILE D 698 -57.64 10.12 -12.90
C ILE D 698 -56.29 9.41 -12.87
N VAL D 699 -55.91 8.86 -11.72
CA VAL D 699 -54.65 8.15 -11.67
C VAL D 699 -54.69 6.95 -12.60
N GLU D 700 -55.89 6.41 -12.85
CA GLU D 700 -56.03 5.32 -13.80
C GLU D 700 -55.76 5.79 -15.23
N GLY D 701 -56.22 6.99 -15.59
CA GLY D 701 -55.85 7.56 -16.88
C GLY D 701 -54.35 7.70 -17.06
N CYS D 702 -53.68 8.35 -16.08
CA CYS D 702 -52.24 8.60 -16.20
C CYS D 702 -51.45 7.31 -16.34
N GLN D 703 -52.02 6.18 -15.92
CA GLN D 703 -51.42 4.88 -16.17
C GLN D 703 -51.92 4.25 -17.47
N ARG D 704 -53.03 4.73 -18.04
CA ARG D 704 -53.39 4.32 -19.41
C ARG D 704 -52.38 4.84 -20.41
N GLN D 705 -51.71 5.96 -20.10
CA GLN D 705 -50.54 6.40 -20.84
C GLN D 705 -49.33 5.48 -20.65
N GLY D 706 -49.38 4.55 -19.71
CA GLY D 706 -48.26 3.69 -19.41
C GLY D 706 -47.14 4.36 -18.65
N ALA D 707 -47.37 5.56 -18.12
CA ALA D 707 -46.36 6.28 -17.36
C ALA D 707 -46.40 5.83 -15.91
N ILE D 708 -45.51 6.44 -15.12
CA ILE D 708 -45.37 6.15 -13.70
C ILE D 708 -45.86 7.35 -12.91
N VAL D 709 -46.79 7.09 -11.99
CA VAL D 709 -47.55 8.14 -11.33
C VAL D 709 -47.31 8.08 -9.83
N ALA D 710 -46.97 9.22 -9.23
CA ALA D 710 -46.94 9.37 -7.78
C ALA D 710 -47.97 10.41 -7.37
N VAL D 711 -48.49 10.27 -6.17
CA VAL D 711 -49.50 11.19 -5.66
C VAL D 711 -49.18 11.49 -4.21
N THR D 712 -49.47 12.70 -3.79
CA THR D 712 -49.24 13.18 -2.44
C THR D 712 -50.51 13.81 -1.92
N GLY D 713 -50.72 13.74 -0.60
CA GLY D 713 -52.04 14.05 -0.09
C GLY D 713 -52.08 14.57 1.34
N ASP D 714 -53.29 14.93 1.79
CA ASP D 714 -53.54 15.49 3.11
C ASP D 714 -54.59 14.70 3.89
N GLY D 715 -55.87 14.70 3.48
CA GLY D 715 -56.91 14.06 4.30
C GLY D 715 -57.48 12.76 3.77
N VAL D 716 -58.80 12.72 3.58
CA VAL D 716 -59.45 11.45 3.29
C VAL D 716 -59.80 11.30 1.80
N ASN D 717 -60.17 12.38 1.11
CA ASN D 717 -60.61 12.29 -0.29
C ASN D 717 -59.55 11.58 -1.14
N ASP D 718 -58.40 11.32 -0.51
CA ASP D 718 -57.15 10.94 -1.17
C ASP D 718 -56.73 9.48 -0.96
N SER D 719 -57.28 8.77 0.02
CA SER D 719 -56.97 7.35 0.15
C SER D 719 -57.14 6.55 -1.14
N PRO D 720 -58.16 6.78 -1.99
CA PRO D 720 -58.30 5.90 -3.16
C PRO D 720 -57.23 6.08 -4.21
N ALA D 721 -56.62 7.26 -4.28
CA ALA D 721 -55.58 7.47 -5.27
C ALA D 721 -54.24 6.99 -4.74
N SER D 722 -53.96 7.22 -3.46
CA SER D 722 -52.63 6.92 -2.91
C SER D 722 -52.30 5.44 -3.03
N LYS D 723 -53.32 4.58 -2.99
CA LYS D 723 -53.11 3.15 -3.23
C LYS D 723 -52.84 2.89 -4.70
N LYS D 724 -53.80 3.30 -5.56
CA LYS D 724 -53.73 3.07 -7.00
C LYS D 724 -52.42 3.61 -7.59
N ALA D 725 -51.94 4.74 -7.09
CA ALA D 725 -50.59 5.16 -7.44
C ALA D 725 -49.62 4.04 -7.11
N ASP D 726 -48.66 3.87 -8.00
CA ASP D 726 -47.53 3.00 -7.79
C ASP D 726 -47.00 3.24 -6.36
N ILE D 727 -46.90 4.51 -5.95
CA ILE D 727 -46.56 4.88 -4.58
C ILE D 727 -47.43 6.03 -4.08
N GLY D 728 -47.77 6.02 -2.79
CA GLY D 728 -48.45 7.13 -2.14
C GLY D 728 -47.59 7.88 -1.15
N VAL D 729 -47.85 9.18 -1.01
CA VAL D 729 -47.10 10.04 -0.10
C VAL D 729 -48.07 10.97 0.63
N ALA D 730 -47.89 11.11 1.95
CA ALA D 730 -48.81 11.87 2.81
C ALA D 730 -48.05 12.81 3.75
N MET D 731 -48.80 13.39 4.70
CA MET D 731 -48.29 14.26 5.75
C MET D 731 -48.37 13.51 7.10
N GLY D 732 -47.37 13.71 7.97
CA GLY D 732 -47.32 12.92 9.19
C GLY D 732 -48.23 13.43 10.29
N ILE D 733 -48.56 14.71 10.27
CA ILE D 733 -49.32 15.38 11.31
C ILE D 733 -50.58 16.02 10.76
N ALA D 734 -50.47 16.74 9.63
CA ALA D 734 -51.62 17.41 9.04
C ALA D 734 -52.53 16.46 8.26
N GLY D 735 -52.42 15.16 8.46
CA GLY D 735 -53.30 14.28 7.73
C GLY D 735 -54.15 13.36 8.57
N SER D 736 -54.99 12.60 7.87
CA SER D 736 -55.83 11.60 8.49
C SER D 736 -55.07 10.28 8.53
N ASP D 737 -55.65 9.32 9.24
CA ASP D 737 -55.01 8.02 9.34
C ASP D 737 -55.35 7.12 8.17
N VAL D 738 -56.54 7.27 7.57
CA VAL D 738 -56.94 6.38 6.47
C VAL D 738 -55.91 6.47 5.35
N SER D 739 -55.73 7.66 4.80
CA SER D 739 -54.60 7.86 3.90
C SER D 739 -53.26 7.57 4.60
N LYS D 740 -53.15 7.85 5.91
CA LYS D 740 -51.89 7.58 6.62
C LYS D 740 -51.58 6.09 6.65
N GLN D 741 -52.63 5.26 6.63
CA GLN D 741 -52.42 3.83 6.46
C GLN D 741 -52.33 3.45 4.98
N ALA D 742 -52.98 4.24 4.11
CA ALA D 742 -53.06 3.95 2.68
C ALA D 742 -51.75 4.18 1.94
N ALA D 743 -50.91 5.09 2.42
CA ALA D 743 -49.77 5.51 1.63
C ALA D 743 -48.78 4.37 1.43
N ASP D 744 -47.88 4.58 0.48
CA ASP D 744 -46.65 3.83 0.50
C ASP D 744 -45.48 4.66 1.05
N MET D 745 -45.71 5.92 1.47
CA MET D 745 -44.68 6.73 2.15
C MET D 745 -45.29 7.85 3.02
N ILE D 746 -44.67 8.08 4.20
CA ILE D 746 -45.15 9.02 5.22
C ILE D 746 -44.13 10.12 5.47
N LEU D 747 -44.62 11.34 5.63
CA LEU D 747 -43.81 12.53 5.91
C LEU D 747 -44.05 12.99 7.33
N LEU D 748 -43.18 12.58 8.25
CA LEU D 748 -43.47 12.84 9.65
C LEU D 748 -43.38 14.34 9.98
N ASP D 749 -42.35 15.02 9.49
CA ASP D 749 -42.14 16.42 9.84
C ASP D 749 -42.93 17.40 8.98
N ASP D 750 -43.58 16.93 7.91
CA ASP D 750 -44.41 17.74 7.02
C ASP D 750 -43.62 18.81 6.25
N ASN D 751 -42.37 18.56 5.91
CA ASN D 751 -41.63 19.45 5.02
C ASN D 751 -41.76 18.96 3.58
N PHE D 752 -42.25 19.82 2.71
CA PHE D 752 -42.48 19.38 1.34
C PHE D 752 -41.16 19.24 0.59
N ALA D 753 -40.15 20.06 0.95
CA ALA D 753 -38.87 20.04 0.24
C ALA D 753 -38.28 18.63 0.22
N SER D 754 -38.68 17.77 1.15
CA SER D 754 -38.22 16.38 1.14
C SER D 754 -38.66 15.65 -0.11
N ILE D 755 -39.86 15.95 -0.62
CA ILE D 755 -40.31 15.32 -1.86
C ILE D 755 -39.20 15.37 -2.88
N VAL D 756 -38.46 16.48 -2.89
CA VAL D 756 -37.33 16.67 -3.80
C VAL D 756 -36.30 15.56 -3.63
N THR D 757 -35.72 15.47 -2.44
CA THR D 757 -34.73 14.44 -2.15
C THR D 757 -35.23 13.06 -2.59
N GLY D 758 -36.54 12.82 -2.47
CA GLY D 758 -37.09 11.50 -2.76
C GLY D 758 -36.89 11.06 -4.19
N VAL D 759 -37.19 11.93 -5.15
CA VAL D 759 -36.86 11.67 -6.55
C VAL D 759 -35.39 11.91 -6.80
N GLU D 760 -34.72 12.66 -5.92
CA GLU D 760 -33.28 12.80 -5.99
C GLU D 760 -32.61 11.48 -5.65
N GLU D 761 -32.85 10.99 -4.44
CA GLU D 761 -32.26 9.72 -4.01
C GLU D 761 -32.68 8.57 -4.92
N GLY D 762 -33.93 8.55 -5.37
CA GLY D 762 -34.44 7.38 -6.08
C GLY D 762 -33.79 7.25 -7.44
N ARG D 763 -33.54 8.38 -8.09
CA ARG D 763 -32.77 8.32 -9.32
C ARG D 763 -31.31 7.99 -9.03
N LEU D 764 -30.80 8.37 -7.85
CA LEU D 764 -29.42 8.07 -7.47
C LEU D 764 -29.24 6.58 -7.16
N ILE D 765 -29.92 6.08 -6.13
CA ILE D 765 -29.91 4.64 -5.81
C ILE D 765 -30.24 3.83 -7.05
N PHE D 766 -30.90 4.43 -8.04
CA PHE D 766 -31.09 3.75 -9.31
C PHE D 766 -29.76 3.42 -9.95
N ASP D 767 -28.86 4.41 -10.06
CA ASP D 767 -27.64 4.20 -10.85
C ASP D 767 -26.57 3.40 -10.08
N ASN D 768 -26.46 3.58 -8.76
CA ASN D 768 -25.49 2.81 -7.96
C ASN D 768 -25.74 1.33 -8.05
N LEU D 769 -27.01 0.96 -8.14
CA LEU D 769 -27.36 -0.45 -8.23
C LEU D 769 -26.72 -1.09 -9.48
N LYS D 770 -27.02 -0.56 -10.67
CA LYS D 770 -26.43 -0.95 -11.96
C LYS D 770 -24.96 -1.33 -11.80
N LYS D 771 -24.27 -0.48 -11.04
CA LYS D 771 -22.92 -0.72 -10.61
C LYS D 771 -22.86 -2.04 -9.85
N SER D 772 -23.33 -2.04 -8.60
CA SER D 772 -23.15 -3.19 -7.70
C SER D 772 -23.50 -4.49 -8.38
N ILE D 773 -24.40 -4.42 -9.36
CA ILE D 773 -24.84 -5.55 -10.18
C ILE D 773 -23.71 -6.03 -11.05
N ALA D 774 -23.40 -5.22 -12.08
CA ALA D 774 -22.24 -5.37 -12.91
C ALA D 774 -21.14 -6.01 -12.09
N TYR D 775 -20.89 -5.47 -10.90
CA TYR D 775 -19.83 -5.95 -10.04
C TYR D 775 -19.88 -7.46 -9.90
N THR D 776 -20.82 -7.95 -9.10
CA THR D 776 -20.91 -9.36 -8.82
C THR D 776 -21.21 -10.18 -10.07
N LEU D 777 -21.90 -9.57 -11.04
CA LEU D 777 -22.19 -10.29 -12.27
C LEU D 777 -20.89 -10.69 -12.96
N THR D 778 -19.85 -9.88 -12.82
CA THR D 778 -18.57 -10.25 -13.40
C THR D 778 -18.02 -11.51 -12.74
N SER D 779 -18.28 -11.68 -11.44
CA SER D 779 -17.73 -12.80 -10.70
C SER D 779 -18.12 -14.11 -11.35
N ASN D 780 -19.39 -14.25 -11.74
CA ASN D 780 -19.81 -15.55 -12.21
C ASN D 780 -19.22 -15.93 -13.59
N ILE D 781 -18.39 -15.14 -14.27
CA ILE D 781 -17.80 -15.74 -15.47
C ILE D 781 -16.54 -16.50 -15.11
N PRO D 782 -15.59 -15.88 -14.38
CA PRO D 782 -14.44 -16.65 -13.87
C PRO D 782 -14.83 -17.66 -12.84
N GLU D 783 -16.02 -17.53 -12.26
CA GLU D 783 -16.50 -18.58 -11.37
C GLU D 783 -16.73 -19.86 -12.15
N ILE D 784 -17.23 -19.73 -13.38
CA ILE D 784 -17.93 -20.79 -14.09
C ILE D 784 -17.08 -21.39 -15.20
N THR D 785 -16.56 -20.59 -16.02
CA THR D 785 -15.67 -21.03 -17.04
C THR D 785 -14.63 -22.04 -16.58
N PRO D 786 -14.20 -22.07 -15.31
CA PRO D 786 -13.39 -23.19 -14.83
C PRO D 786 -14.12 -24.51 -14.90
N PHE D 787 -15.28 -24.57 -14.25
CA PHE D 787 -16.20 -25.70 -14.41
C PHE D 787 -16.53 -25.87 -15.90
N LEU D 788 -16.42 -24.79 -16.73
CA LEU D 788 -16.75 -24.91 -18.15
C LEU D 788 -15.75 -25.79 -18.89
N ILE D 789 -14.46 -25.53 -18.73
CA ILE D 789 -13.50 -26.30 -19.53
C ILE D 789 -12.88 -27.46 -18.77
N PHE D 790 -13.11 -27.56 -17.46
CA PHE D 790 -12.88 -28.79 -16.72
C PHE D 790 -13.61 -29.96 -17.35
N ILE D 791 -14.69 -29.69 -18.07
CA ILE D 791 -15.37 -30.72 -18.85
C ILE D 791 -15.02 -30.65 -20.33
N ILE D 792 -14.52 -29.51 -20.83
CA ILE D 792 -14.19 -29.42 -22.25
C ILE D 792 -12.86 -30.09 -22.52
N ALA D 793 -11.85 -29.71 -21.75
CA ALA D 793 -10.46 -30.11 -22.00
C ALA D 793 -9.95 -31.20 -21.05
N ASN D 794 -10.84 -31.86 -20.32
CA ASN D 794 -10.51 -32.86 -19.28
C ASN D 794 -9.28 -32.44 -18.48
N ILE D 795 -9.27 -31.18 -18.09
CA ILE D 795 -8.18 -30.60 -17.31
C ILE D 795 -8.65 -30.58 -15.87
N PRO D 796 -7.74 -30.60 -14.90
CA PRO D 796 -8.17 -30.61 -13.49
C PRO D 796 -9.06 -29.41 -13.16
N LEU D 797 -9.90 -29.59 -12.14
CA LEU D 797 -10.80 -28.58 -11.57
C LEU D 797 -9.96 -27.39 -11.11
N PRO D 798 -10.01 -26.27 -11.85
CA PRO D 798 -9.13 -25.12 -11.50
C PRO D 798 -9.54 -24.44 -10.22
N LEU D 799 -10.81 -24.56 -9.89
CA LEU D 799 -11.45 -23.73 -8.89
C LEU D 799 -12.67 -24.48 -8.43
N GLY D 800 -12.81 -24.65 -7.12
CA GLY D 800 -13.87 -25.47 -6.56
C GLY D 800 -15.07 -24.62 -6.29
N THR D 801 -16.07 -25.23 -5.66
CA THR D 801 -17.24 -24.44 -5.37
C THR D 801 -17.15 -23.83 -3.97
N VAL D 802 -16.23 -24.35 -3.16
CA VAL D 802 -15.91 -23.75 -1.87
C VAL D 802 -15.58 -22.29 -2.14
N THR D 803 -14.61 -22.05 -3.02
CA THR D 803 -14.25 -20.68 -3.37
C THR D 803 -15.44 -19.92 -3.95
N ILE D 804 -16.24 -20.59 -4.82
CA ILE D 804 -17.38 -20.00 -5.56
C ILE D 804 -18.21 -19.24 -4.55
N LEU D 805 -18.28 -19.88 -3.40
CA LEU D 805 -18.93 -19.32 -2.22
C LEU D 805 -18.16 -18.12 -1.71
N CYS D 806 -16.85 -18.25 -1.52
CA CYS D 806 -16.09 -17.14 -0.99
C CYS D 806 -16.10 -15.95 -1.91
N ILE D 807 -16.82 -15.99 -3.03
CA ILE D 807 -16.80 -14.92 -3.99
C ILE D 807 -18.20 -14.34 -4.15
N ASP D 808 -19.11 -15.09 -4.73
CA ASP D 808 -20.46 -14.56 -4.75
C ASP D 808 -20.89 -14.10 -3.39
N LEU D 809 -20.29 -14.67 -2.33
CA LEU D 809 -20.73 -14.42 -0.98
C LEU D 809 -19.65 -14.13 0.05
N GLY D 810 -18.38 -14.00 -0.34
CA GLY D 810 -17.32 -13.74 0.60
C GLY D 810 -16.65 -12.38 0.47
N THR D 811 -15.60 -12.27 -0.36
CA THR D 811 -14.90 -10.99 -0.48
C THR D 811 -15.73 -9.98 -1.26
N ASP D 812 -16.51 -10.44 -2.24
CA ASP D 812 -17.32 -9.55 -3.06
C ASP D 812 -18.30 -8.73 -2.23
N MET D 813 -18.60 -9.16 -1.00
CA MET D 813 -19.72 -8.58 -0.28
C MET D 813 -19.45 -7.11 0.11
N VAL D 814 -18.34 -6.83 0.77
CA VAL D 814 -18.08 -5.48 1.29
C VAL D 814 -17.75 -4.49 0.16
N PRO D 815 -17.04 -4.88 -0.90
CA PRO D 815 -16.91 -3.99 -2.07
C PRO D 815 -18.19 -3.77 -2.86
N ALA D 816 -19.09 -4.76 -2.98
CA ALA D 816 -20.34 -4.54 -3.73
C ALA D 816 -21.32 -3.67 -2.95
N ILE D 817 -21.22 -3.66 -1.61
CA ILE D 817 -22.01 -2.74 -0.77
C ILE D 817 -21.36 -1.35 -0.77
N SER D 818 -20.02 -1.30 -0.86
CA SER D 818 -19.31 -0.03 -1.00
C SER D 818 -19.75 0.71 -2.25
N LEU D 819 -20.41 0.01 -3.18
CA LEU D 819 -20.99 0.63 -4.36
C LEU D 819 -22.26 1.41 -4.02
N ALA D 820 -22.92 1.05 -2.91
CA ALA D 820 -24.13 1.77 -2.52
C ALA D 820 -23.81 3.21 -2.15
N TYR D 821 -22.73 3.44 -1.39
CA TYR D 821 -22.29 4.77 -0.99
C TYR D 821 -21.74 5.60 -2.12
N GLU D 822 -21.92 5.22 -3.38
CA GLU D 822 -21.41 6.03 -4.48
C GLU D 822 -22.31 7.27 -4.69
N GLN D 823 -21.70 8.38 -5.18
CA GLN D 823 -22.36 9.69 -5.31
C GLN D 823 -22.65 10.04 -6.77
N ALA D 824 -22.98 11.32 -7.01
CA ALA D 824 -23.56 11.77 -8.27
C ALA D 824 -22.49 11.90 -9.34
N GLU D 825 -22.66 11.17 -10.44
CA GLU D 825 -21.72 11.29 -11.54
C GLU D 825 -21.81 12.66 -12.21
N SER D 826 -23.01 13.16 -12.44
CA SER D 826 -23.12 14.54 -12.91
C SER D 826 -24.07 15.27 -11.98
N ASP D 827 -25.07 15.94 -12.52
CA ASP D 827 -26.21 16.44 -11.74
C ASP D 827 -27.47 15.76 -12.28
N ILE D 828 -28.09 14.92 -11.45
CA ILE D 828 -29.18 14.06 -11.89
C ILE D 828 -30.50 14.83 -11.92
N MET D 829 -30.58 15.86 -11.10
CA MET D 829 -31.79 16.64 -10.92
C MET D 829 -31.94 17.42 -12.21
N LYS D 830 -30.96 17.19 -13.07
CA LYS D 830 -31.01 17.70 -14.43
C LYS D 830 -31.63 16.71 -15.41
N ARG D 831 -31.12 15.48 -15.51
CA ARG D 831 -31.57 14.63 -16.60
C ARG D 831 -33.06 14.32 -16.48
N GLN D 832 -33.70 14.11 -17.63
CA GLN D 832 -35.11 13.77 -17.67
C GLN D 832 -35.36 12.44 -16.95
N PRO D 833 -36.62 12.16 -16.57
CA PRO D 833 -36.90 10.88 -15.90
C PRO D 833 -36.70 9.72 -16.85
N ARG D 834 -36.31 8.59 -16.27
CA ARG D 834 -36.05 7.39 -17.07
C ARG D 834 -37.28 6.99 -17.87
N ASN D 835 -37.06 6.56 -19.12
CA ASN D 835 -38.11 5.96 -19.95
C ASN D 835 -38.24 4.49 -19.59
N PRO D 836 -39.41 4.04 -19.16
CA PRO D 836 -39.55 2.63 -18.75
C PRO D 836 -39.30 1.63 -19.87
N LYS D 837 -39.80 1.91 -21.07
CA LYS D 837 -39.46 1.03 -22.19
C LYS D 837 -37.98 1.05 -22.47
N THR D 838 -37.35 2.22 -22.37
CA THR D 838 -35.96 2.35 -22.81
C THR D 838 -35.01 2.07 -21.66
N ASP D 839 -34.81 3.04 -20.76
CA ASP D 839 -33.80 2.89 -19.70
C ASP D 839 -34.17 1.68 -18.83
N LYS D 840 -33.35 0.63 -18.92
CA LYS D 840 -33.46 -0.54 -18.06
C LYS D 840 -32.30 -0.57 -17.07
N LEU D 841 -32.65 -0.77 -15.78
CA LEU D 841 -31.63 -0.97 -14.76
C LEU D 841 -30.58 -1.94 -15.26
N VAL D 842 -31.01 -3.01 -15.89
CA VAL D 842 -30.10 -3.89 -16.60
C VAL D 842 -30.66 -4.13 -18.00
N ASN D 843 -29.80 -3.97 -18.98
CA ASN D 843 -30.17 -4.08 -20.37
C ASN D 843 -29.07 -4.89 -21.04
N GLU D 844 -29.22 -5.09 -22.34
CA GLU D 844 -28.37 -6.04 -23.03
C GLU D 844 -26.90 -5.61 -23.10
N GLN D 845 -26.60 -4.41 -22.60
CA GLN D 845 -25.26 -3.84 -22.63
C GLN D 845 -24.43 -4.30 -21.42
N LEU D 846 -24.95 -4.07 -20.19
CA LEU D 846 -24.29 -4.56 -18.98
C LEU D 846 -23.87 -6.00 -19.16
N ILE D 847 -24.56 -6.68 -20.05
CA ILE D 847 -24.28 -8.07 -20.32
C ILE D 847 -23.19 -8.19 -21.33
N SER D 848 -23.30 -7.43 -22.39
CA SER D 848 -22.17 -7.35 -23.28
C SER D 848 -20.95 -6.79 -22.57
N MET D 849 -21.12 -6.35 -21.31
CA MET D 849 -20.04 -5.79 -20.48
C MET D 849 -19.58 -6.72 -19.36
N ALA D 850 -20.49 -7.10 -18.46
CA ALA D 850 -20.07 -7.83 -17.26
C ALA D 850 -19.62 -9.26 -17.60
N TYR D 851 -20.26 -9.90 -18.58
CA TYR D 851 -19.94 -11.28 -18.93
C TYR D 851 -19.11 -11.41 -20.19
N GLY D 852 -19.12 -10.40 -21.06
CA GLY D 852 -18.43 -10.52 -22.33
C GLY D 852 -16.98 -10.09 -22.30
N GLN D 853 -16.70 -9.03 -21.54
CA GLN D 853 -15.40 -8.38 -21.60
C GLN D 853 -14.62 -8.55 -20.30
N ILE D 854 -14.96 -7.81 -19.25
CA ILE D 854 -14.16 -7.81 -18.03
C ILE D 854 -13.98 -9.24 -17.54
N GLY D 855 -15.09 -9.92 -17.29
CA GLY D 855 -15.03 -11.26 -16.73
C GLY D 855 -14.29 -12.23 -17.61
N MET D 856 -14.16 -11.90 -18.90
CA MET D 856 -13.33 -12.74 -19.75
C MET D 856 -11.87 -12.60 -19.37
N ILE D 857 -11.41 -11.39 -19.12
CA ILE D 857 -10.02 -11.20 -18.72
C ILE D 857 -9.76 -11.66 -17.30
N GLN D 858 -10.79 -11.60 -16.44
CA GLN D 858 -10.66 -12.05 -15.05
C GLN D 858 -10.41 -13.54 -14.99
N ALA D 859 -11.21 -14.32 -15.72
CA ALA D 859 -11.03 -15.77 -15.76
C ALA D 859 -9.73 -16.12 -16.44
N LEU D 860 -9.41 -15.41 -17.53
CA LEU D 860 -8.06 -15.49 -18.04
C LEU D 860 -7.06 -15.21 -16.94
N GLY D 861 -7.32 -14.19 -16.12
CA GLY D 861 -6.50 -13.98 -14.93
C GLY D 861 -6.58 -15.12 -13.93
N GLY D 862 -7.79 -15.65 -13.72
CA GLY D 862 -7.95 -16.89 -12.95
C GLY D 862 -7.20 -18.06 -13.55
N PHE D 863 -7.20 -18.16 -14.90
CA PHE D 863 -6.53 -19.28 -15.57
C PHE D 863 -5.02 -19.10 -15.67
N PHE D 864 -4.52 -17.86 -15.74
CA PHE D 864 -3.07 -17.68 -15.80
C PHE D 864 -2.43 -18.16 -14.51
N THR D 865 -2.94 -17.70 -13.37
CA THR D 865 -2.39 -18.12 -12.08
C THR D 865 -2.41 -19.65 -11.92
N TYR D 866 -3.31 -20.33 -12.66
CA TYR D 866 -3.49 -21.78 -12.52
C TYR D 866 -2.35 -22.57 -13.20
N PHE D 867 -2.14 -22.39 -14.50
CA PHE D 867 -1.01 -23.01 -15.20
C PHE D 867 0.31 -22.74 -14.49
N VAL D 868 0.46 -21.52 -13.97
CA VAL D 868 1.66 -21.07 -13.26
C VAL D 868 2.06 -22.09 -12.18
N ILE D 869 1.31 -22.11 -11.07
CA ILE D 869 1.60 -23.05 -9.98
C ILE D 869 1.79 -24.46 -10.51
N LEU D 870 0.96 -24.88 -11.48
CA LEU D 870 0.97 -26.27 -11.93
C LEU D 870 2.23 -26.61 -12.71
N ALA D 871 2.57 -25.80 -13.72
CA ALA D 871 3.83 -26.00 -14.42
C ALA D 871 4.97 -26.06 -13.44
N GLU D 872 5.00 -25.10 -12.51
CA GLU D 872 6.17 -24.89 -11.66
C GLU D 872 6.50 -26.14 -10.86
N ASN D 873 5.48 -26.77 -10.29
CA ASN D 873 5.71 -27.97 -9.50
C ASN D 873 6.08 -29.16 -10.37
N GLY D 874 6.26 -28.95 -11.67
CA GLY D 874 6.74 -29.96 -12.58
C GLY D 874 5.74 -30.36 -13.64
N PHE D 875 4.49 -29.97 -13.48
CA PHE D 875 3.43 -30.43 -14.37
C PHE D 875 3.18 -29.37 -15.42
N LEU D 876 3.79 -29.57 -16.57
CA LEU D 876 3.73 -28.60 -17.63
C LEU D 876 2.29 -28.47 -18.13
N PRO D 877 1.89 -27.25 -18.53
CA PRO D 877 0.52 -27.03 -19.02
C PRO D 877 0.11 -27.85 -20.23
N ILE D 878 0.95 -27.96 -21.27
CA ILE D 878 0.63 -28.82 -22.42
C ILE D 878 0.44 -30.27 -22.01
N HIS D 879 0.92 -30.64 -20.83
CA HIS D 879 0.75 -31.96 -20.28
C HIS D 879 -0.52 -32.08 -19.45
N LEU D 880 -1.50 -31.13 -19.58
CA LEU D 880 -2.62 -31.00 -18.63
C LEU D 880 -4.04 -31.26 -19.18
N LEU D 881 -4.23 -31.48 -20.48
CA LEU D 881 -5.53 -31.88 -21.02
C LEU D 881 -5.76 -33.38 -20.86
N GLY D 882 -7.01 -33.78 -20.58
CA GLY D 882 -7.33 -35.19 -20.53
C GLY D 882 -7.09 -35.89 -19.20
N LEU D 883 -6.30 -35.29 -18.31
CA LEU D 883 -5.79 -36.01 -17.16
C LEU D 883 -6.84 -36.28 -16.12
N ARG D 884 -7.92 -35.49 -16.12
CA ARG D 884 -8.88 -35.52 -15.01
C ARG D 884 -9.29 -36.95 -14.68
N VAL D 885 -9.43 -37.79 -15.72
CA VAL D 885 -9.82 -39.18 -15.52
C VAL D 885 -8.93 -39.85 -14.49
N ASN D 886 -7.62 -39.61 -14.60
CA ASN D 886 -6.59 -40.11 -13.70
C ASN D 886 -6.44 -39.28 -12.43
N TRP D 887 -6.54 -37.96 -12.54
CA TRP D 887 -6.30 -37.10 -11.39
C TRP D 887 -7.33 -37.33 -10.30
N ASP D 888 -8.61 -37.32 -10.67
CA ASP D 888 -9.67 -37.46 -9.68
C ASP D 888 -9.87 -38.90 -9.21
N ASP D 889 -9.22 -39.89 -9.84
CA ASP D 889 -9.32 -41.26 -9.36
C ASP D 889 -8.54 -41.37 -8.06
N ARG D 890 -9.28 -41.59 -6.96
CA ARG D 890 -8.67 -41.63 -5.64
C ARG D 890 -7.54 -42.65 -5.57
N TRP D 891 -7.47 -43.56 -6.54
CA TRP D 891 -6.75 -44.81 -6.36
C TRP D 891 -5.55 -44.99 -7.31
N ILE D 892 -5.23 -44.03 -8.16
CA ILE D 892 -4.03 -44.14 -9.00
C ILE D 892 -2.98 -43.22 -8.39
N ASN D 893 -2.05 -43.78 -7.62
CA ASN D 893 -1.04 -43.01 -6.89
C ASN D 893 0.31 -42.94 -7.61
N ASP D 894 0.47 -43.60 -8.76
CA ASP D 894 1.65 -43.44 -9.62
C ASP D 894 1.17 -42.81 -10.93
N VAL D 895 1.20 -41.48 -10.95
CA VAL D 895 0.86 -40.71 -12.13
C VAL D 895 2.08 -39.88 -12.49
N GLU D 896 2.42 -39.85 -13.76
CA GLU D 896 3.66 -39.29 -14.26
C GLU D 896 3.49 -37.86 -14.78
N ASP D 897 4.44 -36.95 -14.44
CA ASP D 897 4.42 -35.55 -14.88
C ASP D 897 5.19 -35.38 -16.20
N SER D 898 5.67 -34.18 -16.49
CA SER D 898 6.51 -33.95 -17.66
C SER D 898 8.00 -34.12 -17.36
N TYR D 899 8.35 -34.33 -16.08
CA TYR D 899 9.71 -34.56 -15.62
C TYR D 899 10.00 -36.00 -15.25
N GLY D 900 8.98 -36.86 -15.18
CA GLY D 900 9.16 -38.28 -14.94
C GLY D 900 8.79 -38.80 -13.57
N GLN D 901 8.48 -37.95 -12.60
CA GLN D 901 8.30 -38.41 -11.23
C GLN D 901 6.92 -39.06 -11.05
N GLN D 902 6.61 -39.48 -9.80
CA GLN D 902 5.36 -40.16 -9.49
C GLN D 902 4.69 -39.50 -8.27
N TRP D 903 3.44 -39.07 -8.40
CA TRP D 903 2.68 -38.44 -7.32
C TRP D 903 1.45 -39.26 -6.95
N THR D 904 1.13 -39.28 -5.65
CA THR D 904 0.01 -40.07 -5.14
C THR D 904 -1.35 -39.44 -5.40
N TYR D 905 -2.35 -39.71 -4.56
CA TYR D 905 -3.65 -39.03 -4.72
C TYR D 905 -3.71 -37.74 -3.90
N GLU D 906 -3.51 -37.82 -2.57
CA GLU D 906 -3.63 -36.64 -1.69
C GLU D 906 -2.56 -35.59 -1.99
N GLN D 907 -1.40 -35.95 -2.57
CA GLN D 907 -0.46 -34.92 -2.99
C GLN D 907 -1.08 -34.00 -4.05
N ARG D 908 -1.45 -34.58 -5.20
CA ARG D 908 -2.00 -33.79 -6.29
C ARG D 908 -3.28 -33.05 -5.90
N LYS D 909 -4.13 -33.63 -5.04
CA LYS D 909 -5.33 -32.93 -4.60
C LYS D 909 -4.99 -31.77 -3.66
N ILE D 910 -4.00 -31.97 -2.78
CA ILE D 910 -3.44 -30.88 -1.99
C ILE D 910 -2.96 -29.76 -2.91
N VAL D 911 -2.60 -30.08 -4.14
CA VAL D 911 -2.22 -29.06 -5.12
C VAL D 911 -3.44 -28.40 -5.76
N GLU D 912 -4.52 -29.13 -5.97
CA GLU D 912 -5.71 -28.58 -6.61
C GLU D 912 -6.46 -27.58 -5.74
N PHE D 913 -6.49 -27.78 -4.42
CA PHE D 913 -7.09 -26.80 -3.52
C PHE D 913 -6.18 -25.59 -3.33
N THR D 914 -4.84 -25.77 -3.31
CA THR D 914 -3.93 -24.63 -3.41
C THR D 914 -3.76 -24.19 -4.86
N CYS D 915 -4.63 -24.76 -5.70
CA CYS D 915 -5.07 -24.17 -6.95
C CYS D 915 -6.45 -23.56 -6.86
N HIS D 916 -7.15 -23.82 -5.77
CA HIS D 916 -8.43 -23.16 -5.54
C HIS D 916 -8.24 -21.88 -4.78
N THR D 917 -7.55 -21.99 -3.64
CA THR D 917 -7.17 -20.86 -2.80
C THR D 917 -6.70 -19.63 -3.57
N PRO D 918 -5.85 -19.75 -4.60
CA PRO D 918 -5.30 -18.54 -5.23
C PRO D 918 -6.11 -18.05 -6.41
N PHE D 919 -6.75 -19.00 -7.10
CA PHE D 919 -7.64 -18.64 -8.19
C PHE D 919 -8.43 -17.63 -7.40
N PHE D 920 -8.95 -18.09 -6.26
CA PHE D 920 -9.60 -17.19 -5.34
C PHE D 920 -8.85 -15.86 -5.17
N VAL D 921 -7.57 -15.89 -4.75
CA VAL D 921 -6.82 -14.64 -4.62
C VAL D 921 -6.75 -13.94 -5.95
N THR D 922 -6.52 -14.69 -7.03
CA THR D 922 -6.50 -14.07 -8.34
C THR D 922 -7.83 -13.40 -8.65
N ILE D 923 -8.93 -13.98 -8.18
CA ILE D 923 -10.23 -13.38 -8.47
C ILE D 923 -10.39 -12.08 -7.68
N VAL D 924 -10.09 -12.10 -6.39
CA VAL D 924 -10.12 -10.86 -5.62
C VAL D 924 -9.27 -9.79 -6.29
N VAL D 925 -8.12 -10.21 -6.84
CA VAL D 925 -7.21 -9.26 -7.50
C VAL D 925 -7.90 -8.64 -8.71
N VAL D 926 -8.42 -9.47 -9.61
CA VAL D 926 -9.25 -8.96 -10.69
C VAL D 926 -10.50 -8.26 -10.14
N GLN D 927 -10.83 -8.43 -8.86
CA GLN D 927 -11.99 -7.78 -8.23
C GLN D 927 -11.62 -6.46 -7.56
N TRP D 928 -10.34 -6.10 -7.56
CA TRP D 928 -9.93 -4.73 -7.26
C TRP D 928 -10.30 -3.80 -8.40
N ALA D 929 -9.56 -3.94 -9.50
CA ALA D 929 -9.73 -3.09 -10.66
C ALA D 929 -11.16 -3.12 -11.18
N ASP D 930 -11.82 -4.28 -11.17
CA ASP D 930 -13.24 -4.29 -11.50
C ASP D 930 -14.03 -3.44 -10.51
N LEU D 931 -13.75 -3.54 -9.21
CA LEU D 931 -14.48 -2.72 -8.23
C LEU D 931 -14.21 -1.22 -8.40
N VAL D 932 -13.13 -0.86 -9.09
CA VAL D 932 -12.76 0.54 -9.30
C VAL D 932 -13.29 1.05 -10.62
N ILE D 933 -13.22 0.23 -11.67
CA ILE D 933 -13.67 0.63 -13.00
C ILE D 933 -15.18 0.80 -13.01
N CYS D 934 -15.89 -0.02 -12.23
CA CYS D 934 -17.34 0.10 -12.20
C CYS D 934 -17.80 1.22 -11.26
N LYS D 935 -16.97 1.64 -10.28
CA LYS D 935 -17.24 2.80 -9.41
C LYS D 935 -17.83 3.96 -10.17
N THR D 936 -17.64 4.03 -11.47
CA THR D 936 -18.25 5.05 -12.29
C THR D 936 -18.83 4.38 -13.53
N ARG D 937 -20.08 4.73 -13.84
CA ARG D 937 -20.69 4.35 -15.11
C ARG D 937 -20.08 5.14 -16.25
N ARG D 938 -19.99 6.48 -16.11
CA ARG D 938 -19.52 7.38 -17.16
C ARG D 938 -18.26 8.14 -16.79
N ASN D 939 -18.13 8.54 -15.53
CA ASN D 939 -17.07 9.48 -15.19
C ASN D 939 -15.74 8.75 -15.07
N SER D 940 -14.67 9.39 -15.54
CA SER D 940 -13.35 8.89 -15.22
C SER D 940 -13.16 8.99 -13.72
N VAL D 941 -12.67 7.90 -13.14
CA VAL D 941 -12.52 7.86 -11.70
C VAL D 941 -11.68 9.03 -11.22
N PHE D 942 -10.63 9.38 -11.94
CA PHE D 942 -9.80 10.50 -11.52
C PHE D 942 -10.66 11.77 -11.33
N GLN D 943 -11.45 12.15 -12.34
CA GLN D 943 -12.62 13.00 -12.10
C GLN D 943 -13.26 12.61 -10.78
N GLN D 944 -13.95 11.45 -10.74
CA GLN D 944 -14.72 11.08 -9.55
C GLN D 944 -13.83 10.76 -8.33
N GLY D 945 -12.59 10.32 -8.52
CA GLY D 945 -11.81 10.13 -7.30
C GLY D 945 -12.33 9.00 -6.42
N MET D 946 -11.71 8.93 -5.25
CA MET D 946 -11.95 7.84 -4.31
C MET D 946 -12.31 8.34 -2.93
N LYS D 947 -13.05 9.46 -2.87
CA LYS D 947 -13.51 9.95 -1.60
C LYS D 947 -14.28 8.87 -0.87
N ASN D 948 -14.86 7.95 -1.63
CA ASN D 948 -15.53 6.80 -1.02
C ASN D 948 -14.65 6.11 0.00
N LYS D 949 -14.60 6.64 1.21
CA LYS D 949 -13.79 6.00 2.24
C LYS D 949 -14.26 4.58 2.49
N ILE D 950 -15.54 4.32 2.28
CA ILE D 950 -16.07 2.98 2.52
C ILE D 950 -15.51 2.00 1.50
N LEU D 951 -15.44 2.40 0.24
CA LEU D 951 -14.84 1.55 -0.78
C LEU D 951 -13.43 1.14 -0.37
N ILE D 952 -12.76 2.00 0.40
CA ILE D 952 -11.37 1.78 0.78
C ILE D 952 -11.24 0.59 1.70
N PHE D 953 -11.79 0.78 2.88
CA PHE D 953 -11.88 -0.30 3.83
C PHE D 953 -12.38 -1.55 3.16
N GLY D 954 -13.29 -1.42 2.20
CA GLY D 954 -13.75 -2.56 1.42
C GLY D 954 -12.62 -3.29 0.70
N LEU D 955 -11.66 -2.54 0.16
CA LEU D 955 -10.49 -3.21 -0.41
C LEU D 955 -9.54 -3.67 0.67
N PHE D 956 -9.41 -2.90 1.76
CA PHE D 956 -8.47 -3.26 2.82
C PHE D 956 -8.88 -4.51 3.55
N GLU D 957 -10.19 -4.74 3.67
CA GLU D 957 -10.65 -5.93 4.34
C GLU D 957 -10.71 -7.13 3.41
N GLU D 958 -11.34 -6.98 2.24
CA GLU D 958 -11.43 -8.08 1.28
C GLU D 958 -10.07 -8.71 1.07
N THR D 959 -9.03 -7.88 1.10
CA THR D 959 -7.66 -8.38 1.09
C THR D 959 -7.30 -9.03 2.43
N ALA D 960 -7.41 -8.26 3.52
CA ALA D 960 -7.12 -8.81 4.84
C ALA D 960 -7.83 -10.14 5.05
N LEU D 961 -9.06 -10.26 4.56
CA LEU D 961 -9.84 -11.51 4.57
C LEU D 961 -9.19 -12.67 3.83
N ALA D 962 -9.17 -12.59 2.50
CA ALA D 962 -8.58 -13.55 1.58
C ALA D 962 -7.32 -14.15 2.18
N ALA D 963 -6.62 -13.29 2.90
CA ALA D 963 -5.37 -13.65 3.55
C ALA D 963 -5.62 -14.36 4.88
N PHE D 964 -6.62 -13.94 5.65
CA PHE D 964 -7.00 -14.78 6.76
C PHE D 964 -7.42 -16.14 6.26
N LEU D 965 -7.69 -16.27 4.96
CA LEU D 965 -8.12 -17.57 4.43
C LEU D 965 -6.93 -18.47 4.11
N SER D 966 -5.82 -17.90 3.64
CA SER D 966 -4.71 -18.70 3.13
C SER D 966 -3.67 -19.03 4.18
N TYR D 967 -3.49 -18.19 5.22
CA TYR D 967 -2.35 -18.29 6.12
C TYR D 967 -2.70 -18.55 7.60
N CYS D 968 -3.92 -19.22 7.96
CA CYS D 968 -4.37 -19.39 9.38
C CYS D 968 -4.19 -20.86 9.83
N PRO D 969 -3.60 -21.18 11.00
CA PRO D 969 -3.31 -22.59 11.33
C PRO D 969 -4.57 -23.45 11.38
N GLY D 970 -4.53 -24.59 10.69
CA GLY D 970 -5.69 -25.46 10.60
C GLY D 970 -6.72 -25.06 9.57
N MET D 971 -6.36 -24.19 8.62
CA MET D 971 -7.26 -23.78 7.53
C MET D 971 -7.47 -24.90 6.52
N GLY D 972 -6.38 -25.57 6.17
CA GLY D 972 -6.42 -26.71 5.28
C GLY D 972 -6.90 -27.99 5.94
N VAL D 973 -6.92 -28.05 7.28
CA VAL D 973 -7.59 -29.19 7.92
C VAL D 973 -9.11 -28.99 7.90
N ALA D 974 -9.61 -27.75 7.68
CA ALA D 974 -11.04 -27.45 7.72
C ALA D 974 -11.70 -27.31 6.35
N LEU D 975 -11.11 -26.54 5.42
CA LEU D 975 -11.80 -26.11 4.20
C LEU D 975 -11.14 -26.49 2.90
N ARG D 976 -9.92 -27.05 2.94
CA ARG D 976 -9.11 -27.27 1.75
C ARG D 976 -8.76 -25.92 1.10
N MET D 977 -7.98 -25.13 1.84
CA MET D 977 -7.43 -23.87 1.38
C MET D 977 -6.09 -23.62 2.05
N TYR D 978 -5.01 -23.60 1.26
CA TYR D 978 -3.63 -23.69 1.70
C TYR D 978 -2.90 -22.36 1.55
N PRO D 979 -1.80 -22.18 2.28
CA PRO D 979 -1.03 -20.93 2.15
C PRO D 979 -0.41 -20.82 0.76
N LEU D 980 -0.15 -19.57 0.37
CA LEU D 980 0.35 -19.23 -0.96
C LEU D 980 1.81 -18.81 -0.91
N LYS D 981 2.53 -19.08 -2.03
CA LYS D 981 3.94 -18.77 -2.26
C LYS D 981 4.07 -17.38 -2.89
N PRO D 982 5.04 -16.56 -2.43
CA PRO D 982 4.90 -15.10 -2.56
C PRO D 982 4.76 -14.60 -3.98
N THR D 983 5.36 -15.27 -4.94
CA THR D 983 5.23 -14.80 -6.32
C THR D 983 3.88 -15.13 -6.94
N TRP D 984 2.93 -15.74 -6.17
CA TRP D 984 1.59 -16.07 -6.68
C TRP D 984 0.64 -14.87 -6.66
N TRP D 985 0.45 -14.24 -5.50
CA TRP D 985 -0.34 -13.01 -5.33
C TRP D 985 -0.42 -12.17 -6.57
N PHE D 986 0.74 -11.99 -7.18
CA PHE D 986 0.98 -11.10 -8.29
C PHE D 986 0.63 -11.71 -9.64
N CYS D 987 0.41 -13.02 -9.73
CA CYS D 987 0.08 -13.63 -11.01
C CYS D 987 -1.13 -12.99 -11.68
N ALA D 988 -1.96 -12.28 -10.93
CA ALA D 988 -3.11 -11.63 -11.54
C ALA D 988 -2.97 -10.12 -11.78
N PHE D 989 -1.92 -9.54 -11.22
CA PHE D 989 -1.62 -8.11 -11.34
C PHE D 989 -1.77 -7.54 -12.75
N PRO D 990 -1.19 -8.20 -13.76
CA PRO D 990 -1.30 -7.73 -15.14
C PRO D 990 -2.72 -7.60 -15.65
N TYR D 991 -3.55 -8.62 -15.39
CA TYR D 991 -4.95 -8.58 -15.81
C TYR D 991 -5.76 -7.54 -15.02
N SER D 992 -5.37 -7.35 -13.77
CA SER D 992 -6.00 -6.36 -12.92
C SER D 992 -5.68 -5.08 -13.69
N LEU D 993 -4.39 -4.84 -13.89
CA LEU D 993 -3.93 -3.69 -14.64
C LEU D 993 -4.61 -3.64 -16.01
N LEU D 994 -4.41 -4.69 -16.79
CA LEU D 994 -5.01 -4.81 -18.11
C LEU D 994 -6.47 -4.37 -18.09
N ILE D 995 -7.23 -4.92 -17.16
CA ILE D 995 -8.64 -4.58 -17.04
C ILE D 995 -8.79 -3.08 -16.81
N PHE D 996 -8.33 -2.62 -15.64
CA PHE D 996 -8.46 -1.23 -15.22
C PHE D 996 -8.15 -0.27 -16.36
N VAL D 997 -7.02 -0.47 -17.01
CA VAL D 997 -6.68 0.38 -18.14
C VAL D 997 -7.76 0.28 -19.20
N TYR D 998 -8.07 -0.94 -19.62
CA TYR D 998 -8.98 -1.13 -20.75
C TYR D 998 -10.31 -0.45 -20.47
N ASP D 999 -10.84 -0.68 -19.28
CA ASP D 999 -12.09 0.00 -18.97
C ASP D 999 -11.86 1.48 -18.94
N GLU D 1000 -10.76 1.91 -18.32
CA GLU D 1000 -10.52 3.33 -18.19
C GLU D 1000 -10.56 3.99 -19.54
N VAL D 1001 -10.16 3.27 -20.57
CA VAL D 1001 -10.22 3.85 -21.90
C VAL D 1001 -11.65 3.92 -22.39
N ARG D 1002 -12.43 2.85 -22.16
CA ARG D 1002 -13.85 2.87 -22.47
C ARG D 1002 -14.46 4.16 -21.97
N LYS D 1003 -14.24 4.47 -20.69
CA LYS D 1003 -14.68 5.63 -19.90
C LYS D 1003 -13.99 6.87 -20.27
N LEU D 1004 -13.44 6.80 -21.46
CA LEU D 1004 -13.01 8.01 -22.15
C LEU D 1004 -13.79 8.26 -23.44
N ILE D 1005 -13.91 7.27 -24.33
CA ILE D 1005 -14.54 7.52 -25.63
C ILE D 1005 -15.97 7.95 -25.43
N ILE D 1006 -16.57 7.54 -24.31
CA ILE D 1006 -17.91 8.01 -23.98
C ILE D 1006 -17.87 9.49 -23.54
N ARG D 1007 -16.75 9.98 -22.99
CA ARG D 1007 -16.69 11.40 -22.65
C ARG D 1007 -16.64 12.28 -23.89
N ARG D 1008 -16.02 11.78 -24.95
CA ARG D 1008 -15.84 12.52 -26.18
C ARG D 1008 -17.02 12.49 -27.15
N ARG D 1009 -17.56 11.30 -27.40
CA ARG D 1009 -18.67 11.19 -28.33
C ARG D 1009 -20.01 11.05 -27.63
N PRO D 1010 -20.92 12.00 -27.91
CA PRO D 1010 -22.28 12.06 -27.36
C PRO D 1010 -23.26 11.33 -28.27
N GLY D 1011 -22.75 10.83 -29.40
CA GLY D 1011 -23.57 10.12 -30.36
C GLY D 1011 -23.69 8.64 -30.08
N GLY D 1012 -23.04 8.20 -29.00
CA GLY D 1012 -23.32 6.92 -28.39
C GLY D 1012 -23.13 5.67 -29.23
N TRP D 1013 -22.13 5.68 -30.10
CA TRP D 1013 -21.83 4.51 -30.92
C TRP D 1013 -21.22 3.52 -29.95
N VAL D 1014 -19.97 3.78 -29.58
CA VAL D 1014 -19.27 2.99 -28.58
C VAL D 1014 -20.13 2.83 -27.31
N GLU D 1015 -20.79 3.90 -26.90
CA GLU D 1015 -21.64 3.88 -25.71
C GLU D 1015 -22.93 3.13 -25.94
N LYS D 1016 -23.45 3.17 -27.17
CA LYS D 1016 -24.69 2.49 -27.50
C LYS D 1016 -24.66 0.98 -27.22
N GLU D 1017 -23.48 0.36 -27.03
CA GLU D 1017 -23.37 -1.10 -26.90
C GLU D 1017 -22.95 -1.59 -25.53
N THR D 1018 -22.32 -0.73 -24.70
CA THR D 1018 -21.79 -1.11 -23.38
C THR D 1018 -22.33 -0.24 -22.26
N TYR D 1019 -22.33 1.09 -22.43
CA TYR D 1019 -22.82 2.03 -21.42
C TYR D 1019 -24.15 1.55 -20.87
N TYR D 1020 -24.06 0.80 -19.78
CA TYR D 1020 -25.14 0.09 -19.13
C TYR D 1020 -25.87 0.96 -18.10
N PHE E 14 -41.91 -7.24 -29.48
CA PHE E 14 -42.72 -7.92 -28.46
C PHE E 14 -41.97 -9.09 -27.85
N ILE E 15 -42.66 -9.92 -27.09
CA ILE E 15 -42.01 -11.04 -26.44
C ILE E 15 -41.86 -12.22 -27.41
N TRP E 16 -42.95 -12.48 -28.12
CA TRP E 16 -42.98 -13.55 -29.12
C TRP E 16 -42.53 -13.00 -30.47
N ASN E 17 -42.20 -11.71 -30.52
CA ASN E 17 -41.89 -11.03 -31.78
C ASN E 17 -40.43 -11.08 -32.17
N SER E 18 -40.14 -10.91 -33.46
CA SER E 18 -38.75 -10.95 -33.93
C SER E 18 -38.44 -10.26 -35.25
N GLU E 19 -38.63 -10.95 -36.37
CA GLU E 19 -38.36 -10.36 -37.69
C GLU E 19 -39.30 -9.24 -38.19
N LYS E 20 -39.00 -8.77 -39.41
CA LYS E 20 -39.71 -7.70 -40.17
C LYS E 20 -39.56 -6.22 -39.76
N LYS E 21 -40.27 -5.38 -40.51
CA LYS E 21 -40.34 -3.93 -40.32
C LYS E 21 -39.00 -3.29 -40.04
N GLU E 22 -38.03 -3.57 -40.90
CA GLU E 22 -36.72 -2.88 -40.98
C GLU E 22 -35.76 -3.16 -39.82
N PHE E 23 -36.15 -4.15 -39.00
CA PHE E 23 -35.39 -4.53 -37.83
C PHE E 23 -35.78 -5.93 -37.39
N LEU E 24 -34.79 -6.82 -37.42
CA LEU E 24 -34.95 -8.21 -36.99
C LEU E 24 -34.84 -8.31 -35.47
N GLY E 25 -35.13 -9.49 -34.93
CA GLY E 25 -35.05 -9.67 -33.49
C GLY E 25 -33.64 -9.37 -33.03
N ARG E 26 -33.55 -8.63 -31.91
CA ARG E 26 -32.29 -8.15 -31.33
C ARG E 26 -31.54 -7.30 -32.35
N THR E 27 -30.26 -7.58 -32.57
CA THR E 27 -29.48 -6.79 -33.51
C THR E 27 -29.00 -7.58 -34.74
N GLY E 28 -29.25 -7.03 -35.91
CA GLY E 28 -28.87 -7.65 -37.16
C GLY E 28 -28.15 -6.66 -38.07
N GLY E 29 -28.71 -5.45 -38.15
CA GLY E 29 -28.16 -4.34 -38.95
C GLY E 29 -26.68 -4.18 -38.72
N SER E 30 -26.28 -3.83 -37.49
CA SER E 30 -24.88 -3.73 -37.16
C SER E 30 -24.31 -5.04 -36.64
N TRP E 31 -24.77 -6.15 -37.21
CA TRP E 31 -24.28 -7.46 -36.81
C TRP E 31 -22.78 -7.52 -37.06
N PHE E 32 -22.36 -7.07 -38.23
CA PHE E 32 -20.95 -7.05 -38.58
C PHE E 32 -20.17 -6.28 -37.51
N LYS E 33 -20.72 -5.14 -37.07
CA LYS E 33 -20.02 -4.29 -36.11
C LYS E 33 -19.73 -5.06 -34.82
N ILE E 34 -20.70 -5.81 -34.32
CA ILE E 34 -20.52 -6.54 -33.09
C ILE E 34 -19.60 -7.75 -33.29
N LEU E 35 -19.78 -8.50 -34.39
CA LEU E 35 -18.95 -9.69 -34.63
C LEU E 35 -17.47 -9.34 -34.71
N LEU E 36 -17.14 -8.21 -35.36
CA LEU E 36 -15.75 -7.79 -35.46
C LEU E 36 -15.17 -7.46 -34.09
N PHE E 37 -15.92 -6.76 -33.25
CA PHE E 37 -15.37 -6.31 -31.99
C PHE E 37 -14.96 -7.49 -31.12
N TYR E 38 -15.65 -8.64 -31.27
CA TYR E 38 -15.44 -9.82 -30.43
C TYR E 38 -14.41 -10.81 -30.96
N VAL E 39 -13.97 -10.64 -32.21
CA VAL E 39 -12.83 -11.41 -32.72
C VAL E 39 -11.51 -10.69 -32.46
N ILE E 40 -11.46 -9.36 -32.61
CA ILE E 40 -10.27 -8.58 -32.24
C ILE E 40 -10.00 -8.73 -30.75
N PHE E 41 -10.96 -8.29 -29.93
CA PHE E 41 -10.95 -8.41 -28.48
C PHE E 41 -10.47 -9.77 -28.02
N TYR E 42 -11.30 -10.80 -28.21
CA TYR E 42 -10.91 -12.14 -27.80
C TYR E 42 -9.65 -12.57 -28.53
N GLY E 43 -9.46 -12.13 -29.77
CA GLY E 43 -8.18 -12.34 -30.42
C GLY E 43 -7.05 -11.63 -29.71
N CYS E 44 -7.33 -10.44 -29.16
CA CYS E 44 -6.30 -9.74 -28.41
C CYS E 44 -6.16 -10.31 -27.00
N LEU E 45 -7.29 -10.54 -26.31
CA LEU E 45 -7.25 -11.11 -24.97
C LEU E 45 -6.37 -12.34 -24.95
N ALA E 46 -6.57 -13.22 -25.93
CA ALA E 46 -5.89 -14.52 -25.93
C ALA E 46 -4.41 -14.39 -26.24
N GLY E 47 -4.05 -13.47 -27.15
CA GLY E 47 -2.67 -13.16 -27.34
C GLY E 47 -2.06 -12.94 -25.99
N ILE E 48 -2.66 -12.03 -25.21
CA ILE E 48 -2.14 -11.68 -23.89
C ILE E 48 -2.01 -12.92 -23.01
N PHE E 49 -3.07 -13.72 -22.91
CA PHE E 49 -3.00 -15.02 -22.25
C PHE E 49 -1.76 -15.77 -22.73
N ILE E 50 -1.74 -16.10 -24.02
CA ILE E 50 -0.65 -16.87 -24.59
C ILE E 50 0.68 -16.17 -24.40
N GLY E 51 0.64 -14.85 -24.27
CA GLY E 51 1.84 -14.11 -23.94
C GLY E 51 2.30 -14.40 -22.52
N THR E 52 1.44 -14.14 -21.54
CA THR E 52 1.83 -14.33 -20.15
C THR E 52 2.30 -15.75 -19.87
N ILE E 53 1.89 -16.70 -20.73
CA ILE E 53 2.15 -18.12 -20.52
C ILE E 53 3.52 -18.51 -21.11
N GLN E 54 3.87 -18.02 -22.30
CA GLN E 54 5.23 -18.19 -22.79
C GLN E 54 6.22 -17.58 -21.81
N VAL E 55 5.83 -16.48 -21.16
CA VAL E 55 6.65 -15.82 -20.15
C VAL E 55 6.94 -16.74 -18.98
N MET E 56 5.86 -17.18 -18.32
CA MET E 56 5.91 -18.36 -17.50
C MET E 56 6.96 -19.35 -18.00
N LEU E 57 6.91 -19.71 -19.29
CA LEU E 57 7.69 -20.83 -19.82
C LEU E 57 9.21 -20.60 -19.84
N LEU E 58 9.70 -19.39 -19.54
CA LEU E 58 11.15 -19.16 -19.56
C LEU E 58 11.78 -19.14 -18.17
N THR E 59 10.98 -19.13 -17.11
CA THR E 59 11.49 -19.22 -15.74
C THR E 59 11.39 -20.65 -15.18
N ILE E 60 11.35 -21.68 -16.05
CA ILE E 60 11.24 -23.08 -15.61
C ILE E 60 12.48 -23.85 -16.04
N SER E 61 13.09 -24.57 -15.12
CA SER E 61 14.26 -25.35 -15.47
C SER E 61 13.83 -26.57 -16.28
N GLU E 62 14.47 -26.71 -17.42
CA GLU E 62 14.12 -27.81 -18.30
C GLU E 62 14.43 -29.16 -17.68
N PHE E 63 15.49 -29.26 -16.88
CA PHE E 63 15.82 -30.53 -16.21
C PHE E 63 15.15 -30.70 -14.85
N LYS E 64 15.18 -29.66 -14.02
CA LYS E 64 14.65 -29.81 -12.68
C LYS E 64 13.39 -28.98 -12.55
N PRO E 65 12.29 -29.53 -12.03
CA PRO E 65 11.18 -28.68 -11.68
C PRO E 65 11.64 -27.73 -10.60
N THR E 66 11.11 -26.53 -10.64
CA THR E 66 11.54 -25.56 -9.65
C THR E 66 11.22 -26.02 -8.24
N TYR E 67 10.07 -26.67 -8.06
CA TYR E 67 9.54 -26.95 -6.72
C TYR E 67 9.49 -28.46 -6.48
N GLN E 68 10.14 -28.88 -5.41
CA GLN E 68 10.15 -30.29 -5.05
C GLN E 68 9.47 -30.57 -3.74
N ASP E 69 9.18 -29.54 -2.94
CA ASP E 69 8.89 -29.80 -1.54
C ASP E 69 7.65 -30.65 -1.35
N ARG E 70 6.77 -30.70 -2.35
CA ARG E 70 5.46 -31.29 -2.11
C ARG E 70 5.49 -32.80 -2.06
N VAL E 71 6.49 -33.42 -2.66
CA VAL E 71 6.62 -34.87 -2.63
C VAL E 71 7.73 -35.27 -1.66
N ALA E 72 7.72 -34.70 -0.45
CA ALA E 72 8.90 -34.82 0.42
C ALA E 72 9.19 -36.25 0.87
N PRO E 73 8.21 -37.10 1.17
CA PRO E 73 8.53 -38.52 1.43
C PRO E 73 8.03 -39.42 0.29
N PRO E 74 8.88 -40.36 -0.16
CA PRO E 74 8.54 -41.12 -1.37
C PRO E 74 7.79 -42.39 -1.05
N GLY E 75 7.02 -42.85 -2.03
CA GLY E 75 5.90 -43.74 -1.74
C GLY E 75 5.88 -45.12 -2.37
N LEU E 76 4.99 -45.98 -1.87
CA LEU E 76 5.00 -47.40 -2.19
C LEU E 76 3.73 -47.75 -2.95
N THR E 77 3.88 -48.08 -4.22
CA THR E 77 2.80 -48.51 -5.08
C THR E 77 2.89 -49.98 -5.39
N GLN E 78 1.86 -50.49 -6.04
CA GLN E 78 1.82 -51.88 -6.41
C GLN E 78 1.88 -52.05 -7.92
N ILE E 79 2.03 -53.30 -8.32
CA ILE E 79 1.91 -53.66 -9.73
C ILE E 79 0.45 -53.93 -10.06
N PRO E 80 -0.35 -54.66 -9.22
CA PRO E 80 -1.75 -54.89 -9.63
C PRO E 80 -2.72 -53.92 -8.95
N GLN E 81 -2.72 -52.68 -9.45
CA GLN E 81 -3.51 -51.60 -8.88
C GLN E 81 -5.01 -51.92 -8.94
N SER E 82 -5.53 -52.47 -7.85
CA SER E 82 -6.92 -52.90 -7.72
C SER E 82 -7.83 -51.68 -7.59
N GLN E 83 -9.14 -51.90 -7.40
CA GLN E 83 -10.05 -50.74 -7.37
C GLN E 83 -10.14 -50.11 -5.99
N LYS E 84 -10.09 -50.90 -4.92
CA LYS E 84 -9.86 -50.39 -3.58
C LYS E 84 -8.80 -51.22 -2.87
N THR E 85 -7.68 -51.44 -3.54
CA THR E 85 -6.51 -52.14 -3.02
C THR E 85 -6.77 -53.60 -2.74
N GLU E 86 -7.94 -54.09 -3.15
CA GLU E 86 -8.41 -55.43 -2.84
C GLU E 86 -8.15 -56.35 -4.03
N ILE E 87 -7.52 -57.48 -3.77
CA ILE E 87 -7.38 -58.51 -4.78
C ILE E 87 -8.23 -59.69 -4.30
N SER E 88 -9.49 -59.68 -4.70
CA SER E 88 -10.37 -60.82 -4.50
C SER E 88 -10.49 -61.53 -5.83
N PHE E 89 -10.31 -62.84 -5.81
CA PHE E 89 -10.36 -63.57 -7.05
C PHE E 89 -10.51 -65.03 -6.73
N ARG E 90 -10.96 -65.72 -7.65
CA ARG E 90 -11.09 -67.13 -7.45
C ARG E 90 -9.81 -67.82 -7.89
N PRO E 91 -9.19 -68.63 -7.01
CA PRO E 91 -8.00 -69.39 -7.44
C PRO E 91 -8.25 -70.27 -8.64
N ASN E 92 -9.52 -70.50 -8.97
CA ASN E 92 -9.94 -71.44 -10.01
C ASN E 92 -10.17 -70.74 -11.34
N ASP E 93 -11.20 -69.88 -11.42
CA ASP E 93 -11.58 -69.32 -12.72
C ASP E 93 -10.43 -68.55 -13.33
N PRO E 94 -9.97 -68.92 -14.54
CA PRO E 94 -8.89 -68.17 -15.17
C PRO E 94 -9.29 -66.76 -15.49
N GLN E 95 -10.58 -66.54 -15.71
CA GLN E 95 -11.05 -65.20 -15.99
C GLN E 95 -11.30 -64.39 -14.72
N SER E 96 -11.20 -65.04 -13.55
CA SER E 96 -11.31 -64.31 -12.29
C SER E 96 -10.11 -63.40 -12.05
N TYR E 97 -8.91 -63.86 -12.43
CA TYR E 97 -7.68 -63.11 -12.18
C TYR E 97 -7.01 -62.60 -13.46
N GLU E 98 -7.79 -62.37 -14.53
CA GLU E 98 -7.19 -61.94 -15.79
C GLU E 98 -6.89 -60.44 -15.80
N SER E 99 -7.67 -59.66 -15.06
CA SER E 99 -7.37 -58.24 -14.94
C SER E 99 -6.00 -58.03 -14.31
N TYR E 100 -5.75 -58.66 -13.16
CA TYR E 100 -4.54 -58.40 -12.39
C TYR E 100 -3.27 -58.96 -13.02
N VAL E 101 -3.34 -60.10 -13.74
CA VAL E 101 -2.13 -60.66 -14.35
C VAL E 101 -1.72 -59.87 -15.60
N VAL E 102 -2.69 -59.41 -16.40
CA VAL E 102 -2.33 -58.52 -17.52
C VAL E 102 -1.75 -57.21 -17.00
N SER E 103 -2.19 -56.77 -15.82
CA SER E 103 -1.62 -55.59 -15.16
C SER E 103 -0.15 -55.80 -14.83
N ILE E 104 0.14 -56.81 -13.99
CA ILE E 104 1.52 -57.24 -13.77
C ILE E 104 2.26 -57.35 -15.11
N VAL E 105 1.55 -57.75 -16.19
CA VAL E 105 2.22 -58.10 -17.45
C VAL E 105 2.65 -56.87 -18.26
N ARG E 106 1.76 -55.90 -18.50
CA ARG E 106 2.34 -54.78 -19.21
C ARG E 106 2.98 -53.77 -18.27
N PHE E 107 2.95 -54.00 -16.94
CA PHE E 107 3.77 -53.22 -16.00
C PHE E 107 5.26 -53.47 -16.22
N LEU E 108 5.66 -54.72 -16.52
CA LEU E 108 7.07 -55.07 -16.58
C LEU E 108 7.58 -55.28 -18.04
N GLU E 109 6.78 -54.93 -19.07
CA GLU E 109 7.19 -55.09 -20.49
C GLU E 109 8.43 -54.29 -20.84
N LYS E 110 8.86 -53.37 -19.99
CA LYS E 110 10.00 -52.51 -20.20
C LYS E 110 11.26 -53.04 -19.54
N TYR E 111 11.16 -54.14 -18.80
CA TYR E 111 12.30 -54.72 -18.11
C TYR E 111 12.80 -56.01 -18.76
N LYS E 112 12.17 -56.50 -19.83
CA LYS E 112 12.58 -57.77 -20.40
C LYS E 112 14.00 -57.72 -20.96
N ASP E 113 14.68 -58.86 -20.89
CA ASP E 113 16.06 -58.90 -21.34
C ASP E 113 16.17 -58.56 -22.82
N LEU E 114 15.14 -58.83 -23.60
CA LEU E 114 15.12 -58.43 -25.01
C LEU E 114 14.75 -56.97 -25.20
N ALA E 115 14.33 -56.27 -24.14
CA ALA E 115 14.08 -54.83 -24.23
C ALA E 115 15.37 -54.05 -24.09
N GLN E 116 16.06 -54.22 -22.95
CA GLN E 116 17.28 -53.49 -22.65
C GLN E 116 18.39 -54.00 -23.55
N LYS E 117 18.34 -53.61 -24.82
CA LYS E 117 19.35 -54.14 -25.73
C LYS E 117 20.47 -53.17 -26.02
N ASP E 118 20.25 -51.86 -25.90
CA ASP E 118 21.31 -50.94 -26.27
C ASP E 118 22.28 -50.76 -25.11
N ASP E 119 23.47 -51.35 -25.25
CA ASP E 119 24.57 -51.08 -24.33
C ASP E 119 24.91 -49.58 -24.27
N MET E 120 24.58 -48.82 -25.32
CA MET E 120 24.84 -47.39 -25.34
C MET E 120 23.98 -46.66 -24.32
N ILE E 121 22.74 -47.11 -24.16
CA ILE E 121 21.76 -46.43 -23.33
C ILE E 121 21.49 -47.18 -22.05
N PHE E 122 21.95 -48.41 -21.94
CA PHE E 122 21.85 -49.17 -20.71
C PHE E 122 23.25 -49.42 -20.16
N GLU E 123 23.35 -49.55 -18.85
CA GLU E 123 24.62 -49.85 -18.21
C GLU E 123 24.47 -50.95 -17.18
N ASP E 124 25.37 -51.94 -17.20
CA ASP E 124 25.31 -53.06 -16.28
C ASP E 124 25.91 -52.64 -14.92
N CYS E 125 25.06 -52.64 -13.87
CA CYS E 125 25.38 -52.19 -12.50
C CYS E 125 25.38 -53.39 -11.53
N GLY E 126 25.71 -53.15 -10.26
CA GLY E 126 25.86 -54.19 -9.25
C GLY E 126 24.86 -55.32 -9.03
N ASN E 127 25.27 -56.58 -9.26
CA ASN E 127 24.45 -57.71 -8.83
C ASN E 127 24.30 -57.76 -7.33
N VAL E 128 25.08 -56.97 -6.61
CA VAL E 128 24.98 -56.76 -5.17
C VAL E 128 24.52 -55.32 -4.95
N PRO E 129 23.59 -55.06 -4.01
CA PRO E 129 23.24 -53.68 -3.68
C PRO E 129 24.49 -52.87 -3.38
N SER E 130 24.58 -51.67 -3.99
CA SER E 130 25.80 -50.88 -3.91
C SER E 130 25.49 -49.43 -3.53
N GLU E 131 26.51 -48.56 -3.57
CA GLU E 131 26.34 -47.16 -3.21
C GLU E 131 25.78 -46.36 -4.38
N LEU E 132 25.38 -45.13 -4.10
CA LEU E 132 24.62 -44.32 -5.07
C LEU E 132 25.48 -43.92 -6.28
N LYS E 133 24.81 -43.51 -7.36
CA LYS E 133 25.45 -43.06 -8.60
C LYS E 133 25.10 -41.58 -8.81
N GLU E 134 26.03 -40.70 -8.40
CA GLU E 134 25.85 -39.25 -8.53
C GLU E 134 26.55 -38.81 -9.82
N ARG E 135 25.74 -38.50 -10.82
CA ARG E 135 26.21 -38.35 -12.20
C ARG E 135 26.49 -36.88 -12.51
N GLY E 136 27.24 -36.26 -11.60
CA GLY E 136 27.50 -34.83 -11.74
C GLY E 136 26.40 -33.97 -11.13
N GLU E 137 26.01 -32.93 -11.85
CA GLU E 137 24.89 -32.06 -11.53
C GLU E 137 23.71 -32.41 -12.42
N TYR E 138 22.81 -31.47 -12.62
CA TYR E 138 21.59 -31.78 -13.32
C TYR E 138 21.44 -30.96 -14.59
N ASN E 139 22.51 -30.37 -15.09
CA ASN E 139 22.46 -29.67 -16.35
C ASN E 139 22.60 -30.67 -17.48
N ASN E 140 23.03 -30.20 -18.65
CA ASN E 140 23.12 -31.06 -19.82
C ASN E 140 24.53 -31.10 -20.40
N GLU E 141 25.54 -30.82 -19.58
CA GLU E 141 26.89 -30.82 -20.12
C GLU E 141 27.34 -32.23 -20.49
N ARG E 142 26.92 -33.24 -19.74
CA ARG E 142 27.14 -34.59 -20.21
C ARG E 142 26.07 -34.97 -21.23
N GLY E 143 26.32 -36.09 -21.91
CA GLY E 143 25.30 -36.73 -22.69
C GLY E 143 24.25 -37.38 -21.84
N GLU E 144 23.27 -37.94 -22.54
CA GLU E 144 22.21 -38.70 -21.93
C GLU E 144 22.76 -39.72 -20.94
N ARG E 145 22.31 -39.60 -19.69
CA ARG E 145 22.84 -40.46 -18.64
C ARG E 145 22.47 -41.91 -18.90
N LYS E 146 23.42 -42.81 -18.65
CA LYS E 146 23.14 -44.23 -18.70
C LYS E 146 22.20 -44.61 -17.55
N VAL E 147 21.53 -45.75 -17.74
CA VAL E 147 20.54 -46.28 -16.82
C VAL E 147 20.98 -47.68 -16.38
N CYS E 148 21.06 -47.87 -15.07
CA CYS E 148 21.30 -49.20 -14.52
C CYS E 148 20.20 -50.16 -14.94
N ARG E 149 20.58 -51.43 -15.13
CA ARG E 149 19.67 -52.46 -15.58
C ARG E 149 19.09 -53.22 -14.41
N PHE E 150 18.12 -54.07 -14.72
CA PHE E 150 17.36 -54.83 -13.74
C PHE E 150 16.81 -56.03 -14.50
N ARG E 151 17.05 -57.23 -14.00
CA ARG E 151 16.67 -58.45 -14.69
C ARG E 151 15.53 -59.12 -13.91
N LEU E 152 14.48 -59.55 -14.64
CA LEU E 152 13.34 -60.23 -14.03
C LEU E 152 13.78 -61.30 -13.03
N GLU E 153 15.01 -61.78 -13.17
CA GLU E 153 15.53 -62.80 -12.28
C GLU E 153 15.72 -62.28 -10.85
N TRP E 154 15.93 -60.98 -10.65
CA TRP E 154 16.05 -60.48 -9.28
C TRP E 154 14.74 -60.61 -8.49
N LEU E 155 13.61 -60.84 -9.17
CA LEU E 155 12.32 -61.11 -8.54
C LEU E 155 12.00 -62.58 -8.74
N GLY E 156 12.27 -63.38 -7.70
CA GLY E 156 12.25 -64.82 -7.87
C GLY E 156 10.86 -65.41 -7.76
N ASN E 157 10.72 -66.61 -8.32
CA ASN E 157 9.45 -67.29 -8.56
C ASN E 157 8.27 -66.37 -8.98
N CYS E 158 8.44 -65.02 -9.13
CA CYS E 158 7.37 -64.15 -9.69
C CYS E 158 7.88 -63.36 -10.90
N SER E 159 7.29 -63.65 -12.07
CA SER E 159 7.67 -63.10 -13.39
C SER E 159 9.11 -63.39 -13.77
N GLY E 160 9.75 -64.33 -13.14
CA GLY E 160 11.10 -64.65 -13.58
C GLY E 160 11.16 -65.26 -14.97
N LEU E 161 10.93 -64.47 -16.02
CA LEU E 161 10.95 -64.94 -17.41
C LEU E 161 9.90 -66.01 -17.71
N ASN E 162 10.27 -67.27 -17.95
CA ASN E 162 9.28 -68.29 -18.28
C ASN E 162 9.16 -69.45 -17.30
N ASP E 163 9.80 -69.33 -16.14
CA ASP E 163 9.74 -70.39 -15.14
C ASP E 163 9.17 -69.91 -13.80
N GLU E 164 8.21 -70.74 -13.35
CA GLU E 164 7.31 -70.78 -12.16
C GLU E 164 5.87 -70.76 -12.68
N THR E 165 5.64 -71.38 -13.84
CA THR E 165 4.32 -71.54 -14.46
C THR E 165 3.53 -70.26 -14.81
N TYR E 166 4.17 -69.11 -14.68
CA TYR E 166 3.55 -67.82 -15.00
C TYR E 166 2.16 -67.57 -14.39
N GLY E 167 1.69 -68.49 -13.55
CA GLY E 167 0.41 -68.33 -12.87
C GLY E 167 0.35 -67.01 -12.14
N TYR E 168 1.51 -66.33 -12.06
CA TYR E 168 1.71 -65.05 -11.39
C TYR E 168 1.44 -65.13 -9.88
N LYS E 169 0.35 -65.79 -9.51
CA LYS E 169 -0.03 -66.02 -8.13
C LYS E 169 -1.07 -67.10 -8.03
N ASP E 170 -1.13 -67.98 -9.04
CA ASP E 170 -2.24 -68.92 -9.14
C ASP E 170 -2.43 -69.75 -7.88
N GLY E 171 -1.34 -70.21 -7.27
CA GLY E 171 -1.48 -70.98 -6.04
C GLY E 171 -1.45 -70.12 -4.79
N LYS E 172 -0.40 -69.31 -4.67
CA LYS E 172 -0.25 -68.40 -3.56
C LYS E 172 0.05 -67.02 -4.13
N PRO E 173 -0.48 -65.95 -3.53
CA PRO E 173 -0.40 -64.62 -4.14
C PRO E 173 0.96 -63.94 -4.05
N CYS E 174 1.27 -63.12 -5.08
CA CYS E 174 2.45 -62.27 -5.10
C CYS E 174 2.19 -60.94 -5.81
N VAL E 175 2.89 -59.90 -5.34
CA VAL E 175 2.72 -58.51 -5.74
C VAL E 175 4.06 -57.79 -5.58
N ILE E 176 4.31 -56.82 -6.46
CA ILE E 176 5.53 -56.02 -6.43
C ILE E 176 5.23 -54.66 -5.84
N ILE E 177 6.03 -54.26 -4.86
CA ILE E 177 5.98 -52.93 -4.28
C ILE E 177 7.04 -52.07 -4.95
N LYS E 178 6.73 -50.79 -5.16
CA LYS E 178 7.64 -49.92 -5.89
C LYS E 178 7.61 -48.51 -5.32
N LEU E 179 8.80 -47.97 -5.02
CA LEU E 179 8.94 -46.60 -4.56
C LEU E 179 8.64 -45.66 -5.71
N ASN E 180 8.40 -44.41 -5.35
CA ASN E 180 8.06 -43.41 -6.34
C ASN E 180 9.29 -42.64 -6.79
N ARG E 181 9.34 -42.40 -8.09
CA ARG E 181 10.46 -41.68 -8.67
C ARG E 181 10.47 -40.25 -8.18
N VAL E 182 11.64 -39.82 -7.69
CA VAL E 182 11.86 -38.45 -7.28
C VAL E 182 13.21 -38.03 -7.83
N LEU E 183 13.21 -37.02 -8.68
CA LEU E 183 14.46 -36.44 -9.14
C LEU E 183 15.17 -35.81 -7.94
N GLY E 184 16.45 -36.16 -7.78
CA GLY E 184 17.27 -35.62 -6.71
C GLY E 184 17.21 -36.38 -5.40
N PHE E 185 16.30 -37.34 -5.28
CA PHE E 185 16.11 -38.04 -4.01
C PHE E 185 17.27 -38.98 -3.79
N LYS E 186 18.07 -38.64 -2.81
CA LYS E 186 19.06 -39.57 -2.31
C LYS E 186 18.41 -40.25 -1.11
N PRO E 187 17.84 -41.45 -1.26
CA PRO E 187 17.13 -42.11 -0.14
C PRO E 187 18.09 -42.52 0.98
N LYS E 188 17.90 -41.94 2.17
CA LYS E 188 18.78 -42.22 3.30
C LYS E 188 18.20 -43.35 4.16
N PRO E 189 18.80 -44.54 4.15
CA PRO E 189 18.27 -45.63 4.97
C PRO E 189 18.39 -45.30 6.45
N PRO E 190 17.57 -45.90 7.31
CA PRO E 190 17.70 -45.65 8.75
C PRO E 190 19.06 -46.10 9.28
N LYS E 191 19.36 -45.73 10.52
CA LYS E 191 20.69 -46.00 11.05
C LYS E 191 20.78 -47.47 11.52
N ASN E 192 22.02 -47.97 11.72
CA ASN E 192 22.23 -49.30 12.33
C ASN E 192 21.47 -49.42 13.64
N GLU E 193 21.39 -48.31 14.41
CA GLU E 193 20.41 -48.07 15.46
C GLU E 193 19.04 -48.26 14.86
N SER E 194 18.75 -49.47 14.41
CA SER E 194 17.50 -49.81 13.74
C SER E 194 16.38 -49.72 14.77
N LEU E 195 15.57 -48.65 14.70
CA LEU E 195 14.45 -48.43 15.61
C LEU E 195 13.41 -49.53 15.46
N GLU E 196 13.83 -50.79 15.70
CA GLU E 196 13.01 -51.98 15.51
C GLU E 196 12.53 -52.11 14.07
N THR E 197 13.19 -52.96 13.27
CA THR E 197 12.88 -53.12 11.85
C THR E 197 12.77 -54.60 11.49
N TYR E 198 12.17 -55.39 12.38
CA TYR E 198 11.68 -56.75 12.17
C TYR E 198 12.62 -57.62 11.37
N PRO E 199 13.38 -58.48 12.02
CA PRO E 199 14.37 -59.32 11.34
C PRO E 199 14.73 -58.91 9.92
N VAL E 200 15.71 -58.00 9.81
CA VAL E 200 16.34 -57.66 8.54
C VAL E 200 17.84 -57.86 8.68
N MET E 201 18.50 -58.23 7.58
CA MET E 201 19.89 -58.67 7.66
C MET E 201 20.83 -57.48 7.87
N LYS E 202 22.05 -57.81 8.34
CA LYS E 202 22.99 -56.81 8.85
C LYS E 202 23.50 -55.98 7.69
N TYR E 203 23.10 -56.37 6.48
CA TYR E 203 23.29 -55.53 5.30
C TYR E 203 22.26 -54.41 5.36
N ASN E 204 22.25 -53.73 6.47
CA ASN E 204 21.52 -52.48 6.56
C ASN E 204 22.25 -51.32 5.88
N PRO E 205 23.62 -51.37 5.58
CA PRO E 205 24.25 -50.21 4.93
C PRO E 205 23.77 -49.85 3.52
N TYR E 206 23.78 -50.79 2.57
CA TYR E 206 23.44 -50.42 1.19
C TYR E 206 22.11 -51.04 0.74
N VAL E 207 21.04 -50.85 1.51
CA VAL E 207 19.73 -51.36 1.15
C VAL E 207 18.70 -50.41 1.78
N LEU E 208 17.56 -50.14 1.07
CA LEU E 208 16.47 -49.29 1.60
C LEU E 208 15.22 -50.10 1.92
N PRO E 209 14.86 -50.27 3.20
CA PRO E 209 14.02 -51.40 3.62
C PRO E 209 12.51 -51.17 3.60
N VAL E 210 11.77 -52.29 3.54
CA VAL E 210 10.32 -52.37 3.69
C VAL E 210 10.00 -53.65 4.48
N HIS E 211 8.99 -53.58 5.35
CA HIS E 211 8.47 -54.76 6.03
C HIS E 211 6.95 -54.59 6.13
N CYS E 212 6.22 -55.70 6.23
CA CYS E 212 4.75 -55.74 6.15
C CYS E 212 4.18 -56.51 7.35
N THR E 213 2.93 -56.18 7.79
CA THR E 213 2.28 -56.71 9.02
C THR E 213 0.75 -56.80 8.82
N GLY E 214 0.06 -57.51 9.74
CA GLY E 214 -1.38 -57.81 9.61
C GLY E 214 -2.37 -56.70 9.90
N LYS E 215 -2.25 -56.07 11.07
CA LYS E 215 -2.99 -54.87 11.41
C LYS E 215 -2.06 -53.86 12.09
N ARG E 216 -2.49 -52.60 12.10
CA ARG E 216 -1.66 -51.46 12.49
C ARG E 216 -1.16 -51.53 13.93
N ASP E 217 -2.06 -51.50 14.91
CA ASP E 217 -1.65 -51.52 16.30
C ASP E 217 -2.68 -52.23 17.17
N GLU E 218 -3.58 -52.99 16.54
CA GLU E 218 -4.64 -53.68 17.27
C GLU E 218 -4.56 -55.17 17.02
N ASP E 219 -5.55 -55.91 17.51
CA ASP E 219 -5.70 -57.31 17.15
C ASP E 219 -5.76 -57.44 15.64
N LYS E 220 -5.09 -58.44 15.10
CA LYS E 220 -4.99 -58.65 13.66
C LYS E 220 -5.51 -60.03 13.30
N GLU E 221 -6.02 -60.16 12.08
CA GLU E 221 -6.51 -61.44 11.57
C GLU E 221 -5.32 -62.16 10.98
N LYS E 222 -4.19 -62.01 11.66
CA LYS E 222 -2.90 -62.37 11.12
C LYS E 222 -2.89 -63.82 10.67
N VAL E 223 -3.09 -64.04 9.39
CA VAL E 223 -2.98 -65.38 8.86
C VAL E 223 -2.17 -65.28 7.58
N GLY E 224 -0.91 -64.93 7.73
CA GLY E 224 -0.07 -64.71 6.57
C GLY E 224 1.39 -64.97 6.86
N THR E 225 2.03 -65.83 6.04
CA THR E 225 3.48 -66.07 6.01
C THR E 225 4.03 -65.37 4.76
N MET E 226 5.26 -64.82 4.84
CA MET E 226 5.78 -63.90 3.83
C MET E 226 7.23 -64.19 3.48
N GLU E 227 7.55 -64.08 2.19
CA GLU E 227 8.90 -64.24 1.65
C GLU E 227 9.18 -63.15 0.62
N TYR E 228 10.32 -62.47 0.77
CA TYR E 228 10.66 -61.26 0.02
C TYR E 228 11.64 -61.56 -1.12
N PHE E 229 11.54 -60.80 -2.20
CA PHE E 229 12.40 -60.99 -3.37
C PHE E 229 13.09 -59.67 -3.66
N GLY E 230 14.42 -59.66 -3.59
CA GLY E 230 15.19 -58.44 -3.71
C GLY E 230 16.47 -58.68 -4.47
N LEU E 231 17.14 -57.58 -4.78
CA LEU E 231 18.42 -57.62 -5.45
C LEU E 231 19.42 -58.36 -4.57
N GLY E 232 19.93 -59.48 -5.07
CA GLY E 232 20.80 -60.35 -4.30
C GLY E 232 20.18 -61.04 -3.10
N GLY E 233 18.91 -60.78 -2.81
CA GLY E 233 18.28 -61.28 -1.63
C GLY E 233 18.14 -60.29 -0.50
N TYR E 234 18.20 -59.04 -0.78
CA TYR E 234 17.90 -58.23 0.37
C TYR E 234 16.46 -57.76 0.35
N PRO E 235 15.87 -57.67 1.48
CA PRO E 235 14.50 -57.16 1.48
C PRO E 235 14.53 -55.64 1.31
N GLY E 236 14.65 -55.15 0.08
CA GLY E 236 14.55 -53.71 -0.13
C GLY E 236 14.98 -53.23 -1.51
N PHE E 237 15.36 -51.96 -1.57
CA PHE E 237 15.84 -51.36 -2.81
C PHE E 237 17.33 -51.08 -2.69
N PRO E 238 18.16 -51.62 -3.56
CA PRO E 238 19.57 -51.22 -3.56
C PRO E 238 19.65 -49.72 -3.83
N LEU E 239 20.81 -49.13 -3.49
CA LEU E 239 20.96 -47.66 -3.52
C LEU E 239 21.56 -47.13 -4.82
N GLN E 240 21.82 -48.00 -5.82
CA GLN E 240 22.56 -47.71 -7.06
C GLN E 240 21.69 -47.17 -8.22
N TYR E 241 20.36 -47.06 -8.05
CA TYR E 241 19.46 -46.55 -9.07
C TYR E 241 18.96 -45.13 -8.75
N TYR E 242 19.44 -44.53 -7.67
CA TYR E 242 19.19 -43.15 -7.33
C TYR E 242 20.49 -42.36 -7.35
N PRO E 243 20.42 -41.04 -7.47
CA PRO E 243 19.17 -40.31 -7.69
C PRO E 243 18.64 -40.49 -9.10
N TYR E 244 17.42 -40.02 -9.31
CA TYR E 244 16.81 -40.00 -10.62
C TYR E 244 17.11 -38.66 -11.26
N TYR E 245 17.36 -38.68 -12.56
CA TYR E 245 17.78 -37.48 -13.29
C TYR E 245 16.73 -36.95 -14.24
N GLY E 246 15.53 -37.51 -14.22
CA GLY E 246 14.52 -36.92 -15.05
C GLY E 246 14.34 -37.64 -16.36
N LYS E 247 13.08 -37.68 -16.82
CA LYS E 247 12.72 -38.28 -18.09
C LYS E 247 13.58 -37.74 -19.22
N LEU E 248 13.85 -36.44 -19.19
CA LEU E 248 14.71 -35.85 -20.20
C LEU E 248 16.13 -36.41 -20.06
N LEU E 249 16.74 -36.27 -18.88
CA LEU E 249 18.10 -36.78 -18.71
C LEU E 249 18.16 -38.30 -18.76
N GLN E 250 17.06 -38.97 -18.42
CA GLN E 250 17.03 -40.42 -18.31
C GLN E 250 15.69 -40.98 -18.81
N PRO E 251 15.47 -40.97 -20.11
CA PRO E 251 14.31 -41.67 -20.66
C PRO E 251 14.57 -43.16 -20.73
N LYS E 252 13.47 -43.92 -20.67
CA LYS E 252 13.55 -45.37 -20.53
C LYS E 252 14.36 -45.80 -19.30
N TYR E 253 14.41 -44.96 -18.25
CA TYR E 253 15.02 -45.38 -16.98
C TYR E 253 14.12 -46.39 -16.29
N LEU E 254 14.74 -47.40 -15.69
CA LEU E 254 14.03 -48.44 -14.95
C LEU E 254 14.34 -48.29 -13.47
N GLN E 255 13.32 -48.19 -12.67
CA GLN E 255 13.35 -48.01 -11.23
C GLN E 255 13.27 -49.36 -10.50
N PRO E 256 13.86 -49.42 -9.32
CA PRO E 256 13.90 -50.68 -8.58
C PRO E 256 12.52 -51.16 -8.20
N LEU E 257 12.30 -52.44 -8.40
CA LEU E 257 11.15 -53.10 -7.84
C LEU E 257 11.61 -53.94 -6.68
N MET E 258 10.69 -54.77 -6.21
CA MET E 258 10.87 -55.42 -4.92
C MET E 258 9.64 -56.27 -4.65
N ALA E 259 9.82 -57.58 -4.53
CA ALA E 259 8.72 -58.52 -4.66
C ALA E 259 8.49 -59.34 -3.40
N VAL E 260 7.22 -59.40 -2.96
CA VAL E 260 6.76 -60.09 -1.74
C VAL E 260 5.73 -61.15 -2.15
N GLN E 261 5.58 -62.21 -1.33
CA GLN E 261 4.62 -63.28 -1.60
C GLN E 261 4.02 -63.83 -0.30
N PHE E 262 2.71 -64.14 -0.34
CA PHE E 262 2.00 -64.69 0.82
C PHE E 262 1.56 -66.12 0.49
N THR E 263 2.16 -67.10 1.17
CA THR E 263 1.82 -68.52 0.95
C THR E 263 0.63 -68.91 1.83
N ASN E 264 0.87 -69.18 3.12
CA ASN E 264 -0.13 -69.71 4.05
C ASN E 264 -1.16 -68.62 4.34
N LEU E 265 -2.18 -68.56 3.51
CA LEU E 265 -3.23 -67.60 3.71
C LEU E 265 -4.49 -68.38 3.93
N THR E 266 -5.20 -68.00 4.97
CA THR E 266 -6.60 -68.37 5.01
C THR E 266 -7.25 -67.85 3.73
N MET E 267 -7.97 -68.74 3.03
CA MET E 267 -8.51 -68.49 1.69
C MET E 267 -9.78 -67.60 1.63
N ASP E 268 -10.96 -68.05 2.15
CA ASP E 268 -12.25 -67.36 1.97
C ASP E 268 -12.47 -66.12 2.89
N THR E 269 -11.47 -65.71 3.69
CA THR E 269 -11.54 -64.51 4.53
C THR E 269 -10.60 -63.43 4.00
N GLU E 270 -11.17 -62.25 3.73
CA GLU E 270 -10.39 -61.07 3.37
C GLU E 270 -9.55 -60.65 4.57
N ILE E 271 -8.23 -60.63 4.42
CA ILE E 271 -7.39 -60.16 5.51
C ILE E 271 -6.58 -58.98 5.02
N ARG E 272 -6.12 -58.18 5.97
CA ARG E 272 -5.48 -56.90 5.65
C ARG E 272 -3.98 -56.93 5.89
N ILE E 273 -3.31 -56.01 5.18
CA ILE E 273 -1.84 -55.93 5.07
C ILE E 273 -1.32 -54.51 4.76
N GLU E 274 -0.29 -54.02 5.50
CA GLU E 274 0.36 -52.70 5.32
C GLU E 274 1.89 -52.84 5.21
N CYS E 275 2.50 -52.36 4.11
CA CYS E 275 3.95 -52.44 3.91
C CYS E 275 4.62 -51.09 4.11
N LYS E 276 5.58 -51.02 5.04
CA LYS E 276 6.19 -49.78 5.45
C LYS E 276 7.67 -49.75 5.08
N ALA E 277 8.13 -48.59 4.61
CA ALA E 277 9.51 -48.37 4.18
C ALA E 277 10.17 -47.34 5.10
N TYR E 278 11.24 -47.75 5.76
CA TYR E 278 11.80 -47.01 6.90
C TYR E 278 12.96 -46.13 6.42
N GLY E 279 13.23 -45.06 7.16
CA GLY E 279 14.31 -44.16 6.80
C GLY E 279 14.11 -42.79 7.41
N GLU E 280 15.24 -42.10 7.57
CA GLU E 280 15.18 -40.69 7.95
C GLU E 280 14.62 -39.86 6.80
N ASN E 281 15.20 -40.02 5.63
CA ASN E 281 14.66 -39.47 4.40
C ASN E 281 13.33 -40.05 4.01
N ILE E 282 12.82 -41.06 4.70
CA ILE E 282 11.46 -41.49 4.49
C ILE E 282 10.65 -41.08 5.70
N GLY E 283 9.36 -40.84 5.49
CA GLY E 283 8.43 -40.54 6.57
C GLY E 283 7.06 -41.15 6.29
N TYR E 284 6.12 -40.88 7.21
CA TYR E 284 4.80 -41.54 7.19
C TYR E 284 3.67 -40.57 7.54
N SER E 285 2.73 -40.43 6.61
CA SER E 285 1.54 -39.59 6.78
C SER E 285 0.31 -40.42 7.10
N GLU E 286 -0.60 -39.79 7.83
CA GLU E 286 -1.83 -40.44 8.25
C GLU E 286 -2.97 -40.25 7.23
N LYS E 287 -3.18 -39.05 6.71
CA LYS E 287 -4.28 -38.83 5.78
C LYS E 287 -4.07 -39.53 4.44
N ASP E 288 -2.83 -39.58 3.96
CA ASP E 288 -2.49 -40.35 2.76
C ASP E 288 -1.91 -41.67 3.22
N ARG E 289 -2.69 -42.72 3.02
CA ARG E 289 -2.24 -44.01 3.51
C ARG E 289 -1.08 -44.56 2.70
N PHE E 290 -0.85 -44.03 1.51
CA PHE E 290 0.25 -44.52 0.70
C PHE E 290 1.54 -43.78 0.95
N GLN E 291 1.53 -42.79 1.83
CA GLN E 291 2.70 -41.94 2.02
C GLN E 291 3.71 -42.70 2.89
N GLY E 292 4.88 -43.00 2.32
CA GLY E 292 5.95 -43.69 3.01
C GLY E 292 5.67 -45.16 3.12
N ARG E 293 4.40 -45.50 3.23
CA ARG E 293 4.01 -46.88 3.41
C ARG E 293 3.11 -47.33 2.26
N PHE E 294 2.19 -48.24 2.57
CA PHE E 294 1.47 -48.95 1.53
C PHE E 294 0.43 -49.83 2.22
N ASP E 295 -0.67 -50.12 1.50
CA ASP E 295 -1.79 -50.89 2.05
C ASP E 295 -2.45 -51.77 0.96
N VAL E 296 -2.69 -53.06 1.27
CA VAL E 296 -3.39 -53.97 0.35
C VAL E 296 -4.28 -54.98 1.07
N LYS E 297 -5.59 -54.97 0.78
CA LYS E 297 -6.51 -55.99 1.26
C LYS E 297 -6.37 -57.22 0.35
N ILE E 298 -6.80 -58.37 0.83
CA ILE E 298 -6.65 -59.59 0.05
C ILE E 298 -7.70 -60.60 0.47
N GLU E 299 -8.36 -61.18 -0.53
CA GLU E 299 -9.36 -62.21 -0.29
C GLU E 299 -9.25 -63.20 -1.45
N VAL E 300 -8.79 -64.41 -1.17
CA VAL E 300 -8.59 -65.40 -2.20
C VAL E 300 -9.76 -66.38 -2.14
N LYS E 301 -10.90 -65.90 -2.63
CA LYS E 301 -12.14 -66.62 -2.46
C LYS E 301 -12.20 -67.82 -3.40
N SER E 302 -12.24 -69.01 -2.81
CA SER E 302 -12.43 -70.27 -3.54
C SER E 302 -13.51 -71.16 -2.92
N ASP F 16 19.37 -29.69 1.64
CA ASP F 16 18.53 -30.33 0.62
C ASP F 16 17.44 -29.38 0.08
N PRO F 17 16.97 -29.66 -1.14
CA PRO F 17 15.94 -28.83 -1.78
C PRO F 17 14.49 -29.26 -1.53
N PHE F 18 14.24 -30.18 -0.61
CA PHE F 18 12.90 -30.73 -0.41
C PHE F 18 12.26 -30.25 0.87
N TYR F 19 12.10 -28.93 1.03
CA TYR F 19 11.77 -28.39 2.34
C TYR F 19 11.35 -26.92 2.21
N TYR F 20 10.11 -26.55 2.67
CA TYR F 20 9.53 -25.21 2.45
C TYR F 20 9.00 -24.53 3.70
N ASP F 21 9.17 -23.19 3.74
CA ASP F 21 8.97 -22.32 4.91
C ASP F 21 7.52 -21.85 5.05
N TYR F 22 6.64 -22.81 5.30
CA TYR F 22 5.25 -22.45 5.42
C TYR F 22 4.93 -21.66 6.67
N GLU F 23 5.76 -21.76 7.70
CA GLU F 23 5.51 -21.01 8.92
C GLU F 23 5.94 -19.56 8.83
N THR F 24 6.86 -19.16 7.92
CA THR F 24 7.22 -17.74 7.80
C THR F 24 6.22 -16.99 6.92
N VAL F 25 5.67 -17.64 5.90
CA VAL F 25 4.70 -16.95 5.05
C VAL F 25 3.31 -16.95 5.66
N ARG F 26 3.07 -17.86 6.61
CA ARG F 26 1.97 -17.84 7.56
C ARG F 26 1.92 -16.53 8.34
N ASN F 27 2.86 -16.36 9.30
CA ASN F 27 2.93 -15.17 10.15
C ASN F 27 2.86 -13.86 9.33
N GLY F 28 3.64 -13.77 8.23
CA GLY F 28 3.73 -12.55 7.45
C GLY F 28 2.53 -12.30 6.56
N GLY F 29 1.81 -13.35 6.18
CA GLY F 29 0.45 -13.16 5.75
C GLY F 29 -0.46 -12.75 6.89
N LEU F 30 -0.22 -13.31 8.09
CA LEU F 30 -1.00 -12.93 9.27
C LEU F 30 -0.78 -11.48 9.64
N ILE F 31 0.48 -11.05 9.70
CA ILE F 31 0.78 -9.66 9.94
C ILE F 31 0.17 -8.79 8.86
N PHE F 32 0.39 -9.15 7.59
CA PHE F 32 -0.08 -8.31 6.49
C PHE F 32 -1.59 -8.11 6.55
N ALA F 33 -2.36 -9.18 6.78
CA ALA F 33 -3.82 -9.07 6.88
C ALA F 33 -4.23 -8.24 8.08
N ALA F 34 -3.72 -8.62 9.25
CA ALA F 34 -3.94 -7.85 10.47
C ALA F 34 -3.72 -6.38 10.20
N LEU F 35 -2.47 -6.03 9.89
CA LEU F 35 -2.17 -4.68 9.45
C LEU F 35 -3.20 -4.21 8.42
N ALA F 36 -3.38 -4.97 7.34
CA ALA F 36 -4.30 -4.54 6.28
C ALA F 36 -5.73 -4.42 6.80
N PHE F 37 -6.14 -5.37 7.65
CA PHE F 37 -7.39 -5.24 8.37
C PHE F 37 -7.43 -3.93 9.15
N ILE F 38 -6.44 -3.72 10.02
CA ILE F 38 -6.50 -2.61 10.97
C ILE F 38 -6.22 -1.23 10.39
N VAL F 39 -5.74 -1.13 9.15
CA VAL F 39 -5.66 0.19 8.55
C VAL F 39 -7.00 0.59 7.97
N GLY F 40 -7.74 -0.37 7.38
CA GLY F 40 -9.10 -0.08 6.96
C GLY F 40 -10.03 0.38 8.07
N LEU F 41 -9.73 0.03 9.33
CA LEU F 41 -10.59 0.45 10.44
C LEU F 41 -10.30 1.87 10.88
N ILE F 42 -9.02 2.25 10.85
CA ILE F 42 -8.69 3.65 10.95
C ILE F 42 -9.36 4.42 9.83
N ILE F 43 -9.50 3.78 8.66
CA ILE F 43 -10.02 4.45 7.47
C ILE F 43 -11.45 4.93 7.70
N ILE F 44 -12.32 4.06 8.22
CA ILE F 44 -13.74 4.42 8.39
C ILE F 44 -14.01 5.23 9.65
N LEU F 45 -13.05 5.29 10.58
CA LEU F 45 -13.15 6.19 11.73
C LEU F 45 -12.48 7.52 11.39
N SER F 46 -13.01 8.16 10.32
CA SER F 46 -12.39 9.35 9.76
C SER F 46 -12.35 10.51 10.74
N LYS F 47 -12.97 10.37 11.91
CA LYS F 47 -13.00 11.43 12.92
C LYS F 47 -13.34 12.79 12.34
#